data_8Z9R
#
_entry.id   8Z9R
#
_cell.length_a   1.00
_cell.length_b   1.00
_cell.length_c   1.00
_cell.angle_alpha   90.00
_cell.angle_beta   90.00
_cell.angle_gamma   90.00
#
_symmetry.space_group_name_H-M   'P 1'
#
loop_
_entity.id
_entity.type
_entity.pdbx_description
1 polymer 'Polymerase acidic protein'
2 polymer 'RNA-directed RNA polymerase catalytic subunit'
3 polymer 'Polymerase basic protein 2'
4 polymer "RNA (5'-R(*AP*GP*AP*GP*AP*AP*AP*UP*CP*AP*AP*GP*GP*CP*AP*GP*UP*U)-3')"
5 polymer "RNA (5'-R(*GP*AP*CP*UP*GP*CP*CP*UP*GP*UP*UP*UP*UP*UP*GP*CP*U)-3')"
6 polymer "RNA (5'-D(*(ATP))-R(P*GP*CP*AP*AP*AP*AP*AP*CP*A)-3')"
#
loop_
_entity_poly.entity_id
_entity_poly.type
_entity_poly.pdbx_seq_one_letter_code
_entity_poly.pdbx_strand_id
1 'polypeptide(L)'
;MTDRPDHIDSRVWELSETQEDWITQVHGHVRRVVECWKYTICCLISNMHTHRGAPQYDVFKWQDRSTIEWICSKKKVQYP
ERDTPDLYDNERAVAYKVLLVSDLSDHSPTSGIYHDLAFNLEGEAEESCALVLRGSQLQDIKGFLCRALEWVVSNNLTQE
VVETISGEAKLQFSVGTTFRTLLKRDTDWDVIPTPRVEPNVPRIEGRRWTQMKKLPLLKEKEGPPSPWRALLLGADSEYI
VCPPGTDQEAISWIHSQSEIECIRESKSTPASVITCLTSSLQSFAEGNPVRSRIHEDIIAFGINKKQEKKQSASSSASGE
WKRAEYQVEEMSLPPWVEEEMVLLRSDQEDNWIELEKNAIYTEVDGVAEGLVDKYIEIVGRTKVASVIEKWQIAATRTFS
QLHTDRSRITACPIITRDPSGNCQFWGMVLLGPHHVKRDTDNAPLLIAEIMGEDTEEKYPKHSVFSLKVEEKQFLLSLKI
TSFSRNKLYTFSNIRRVLIQPASIYSQVVLSRAAENNSLNLEVNPEIQLYLEGAQRGMTLYQWVRMILCLEFLMAIYNNP
QMEGFLANMRRLHMSRHAMMERRQVFLPFGSRPEDKVNECIINNPIVAYLAKGWNSMPNVYY
;
A,H
2 'polypeptide(L)'
;MNLFTPLSEINPTTTQELLYAYTGPAPVAYGTRTRAVLENIIRPYQYFYKEPNVQRALDIKTGCKEPEDINVEGPSSGFH
TASVLKLADNFFRKYRPAMEKLKYWILVKLPKLKYAELSKGRQTYSFIHKRNLPAPIALEETVEFLEQNLRRKIGPTLLS
YCQAIADVMELDETTYEGARDPRPWDIQLEEIDSDEEDPLFRQVGREETYTIKFSREELWDQMRTLNTMWKHLERGRLNR
RTIATPSMLIRGFVKIVEDAAKEILENVPTSGVPVGGEEKLAKLASKQTFHTAVTGELSGDQEKFNECLDPDAMRLMWTV
FLRKLGCPDWIMELFNIPFMVFKSKLADMGEGLVYTKGKLTDRKPLGEMPSEFDDLVRNVVGNSISCRLGMFMGMYNLTS
TLLALISIEREELTGSHVESSDDFIHFFNCKTHEEMFKQAETLRLTLKLVGINMSPSKCILISPAGIGEFNSKFHHRDFV
GNVATELPALVPNGTNPMTDLAMGLNVIKHSVNTGQMNLCTGALAMRIFNHAYKYAYMALGVTRRTRFMEENAITPLLTN
QGASPVHSFSTMHLDEVALRRHLGLLDEETLRRILNPNNPVTQKGDPSMFFRIENKMPQIMEDYSVPSCFKYTLSRNRTI
QDKPHKALLNKEERYQRVTSIINKLFPEVLIQEASAPGTVRESLKRRLELVVERSDLDEERKKRILSRIF
;
B,I
3 'polypeptide(L)'
;MDREEPAESECTLRALVEEYNGACKEAPKEMSKQFTDYNTFKRYTTSKKDHAPQMRLVYSVRKPWPISMTPSKEIPLVFN
GTKLKDTILDLGESKRTRANIVVPDYWSKYGSQTSLEVVNAILYAEDLKVQRFFSTEWGEIRYGRMLPFRKPVQACPTIE
EVNPASIPHTLLQVFCPQYTTLDSKRKAHMGAVEKLKRVMEPICKVQTQESAVHIARSLIDSNKKWLPTVVDHTPRTAEM
AHFLCSKYHYVHTNTQDLSDTRSIDNLCGELVKRSLKCRCPKETLVANLDKITIQGRPMREVLADHDGELPYLGICRVAM
GLSTHHTMKIRSTKFSILNSDHPRIEVKKVFSLSPDVQVTIPYRRFKGKAKVYFQNDQIQGYFSCTDRQIDEIKISAPKN
APLLEPLLDICYYGSFIEPGFEQTFGFYPAGKREFVDSFFMHHSKDHKAFLIHMGLDKDLSLPLSPELNWKEPALSKVCR
VTELDSTVQPYTSATREFVLGETLNVYTQHENGLELLICPTEIRSTRGPLPPGTNLSGSEFIDIYQDPFSRAKSLLKSTI
LHAERCKEFVGNMLEEYQDPAETTVQSLVPINTWGKSAKRKLQEEITSDPDWHQCPRKRAKMSYLAIIAGSIQDRDKKQT
NVPRAFMLRGSQIEYDMKATRGLVVDTTNRIIVGGETVLREGKGGPEGYVQTGVFEEQPRCYLVDTPDHGLSMGLSRFCV
HSQGRYFQYEKKISIWEETDNIKATIDSQRDLKRRRDIEEMVSKRARIVLEVLFQGPGHHHHHHHHSADYKDDDDKGGWS
HPQFEKGGGSGGGGSGGSAWSHPQFEK
;
C,J
4 'polyribonucleotide' AGAGAAAUCAAGGCAGUU D
5 'polyribonucleotide' GACUGCCUGUUUUUGCU E,F
6 'polyribonucleotide' (ATP)GCAAAAACA G,K
#
# COMPACT_ATOMS: atom_id res chain seq x y z
N THR A 2 -32.06 -4.36 -7.69
CA THR A 2 -32.96 -5.47 -7.99
C THR A 2 -33.75 -5.19 -9.27
N ASP A 3 -35.02 -5.58 -9.28
CA ASP A 3 -35.90 -5.36 -10.41
C ASP A 3 -36.55 -3.99 -10.40
N ARG A 4 -36.34 -3.20 -9.37
CA ARG A 4 -36.93 -1.87 -9.30
C ARG A 4 -36.30 -0.96 -10.35
N PRO A 5 -37.09 -0.34 -11.22
CA PRO A 5 -36.54 0.73 -12.07
C PRO A 5 -36.06 1.88 -11.22
N ASP A 6 -35.02 2.56 -11.70
CA ASP A 6 -34.40 3.62 -10.91
C ASP A 6 -35.39 4.75 -10.62
N HIS A 7 -36.20 5.12 -11.62
CA HIS A 7 -37.13 6.22 -11.45
C HIS A 7 -38.27 5.88 -10.49
N ILE A 8 -38.54 4.61 -10.28
CA ILE A 8 -39.60 4.20 -9.37
C ILE A 8 -39.10 4.29 -7.93
N ASP A 9 -39.87 4.93 -7.08
CA ASP A 9 -39.52 5.04 -5.67
C ASP A 9 -39.61 3.68 -4.99
N SER A 10 -38.74 3.46 -4.01
CA SER A 10 -38.69 2.16 -3.34
C SER A 10 -39.99 1.86 -2.61
N ARG A 11 -40.58 2.87 -1.96
CA ARG A 11 -41.83 2.66 -1.24
C ARG A 11 -42.96 2.28 -2.19
N VAL A 12 -43.03 2.95 -3.35
CA VAL A 12 -44.04 2.60 -4.34
C VAL A 12 -43.82 1.20 -4.86
N TRP A 13 -42.56 0.84 -5.11
CA TRP A 13 -42.25 -0.50 -5.63
C TRP A 13 -42.65 -1.58 -4.63
N GLU A 14 -42.33 -1.39 -3.35
CA GLU A 14 -42.68 -2.41 -2.37
C GLU A 14 -44.18 -2.43 -2.07
N LEU A 15 -44.86 -1.30 -2.23
CA LEU A 15 -46.30 -1.27 -2.03
C LEU A 15 -47.02 -1.99 -3.17
N SER A 16 -46.44 -1.98 -4.37
CA SER A 16 -47.08 -2.59 -5.54
C SER A 16 -46.89 -4.09 -5.62
N GLU A 17 -46.12 -4.69 -4.71
CA GLU A 17 -45.78 -6.10 -4.84
C GLU A 17 -47.01 -6.99 -4.74
N THR A 18 -47.92 -6.69 -3.82
CA THR A 18 -49.07 -7.54 -3.55
C THR A 18 -50.38 -6.97 -4.07
N GLN A 19 -50.33 -5.88 -4.85
CA GLN A 19 -51.56 -5.26 -5.31
C GLN A 19 -52.25 -6.10 -6.37
N GLU A 20 -51.49 -6.63 -7.33
CA GLU A 20 -52.04 -7.49 -8.37
C GLU A 20 -51.13 -8.70 -8.55
N ASP A 21 -51.71 -9.79 -9.03
CA ASP A 21 -50.97 -11.02 -9.28
C ASP A 21 -50.31 -10.88 -10.64
N TRP A 22 -49.08 -10.35 -10.63
CA TRP A 22 -48.41 -9.97 -11.87
C TRP A 22 -47.97 -11.17 -12.70
N ILE A 23 -47.87 -12.35 -12.11
CA ILE A 23 -47.34 -13.50 -12.84
C ILE A 23 -48.30 -13.93 -13.94
N THR A 24 -49.62 -13.83 -13.69
CA THR A 24 -50.61 -14.28 -14.66
C THR A 24 -50.93 -13.23 -15.72
N GLN A 25 -50.52 -11.98 -15.53
CA GLN A 25 -50.81 -10.93 -16.48
C GLN A 25 -49.74 -10.86 -17.57
N VAL A 26 -50.16 -10.45 -18.76
CA VAL A 26 -49.23 -10.30 -19.88
C VAL A 26 -48.27 -9.16 -19.58
N HIS A 27 -46.98 -9.44 -19.71
CA HIS A 27 -45.91 -8.50 -19.36
C HIS A 27 -46.10 -8.02 -17.92
N GLY A 28 -46.00 -8.97 -16.99
CA GLY A 28 -46.28 -8.67 -15.60
C GLY A 28 -45.37 -7.61 -15.02
N HIS A 29 -44.07 -7.67 -15.36
CA HIS A 29 -43.15 -6.65 -14.88
C HIS A 29 -43.50 -5.28 -15.45
N VAL A 30 -43.80 -5.22 -16.75
CA VAL A 30 -44.17 -3.95 -17.37
C VAL A 30 -45.51 -3.46 -16.83
N ARG A 31 -46.44 -4.39 -16.57
CA ARG A 31 -47.71 -4.01 -15.96
C ARG A 31 -47.49 -3.39 -14.59
N ARG A 32 -46.61 -3.99 -13.79
CA ARG A 32 -46.31 -3.46 -12.47
C ARG A 32 -45.65 -2.09 -12.58
N VAL A 33 -44.76 -1.92 -13.55
CA VAL A 33 -44.11 -0.62 -13.75
C VAL A 33 -45.14 0.44 -14.13
N VAL A 34 -46.09 0.09 -14.99
CA VAL A 34 -47.12 1.04 -15.41
C VAL A 34 -48.02 1.41 -14.24
N GLU A 35 -48.40 0.42 -13.42
CA GLU A 35 -49.18 0.72 -12.23
C GLU A 35 -48.42 1.62 -11.27
N CYS A 36 -47.10 1.40 -11.14
CA CYS A 36 -46.29 2.28 -10.33
C CYS A 36 -46.26 3.69 -10.90
N TRP A 37 -46.22 3.81 -12.23
CA TRP A 37 -46.30 5.12 -12.86
C TRP A 37 -47.61 5.81 -12.48
N LYS A 38 -48.72 5.08 -12.56
CA LYS A 38 -50.01 5.67 -12.23
C LYS A 38 -50.07 6.10 -10.77
N TYR A 39 -49.54 5.28 -9.86
CA TYR A 39 -49.55 5.64 -8.45
C TYR A 39 -48.65 6.84 -8.18
N THR A 40 -47.50 6.91 -8.86
CA THR A 40 -46.64 8.08 -8.69
C THR A 40 -47.31 9.34 -9.23
N ILE A 41 -48.04 9.23 -10.33
CA ILE A 41 -48.80 10.37 -10.84
C ILE A 41 -49.85 10.79 -9.82
N CYS A 42 -50.53 9.83 -9.21
CA CYS A 42 -51.49 10.14 -8.15
C CYS A 42 -50.82 10.88 -7.00
N CYS A 43 -49.62 10.42 -6.61
CA CYS A 43 -48.88 11.09 -5.55
C CYS A 43 -48.52 12.52 -5.93
N LEU A 44 -48.08 12.72 -7.17
CA LEU A 44 -47.68 14.05 -7.63
C LEU A 44 -48.86 15.00 -7.73
N ILE A 45 -50.05 14.49 -8.07
CA ILE A 45 -51.22 15.35 -8.15
C ILE A 45 -51.55 15.95 -6.79
N SER A 46 -51.51 15.13 -5.74
CA SER A 46 -51.74 15.61 -4.38
C SER A 46 -50.41 15.96 -3.70
N ASN A 47 -49.72 16.93 -4.29
CA ASN A 47 -48.38 17.31 -3.83
C ASN A 47 -48.50 18.29 -2.66
N MET A 48 -48.86 17.73 -1.50
CA MET A 48 -48.96 18.49 -0.25
C MET A 48 -49.93 19.65 -0.37
N HIS A 49 -51.08 19.41 -1.01
CA HIS A 49 -52.12 20.42 -1.13
C HIS A 49 -53.09 20.29 0.04
N THR A 50 -53.50 21.45 0.58
CA THR A 50 -54.37 21.50 1.74
C THR A 50 -55.68 22.19 1.40
N HIS A 51 -56.74 21.77 2.08
CA HIS A 51 -58.06 22.38 1.91
C HIS A 51 -58.83 22.22 3.21
N ARG A 52 -59.21 23.35 3.82
CA ARG A 52 -59.95 23.36 5.07
C ARG A 52 -59.24 22.55 6.14
N GLY A 53 -57.92 22.70 6.20
CA GLY A 53 -57.12 21.92 7.13
C GLY A 53 -57.12 20.43 6.85
N ALA A 54 -57.19 20.04 5.58
CA ALA A 54 -57.18 18.64 5.19
C ALA A 54 -56.58 18.53 3.80
N PRO A 55 -56.00 17.40 3.45
CA PRO A 55 -55.47 17.22 2.10
C PRO A 55 -56.55 17.45 1.05
N GLN A 56 -56.17 18.14 -0.03
CA GLN A 56 -57.12 18.43 -1.09
C GLN A 56 -57.58 17.16 -1.80
N TYR A 57 -56.65 16.26 -2.10
CA TYR A 57 -56.94 15.05 -2.84
C TYR A 57 -56.83 13.84 -1.93
N ASP A 58 -57.78 12.91 -2.07
CA ASP A 58 -57.77 11.66 -1.32
C ASP A 58 -57.53 10.53 -2.32
N VAL A 59 -56.45 9.79 -2.12
CA VAL A 59 -56.00 8.78 -3.09
C VAL A 59 -56.62 7.44 -2.71
N PHE A 60 -57.40 6.87 -3.63
CA PHE A 60 -57.99 5.55 -3.42
C PHE A 60 -57.10 4.42 -3.92
N LYS A 61 -56.14 4.71 -4.78
CA LYS A 61 -55.34 3.67 -5.40
C LYS A 61 -54.47 2.95 -4.38
N TRP A 62 -54.43 1.62 -4.50
CA TRP A 62 -53.60 0.77 -3.63
C TRP A 62 -53.92 0.99 -2.15
N GLN A 63 -55.21 1.10 -1.86
CA GLN A 63 -55.72 1.21 -0.49
C GLN A 63 -56.71 0.09 -0.25
N ASP A 64 -56.74 -0.42 0.97
CA ASP A 64 -57.66 -1.50 1.30
C ASP A 64 -59.10 -1.06 1.10
N ARG A 65 -59.93 -1.97 0.61
CA ARG A 65 -61.30 -1.63 0.24
C ARG A 65 -62.13 -1.17 1.42
N SER A 66 -61.82 -1.67 2.63
CA SER A 66 -62.57 -1.26 3.82
C SER A 66 -62.43 0.24 4.05
N THR A 67 -61.20 0.75 4.03
CA THR A 67 -60.99 2.18 4.23
C THR A 67 -61.58 2.99 3.08
N ILE A 68 -61.50 2.45 1.86
CA ILE A 68 -62.07 3.16 0.71
C ILE A 68 -63.56 3.35 0.89
N GLU A 69 -64.27 2.27 1.26
CA GLU A 69 -65.70 2.38 1.50
C GLU A 69 -66.01 3.26 2.71
N TRP A 70 -65.18 3.20 3.75
CA TRP A 70 -65.42 4.04 4.92
C TRP A 70 -65.32 5.53 4.57
N ILE A 71 -64.32 5.91 3.78
CA ILE A 71 -64.15 7.32 3.47
C ILE A 71 -65.10 7.77 2.36
N CYS A 72 -65.47 6.87 1.44
CA CYS A 72 -66.45 7.23 0.43
C CYS A 72 -67.83 7.40 1.04
N SER A 73 -68.17 6.58 2.04
CA SER A 73 -69.44 6.75 2.75
C SER A 73 -69.49 8.09 3.46
N LYS A 74 -68.38 8.49 4.09
CA LYS A 74 -68.32 9.79 4.75
C LYS A 74 -68.41 10.95 3.75
N LYS A 75 -68.07 10.71 2.48
CA LYS A 75 -68.13 11.74 1.45
C LYS A 75 -69.39 11.63 0.60
N LYS A 76 -70.34 10.79 0.99
CA LYS A 76 -71.62 10.63 0.30
C LYS A 76 -71.42 10.23 -1.16
N VAL A 77 -70.45 9.36 -1.41
CA VAL A 77 -70.15 8.87 -2.75
C VAL A 77 -70.01 7.35 -2.71
N GLN A 78 -70.53 6.68 -3.73
CA GLN A 78 -70.45 5.23 -3.86
C GLN A 78 -69.91 4.87 -5.24
N TYR A 79 -69.01 3.90 -5.28
CA TYR A 79 -68.43 3.42 -6.53
C TYR A 79 -68.46 1.90 -6.55
N PRO A 80 -68.65 1.31 -7.73
CA PRO A 80 -68.70 -0.15 -7.83
C PRO A 80 -67.32 -0.77 -7.66
N GLU A 81 -67.33 -2.08 -7.41
CA GLU A 81 -66.09 -2.82 -7.16
C GLU A 81 -65.24 -2.90 -8.41
N ARG A 82 -65.86 -3.08 -9.58
CA ARG A 82 -65.10 -3.34 -10.80
C ARG A 82 -64.18 -2.16 -11.15
N ASP A 83 -64.72 -0.95 -11.14
CA ASP A 83 -63.94 0.25 -11.43
C ASP A 83 -64.08 1.23 -10.28
N THR A 84 -62.93 1.64 -9.73
CA THR A 84 -62.88 2.59 -8.63
C THR A 84 -61.96 3.74 -9.02
N PRO A 85 -62.36 4.98 -8.81
CA PRO A 85 -61.49 6.11 -9.19
C PRO A 85 -60.20 6.10 -8.40
N ASP A 86 -59.13 6.57 -9.05
CA ASP A 86 -57.82 6.59 -8.41
C ASP A 86 -57.78 7.57 -7.25
N LEU A 87 -58.39 8.75 -7.41
CA LEU A 87 -58.34 9.76 -6.37
C LEU A 87 -59.58 10.63 -6.45
N TYR A 88 -59.84 11.35 -5.36
CA TYR A 88 -61.00 12.21 -5.22
C TYR A 88 -60.56 13.61 -4.84
N ASP A 89 -61.17 14.61 -5.47
CA ASP A 89 -60.80 16.01 -5.26
C ASP A 89 -61.86 16.71 -4.41
N ASN A 90 -61.39 17.37 -3.35
CA ASN A 90 -62.32 18.09 -2.47
C ASN A 90 -62.88 19.32 -3.17
N GLU A 91 -62.02 20.13 -3.78
CA GLU A 91 -62.50 21.17 -4.69
C GLU A 91 -63.16 20.53 -5.90
N ARG A 92 -64.14 21.24 -6.46
CA ARG A 92 -64.90 20.81 -7.64
C ARG A 92 -65.23 19.33 -7.55
N ALA A 93 -66.00 19.00 -6.51
CA ALA A 93 -66.10 17.62 -6.02
C ALA A 93 -66.52 16.65 -7.12
N VAL A 94 -65.59 15.78 -7.52
CA VAL A 94 -65.81 14.77 -8.53
C VAL A 94 -64.65 13.78 -8.44
N ALA A 95 -64.90 12.52 -8.80
CA ALA A 95 -63.88 11.49 -8.73
C ALA A 95 -63.02 11.49 -9.99
N TYR A 96 -61.72 11.32 -9.81
CA TYR A 96 -60.76 11.31 -10.91
C TYR A 96 -60.05 9.97 -10.98
N LYS A 97 -59.71 9.57 -12.19
CA LYS A 97 -58.92 8.36 -12.43
C LYS A 97 -57.79 8.70 -13.39
N VAL A 98 -56.59 8.22 -13.08
CA VAL A 98 -55.41 8.48 -13.90
C VAL A 98 -55.36 7.45 -15.03
N LEU A 99 -55.31 7.92 -16.26
CA LEU A 99 -55.23 7.06 -17.43
C LEU A 99 -54.00 7.42 -18.25
N LEU A 100 -53.34 6.39 -18.76
CA LEU A 100 -52.23 6.56 -19.71
C LEU A 100 -52.71 6.06 -21.08
N VAL A 101 -52.56 6.90 -22.09
CA VAL A 101 -53.04 6.60 -23.43
C VAL A 101 -51.90 6.82 -24.42
N SER A 102 -51.92 6.03 -25.51
CA SER A 102 -50.90 6.19 -26.53
C SER A 102 -51.14 7.45 -27.36
N ASP A 103 -52.40 7.78 -27.62
CA ASP A 103 -52.76 8.95 -28.40
C ASP A 103 -53.67 9.84 -27.56
N LEU A 104 -53.28 11.11 -27.42
CA LEU A 104 -54.09 12.05 -26.65
C LEU A 104 -55.33 12.51 -27.40
N SER A 105 -55.27 12.52 -28.73
CA SER A 105 -56.41 12.95 -29.53
C SER A 105 -57.55 11.92 -29.43
N ASP A 106 -58.66 12.24 -30.08
CA ASP A 106 -59.86 11.41 -30.23
C ASP A 106 -60.15 10.55 -29.00
N HIS A 107 -60.09 11.16 -27.82
CA HIS A 107 -60.30 10.46 -26.56
C HIS A 107 -61.60 10.94 -25.92
N SER A 108 -62.37 9.99 -25.39
CA SER A 108 -63.65 10.26 -24.77
C SER A 108 -63.66 9.73 -23.35
N PRO A 109 -64.49 10.29 -22.45
CA PRO A 109 -64.55 9.77 -21.08
C PRO A 109 -64.95 8.30 -21.06
N THR A 110 -64.32 7.56 -20.16
CA THR A 110 -64.55 6.11 -20.10
C THR A 110 -65.80 5.78 -19.30
N SER A 111 -65.98 6.40 -18.14
CA SER A 111 -67.11 6.12 -17.27
C SER A 111 -67.78 7.42 -16.85
N GLY A 112 -69.09 7.35 -16.67
CA GLY A 112 -69.87 8.50 -16.25
C GLY A 112 -69.90 8.77 -14.77
N ILE A 113 -69.26 7.93 -13.97
CA ILE A 113 -69.24 8.13 -12.52
C ILE A 113 -67.97 8.83 -12.04
N TYR A 114 -66.87 8.73 -12.78
CA TYR A 114 -65.63 9.42 -12.43
C TYR A 114 -65.05 10.08 -13.66
N HIS A 115 -64.26 11.14 -13.44
CA HIS A 115 -63.59 11.84 -14.51
C HIS A 115 -62.25 11.18 -14.82
N ASP A 116 -61.74 11.43 -16.02
CA ASP A 116 -60.52 10.81 -16.51
C ASP A 116 -59.41 11.85 -16.59
N LEU A 117 -58.29 11.58 -15.93
CA LEU A 117 -57.10 12.42 -16.04
C LEU A 117 -56.13 11.70 -16.98
N ALA A 118 -56.35 11.89 -18.28
CA ALA A 118 -55.60 11.18 -19.29
C ALA A 118 -54.24 11.83 -19.52
N PHE A 119 -53.22 11.00 -19.67
CA PHE A 119 -51.87 11.45 -20.00
C PHE A 119 -51.30 10.56 -21.08
N ASN A 120 -50.38 11.09 -21.86
CA ASN A 120 -49.67 10.32 -22.86
C ASN A 120 -48.26 9.97 -22.39
N LEU A 121 -47.58 9.15 -23.19
CA LEU A 121 -46.27 8.65 -22.79
C LEU A 121 -45.20 9.74 -22.81
N GLU A 122 -45.47 10.86 -23.45
CA GLU A 122 -44.54 11.99 -23.49
C GLU A 122 -44.78 12.99 -22.36
N GLY A 123 -45.72 12.70 -21.46
CA GLY A 123 -45.99 13.57 -20.33
C GLY A 123 -47.06 14.61 -20.56
N GLU A 124 -47.56 14.76 -21.78
CA GLU A 124 -48.60 15.72 -22.06
C GLU A 124 -49.94 15.24 -21.49
N ALA A 125 -50.83 16.19 -21.25
CA ALA A 125 -52.15 15.91 -20.70
C ALA A 125 -53.22 16.43 -21.64
N GLU A 126 -54.40 15.80 -21.57
CA GLU A 126 -55.50 16.25 -22.39
C GLU A 126 -56.11 17.52 -21.80
N GLU A 127 -56.92 18.19 -22.62
CA GLU A 127 -57.27 19.59 -22.36
C GLU A 127 -57.99 19.75 -21.02
N SER A 128 -59.01 18.94 -20.77
CA SER A 128 -59.75 19.07 -19.52
C SER A 128 -58.86 18.74 -18.32
N CYS A 129 -58.03 17.71 -18.45
CA CYS A 129 -57.07 17.40 -17.39
C CYS A 129 -56.09 18.55 -17.19
N ALA A 130 -55.64 19.16 -18.29
CA ALA A 130 -54.71 20.28 -18.19
C ALA A 130 -55.33 21.46 -17.46
N LEU A 131 -56.59 21.77 -17.75
CA LEU A 131 -57.24 22.91 -17.12
C LEU A 131 -57.65 22.62 -15.68
N VAL A 132 -57.93 21.36 -15.35
CA VAL A 132 -58.26 21.01 -13.97
C VAL A 132 -57.04 21.17 -13.06
N LEU A 133 -55.89 20.64 -13.50
CA LEU A 133 -54.70 20.63 -12.69
C LEU A 133 -53.90 21.92 -12.86
N ARG A 134 -53.04 22.19 -11.89
CA ARG A 134 -52.19 23.38 -11.93
C ARG A 134 -50.94 23.12 -12.75
N GLY A 135 -50.23 24.22 -13.06
CA GLY A 135 -49.03 24.10 -13.88
C GLY A 135 -47.92 23.32 -13.19
N SER A 136 -47.79 23.48 -11.88
CA SER A 136 -46.77 22.73 -11.15
C SER A 136 -47.01 21.23 -11.22
N GLN A 137 -48.27 20.81 -11.04
CA GLN A 137 -48.60 19.40 -11.16
C GLN A 137 -48.34 18.89 -12.57
N LEU A 138 -48.68 19.69 -13.58
CA LEU A 138 -48.41 19.30 -14.96
C LEU A 138 -46.91 19.11 -15.19
N GLN A 139 -46.10 20.04 -14.68
CA GLN A 139 -44.65 19.91 -14.86
C GLN A 139 -44.10 18.70 -14.14
N ASP A 140 -44.57 18.44 -12.92
CA ASP A 140 -44.09 17.28 -12.17
C ASP A 140 -44.44 15.98 -12.89
N ILE A 141 -45.69 15.88 -13.35
CA ILE A 141 -46.14 14.68 -14.04
C ILE A 141 -45.36 14.50 -15.35
N LYS A 142 -45.16 15.59 -16.09
CA LYS A 142 -44.43 15.51 -17.35
C LYS A 142 -42.99 15.09 -17.11
N GLY A 143 -42.35 15.62 -16.07
CA GLY A 143 -40.98 15.24 -15.77
C GLY A 143 -40.86 13.78 -15.37
N PHE A 144 -41.76 13.31 -14.51
CA PHE A 144 -41.73 11.91 -14.11
C PHE A 144 -41.97 10.99 -15.31
N LEU A 145 -42.95 11.33 -16.15
CA LEU A 145 -43.24 10.50 -17.32
C LEU A 145 -42.11 10.53 -18.33
N CYS A 146 -41.38 11.65 -18.42
CA CYS A 146 -40.25 11.72 -19.33
C CYS A 146 -39.07 10.90 -18.81
N ARG A 147 -38.86 10.90 -17.49
CA ARG A 147 -37.86 10.01 -16.92
C ARG A 147 -38.22 8.55 -17.16
N ALA A 148 -39.50 8.22 -17.00
CA ALA A 148 -39.95 6.86 -17.29
C ALA A 148 -39.75 6.51 -18.76
N LEU A 149 -40.02 7.46 -19.66
CA LEU A 149 -39.83 7.21 -21.09
C LEU A 149 -38.35 7.02 -21.42
N GLU A 150 -37.47 7.78 -20.77
CA GLU A 150 -36.04 7.57 -20.96
C GLU A 150 -35.61 6.18 -20.49
N TRP A 151 -36.16 5.74 -19.34
CA TRP A 151 -35.88 4.39 -18.89
C TRP A 151 -36.39 3.35 -19.88
N VAL A 152 -37.56 3.59 -20.46
CA VAL A 152 -38.14 2.66 -21.42
C VAL A 152 -37.28 2.55 -22.66
N VAL A 153 -36.90 3.69 -23.23
CA VAL A 153 -36.12 3.67 -24.47
C VAL A 153 -34.71 3.15 -24.22
N SER A 154 -34.19 3.35 -23.01
CA SER A 154 -32.86 2.82 -22.70
C SER A 154 -32.86 1.30 -22.65
N ASN A 155 -33.93 0.70 -22.13
CA ASN A 155 -34.03 -0.75 -21.98
C ASN A 155 -34.71 -1.42 -23.17
N ASN A 156 -35.01 -0.67 -24.23
CA ASN A 156 -35.62 -1.22 -25.45
C ASN A 156 -36.95 -1.91 -25.14
N LEU A 157 -37.74 -1.29 -24.27
CA LEU A 157 -39.04 -1.82 -23.86
C LEU A 157 -40.19 -1.01 -24.43
N THR A 158 -39.97 -0.33 -25.55
CA THR A 158 -41.00 0.54 -26.11
C THR A 158 -42.22 -0.25 -26.56
N GLN A 159 -42.01 -1.37 -27.25
CA GLN A 159 -43.13 -2.15 -27.75
C GLN A 159 -43.95 -2.73 -26.60
N GLU A 160 -43.28 -3.27 -25.58
CA GLU A 160 -44.00 -3.84 -24.44
C GLU A 160 -44.81 -2.78 -23.72
N VAL A 161 -44.23 -1.60 -23.51
CA VAL A 161 -44.93 -0.52 -22.82
C VAL A 161 -46.13 -0.06 -23.65
N VAL A 162 -45.94 0.07 -24.97
CA VAL A 162 -47.05 0.49 -25.83
C VAL A 162 -48.18 -0.52 -25.78
N GLU A 163 -47.85 -1.81 -25.87
CA GLU A 163 -48.88 -2.85 -25.80
C GLU A 163 -49.59 -2.84 -24.45
N THR A 164 -48.85 -2.64 -23.38
CA THR A 164 -49.46 -2.57 -22.05
C THR A 164 -50.40 -1.38 -21.93
N ILE A 165 -49.98 -0.22 -22.44
CA ILE A 165 -50.81 0.98 -22.36
C ILE A 165 -52.06 0.83 -23.21
N SER A 166 -51.94 0.15 -24.36
CA SER A 166 -53.09 0.00 -25.26
C SER A 166 -54.21 -0.75 -24.57
N GLY A 167 -53.89 -1.81 -23.81
CA GLY A 167 -54.87 -2.58 -23.07
C GLY A 167 -54.94 -4.04 -23.49
N GLU A 168 -54.64 -4.32 -24.76
CA GLU A 168 -54.67 -5.67 -25.29
C GLU A 168 -53.30 -6.03 -25.85
N ALA A 169 -52.87 -7.25 -25.59
CA ALA A 169 -51.58 -7.74 -26.07
C ALA A 169 -51.65 -9.25 -26.21
N LYS A 170 -50.74 -9.80 -27.01
CA LYS A 170 -50.68 -11.23 -27.22
C LYS A 170 -50.18 -11.94 -25.97
N LEU A 171 -50.46 -13.25 -25.90
CA LEU A 171 -50.04 -14.05 -24.75
C LEU A 171 -48.53 -14.22 -24.65
N GLN A 172 -47.76 -13.64 -25.58
CA GLN A 172 -46.30 -13.61 -25.54
C GLN A 172 -45.73 -14.97 -25.89
N PHE A 173 -46.60 -15.98 -26.00
CA PHE A 173 -46.27 -17.29 -26.55
C PHE A 173 -47.55 -18.09 -26.68
N SER A 174 -47.67 -18.85 -27.77
CA SER A 174 -48.82 -19.72 -27.97
C SER A 174 -48.43 -20.85 -28.90
N VAL A 175 -49.10 -21.98 -28.73
CA VAL A 175 -48.88 -23.17 -29.55
C VAL A 175 -50.13 -23.39 -30.39
N GLY A 176 -49.94 -23.56 -31.71
CA GLY A 176 -51.05 -23.74 -32.61
C GLY A 176 -51.70 -25.10 -32.51
N THR A 177 -52.39 -25.53 -33.57
CA THR A 177 -53.11 -26.79 -33.56
C THR A 177 -52.28 -27.94 -34.12
N THR A 178 -51.80 -27.80 -35.35
CA THR A 178 -51.05 -28.89 -35.97
C THR A 178 -49.71 -29.12 -35.27
N PHE A 179 -49.09 -28.06 -34.75
CA PHE A 179 -47.87 -28.24 -33.97
C PHE A 179 -48.15 -29.03 -32.69
N ARG A 180 -49.30 -28.79 -32.07
CA ARG A 180 -49.70 -29.57 -30.90
C ARG A 180 -49.88 -31.03 -31.26
N THR A 181 -50.50 -31.32 -32.41
CA THR A 181 -50.65 -32.70 -32.86
C THR A 181 -49.30 -33.35 -33.11
N LEU A 182 -48.36 -32.62 -33.71
CA LEU A 182 -47.02 -33.15 -33.90
C LEU A 182 -46.34 -33.45 -32.57
N LEU A 183 -46.52 -32.55 -31.60
CA LEU A 183 -45.88 -32.72 -30.30
C LEU A 183 -46.44 -33.91 -29.54
N LYS A 184 -47.76 -34.12 -29.60
CA LYS A 184 -48.40 -35.19 -28.84
C LYS A 184 -48.25 -36.56 -29.49
N ARG A 185 -47.37 -36.71 -30.48
CA ARG A 185 -47.28 -37.98 -31.20
C ARG A 185 -46.60 -39.05 -30.36
N ASP A 186 -45.55 -38.71 -29.63
CA ASP A 186 -44.74 -39.67 -28.91
C ASP A 186 -44.84 -39.51 -27.39
N THR A 187 -46.04 -39.18 -26.90
CA THR A 187 -46.27 -39.07 -25.48
C THR A 187 -47.73 -39.34 -25.18
N ASP A 188 -47.99 -39.87 -23.98
CA ASP A 188 -49.33 -40.19 -23.54
C ASP A 188 -50.04 -39.03 -22.86
N TRP A 189 -49.36 -37.90 -22.70
CA TRP A 189 -49.93 -36.72 -22.06
C TRP A 189 -49.99 -35.57 -23.07
N ASP A 190 -50.85 -34.60 -22.79
CA ASP A 190 -50.97 -33.42 -23.62
C ASP A 190 -49.85 -32.44 -23.29
N VAL A 191 -49.93 -31.22 -23.82
CA VAL A 191 -48.86 -30.26 -23.67
C VAL A 191 -48.63 -29.91 -22.20
N ILE A 192 -49.72 -29.69 -21.46
CA ILE A 192 -49.62 -29.48 -20.02
C ILE A 192 -50.21 -30.71 -19.34
N PRO A 193 -49.38 -31.70 -18.99
CA PRO A 193 -49.92 -32.98 -18.52
C PRO A 193 -50.78 -32.82 -17.27
N THR A 194 -51.88 -33.57 -17.24
CA THR A 194 -52.79 -33.60 -16.10
C THR A 194 -53.08 -35.06 -15.75
N PRO A 195 -52.11 -35.77 -15.16
CA PRO A 195 -52.39 -37.14 -14.70
C PRO A 195 -53.46 -37.14 -13.63
N ARG A 196 -54.33 -38.16 -13.68
CA ARG A 196 -55.42 -38.29 -12.73
C ARG A 196 -55.00 -38.99 -11.44
N VAL A 197 -53.76 -39.44 -11.34
CA VAL A 197 -53.31 -40.18 -10.17
C VAL A 197 -53.05 -39.21 -9.03
N GLU A 198 -53.45 -39.60 -7.82
CA GLU A 198 -53.18 -38.80 -6.64
C GLU A 198 -51.71 -38.90 -6.27
N PRO A 199 -51.05 -37.79 -5.95
CA PRO A 199 -49.64 -37.85 -5.57
C PRO A 199 -49.42 -38.72 -4.35
N ASN A 200 -48.35 -39.50 -4.40
CA ASN A 200 -48.02 -40.46 -3.34
C ASN A 200 -46.63 -41.02 -3.58
N VAL A 201 -45.93 -41.33 -2.50
CA VAL A 201 -44.63 -41.98 -2.57
C VAL A 201 -44.77 -43.40 -2.04
N PRO A 202 -44.87 -44.41 -2.90
CA PRO A 202 -45.08 -45.78 -2.44
C PRO A 202 -43.84 -46.36 -1.77
N ARG A 203 -44.09 -47.36 -0.92
CA ARG A 203 -43.02 -48.11 -0.29
C ARG A 203 -42.65 -49.29 -1.17
N ILE A 204 -41.37 -49.41 -1.51
CA ILE A 204 -40.88 -50.47 -2.38
C ILE A 204 -39.88 -51.31 -1.59
N GLU A 205 -40.05 -52.63 -1.66
CA GLU A 205 -39.11 -53.55 -1.01
C GLU A 205 -37.74 -53.44 -1.67
N GLY A 206 -36.74 -53.02 -0.90
CA GLY A 206 -35.38 -52.90 -1.38
C GLY A 206 -34.52 -54.08 -0.99
N ARG A 207 -33.22 -53.85 -0.97
CA ARG A 207 -32.25 -54.87 -0.60
C ARG A 207 -31.44 -54.37 0.60
N ARG A 208 -30.45 -55.17 1.00
CA ARG A 208 -29.62 -54.86 2.15
C ARG A 208 -28.21 -54.50 1.71
N TRP A 209 -27.65 -53.46 2.33
CA TRP A 209 -26.30 -53.03 2.02
C TRP A 209 -25.31 -53.93 2.75
N THR A 210 -24.47 -54.63 1.99
CA THR A 210 -23.48 -55.52 2.57
C THR A 210 -22.25 -54.71 2.99
N GLN A 211 -21.20 -55.40 3.41
CA GLN A 211 -19.97 -54.76 3.86
C GLN A 211 -18.79 -55.35 3.11
N MET A 212 -17.88 -54.49 2.66
CA MET A 212 -16.64 -54.92 2.04
C MET A 212 -15.66 -55.28 3.14
N LYS A 213 -15.80 -56.51 3.65
CA LYS A 213 -14.92 -56.97 4.72
C LYS A 213 -13.49 -57.17 4.23
N LYS A 214 -13.32 -57.59 2.98
CA LYS A 214 -12.01 -57.78 2.38
C LYS A 214 -11.94 -57.01 1.06
N LEU A 215 -10.76 -56.51 0.76
CA LEU A 215 -10.57 -55.75 -0.47
C LEU A 215 -10.65 -56.68 -1.69
N PRO A 216 -11.14 -56.18 -2.81
CA PRO A 216 -11.27 -57.02 -4.00
C PRO A 216 -9.93 -57.48 -4.53
N LEU A 217 -9.97 -58.61 -5.24
CA LEU A 217 -8.78 -59.20 -5.86
C LEU A 217 -8.90 -59.02 -7.37
N LEU A 218 -7.90 -58.38 -7.97
CA LEU A 218 -7.91 -58.13 -9.40
C LEU A 218 -7.58 -59.40 -10.18
N LYS A 219 -8.24 -59.58 -11.31
CA LYS A 219 -8.03 -60.75 -12.15
C LYS A 219 -6.72 -60.63 -12.92
N GLU A 220 -5.92 -61.68 -12.90
CA GLU A 220 -4.68 -61.75 -13.66
C GLU A 220 -4.92 -62.59 -14.91
N LYS A 221 -4.78 -61.96 -16.07
CA LYS A 221 -5.08 -62.63 -17.33
C LYS A 221 -4.02 -63.66 -17.66
N GLU A 222 -4.41 -64.64 -18.47
CA GLU A 222 -3.55 -65.74 -18.90
C GLU A 222 -3.31 -65.64 -20.40
N GLY A 223 -2.05 -65.84 -20.80
CA GLY A 223 -1.69 -65.79 -22.19
C GLY A 223 -0.19 -65.57 -22.36
N PRO A 224 0.23 -65.36 -23.61
CA PRO A 224 1.64 -65.09 -23.85
C PRO A 224 2.05 -63.77 -23.21
N PRO A 225 3.30 -63.64 -22.79
CA PRO A 225 3.75 -62.37 -22.21
C PRO A 225 3.67 -61.25 -23.22
N SER A 226 3.33 -60.07 -22.74
CA SER A 226 3.19 -58.92 -23.63
C SER A 226 4.54 -58.49 -24.16
N PRO A 227 4.68 -58.25 -25.46
CA PRO A 227 5.92 -57.67 -25.98
C PRO A 227 6.02 -56.21 -25.62
N TRP A 228 7.21 -55.66 -25.81
CA TRP A 228 7.42 -54.22 -25.60
C TRP A 228 6.76 -53.48 -26.75
N ARG A 229 5.59 -52.91 -26.48
CA ARG A 229 4.80 -52.17 -27.47
C ARG A 229 4.88 -50.69 -27.12
N ALA A 230 5.92 -50.02 -27.60
CA ALA A 230 6.10 -48.60 -27.35
C ALA A 230 6.90 -48.00 -28.49
N LEU A 231 6.88 -46.67 -28.56
CA LEU A 231 7.54 -45.98 -29.66
C LEU A 231 9.04 -46.20 -29.65
N LEU A 232 9.66 -46.17 -28.47
CA LEU A 232 11.10 -46.30 -28.33
C LEU A 232 11.42 -47.41 -27.33
N LEU A 233 12.71 -47.63 -27.10
CA LEU A 233 13.15 -48.82 -26.37
C LEU A 233 12.91 -48.71 -24.87
N GLY A 234 13.09 -47.53 -24.28
CA GLY A 234 12.96 -47.38 -22.85
C GLY A 234 14.27 -47.63 -22.13
N ALA A 235 14.23 -48.50 -21.11
CA ALA A 235 15.42 -48.73 -20.28
C ALA A 235 16.54 -49.43 -21.03
N ASP A 236 16.25 -50.08 -22.15
CA ASP A 236 17.27 -50.73 -22.96
C ASP A 236 17.88 -49.81 -24.00
N SER A 237 17.81 -48.49 -23.77
CA SER A 237 18.33 -47.52 -24.72
C SER A 237 19.78 -47.19 -24.41
N GLU A 238 20.59 -47.07 -25.45
CA GLU A 238 21.99 -46.70 -25.32
C GLU A 238 22.32 -45.64 -26.37
N TYR A 239 23.54 -45.13 -26.31
CA TYR A 239 24.00 -44.11 -27.23
C TYR A 239 25.48 -44.32 -27.54
N ILE A 240 25.91 -43.76 -28.66
CA ILE A 240 27.31 -43.78 -29.07
C ILE A 240 27.88 -42.39 -28.82
N VAL A 241 29.04 -42.35 -28.15
CA VAL A 241 29.67 -41.08 -27.81
C VAL A 241 30.43 -40.56 -29.03
N CYS A 242 29.76 -39.72 -29.81
CA CYS A 242 30.37 -39.12 -30.99
C CYS A 242 31.26 -37.94 -30.59
N PRO A 243 32.23 -37.58 -31.44
CA PRO A 243 33.06 -36.41 -31.15
C PRO A 243 32.24 -35.13 -31.26
N PRO A 244 32.65 -34.07 -30.57
CA PRO A 244 31.86 -32.82 -30.59
C PRO A 244 31.69 -32.27 -32.00
N GLY A 245 30.53 -31.68 -32.22
CA GLY A 245 30.21 -31.12 -33.52
C GLY A 245 28.71 -30.99 -33.68
N THR A 246 28.32 -30.62 -34.90
CA THR A 246 26.90 -30.51 -35.22
C THR A 246 26.33 -31.89 -35.54
N ASP A 247 25.03 -31.92 -35.87
CA ASP A 247 24.39 -33.19 -36.19
C ASP A 247 24.98 -33.81 -37.45
N GLN A 248 25.25 -32.97 -38.46
CA GLN A 248 25.81 -33.49 -39.71
C GLN A 248 27.16 -34.14 -39.48
N GLU A 249 28.01 -33.52 -38.67
CA GLU A 249 29.31 -34.10 -38.38
C GLU A 249 29.18 -35.43 -37.65
N ALA A 250 28.26 -35.50 -36.69
CA ALA A 250 28.07 -36.74 -35.94
C ALA A 250 27.56 -37.86 -36.85
N ILE A 251 26.61 -37.55 -37.73
CA ILE A 251 26.09 -38.57 -38.64
C ILE A 251 27.16 -39.01 -39.63
N SER A 252 27.97 -38.06 -40.12
CA SER A 252 29.07 -38.44 -41.01
C SER A 252 30.07 -39.33 -40.29
N TRP A 253 30.39 -39.01 -39.04
CA TRP A 253 31.34 -39.81 -38.28
C TRP A 253 30.80 -41.21 -38.01
N ILE A 254 29.51 -41.32 -37.71
CA ILE A 254 28.90 -42.64 -37.50
C ILE A 254 28.90 -43.44 -38.79
N HIS A 255 28.43 -42.84 -39.89
CA HIS A 255 28.26 -43.58 -41.12
C HIS A 255 29.58 -43.99 -41.75
N SER A 256 30.59 -43.11 -41.68
CA SER A 256 31.87 -43.40 -42.31
C SER A 256 32.64 -44.52 -41.61
N GLN A 257 32.26 -44.88 -40.40
CA GLN A 257 32.97 -45.89 -39.63
C GLN A 257 32.02 -46.96 -39.10
N SER A 258 30.92 -47.20 -39.80
CA SER A 258 29.89 -48.13 -39.34
C SER A 258 29.99 -49.44 -40.12
N GLU A 259 29.94 -50.54 -39.39
CA GLU A 259 29.88 -51.88 -39.97
C GLU A 259 28.60 -52.55 -39.47
N ILE A 260 27.64 -52.71 -40.38
CA ILE A 260 26.31 -53.23 -40.04
C ILE A 260 26.24 -54.69 -40.47
N GLU A 261 25.86 -55.56 -39.54
CA GLU A 261 25.68 -56.98 -39.83
C GLU A 261 24.48 -57.48 -39.04
N CYS A 262 23.55 -58.13 -39.73
CA CYS A 262 22.33 -58.61 -39.08
C CYS A 262 22.65 -59.83 -38.22
N ILE A 263 22.17 -59.81 -36.97
CA ILE A 263 22.35 -60.94 -36.06
C ILE A 263 21.02 -61.58 -35.67
N ARG A 264 19.89 -60.90 -35.88
CA ARG A 264 18.58 -61.46 -35.58
C ARG A 264 17.55 -60.77 -36.47
N GLU A 265 16.85 -61.54 -37.29
CA GLU A 265 15.88 -61.01 -38.23
C GLU A 265 14.47 -61.41 -37.80
N SER A 266 13.55 -60.46 -37.85
CA SER A 266 12.16 -60.68 -37.53
C SER A 266 11.32 -60.61 -38.80
N LYS A 267 10.27 -61.42 -38.84
CA LYS A 267 9.38 -61.41 -40.00
C LYS A 267 8.61 -60.09 -40.09
N SER A 268 8.32 -59.47 -38.95
CA SER A 268 7.60 -58.19 -38.97
C SER A 268 8.42 -57.10 -39.62
N THR A 269 9.72 -57.05 -39.34
CA THR A 269 10.63 -56.07 -39.95
C THR A 269 11.68 -56.81 -40.76
N PRO A 270 11.52 -56.91 -42.08
CA PRO A 270 12.53 -57.62 -42.88
C PRO A 270 13.90 -56.97 -42.75
N ALA A 271 14.94 -57.81 -42.77
CA ALA A 271 16.30 -57.33 -42.61
C ALA A 271 16.80 -56.54 -43.82
N SER A 272 16.06 -56.54 -44.93
CA SER A 272 16.49 -55.86 -46.14
C SER A 272 16.26 -54.35 -46.10
N VAL A 273 15.57 -53.84 -45.08
CA VAL A 273 15.27 -52.41 -45.02
C VAL A 273 16.37 -51.67 -44.27
N ILE A 274 17.46 -52.37 -43.97
CA ILE A 274 18.65 -51.69 -43.44
C ILE A 274 19.22 -50.73 -44.47
N THR A 275 19.03 -51.05 -45.76
CA THR A 275 19.50 -50.16 -46.82
C THR A 275 18.80 -48.80 -46.75
N CYS A 276 17.54 -48.78 -46.32
CA CYS A 276 16.84 -47.51 -46.14
C CYS A 276 17.56 -46.65 -45.11
N LEU A 277 17.92 -47.24 -43.96
CA LEU A 277 18.62 -46.48 -42.93
C LEU A 277 20.00 -46.05 -43.41
N THR A 278 20.71 -46.92 -44.11
CA THR A 278 22.04 -46.55 -44.61
C THR A 278 21.96 -45.41 -45.60
N SER A 279 20.98 -45.45 -46.52
CA SER A 279 20.80 -44.37 -47.47
C SER A 279 20.42 -43.07 -46.77
N SER A 280 19.55 -43.15 -45.76
CA SER A 280 19.19 -41.96 -45.01
C SER A 280 20.40 -41.37 -44.28
N LEU A 281 21.23 -42.23 -43.69
CA LEU A 281 22.45 -41.77 -43.03
C LEU A 281 23.39 -41.10 -44.02
N GLN A 282 23.55 -41.69 -45.21
CA GLN A 282 24.42 -41.10 -46.21
C GLN A 282 23.89 -39.75 -46.68
N SER A 283 22.58 -39.66 -46.92
CA SER A 283 21.99 -38.40 -47.36
C SER A 283 22.10 -37.32 -46.29
N PHE A 284 21.89 -37.68 -45.02
CA PHE A 284 22.00 -36.70 -43.95
C PHE A 284 23.44 -36.29 -43.72
N ALA A 285 24.40 -37.19 -43.98
CA ALA A 285 25.80 -36.85 -43.86
C ALA A 285 26.25 -35.87 -44.92
N GLU A 286 25.49 -35.71 -46.00
CA GLU A 286 25.81 -34.76 -47.05
C GLU A 286 25.18 -33.40 -46.81
N GLY A 287 24.04 -33.36 -46.14
CA GLY A 287 23.36 -32.10 -45.88
C GLY A 287 21.99 -32.03 -46.54
N ASN A 288 21.47 -33.20 -46.95
CA ASN A 288 20.16 -33.29 -47.62
C ASN A 288 19.34 -34.31 -46.85
N PRO A 289 18.69 -33.90 -45.77
CA PRO A 289 17.94 -34.86 -44.94
C PRO A 289 16.84 -35.60 -45.68
N VAL A 290 16.24 -34.97 -46.69
CA VAL A 290 15.15 -35.58 -47.45
C VAL A 290 15.74 -36.24 -48.69
N ARG A 291 15.44 -37.51 -48.88
CA ARG A 291 15.98 -38.29 -49.98
C ARG A 291 14.84 -38.92 -50.79
N SER A 292 15.16 -39.36 -52.00
CA SER A 292 14.18 -39.96 -52.88
C SER A 292 13.90 -41.41 -52.47
N ARG A 293 12.81 -41.94 -53.01
CA ARG A 293 12.39 -43.31 -52.71
C ARG A 293 13.29 -44.32 -53.40
N ILE A 294 13.35 -45.52 -52.83
CA ILE A 294 14.04 -46.66 -53.43
C ILE A 294 13.13 -47.87 -53.35
N HIS A 295 13.63 -49.01 -53.84
CA HIS A 295 12.79 -50.21 -53.96
C HIS A 295 12.33 -50.72 -52.61
N GLU A 296 13.21 -50.73 -51.61
CA GLU A 296 12.88 -51.27 -50.30
C GLU A 296 12.16 -50.27 -49.41
N ASP A 297 12.00 -49.03 -49.84
CA ASP A 297 11.18 -48.08 -49.09
C ASP A 297 9.72 -48.52 -49.06
N ILE A 298 9.26 -49.22 -50.12
CA ILE A 298 7.89 -49.72 -50.14
C ILE A 298 7.67 -50.73 -49.01
N ILE A 299 8.64 -51.63 -48.82
CA ILE A 299 8.53 -52.59 -47.72
C ILE A 299 8.70 -51.89 -46.38
N ALA A 300 9.66 -50.95 -46.29
CA ALA A 300 9.98 -50.32 -45.01
C ALA A 300 8.81 -49.50 -44.49
N PHE A 301 8.16 -48.72 -45.36
CA PHE A 301 7.09 -47.82 -44.96
C PHE A 301 5.71 -48.31 -45.38
N GLY A 302 5.61 -49.55 -45.85
CA GLY A 302 4.32 -50.09 -46.25
C GLY A 302 3.63 -49.30 -47.34
N ILE A 303 4.38 -48.87 -48.35
CA ILE A 303 3.82 -48.03 -49.41
C ILE A 303 2.85 -48.85 -50.23
N ASN A 304 1.64 -48.31 -50.42
CA ASN A 304 0.57 -48.88 -51.22
C ASN A 304 0.06 -50.21 -50.68
N LYS A 305 0.36 -50.55 -49.43
CA LYS A 305 -0.05 -51.85 -48.88
C LYS A 305 -1.56 -52.04 -48.94
N LYS A 306 -2.32 -50.95 -48.88
CA LYS A 306 -3.78 -51.06 -48.84
C LYS A 306 -4.33 -51.74 -50.08
N GLN A 307 -3.81 -51.39 -51.26
CA GLN A 307 -4.33 -51.97 -52.49
C GLN A 307 -4.11 -53.48 -52.56
N GLU A 308 -2.89 -53.94 -52.24
CA GLU A 308 -2.67 -55.39 -52.26
C GLU A 308 -3.48 -56.10 -51.18
N LYS A 309 -3.62 -55.48 -50.00
CA LYS A 309 -4.43 -56.12 -48.96
C LYS A 309 -5.88 -56.24 -49.41
N LYS A 310 -6.43 -55.19 -50.02
CA LYS A 310 -7.82 -55.25 -50.49
C LYS A 310 -7.97 -56.25 -51.63
N GLN A 311 -7.00 -56.32 -52.53
CA GLN A 311 -7.07 -57.29 -53.63
C GLN A 311 -7.02 -58.71 -53.10
N SER A 312 -6.15 -58.98 -52.13
CA SER A 312 -6.09 -60.31 -51.52
C SER A 312 -7.40 -60.63 -50.81
N ALA A 313 -7.97 -59.65 -50.11
CA ALA A 313 -9.25 -59.87 -49.44
C ALA A 313 -10.35 -60.18 -50.43
N SER A 314 -10.40 -59.45 -51.54
CA SER A 314 -11.42 -59.70 -52.56
C SER A 314 -11.24 -61.07 -53.20
N SER A 315 -10.01 -61.45 -53.51
CA SER A 315 -9.77 -62.75 -54.12
C SER A 315 -10.12 -63.88 -53.16
N SER A 316 -9.82 -63.71 -51.87
CA SER A 316 -10.11 -64.73 -50.87
C SER A 316 -11.51 -64.58 -50.26
N ALA A 317 -12.30 -63.63 -50.74
CA ALA A 317 -13.64 -63.42 -50.19
C ALA A 317 -14.55 -64.58 -50.56
N SER A 318 -15.05 -65.29 -49.55
CA SER A 318 -15.95 -66.41 -49.76
C SER A 318 -16.74 -66.64 -48.49
N GLY A 319 -18.02 -67.01 -48.65
CA GLY A 319 -18.89 -67.29 -47.53
C GLY A 319 -20.08 -66.34 -47.50
N GLU A 320 -20.54 -66.06 -46.28
CA GLU A 320 -21.70 -65.21 -46.06
C GLU A 320 -21.32 -64.04 -45.17
N TRP A 321 -21.91 -62.87 -45.44
CA TRP A 321 -21.67 -61.70 -44.62
C TRP A 321 -22.12 -61.94 -43.19
N LYS A 322 -21.28 -61.53 -42.24
CA LYS A 322 -21.61 -61.63 -40.82
C LYS A 322 -21.13 -60.37 -40.12
N ARG A 323 -21.51 -60.24 -38.85
CA ARG A 323 -21.14 -59.07 -38.07
C ARG A 323 -19.64 -59.08 -37.80
N ALA A 324 -19.15 -57.96 -37.26
CA ALA A 324 -17.71 -57.78 -37.08
C ALA A 324 -17.16 -58.72 -36.00
N GLU A 325 -17.63 -58.55 -34.76
CA GLU A 325 -17.15 -59.32 -33.62
C GLU A 325 -15.63 -59.25 -33.51
N TYR A 326 -15.14 -58.03 -33.28
CA TYR A 326 -13.71 -57.83 -33.09
C TYR A 326 -13.27 -58.41 -31.75
N GLN A 327 -12.02 -58.85 -31.70
CA GLN A 327 -11.47 -59.47 -30.51
C GLN A 327 -10.10 -58.88 -30.19
N VAL A 328 -9.79 -58.80 -28.90
CA VAL A 328 -8.50 -58.32 -28.42
C VAL A 328 -7.83 -59.46 -27.68
N GLU A 329 -6.63 -59.81 -28.13
CA GLU A 329 -5.91 -60.94 -27.53
C GLU A 329 -5.46 -60.58 -26.11
N GLU A 330 -5.70 -61.50 -25.17
CA GLU A 330 -5.30 -61.31 -23.80
C GLU A 330 -3.88 -61.78 -23.58
N MET A 331 -3.11 -61.03 -22.80
CA MET A 331 -1.72 -61.33 -22.53
C MET A 331 -1.46 -61.21 -21.03
N SER A 332 -0.47 -61.96 -20.56
CA SER A 332 -0.11 -62.00 -19.15
C SER A 332 0.96 -60.95 -18.84
N LEU A 333 1.32 -60.84 -17.57
CA LEU A 333 2.35 -59.90 -17.16
C LEU A 333 3.71 -60.39 -17.60
N PRO A 334 4.45 -59.63 -18.41
CA PRO A 334 5.75 -60.11 -18.87
C PRO A 334 6.78 -60.01 -17.77
N PRO A 335 7.81 -60.88 -17.80
CA PRO A 335 8.89 -60.77 -16.81
C PRO A 335 9.71 -59.49 -16.93
N TRP A 336 9.67 -58.82 -18.08
CA TRP A 336 10.56 -57.68 -18.30
C TRP A 336 10.09 -56.39 -17.67
N VAL A 337 8.89 -56.34 -17.10
CA VAL A 337 8.42 -55.10 -16.49
C VAL A 337 9.20 -54.80 -15.22
N GLU A 338 9.41 -55.81 -14.37
CA GLU A 338 10.21 -55.63 -13.17
C GLU A 338 11.65 -55.29 -13.53
N GLU A 339 12.19 -55.94 -14.57
CA GLU A 339 13.54 -55.62 -15.03
C GLU A 339 13.63 -54.18 -15.53
N GLU A 340 12.60 -53.73 -16.25
CA GLU A 340 12.55 -52.36 -16.72
C GLU A 340 12.53 -51.38 -15.55
N MET A 341 11.73 -51.67 -14.53
CA MET A 341 11.70 -50.82 -13.35
C MET A 341 13.04 -50.77 -12.64
N VAL A 342 13.69 -51.93 -12.48
CA VAL A 342 14.97 -51.96 -11.79
C VAL A 342 16.04 -51.25 -12.60
N LEU A 343 16.09 -51.50 -13.91
CA LEU A 343 17.13 -50.91 -14.74
C LEU A 343 16.91 -49.42 -14.95
N LEU A 344 15.66 -48.96 -14.93
CA LEU A 344 15.38 -47.54 -15.08
C LEU A 344 15.89 -46.71 -13.93
N ARG A 345 16.09 -47.32 -12.76
CA ARG A 345 16.58 -46.62 -11.57
C ARG A 345 18.10 -46.56 -11.50
N SER A 346 18.81 -47.17 -12.44
CA SER A 346 20.26 -47.18 -12.39
C SER A 346 20.82 -45.78 -12.50
N ASP A 347 21.85 -45.49 -11.71
CA ASP A 347 22.44 -44.17 -11.70
C ASP A 347 23.28 -43.94 -12.94
N GLN A 348 23.44 -42.66 -13.29
CA GLN A 348 24.24 -42.23 -14.43
C GLN A 348 25.31 -41.26 -13.95
N GLU A 349 26.19 -40.88 -14.87
CA GLU A 349 27.27 -39.95 -14.56
C GLU A 349 26.91 -38.50 -14.82
N ASP A 350 25.86 -38.24 -15.60
CA ASP A 350 25.38 -36.89 -15.88
C ASP A 350 24.06 -36.65 -15.17
N ASN A 351 23.56 -35.42 -15.26
CA ASN A 351 22.31 -35.06 -14.62
C ASN A 351 21.09 -35.27 -15.52
N TRP A 352 21.25 -35.05 -16.82
CA TRP A 352 20.21 -35.36 -17.81
C TRP A 352 18.94 -34.52 -17.63
N ILE A 353 18.92 -33.63 -16.63
CA ILE A 353 17.82 -32.70 -16.43
C ILE A 353 18.47 -31.33 -16.28
N GLU A 354 18.58 -30.60 -17.40
CA GLU A 354 19.19 -29.27 -17.41
C GLU A 354 18.08 -28.27 -17.73
N LEU A 355 17.38 -27.83 -16.68
CA LEU A 355 16.35 -26.83 -16.79
C LEU A 355 16.88 -25.52 -16.22
N GLU A 356 16.84 -24.45 -17.02
CA GLU A 356 17.35 -23.17 -16.58
C GLU A 356 16.55 -22.66 -15.40
N LYS A 357 17.25 -22.26 -14.34
CA LYS A 357 16.59 -21.83 -13.11
C LYS A 357 15.82 -20.53 -13.33
N ASN A 358 14.72 -20.40 -12.61
CA ASN A 358 13.98 -19.15 -12.60
C ASN A 358 14.74 -18.10 -11.80
N ALA A 359 14.31 -16.85 -11.95
CA ALA A 359 14.91 -15.78 -11.17
C ALA A 359 14.56 -15.94 -9.70
N ILE A 360 15.36 -15.33 -8.84
CA ILE A 360 15.15 -15.37 -7.39
C ILE A 360 15.15 -13.93 -6.89
N TYR A 361 14.02 -13.49 -6.34
CA TYR A 361 13.90 -12.16 -5.76
C TYR A 361 13.55 -12.19 -4.28
N THR A 362 12.58 -13.00 -3.89
CA THR A 362 12.15 -13.10 -2.50
C THR A 362 12.73 -14.36 -1.86
N GLU A 363 12.47 -14.51 -0.56
CA GLU A 363 12.90 -15.71 0.15
C GLU A 363 12.06 -16.91 -0.24
N VAL A 364 10.77 -16.69 -0.52
CA VAL A 364 9.90 -17.76 -1.03
C VAL A 364 10.45 -18.30 -2.34
N ASP A 365 10.96 -17.41 -3.20
CA ASP A 365 11.56 -17.84 -4.45
C ASP A 365 12.78 -18.73 -4.19
N GLY A 366 13.61 -18.35 -3.23
CA GLY A 366 14.76 -19.17 -2.88
C GLY A 366 14.36 -20.53 -2.36
N VAL A 367 13.32 -20.59 -1.53
CA VAL A 367 12.84 -21.87 -1.01
C VAL A 367 12.35 -22.75 -2.15
N ALA A 368 11.55 -22.17 -3.06
CA ALA A 368 11.01 -22.94 -4.16
C ALA A 368 12.11 -23.47 -5.07
N GLU A 369 13.09 -22.61 -5.40
CA GLU A 369 14.17 -23.04 -6.27
C GLU A 369 15.08 -24.06 -5.60
N GLY A 370 15.29 -23.93 -4.29
CA GLY A 370 16.04 -24.94 -3.58
C GLY A 370 15.35 -26.29 -3.58
N LEU A 371 14.02 -26.29 -3.41
CA LEU A 371 13.26 -27.54 -3.48
C LEU A 371 13.36 -28.15 -4.87
N VAL A 372 13.24 -27.33 -5.92
CA VAL A 372 13.33 -27.84 -7.28
C VAL A 372 14.72 -28.40 -7.54
N ASP A 373 15.77 -27.71 -7.07
CA ASP A 373 17.13 -28.19 -7.27
C ASP A 373 17.34 -29.52 -6.54
N LYS A 374 16.81 -29.64 -5.32
CA LYS A 374 16.93 -30.90 -4.59
C LYS A 374 16.24 -32.04 -5.35
N TYR A 375 15.04 -31.78 -5.85
CA TYR A 375 14.33 -32.82 -6.61
C TYR A 375 15.10 -33.19 -7.87
N ILE A 376 15.64 -32.20 -8.58
CA ILE A 376 16.38 -32.47 -9.79
C ILE A 376 17.61 -33.30 -9.49
N GLU A 377 18.33 -32.98 -8.41
CA GLU A 377 19.54 -33.74 -8.11
C GLU A 377 19.23 -35.12 -7.55
N ILE A 378 18.03 -35.34 -7.00
CA ILE A 378 17.71 -36.68 -6.52
C ILE A 378 17.06 -37.57 -7.58
N VAL A 379 16.54 -36.99 -8.67
CA VAL A 379 16.01 -37.78 -9.76
C VAL A 379 16.76 -37.59 -11.07
N GLY A 380 17.70 -36.66 -11.13
CA GLY A 380 18.41 -36.38 -12.37
C GLY A 380 19.35 -37.48 -12.81
N ARG A 381 20.30 -37.85 -11.94
CA ARG A 381 21.30 -38.85 -12.29
C ARG A 381 20.66 -40.24 -12.27
N THR A 382 19.77 -40.50 -13.23
CA THR A 382 19.04 -41.75 -13.29
C THR A 382 18.80 -42.09 -14.75
N LYS A 383 18.72 -43.40 -15.05
CA LYS A 383 18.49 -43.83 -16.41
C LYS A 383 17.15 -43.33 -16.94
N VAL A 384 16.15 -43.23 -16.08
CA VAL A 384 14.82 -42.80 -16.53
C VAL A 384 14.87 -41.38 -17.07
N ALA A 385 15.69 -40.52 -16.46
CA ALA A 385 15.82 -39.15 -16.94
C ALA A 385 16.44 -39.11 -18.34
N SER A 386 17.47 -39.93 -18.57
CA SER A 386 18.07 -39.98 -19.90
C SER A 386 17.09 -40.53 -20.93
N VAL A 387 16.29 -41.52 -20.54
CA VAL A 387 15.30 -42.06 -21.47
C VAL A 387 14.23 -41.02 -21.78
N ILE A 388 13.83 -40.23 -20.78
CA ILE A 388 12.88 -39.16 -21.01
C ILE A 388 13.47 -38.12 -21.97
N GLU A 389 14.76 -37.80 -21.80
CA GLU A 389 15.40 -36.86 -22.72
C GLU A 389 15.42 -37.40 -24.14
N LYS A 390 15.74 -38.70 -24.30
CA LYS A 390 15.72 -39.30 -25.63
C LYS A 390 14.34 -39.24 -26.24
N TRP A 391 13.31 -39.57 -25.45
CA TRP A 391 11.94 -39.54 -25.95
C TRP A 391 11.55 -38.13 -26.37
N GLN A 392 11.91 -37.13 -25.57
CA GLN A 392 11.62 -35.74 -25.91
C GLN A 392 12.26 -35.37 -27.24
N ILE A 393 13.56 -35.63 -27.38
CA ILE A 393 14.26 -35.24 -28.60
C ILE A 393 13.67 -35.96 -29.82
N ALA A 394 13.47 -37.27 -29.70
CA ALA A 394 12.96 -38.04 -30.83
C ALA A 394 11.56 -37.58 -31.23
N ALA A 395 10.67 -37.42 -30.24
CA ALA A 395 9.30 -37.02 -30.54
C ALA A 395 9.27 -35.63 -31.18
N THR A 396 10.03 -34.68 -30.65
CA THR A 396 10.00 -33.33 -31.21
C THR A 396 10.59 -33.30 -32.61
N ARG A 397 11.70 -34.00 -32.85
CA ARG A 397 12.31 -33.96 -34.16
C ARG A 397 11.49 -34.74 -35.19
N THR A 398 10.72 -35.74 -34.76
CA THR A 398 9.81 -36.41 -35.70
C THR A 398 8.56 -35.57 -35.95
N PHE A 399 8.09 -34.83 -34.94
CA PHE A 399 6.89 -34.03 -35.08
C PHE A 399 7.13 -32.75 -35.88
N SER A 400 8.34 -32.21 -35.82
CA SER A 400 8.62 -30.95 -36.51
C SER A 400 8.63 -31.11 -38.02
N GLN A 401 9.03 -32.28 -38.53
CA GLN A 401 9.03 -32.53 -39.96
C GLN A 401 7.69 -33.05 -40.47
N LEU A 402 6.68 -33.10 -39.61
CA LEU A 402 5.33 -33.48 -40.01
C LEU A 402 4.60 -32.25 -40.55
N HIS A 403 3.28 -32.36 -40.69
CA HIS A 403 2.34 -31.30 -41.09
C HIS A 403 2.37 -31.02 -42.58
N THR A 404 3.23 -31.69 -43.35
CA THR A 404 3.31 -31.51 -44.79
C THR A 404 2.91 -32.79 -45.51
N ASP A 405 2.80 -32.70 -46.83
CA ASP A 405 2.42 -33.82 -47.68
C ASP A 405 3.64 -34.19 -48.53
N ARG A 406 4.51 -35.02 -47.96
CA ARG A 406 5.76 -35.40 -48.61
C ARG A 406 5.65 -36.80 -49.21
N SER A 407 6.16 -36.94 -50.42
CA SER A 407 6.27 -38.23 -51.09
C SER A 407 7.68 -38.81 -51.01
N ARG A 408 8.55 -38.21 -50.20
CA ARG A 408 9.94 -38.62 -50.05
C ARG A 408 10.19 -39.08 -48.61
N ILE A 409 11.45 -39.34 -48.29
CA ILE A 409 11.84 -39.92 -47.02
C ILE A 409 12.65 -38.90 -46.23
N THR A 410 12.28 -38.67 -44.98
CA THR A 410 12.94 -37.72 -44.11
C THR A 410 13.63 -38.47 -42.96
N ALA A 411 14.86 -38.05 -42.66
CA ALA A 411 15.66 -38.65 -41.60
C ALA A 411 15.69 -37.72 -40.40
N CYS A 412 15.38 -38.25 -39.22
CA CYS A 412 15.32 -37.46 -37.99
C CYS A 412 16.26 -38.07 -36.95
N PRO A 413 17.50 -37.57 -36.84
CA PRO A 413 18.43 -38.14 -35.85
C PRO A 413 18.00 -37.86 -34.43
N ILE A 414 18.45 -38.73 -33.52
CA ILE A 414 18.21 -38.57 -32.09
C ILE A 414 19.59 -38.41 -31.45
N ILE A 415 20.03 -37.17 -31.29
CA ILE A 415 21.36 -36.88 -30.78
C ILE A 415 21.24 -35.94 -29.59
N THR A 416 21.88 -36.29 -28.49
CA THR A 416 22.01 -35.45 -27.31
C THR A 416 23.48 -35.13 -27.08
N ARG A 417 23.74 -34.19 -26.18
CA ARG A 417 25.10 -33.70 -25.94
C ARG A 417 25.35 -33.63 -24.45
N ASP A 418 26.38 -34.33 -23.99
CA ASP A 418 26.75 -34.34 -22.58
C ASP A 418 27.44 -33.02 -22.22
N PRO A 419 27.59 -32.72 -20.92
CA PRO A 419 28.27 -31.48 -20.54
C PRO A 419 29.77 -31.55 -20.74
N SER A 420 30.19 -32.06 -21.90
CA SER A 420 31.58 -32.02 -22.32
C SER A 420 31.72 -31.75 -23.81
N GLY A 421 30.63 -31.52 -24.52
CA GLY A 421 30.64 -31.26 -25.95
C GLY A 421 30.40 -32.47 -26.81
N ASN A 422 30.59 -33.68 -26.28
CA ASN A 422 30.46 -34.89 -27.08
C ASN A 422 29.01 -35.12 -27.48
N CYS A 423 28.81 -35.56 -28.71
CA CYS A 423 27.48 -35.94 -29.18
C CYS A 423 27.15 -37.37 -28.76
N GLN A 424 25.88 -37.60 -28.47
CA GLN A 424 25.39 -38.90 -28.02
C GLN A 424 24.30 -39.36 -28.97
N PHE A 425 24.61 -40.34 -29.83
CA PHE A 425 23.71 -40.79 -30.88
C PHE A 425 22.87 -41.94 -30.34
N TRP A 426 21.62 -41.63 -29.96
CA TRP A 426 20.70 -42.67 -29.50
C TRP A 426 20.15 -43.48 -30.67
N GLY A 427 19.91 -42.83 -31.81
CA GLY A 427 19.33 -43.51 -32.95
C GLY A 427 18.85 -42.49 -33.97
N MET A 428 18.03 -42.99 -34.90
CA MET A 428 17.47 -42.14 -35.95
C MET A 428 16.07 -42.61 -36.29
N VAL A 429 15.18 -41.65 -36.51
CA VAL A 429 13.80 -41.91 -36.90
C VAL A 429 13.65 -41.54 -38.36
N LEU A 430 13.17 -42.47 -39.17
CA LEU A 430 12.96 -42.25 -40.59
C LEU A 430 11.47 -42.02 -40.85
N LEU A 431 11.14 -40.85 -41.38
CA LEU A 431 9.77 -40.50 -41.71
C LEU A 431 9.56 -40.70 -43.20
N GLY A 432 8.58 -41.53 -43.56
CA GLY A 432 8.34 -41.87 -44.94
C GLY A 432 7.30 -40.97 -45.59
N PRO A 433 6.67 -41.46 -46.66
CA PRO A 433 5.62 -40.67 -47.31
C PRO A 433 4.39 -40.51 -46.42
N HIS A 434 4.11 -39.28 -46.00
CA HIS A 434 3.04 -38.99 -45.07
C HIS A 434 2.06 -37.99 -45.70
N HIS A 435 1.04 -38.54 -46.35
CA HIS A 435 -0.09 -37.72 -46.83
C HIS A 435 -1.14 -37.64 -45.73
N VAL A 436 -0.75 -36.95 -44.66
CA VAL A 436 -1.54 -36.87 -43.43
C VAL A 436 -2.55 -35.73 -43.55
N LYS A 437 -3.77 -35.98 -43.08
CA LYS A 437 -4.84 -34.99 -43.09
C LYS A 437 -5.51 -34.80 -41.74
N ARG A 438 -5.56 -35.84 -40.91
CA ARG A 438 -6.21 -35.78 -39.61
C ARG A 438 -5.17 -35.78 -38.50
N ASP A 439 -5.67 -35.78 -37.26
CA ASP A 439 -4.80 -35.87 -36.09
C ASP A 439 -4.63 -37.30 -35.59
N THR A 440 -5.39 -38.25 -36.13
CA THR A 440 -5.32 -39.63 -35.68
C THR A 440 -4.78 -40.60 -36.73
N ASP A 441 -4.73 -40.20 -38.00
CA ASP A 441 -4.19 -41.05 -39.04
C ASP A 441 -2.69 -41.25 -38.83
N ASN A 442 -2.22 -42.46 -39.13
CA ASN A 442 -0.86 -42.85 -38.81
C ASN A 442 0.12 -42.36 -39.88
N ALA A 443 1.35 -42.11 -39.44
CA ALA A 443 2.45 -41.73 -40.33
C ALA A 443 3.51 -42.82 -40.26
N PRO A 444 3.89 -43.43 -41.38
CA PRO A 444 4.86 -44.53 -41.34
C PRO A 444 6.22 -44.08 -40.81
N LEU A 445 6.88 -44.97 -40.08
CA LEU A 445 8.18 -44.68 -39.49
C LEU A 445 9.06 -45.92 -39.58
N LEU A 446 10.37 -45.69 -39.46
CA LEU A 446 11.36 -46.75 -39.36
C LEU A 446 12.26 -46.39 -38.19
N ILE A 447 11.89 -46.84 -37.00
CA ILE A 447 12.58 -46.47 -35.77
C ILE A 447 13.83 -47.32 -35.65
N ALA A 448 15.00 -46.73 -35.85
CA ALA A 448 16.28 -47.39 -35.67
C ALA A 448 17.03 -46.71 -34.54
N GLU A 449 17.44 -47.47 -33.54
CA GLU A 449 18.08 -46.90 -32.37
C GLU A 449 18.94 -47.94 -31.68
N ILE A 450 19.85 -47.46 -30.84
CA ILE A 450 20.85 -48.31 -30.21
C ILE A 450 20.22 -49.08 -29.06
N MET A 451 20.49 -50.38 -29.01
CA MET A 451 19.93 -51.28 -28.01
C MET A 451 21.03 -51.76 -27.08
N GLY A 452 20.70 -51.87 -25.80
CA GLY A 452 21.66 -52.34 -24.81
C GLY A 452 21.70 -53.85 -24.69
N GLU A 453 20.53 -54.48 -24.63
CA GLU A 453 20.43 -55.93 -24.54
C GLU A 453 19.25 -56.39 -25.37
N ASP A 454 19.44 -57.51 -26.08
CA ASP A 454 18.42 -58.06 -26.96
C ASP A 454 17.68 -59.21 -26.28
N THR A 455 16.36 -59.23 -26.46
CA THR A 455 15.52 -60.30 -25.92
C THR A 455 14.44 -60.62 -26.95
N GLU A 456 14.36 -61.89 -27.35
CA GLU A 456 13.41 -62.30 -28.37
C GLU A 456 11.97 -62.08 -27.92
N GLU A 457 11.64 -62.46 -26.68
CA GLU A 457 10.26 -62.35 -26.24
C GLU A 457 9.87 -60.89 -25.99
N LYS A 458 10.84 -60.06 -25.61
CA LYS A 458 10.53 -58.64 -25.37
C LYS A 458 10.38 -57.88 -26.67
N TYR A 459 11.19 -58.19 -27.68
CA TYR A 459 11.20 -57.48 -28.95
C TYR A 459 11.05 -58.47 -30.10
N PRO A 460 9.84 -59.03 -30.28
CA PRO A 460 9.65 -59.99 -31.37
C PRO A 460 9.56 -59.35 -32.75
N LYS A 461 9.19 -58.08 -32.84
CA LYS A 461 9.05 -57.40 -34.12
C LYS A 461 10.28 -56.58 -34.50
N HIS A 462 11.35 -56.65 -33.71
CA HIS A 462 12.56 -55.89 -33.99
C HIS A 462 13.58 -56.78 -34.68
N SER A 463 14.24 -56.24 -35.70
CA SER A 463 15.34 -56.93 -36.39
C SER A 463 16.65 -56.33 -35.88
N VAL A 464 17.29 -57.04 -34.96
CA VAL A 464 18.47 -56.52 -34.29
C VAL A 464 19.69 -56.68 -35.19
N PHE A 465 20.43 -55.60 -35.39
CA PHE A 465 21.67 -55.60 -36.15
C PHE A 465 22.85 -55.40 -35.20
N SER A 466 24.05 -55.61 -35.73
CA SER A 466 25.29 -55.40 -34.99
C SER A 466 26.03 -54.20 -35.58
N LEU A 467 26.36 -53.25 -34.72
CA LEU A 467 27.05 -52.02 -35.14
C LEU A 467 28.46 -52.03 -34.60
N LYS A 468 29.43 -51.82 -35.47
CA LYS A 468 30.86 -51.88 -35.15
C LYS A 468 31.47 -50.52 -35.45
N VAL A 469 31.67 -49.71 -34.41
CA VAL A 469 32.24 -48.38 -34.55
C VAL A 469 33.34 -48.22 -33.52
N GLU A 470 34.55 -47.91 -33.99
CA GLU A 470 35.71 -47.63 -33.13
C GLU A 470 35.94 -48.76 -32.12
N GLU A 471 36.25 -49.94 -32.67
CA GLU A 471 36.52 -51.17 -31.91
C GLU A 471 35.47 -51.44 -30.82
N LYS A 472 34.28 -50.89 -30.97
CA LYS A 472 33.19 -51.08 -30.03
C LYS A 472 32.01 -51.74 -30.72
N GLN A 473 31.29 -52.58 -29.96
CA GLN A 473 30.15 -53.31 -30.47
C GLN A 473 28.87 -52.71 -29.90
N PHE A 474 27.90 -52.43 -30.78
CA PHE A 474 26.61 -51.91 -30.40
C PHE A 474 25.52 -52.70 -31.12
N LEU A 475 24.28 -52.44 -30.73
CA LEU A 475 23.12 -53.10 -31.31
C LEU A 475 22.17 -52.06 -31.89
N LEU A 476 21.39 -52.48 -32.87
CA LEU A 476 20.48 -51.60 -33.59
C LEU A 476 19.10 -52.24 -33.63
N SER A 477 18.06 -51.47 -33.30
CA SER A 477 16.72 -52.03 -33.20
C SER A 477 16.05 -52.15 -34.57
N LEU A 478 15.83 -51.02 -35.23
CA LEU A 478 15.31 -50.98 -36.61
C LEU A 478 13.96 -51.70 -36.69
N LYS A 479 12.95 -51.07 -36.09
CA LYS A 479 11.58 -51.54 -36.13
C LYS A 479 10.74 -50.69 -37.08
N ILE A 480 9.80 -51.34 -37.75
CA ILE A 480 8.86 -50.65 -38.63
C ILE A 480 7.58 -50.35 -37.85
N THR A 481 7.24 -49.07 -37.74
CA THR A 481 6.04 -48.64 -37.02
C THR A 481 5.37 -47.51 -37.80
N SER A 482 4.08 -47.32 -37.53
CA SER A 482 3.33 -46.17 -37.99
C SER A 482 2.73 -45.48 -36.77
N PHE A 483 2.83 -44.16 -36.73
CA PHE A 483 2.53 -43.42 -35.50
C PHE A 483 1.84 -42.11 -35.85
N SER A 484 0.83 -41.76 -35.05
CA SER A 484 -0.07 -40.67 -35.39
C SER A 484 0.53 -39.31 -35.00
N ARG A 485 -0.16 -38.25 -35.45
CA ARG A 485 0.28 -36.90 -35.14
C ARG A 485 0.02 -36.54 -33.69
N ASN A 486 -1.17 -36.90 -33.18
CA ASN A 486 -1.53 -36.53 -31.82
C ASN A 486 -0.60 -37.17 -30.79
N LYS A 487 -0.28 -38.44 -30.98
CA LYS A 487 0.61 -39.13 -30.05
C LYS A 487 2.02 -38.55 -30.09
N LEU A 488 2.50 -38.22 -31.29
CA LEU A 488 3.82 -37.59 -31.41
C LEU A 488 3.84 -36.23 -30.72
N TYR A 489 2.78 -35.44 -30.90
CA TYR A 489 2.71 -34.16 -30.20
C TYR A 489 2.67 -34.35 -28.69
N THR A 490 1.92 -35.34 -28.22
CA THR A 490 1.85 -35.60 -26.78
C THR A 490 3.21 -35.99 -26.22
N PHE A 491 3.94 -36.85 -26.92
CA PHE A 491 5.25 -37.26 -26.46
C PHE A 491 6.31 -36.17 -26.66
N SER A 492 6.03 -35.17 -27.49
CA SER A 492 6.92 -34.02 -27.59
C SER A 492 6.96 -33.21 -26.28
N ASN A 493 6.00 -33.40 -25.39
CA ASN A 493 5.96 -32.71 -24.11
C ASN A 493 6.05 -33.71 -22.95
N ILE A 494 6.80 -34.80 -23.14
CA ILE A 494 6.88 -35.86 -22.13
C ILE A 494 7.59 -35.38 -20.86
N ARG A 495 8.31 -34.27 -20.92
CA ARG A 495 9.06 -33.80 -19.76
C ARG A 495 8.13 -33.42 -18.60
N ARG A 496 6.84 -33.25 -18.86
CA ARG A 496 5.89 -32.92 -17.80
C ARG A 496 5.68 -34.07 -16.82
N VAL A 497 6.17 -35.28 -17.14
CA VAL A 497 5.97 -36.42 -16.25
C VAL A 497 6.71 -36.24 -14.93
N LEU A 498 7.72 -35.37 -14.88
CA LEU A 498 8.49 -35.16 -13.66
C LEU A 498 7.70 -34.47 -12.56
N ILE A 499 6.52 -33.93 -12.86
CA ILE A 499 5.80 -33.12 -11.88
C ILE A 499 5.25 -33.99 -10.75
N GLN A 500 4.65 -35.14 -11.09
CA GLN A 500 3.98 -35.94 -10.06
C GLN A 500 4.94 -36.50 -9.01
N PRO A 501 6.06 -37.13 -9.35
CA PRO A 501 7.03 -37.49 -8.29
C PRO A 501 7.55 -36.27 -7.56
N ALA A 502 7.73 -35.16 -8.27
CA ALA A 502 8.07 -33.91 -7.61
C ALA A 502 6.96 -33.47 -6.67
N SER A 503 5.71 -33.71 -7.06
CA SER A 503 4.59 -33.40 -6.17
C SER A 503 4.68 -34.20 -4.88
N ILE A 504 4.96 -35.50 -4.98
CA ILE A 504 5.05 -36.34 -3.79
C ILE A 504 6.20 -35.87 -2.90
N TYR A 505 7.36 -35.64 -3.51
CA TYR A 505 8.53 -35.19 -2.75
C TYR A 505 8.26 -33.86 -2.06
N SER A 506 7.67 -32.92 -2.79
CA SER A 506 7.40 -31.59 -2.24
C SER A 506 6.39 -31.66 -1.11
N GLN A 507 5.34 -32.47 -1.27
CA GLN A 507 4.36 -32.60 -0.19
C GLN A 507 4.99 -33.19 1.06
N VAL A 508 5.83 -34.22 0.91
CA VAL A 508 6.48 -34.81 2.08
C VAL A 508 7.36 -33.77 2.78
N VAL A 509 8.21 -33.10 2.00
CA VAL A 509 9.16 -32.15 2.60
C VAL A 509 8.43 -30.99 3.26
N LEU A 510 7.42 -30.45 2.57
CA LEU A 510 6.71 -29.29 3.11
C LEU A 510 5.84 -29.65 4.30
N SER A 511 5.28 -30.86 4.33
CA SER A 511 4.55 -31.30 5.51
C SER A 511 5.48 -31.44 6.71
N ARG A 512 6.67 -32.00 6.49
CA ARG A 512 7.65 -32.09 7.57
C ARG A 512 8.05 -30.69 8.05
N ALA A 513 8.24 -29.76 7.11
CA ALA A 513 8.60 -28.40 7.49
C ALA A 513 7.48 -27.72 8.26
N ALA A 514 6.23 -27.95 7.88
CA ALA A 514 5.10 -27.29 8.51
C ALA A 514 4.79 -27.86 9.89
N GLU A 515 4.95 -29.17 10.08
CA GLU A 515 4.65 -29.76 11.39
C GLU A 515 5.57 -29.22 12.48
N ASN A 516 6.86 -29.10 12.19
CA ASN A 516 7.82 -28.59 13.14
C ASN A 516 8.08 -27.10 12.97
N ASN A 517 7.38 -26.44 12.05
CA ASN A 517 7.44 -24.99 11.87
C ASN A 517 8.83 -24.51 11.49
N SER A 518 9.54 -25.31 10.70
CA SER A 518 10.87 -24.93 10.24
C SER A 518 11.23 -25.75 9.02
N LEU A 519 11.74 -25.08 7.98
CA LEU A 519 12.16 -25.76 6.77
C LEU A 519 13.51 -26.43 6.96
N ASN A 520 13.65 -27.62 6.40
CA ASN A 520 14.90 -28.38 6.46
C ASN A 520 15.55 -28.52 5.09
N LEU A 521 14.78 -28.93 4.08
CA LEU A 521 15.20 -29.06 2.68
C LEU A 521 16.17 -30.22 2.48
N GLU A 522 16.60 -30.88 3.55
CA GLU A 522 17.51 -32.02 3.44
C GLU A 522 16.93 -33.29 4.07
N VAL A 523 15.63 -33.29 4.39
CA VAL A 523 15.03 -34.46 5.01
C VAL A 523 14.95 -35.61 4.01
N ASN A 524 15.32 -36.80 4.46
CA ASN A 524 15.19 -38.02 3.69
C ASN A 524 14.53 -39.07 4.58
N PRO A 525 13.23 -38.91 4.86
CA PRO A 525 12.57 -39.77 5.85
C PRO A 525 12.40 -41.21 5.38
N GLU A 526 11.79 -42.03 6.23
CA GLU A 526 11.54 -43.43 5.92
C GLU A 526 10.07 -43.59 5.55
N ILE A 527 9.83 -44.21 4.39
CA ILE A 527 8.48 -44.43 3.89
C ILE A 527 8.16 -45.91 4.04
N GLN A 528 7.05 -46.21 4.72
CA GLN A 528 6.62 -47.57 4.93
C GLN A 528 5.78 -48.02 3.74
N LEU A 529 6.20 -49.12 3.11
CA LEU A 529 5.53 -49.63 1.92
C LEU A 529 5.50 -51.15 1.95
N TYR A 530 4.57 -51.73 1.21
CA TYR A 530 4.49 -53.17 1.03
C TYR A 530 5.34 -53.54 -0.18
N LEU A 531 6.60 -53.91 0.06
CA LEU A 531 7.52 -54.23 -1.03
C LEU A 531 7.32 -55.66 -1.53
N GLU A 532 7.42 -56.64 -0.64
CA GLU A 532 7.25 -58.05 -0.97
C GLU A 532 6.12 -58.65 -0.16
N GLY A 533 5.01 -57.93 -0.05
CA GLY A 533 3.90 -58.36 0.78
C GLY A 533 4.05 -58.03 2.25
N ALA A 534 5.16 -57.44 2.66
CA ALA A 534 5.41 -57.07 4.04
C ALA A 534 5.80 -55.60 4.11
N GLN A 535 5.37 -54.94 5.18
CA GLN A 535 5.63 -53.52 5.36
C GLN A 535 7.09 -53.34 5.81
N ARG A 536 7.88 -52.65 4.99
CA ARG A 536 9.27 -52.37 5.30
C ARG A 536 9.57 -50.92 5.00
N GLY A 537 10.47 -50.34 5.80
CA GLY A 537 10.86 -48.95 5.59
C GLY A 537 11.71 -48.77 4.36
N MET A 538 11.68 -47.55 3.83
CA MET A 538 12.40 -47.24 2.60
C MET A 538 12.46 -45.73 2.44
N THR A 539 13.61 -45.24 1.99
CA THR A 539 13.89 -43.81 2.00
C THR A 539 13.04 -43.06 0.98
N LEU A 540 12.91 -41.76 1.19
CA LEU A 540 12.07 -40.93 0.34
C LEU A 540 12.68 -40.75 -1.04
N TYR A 541 14.01 -40.65 -1.12
CA TYR A 541 14.67 -40.37 -2.39
C TYR A 541 14.47 -41.50 -3.38
N GLN A 542 14.72 -42.74 -2.94
CA GLN A 542 14.54 -43.88 -3.83
C GLN A 542 13.06 -44.11 -4.15
N TRP A 543 12.17 -43.78 -3.21
CA TRP A 543 10.74 -43.85 -3.48
C TRP A 543 10.35 -42.89 -4.60
N VAL A 544 10.85 -41.66 -4.55
CA VAL A 544 10.57 -40.70 -5.61
C VAL A 544 11.17 -41.17 -6.92
N ARG A 545 12.37 -41.76 -6.87
CA ARG A 545 13.01 -42.25 -8.09
C ARG A 545 12.17 -43.32 -8.77
N MET A 546 11.72 -44.33 -8.01
CA MET A 546 10.91 -45.36 -8.65
C MET A 546 9.49 -44.89 -8.95
N ILE A 547 8.97 -43.90 -8.24
CA ILE A 547 7.71 -43.28 -8.64
C ILE A 547 7.86 -42.63 -10.01
N LEU A 548 8.97 -41.93 -10.23
CA LEU A 548 9.23 -41.35 -11.54
C LEU A 548 9.35 -42.43 -12.61
N CYS A 549 10.05 -43.53 -12.29
CA CYS A 549 10.18 -44.62 -13.26
C CYS A 549 8.83 -45.20 -13.63
N LEU A 550 7.98 -45.46 -12.63
CA LEU A 550 6.67 -46.04 -12.89
C LEU A 550 5.77 -45.05 -13.62
N GLU A 551 5.85 -43.76 -13.28
CA GLU A 551 5.05 -42.76 -13.97
C GLU A 551 5.46 -42.67 -15.44
N PHE A 552 6.76 -42.69 -15.72
CA PHE A 552 7.20 -42.67 -17.12
C PHE A 552 6.74 -43.91 -17.85
N LEU A 553 6.86 -45.09 -17.22
CA LEU A 553 6.43 -46.32 -17.87
C LEU A 553 4.93 -46.33 -18.09
N MET A 554 4.18 -45.63 -17.23
CA MET A 554 2.73 -45.50 -17.39
C MET A 554 2.37 -44.53 -18.49
N ALA A 555 3.16 -43.47 -18.67
CA ALA A 555 2.84 -42.45 -19.66
C ALA A 555 2.99 -42.99 -21.08
N ILE A 556 4.11 -43.66 -21.35
CA ILE A 556 4.36 -44.18 -22.70
C ILE A 556 3.49 -45.38 -23.03
N TYR A 557 2.81 -45.97 -22.05
CA TYR A 557 1.91 -47.08 -22.28
C TYR A 557 0.46 -46.69 -21.99
N ASN A 558 0.12 -45.42 -22.20
CA ASN A 558 -1.23 -44.94 -21.96
C ASN A 558 -2.13 -45.31 -23.13
N ASN A 559 -3.21 -46.01 -22.84
CA ASN A 559 -4.17 -46.44 -23.85
C ASN A 559 -5.55 -46.49 -23.18
N PRO A 560 -6.62 -46.81 -23.91
CA PRO A 560 -7.94 -46.93 -23.25
C PRO A 560 -7.93 -47.87 -22.04
N GLN A 561 -7.19 -48.98 -22.11
CA GLN A 561 -7.13 -49.90 -20.98
C GLN A 561 -6.51 -49.22 -19.76
N MET A 562 -5.40 -48.50 -19.96
CA MET A 562 -4.77 -47.79 -18.84
C MET A 562 -5.69 -46.71 -18.30
N GLU A 563 -6.37 -45.98 -19.19
CA GLU A 563 -7.26 -44.92 -18.75
C GLU A 563 -8.39 -45.47 -17.88
N GLY A 564 -9.05 -46.54 -18.36
CA GLY A 564 -10.12 -47.13 -17.58
C GLY A 564 -9.63 -47.72 -16.27
N PHE A 565 -8.49 -48.42 -16.31
CA PHE A 565 -7.93 -49.01 -15.10
C PHE A 565 -7.63 -47.96 -14.05
N LEU A 566 -6.98 -46.86 -14.46
CA LEU A 566 -6.63 -45.83 -13.49
C LEU A 566 -7.85 -45.09 -13.01
N ALA A 567 -8.85 -44.90 -13.86
CA ALA A 567 -10.07 -44.23 -13.43
C ALA A 567 -10.84 -45.08 -12.42
N ASN A 568 -10.81 -46.40 -12.58
CA ASN A 568 -11.60 -47.27 -11.72
C ASN A 568 -10.84 -47.80 -10.51
N MET A 569 -9.51 -47.64 -10.46
CA MET A 569 -8.79 -47.95 -9.22
C MET A 569 -8.82 -46.85 -8.19
N ARG A 570 -9.30 -45.65 -8.53
CA ARG A 570 -9.35 -44.60 -7.52
C ARG A 570 -10.35 -44.92 -6.42
N ARG A 571 -11.48 -45.53 -6.77
CA ARG A 571 -12.44 -45.97 -5.76
C ARG A 571 -11.83 -47.00 -4.83
N LEU A 572 -11.11 -47.98 -5.38
CA LEU A 572 -10.50 -49.02 -4.54
C LEU A 572 -9.36 -48.45 -3.71
N HIS A 573 -8.60 -47.50 -4.25
CA HIS A 573 -7.56 -46.83 -3.49
C HIS A 573 -8.15 -46.08 -2.30
N MET A 574 -9.27 -45.37 -2.53
CA MET A 574 -9.96 -44.69 -1.45
C MET A 574 -10.50 -45.68 -0.42
N SER A 575 -11.04 -46.81 -0.88
CA SER A 575 -11.55 -47.82 0.04
C SER A 575 -10.43 -48.40 0.90
N ARG A 576 -9.27 -48.66 0.29
CA ARG A 576 -8.14 -49.17 1.06
C ARG A 576 -7.65 -48.14 2.07
N HIS A 577 -7.60 -46.87 1.68
CA HIS A 577 -7.18 -45.84 2.62
C HIS A 577 -8.17 -45.71 3.77
N ALA A 578 -9.46 -45.90 3.50
CA ALA A 578 -10.45 -45.91 4.57
C ALA A 578 -10.24 -47.12 5.48
N MET A 579 -10.03 -48.29 4.89
CA MET A 579 -9.86 -49.50 5.69
C MET A 579 -8.61 -49.46 6.56
N MET A 580 -7.54 -48.80 6.11
CA MET A 580 -6.35 -48.67 6.92
C MET A 580 -6.54 -47.74 8.12
N GLU A 581 -7.66 -47.03 8.20
CA GLU A 581 -7.96 -46.16 9.33
C GLU A 581 -9.13 -46.69 10.15
N ARG A 582 -9.29 -48.01 10.18
CA ARG A 582 -10.32 -48.67 10.99
C ARG A 582 -11.72 -48.18 10.62
N ARG A 583 -11.95 -47.94 9.34
CA ARG A 583 -13.25 -47.54 8.82
C ARG A 583 -13.87 -48.69 8.06
N GLN A 584 -15.17 -48.91 8.28
CA GLN A 584 -15.90 -49.94 7.57
C GLN A 584 -16.39 -49.40 6.24
N VAL A 585 -16.44 -50.28 5.23
CA VAL A 585 -16.87 -49.93 3.89
C VAL A 585 -18.11 -50.77 3.57
N PHE A 586 -19.19 -50.10 3.17
CA PHE A 586 -20.44 -50.77 2.86
C PHE A 586 -20.82 -50.52 1.40
N LEU A 587 -21.51 -51.49 0.82
CA LEU A 587 -21.75 -51.51 -0.61
C LEU A 587 -23.22 -51.81 -0.89
N PRO A 588 -23.73 -51.39 -2.04
CA PRO A 588 -25.12 -51.73 -2.42
C PRO A 588 -25.29 -53.21 -2.73
N PHE A 589 -26.49 -53.59 -3.18
CA PHE A 589 -26.83 -55.00 -3.31
C PHE A 589 -25.94 -55.70 -4.33
N GLY A 590 -25.83 -55.15 -5.54
CA GLY A 590 -25.08 -55.80 -6.59
C GLY A 590 -23.75 -55.15 -6.85
N SER A 591 -23.07 -54.75 -5.77
CA SER A 591 -21.85 -53.96 -5.87
C SER A 591 -20.64 -54.88 -6.02
N ARG A 592 -19.99 -54.79 -7.17
CA ARG A 592 -18.73 -55.49 -7.43
C ARG A 592 -17.78 -54.48 -8.06
N PRO A 593 -17.13 -53.64 -7.25
CA PRO A 593 -16.27 -52.59 -7.80
C PRO A 593 -15.10 -53.11 -8.61
N GLU A 594 -14.72 -54.37 -8.44
CA GLU A 594 -13.57 -54.91 -9.15
C GLU A 594 -13.86 -55.26 -10.61
N ASP A 595 -15.14 -55.42 -10.99
CA ASP A 595 -15.44 -55.79 -12.36
C ASP A 595 -15.09 -54.67 -13.33
N LYS A 596 -15.37 -53.41 -12.95
CA LYS A 596 -15.07 -52.28 -13.80
C LYS A 596 -13.57 -52.01 -13.91
N VAL A 597 -12.77 -52.63 -13.06
CA VAL A 597 -11.32 -52.63 -13.24
C VAL A 597 -10.88 -53.82 -14.07
N ASN A 598 -11.44 -55.00 -13.81
CA ASN A 598 -11.06 -56.20 -14.52
C ASN A 598 -11.38 -56.13 -16.00
N GLU A 599 -12.43 -55.40 -16.37
CA GLU A 599 -12.74 -55.22 -17.79
C GLU A 599 -11.66 -54.43 -18.52
N CYS A 600 -10.85 -53.66 -17.79
CA CYS A 600 -9.77 -52.88 -18.39
C CYS A 600 -8.42 -53.58 -18.38
N ILE A 601 -8.35 -54.79 -17.82
CA ILE A 601 -7.11 -55.55 -17.77
C ILE A 601 -7.17 -56.58 -18.89
N ILE A 602 -6.53 -56.26 -20.02
CA ILE A 602 -6.58 -57.18 -21.17
C ILE A 602 -5.17 -57.60 -21.59
N ASN A 603 -4.36 -56.64 -22.04
CA ASN A 603 -3.03 -56.98 -22.52
C ASN A 603 -1.97 -55.92 -22.20
N ASN A 604 -2.30 -54.87 -21.47
CA ASN A 604 -1.34 -53.81 -21.18
C ASN A 604 -0.37 -54.29 -20.09
N PRO A 605 0.93 -54.37 -20.39
CA PRO A 605 1.87 -54.92 -19.39
C PRO A 605 1.94 -54.13 -18.09
N ILE A 606 1.86 -52.80 -18.16
CA ILE A 606 1.94 -52.00 -16.94
C ILE A 606 0.63 -52.01 -16.17
N VAL A 607 -0.50 -52.16 -16.86
CA VAL A 607 -1.76 -52.39 -16.15
C VAL A 607 -1.68 -53.69 -15.36
N ALA A 608 -1.13 -54.73 -15.97
CA ALA A 608 -0.95 -56.00 -15.28
C ALA A 608 0.05 -55.87 -14.12
N TYR A 609 1.09 -55.07 -14.32
CA TYR A 609 2.06 -54.84 -13.25
C TYR A 609 1.41 -54.16 -12.05
N LEU A 610 0.60 -53.13 -12.32
CA LEU A 610 -0.11 -52.45 -11.24
C LEU A 610 -1.12 -53.37 -10.57
N ALA A 611 -1.79 -54.22 -11.35
CA ALA A 611 -2.73 -55.17 -10.77
C ALA A 611 -2.03 -56.16 -9.86
N LYS A 612 -0.86 -56.67 -10.29
CA LYS A 612 -0.11 -57.58 -9.43
C LYS A 612 0.39 -56.88 -8.17
N GLY A 613 0.82 -55.63 -8.30
CA GLY A 613 1.21 -54.86 -7.13
C GLY A 613 0.06 -54.68 -6.15
N TRP A 614 -1.15 -54.45 -6.67
CA TRP A 614 -2.32 -54.36 -5.82
C TRP A 614 -2.64 -55.69 -5.14
N ASN A 615 -2.54 -56.78 -5.89
CA ASN A 615 -2.87 -58.09 -5.33
C ASN A 615 -1.87 -58.52 -4.26
N SER A 616 -0.59 -58.19 -4.46
CA SER A 616 0.44 -58.64 -3.54
C SER A 616 0.24 -58.06 -2.14
N MET A 617 -0.11 -56.78 -2.06
CA MET A 617 -0.24 -56.10 -0.78
C MET A 617 -1.54 -56.51 -0.09
N PRO A 618 -1.59 -56.41 1.25
CA PRO A 618 -2.69 -57.03 1.99
C PRO A 618 -4.06 -56.48 1.61
N ASN A 619 -5.07 -57.34 1.70
CA ASN A 619 -6.44 -56.98 1.38
C ASN A 619 -7.36 -56.92 2.59
N VAL A 620 -6.93 -57.45 3.74
CA VAL A 620 -7.70 -57.40 4.97
C VAL A 620 -6.91 -56.63 6.01
N TYR A 621 -7.54 -55.64 6.64
CA TYR A 621 -6.89 -54.76 7.59
C TYR A 621 -7.53 -54.92 8.96
N TYR A 622 -6.71 -55.04 9.99
CA TYR A 622 -7.18 -55.18 11.36
C TYR A 622 -6.79 -53.96 12.19
N MET B 1 1.25 -51.17 -7.82
CA MET B 1 0.39 -50.22 -7.11
C MET B 1 0.81 -50.06 -5.66
N ASN B 2 1.66 -50.98 -5.19
CA ASN B 2 2.14 -50.91 -3.82
C ASN B 2 3.03 -49.70 -3.60
N LEU B 3 3.66 -49.19 -4.66
CA LEU B 3 4.46 -47.98 -4.58
C LEU B 3 3.61 -46.73 -4.44
N PHE B 4 2.30 -46.82 -4.69
CA PHE B 4 1.39 -45.68 -4.60
C PHE B 4 0.61 -45.67 -3.30
N THR B 5 0.96 -46.52 -2.33
CA THR B 5 0.22 -46.66 -1.08
C THR B 5 1.18 -46.48 0.09
N PRO B 6 1.54 -45.24 0.42
CA PRO B 6 2.40 -45.01 1.59
C PRO B 6 1.66 -45.27 2.89
N LEU B 7 2.42 -45.57 3.93
CA LEU B 7 1.86 -45.91 5.23
C LEU B 7 2.39 -45.06 6.38
N SER B 8 3.44 -44.26 6.19
CA SER B 8 4.08 -43.56 7.29
C SER B 8 3.93 -42.05 7.20
N GLU B 9 4.39 -41.44 6.11
CA GLU B 9 4.46 -39.98 6.03
C GLU B 9 3.16 -39.37 5.51
N ILE B 10 2.75 -39.77 4.31
CA ILE B 10 1.54 -39.26 3.68
C ILE B 10 0.58 -40.43 3.47
N ASN B 11 -0.67 -40.10 3.22
CA ASN B 11 -1.72 -41.08 3.03
C ASN B 11 -2.01 -41.30 1.56
N PRO B 12 -2.65 -42.41 1.21
CA PRO B 12 -2.96 -42.66 -0.22
C PRO B 12 -3.83 -41.59 -0.87
N THR B 13 -4.62 -40.85 -0.09
CA THR B 13 -5.42 -39.78 -0.66
C THR B 13 -4.52 -38.72 -1.31
N THR B 14 -3.41 -38.37 -0.66
CA THR B 14 -2.48 -37.44 -1.27
C THR B 14 -1.79 -38.02 -2.50
N THR B 15 -1.66 -39.35 -2.56
CA THR B 15 -1.04 -40.01 -3.69
C THR B 15 -2.04 -40.38 -4.78
N GLN B 16 -3.30 -40.00 -4.62
CA GLN B 16 -4.26 -40.18 -5.71
C GLN B 16 -3.84 -39.43 -6.96
N GLU B 17 -2.98 -38.41 -6.84
CA GLU B 17 -2.42 -37.75 -8.01
C GLU B 17 -1.68 -38.74 -8.90
N LEU B 18 -1.09 -39.78 -8.31
CA LEU B 18 -0.27 -40.72 -9.05
C LEU B 18 -1.09 -41.67 -9.90
N LEU B 19 -2.38 -41.80 -9.64
CA LEU B 19 -3.26 -42.64 -10.46
C LEU B 19 -3.77 -41.90 -11.69
N TYR B 20 -2.85 -41.29 -12.42
CA TYR B 20 -3.18 -40.51 -13.61
C TYR B 20 -2.08 -40.73 -14.64
N ALA B 21 -2.44 -41.33 -15.78
CA ALA B 21 -1.50 -41.54 -16.86
C ALA B 21 -1.44 -40.37 -17.82
N TYR B 22 -1.85 -39.17 -17.39
CA TYR B 22 -1.81 -38.02 -18.27
C TYR B 22 -0.35 -37.69 -18.60
N THR B 23 -0.18 -36.80 -19.58
CA THR B 23 1.05 -36.59 -20.35
C THR B 23 1.31 -37.75 -21.29
N GLY B 24 0.49 -38.81 -21.25
CA GLY B 24 0.48 -39.82 -22.27
C GLY B 24 -0.65 -39.53 -23.24
N PRO B 25 -0.67 -40.23 -24.38
CA PRO B 25 -1.68 -39.95 -25.39
C PRO B 25 -3.09 -40.27 -24.90
N ALA B 26 -4.04 -39.47 -25.37
CA ALA B 26 -5.45 -39.68 -25.07
C ALA B 26 -6.10 -40.57 -26.13
N PRO B 27 -6.95 -41.50 -25.72
CA PRO B 27 -7.56 -42.41 -26.70
C PRO B 27 -8.47 -41.69 -27.68
N VAL B 28 -8.55 -42.25 -28.88
CA VAL B 28 -9.36 -41.69 -29.96
C VAL B 28 -10.28 -42.76 -30.49
N ALA B 29 -11.34 -42.31 -31.17
CA ALA B 29 -12.27 -43.19 -31.86
C ALA B 29 -11.93 -43.23 -33.34
N TYR B 30 -12.12 -44.39 -33.96
CA TYR B 30 -11.62 -44.64 -35.31
C TYR B 30 -12.74 -44.81 -36.34
N GLY B 31 -13.65 -45.75 -36.11
CA GLY B 31 -14.56 -46.13 -37.18
C GLY B 31 -16.00 -45.70 -37.02
N THR B 32 -16.92 -46.61 -37.36
CA THR B 32 -18.34 -46.30 -37.32
C THR B 32 -18.83 -46.12 -35.90
N ARG B 33 -19.69 -45.12 -35.72
CA ARG B 33 -20.39 -44.90 -34.46
C ARG B 33 -21.73 -45.62 -34.41
N THR B 34 -22.06 -46.38 -35.45
CA THR B 34 -23.40 -46.96 -35.55
C THR B 34 -23.67 -47.93 -34.40
N ARG B 35 -22.69 -48.76 -34.05
CA ARG B 35 -22.89 -49.72 -32.96
C ARG B 35 -23.15 -48.99 -31.64
N ALA B 36 -22.37 -47.96 -31.35
CA ALA B 36 -22.56 -47.22 -30.10
C ALA B 36 -23.90 -46.50 -30.08
N VAL B 37 -24.28 -45.88 -31.19
CA VAL B 37 -25.56 -45.17 -31.25
C VAL B 37 -26.71 -46.14 -31.05
N LEU B 38 -26.66 -47.29 -31.74
CA LEU B 38 -27.72 -48.28 -31.60
C LEU B 38 -27.75 -48.86 -30.20
N GLU B 39 -26.60 -49.03 -29.55
CA GLU B 39 -26.58 -49.50 -28.17
C GLU B 39 -27.23 -48.50 -27.24
N ASN B 40 -26.94 -47.20 -27.41
CA ASN B 40 -27.60 -46.18 -26.61
C ASN B 40 -29.11 -46.13 -26.89
N ILE B 41 -29.50 -46.44 -28.13
CA ILE B 41 -30.93 -46.47 -28.44
C ILE B 41 -31.61 -47.67 -27.76
N ILE B 42 -30.95 -48.82 -27.76
CA ILE B 42 -31.59 -50.03 -27.27
C ILE B 42 -31.54 -50.17 -25.76
N ARG B 43 -30.59 -49.52 -25.09
CA ARG B 43 -30.49 -49.67 -23.64
C ARG B 43 -31.73 -49.22 -22.89
N PRO B 44 -32.35 -48.06 -23.18
CA PRO B 44 -33.56 -47.69 -22.42
C PRO B 44 -34.69 -48.70 -22.54
N TYR B 45 -34.83 -49.36 -23.69
CA TYR B 45 -35.88 -50.35 -23.84
C TYR B 45 -35.56 -51.63 -23.07
N GLN B 46 -34.28 -51.95 -22.91
CA GLN B 46 -33.89 -53.14 -22.16
C GLN B 46 -34.11 -53.00 -20.66
N TYR B 47 -34.17 -51.77 -20.16
CA TYR B 47 -34.25 -51.52 -18.73
C TYR B 47 -35.65 -51.17 -18.24
N PHE B 48 -36.63 -51.07 -19.14
CA PHE B 48 -37.98 -50.70 -18.70
C PHE B 48 -38.60 -51.80 -17.85
N TYR B 49 -38.43 -53.06 -18.24
CA TYR B 49 -38.97 -54.19 -17.51
C TYR B 49 -37.84 -54.89 -16.74
N LYS B 50 -38.24 -55.60 -15.67
CA LYS B 50 -37.27 -56.37 -14.90
C LYS B 50 -36.61 -57.44 -15.77
N GLU B 51 -37.42 -58.15 -16.56
CA GLU B 51 -36.91 -59.08 -17.55
C GLU B 51 -36.84 -58.38 -18.90
N PRO B 52 -35.66 -58.27 -19.52
CA PRO B 52 -35.56 -57.50 -20.77
C PRO B 52 -36.50 -57.99 -21.86
N ASN B 53 -37.46 -57.14 -22.21
CA ASN B 53 -38.43 -57.42 -23.27
C ASN B 53 -38.44 -56.20 -24.20
N VAL B 54 -37.52 -56.20 -25.16
CA VAL B 54 -37.37 -55.03 -26.04
C VAL B 54 -38.61 -54.84 -26.89
N GLN B 55 -39.14 -55.93 -27.47
CA GLN B 55 -40.27 -55.81 -28.38
C GLN B 55 -41.49 -55.20 -27.70
N ARG B 56 -41.72 -55.54 -26.44
CA ARG B 56 -42.85 -55.02 -25.70
C ARG B 56 -42.63 -53.59 -25.21
N ALA B 57 -41.40 -53.07 -25.29
CA ALA B 57 -41.10 -51.73 -24.82
C ALA B 57 -41.09 -50.68 -25.93
N LEU B 58 -41.03 -51.09 -27.20
CA LEU B 58 -40.96 -50.12 -28.29
C LEU B 58 -42.30 -49.44 -28.56
N ASP B 59 -43.41 -50.02 -28.11
CA ASP B 59 -44.72 -49.43 -28.34
C ASP B 59 -45.14 -48.48 -27.21
N ILE B 60 -44.27 -48.23 -26.26
CA ILE B 60 -44.58 -47.37 -25.12
C ILE B 60 -44.20 -45.94 -25.47
N LYS B 61 -45.15 -45.02 -25.29
CA LYS B 61 -44.90 -43.61 -25.57
C LYS B 61 -44.37 -42.88 -24.34
N THR B 62 -45.16 -42.85 -23.27
CA THR B 62 -44.73 -42.27 -22.00
C THR B 62 -44.29 -43.42 -21.09
N GLY B 63 -43.05 -43.33 -20.61
CA GLY B 63 -42.56 -44.40 -19.76
C GLY B 63 -42.94 -44.17 -18.32
N CYS B 64 -44.07 -44.75 -17.91
CA CYS B 64 -44.54 -44.69 -16.54
C CYS B 64 -44.84 -46.11 -16.09
N LYS B 65 -44.30 -46.49 -14.93
CA LYS B 65 -44.32 -47.87 -14.49
C LYS B 65 -44.76 -47.94 -13.04
N GLU B 66 -45.46 -49.02 -12.71
CA GLU B 66 -45.96 -49.20 -11.36
C GLU B 66 -44.80 -49.42 -10.40
N PRO B 67 -44.98 -49.08 -9.12
CA PRO B 67 -43.87 -49.28 -8.16
C PRO B 67 -43.42 -50.71 -8.04
N GLU B 68 -44.28 -51.68 -8.34
CA GLU B 68 -43.87 -53.08 -8.36
C GLU B 68 -43.13 -53.46 -9.62
N ASP B 69 -43.16 -52.62 -10.66
CA ASP B 69 -42.42 -52.87 -11.88
C ASP B 69 -41.03 -52.26 -11.87
N ILE B 70 -40.68 -51.49 -10.83
CA ILE B 70 -39.39 -50.82 -10.77
C ILE B 70 -38.33 -51.84 -10.38
N ASN B 71 -37.30 -51.98 -11.21
CA ASN B 71 -36.23 -52.93 -10.94
C ASN B 71 -35.31 -52.39 -9.84
N VAL B 72 -35.07 -53.21 -8.82
CA VAL B 72 -34.19 -52.84 -7.72
C VAL B 72 -32.84 -53.51 -7.79
N GLU B 73 -32.69 -54.56 -8.60
CA GLU B 73 -31.43 -55.26 -8.76
C GLU B 73 -30.70 -54.86 -10.03
N GLY B 74 -31.22 -53.88 -10.76
CA GLY B 74 -30.59 -53.43 -11.99
C GLY B 74 -31.11 -52.08 -12.41
N PRO B 75 -30.62 -51.57 -13.55
CA PRO B 75 -31.12 -50.29 -14.05
C PRO B 75 -32.60 -50.35 -14.34
N SER B 76 -33.30 -49.25 -14.05
CA SER B 76 -34.74 -49.15 -14.22
C SER B 76 -35.04 -47.92 -15.06
N SER B 77 -35.56 -48.13 -16.27
CA SER B 77 -35.96 -47.04 -17.14
C SER B 77 -37.42 -46.72 -16.90
N GLY B 78 -37.73 -45.44 -16.73
CA GLY B 78 -39.08 -44.99 -16.44
C GLY B 78 -39.19 -44.42 -15.04
N PHE B 79 -40.37 -43.90 -14.75
CA PHE B 79 -40.63 -43.22 -13.49
C PHE B 79 -42.01 -43.59 -12.98
N HIS B 80 -42.26 -43.25 -11.72
CA HIS B 80 -43.58 -43.39 -11.11
C HIS B 80 -44.24 -42.02 -11.08
N THR B 81 -45.38 -41.89 -11.75
CA THR B 81 -46.01 -40.58 -11.93
C THR B 81 -46.42 -39.98 -10.59
N ALA B 82 -47.06 -40.78 -9.73
CA ALA B 82 -47.46 -40.28 -8.42
C ALA B 82 -46.26 -39.89 -7.59
N SER B 83 -45.18 -40.68 -7.67
CA SER B 83 -43.95 -40.33 -6.97
C SER B 83 -43.39 -39.00 -7.46
N VAL B 84 -43.37 -38.79 -8.77
CA VAL B 84 -42.86 -37.54 -9.32
C VAL B 84 -43.71 -36.36 -8.83
N LEU B 85 -45.03 -36.51 -8.88
CA LEU B 85 -45.91 -35.43 -8.43
C LEU B 85 -45.67 -35.09 -6.96
N LYS B 86 -45.66 -36.11 -6.10
CA LYS B 86 -45.52 -35.87 -4.67
C LYS B 86 -44.14 -35.30 -4.34
N LEU B 87 -43.08 -35.82 -4.97
CA LEU B 87 -41.74 -35.34 -4.69
C LEU B 87 -41.54 -33.92 -5.19
N ALA B 88 -42.12 -33.58 -6.34
CA ALA B 88 -42.06 -32.20 -6.81
C ALA B 88 -42.82 -31.27 -5.89
N ASP B 89 -43.98 -31.72 -5.38
CA ASP B 89 -44.71 -30.91 -4.40
C ASP B 89 -43.88 -30.69 -3.15
N ASN B 90 -43.22 -31.74 -2.65
CA ASN B 90 -42.38 -31.60 -1.47
C ASN B 90 -41.20 -30.66 -1.73
N PHE B 91 -40.59 -30.76 -2.90
CA PHE B 91 -39.46 -29.89 -3.23
C PHE B 91 -39.90 -28.45 -3.42
N PHE B 92 -41.13 -28.22 -3.86
CA PHE B 92 -41.63 -26.86 -3.96
C PHE B 92 -41.96 -26.30 -2.58
N ARG B 93 -42.58 -27.10 -1.72
CA ARG B 93 -42.95 -26.62 -0.39
C ARG B 93 -41.72 -26.19 0.40
N LYS B 94 -40.66 -27.00 0.37
CA LYS B 94 -39.37 -26.57 0.88
C LYS B 94 -38.68 -25.71 -0.18
N TYR B 95 -37.62 -25.03 0.22
CA TYR B 95 -36.84 -24.17 -0.68
C TYR B 95 -37.73 -23.13 -1.35
N ARG B 96 -38.61 -22.51 -0.56
CA ARG B 96 -39.44 -21.42 -1.08
C ARG B 96 -38.64 -20.27 -1.66
N PRO B 97 -37.51 -19.83 -1.07
CA PRO B 97 -36.71 -18.78 -1.74
C PRO B 97 -36.29 -19.14 -3.15
N ALA B 98 -35.98 -20.41 -3.42
CA ALA B 98 -35.62 -20.82 -4.77
C ALA B 98 -36.79 -20.60 -5.73
N MET B 99 -38.00 -20.93 -5.29
CA MET B 99 -39.18 -20.69 -6.13
C MET B 99 -39.46 -19.20 -6.31
N GLU B 100 -39.17 -18.39 -5.28
CA GLU B 100 -39.30 -16.95 -5.44
C GLU B 100 -38.31 -16.42 -6.47
N LYS B 101 -37.09 -16.93 -6.46
CA LYS B 101 -36.12 -16.55 -7.49
C LYS B 101 -36.55 -17.05 -8.87
N LEU B 102 -37.19 -18.22 -8.94
CA LEU B 102 -37.74 -18.68 -10.21
C LEU B 102 -38.82 -17.73 -10.72
N LYS B 103 -39.71 -17.28 -9.84
CA LYS B 103 -40.73 -16.32 -10.24
C LYS B 103 -40.10 -15.00 -10.70
N TYR B 104 -39.06 -14.56 -9.99
CA TYR B 104 -38.33 -13.36 -10.39
C TYR B 104 -37.72 -13.52 -11.77
N TRP B 105 -37.12 -14.68 -12.04
CA TRP B 105 -36.53 -14.93 -13.35
C TRP B 105 -37.59 -14.95 -14.44
N ILE B 106 -38.74 -15.57 -14.15
CA ILE B 106 -39.81 -15.64 -15.15
C ILE B 106 -40.34 -14.24 -15.47
N LEU B 107 -40.56 -13.44 -14.43
CA LEU B 107 -41.15 -12.12 -14.64
C LEU B 107 -40.15 -11.14 -15.25
N VAL B 108 -38.91 -11.16 -14.78
CA VAL B 108 -37.95 -10.12 -15.14
C VAL B 108 -36.93 -10.63 -16.15
N LYS B 109 -36.17 -11.66 -15.77
CA LYS B 109 -35.01 -12.05 -16.59
C LYS B 109 -35.43 -12.72 -17.89
N LEU B 110 -36.50 -13.52 -17.87
CA LEU B 110 -36.91 -14.25 -19.06
C LEU B 110 -37.27 -13.34 -20.23
N PRO B 111 -38.08 -12.29 -20.07
CA PRO B 111 -38.38 -11.42 -21.22
C PRO B 111 -37.16 -10.74 -21.81
N LYS B 112 -36.10 -10.54 -21.03
CA LYS B 112 -34.90 -9.87 -21.52
C LYS B 112 -33.89 -10.82 -22.15
N LEU B 113 -34.15 -12.13 -22.14
CA LEU B 113 -33.24 -13.06 -22.79
C LEU B 113 -33.25 -12.85 -24.29
N LYS B 114 -32.06 -12.76 -24.88
CA LYS B 114 -31.91 -12.55 -26.32
C LYS B 114 -31.53 -13.85 -27.00
N TYR B 115 -32.03 -14.05 -28.22
CA TYR B 115 -31.70 -15.26 -28.95
C TYR B 115 -30.25 -15.28 -29.41
N ALA B 116 -29.53 -14.15 -29.31
CA ALA B 116 -28.11 -14.15 -29.62
C ALA B 116 -27.29 -14.96 -28.63
N GLU B 117 -27.88 -15.31 -27.47
CA GLU B 117 -27.22 -16.22 -26.54
C GLU B 117 -27.01 -17.59 -27.15
N LEU B 118 -27.81 -17.97 -28.15
CA LEU B 118 -27.63 -19.23 -28.84
C LEU B 118 -26.33 -19.28 -29.64
N SER B 119 -25.78 -18.12 -30.00
CA SER B 119 -24.53 -18.05 -30.74
C SER B 119 -23.33 -18.52 -29.94
N LYS B 120 -23.47 -18.64 -28.62
CA LYS B 120 -22.36 -19.05 -27.77
C LYS B 120 -22.02 -20.53 -27.90
N GLY B 121 -22.86 -21.31 -28.58
CA GLY B 121 -22.63 -22.73 -28.67
C GLY B 121 -21.51 -23.09 -29.64
N ARG B 122 -21.11 -24.35 -29.57
CA ARG B 122 -20.14 -24.93 -30.48
C ARG B 122 -20.88 -25.56 -31.67
N GLN B 123 -20.20 -26.40 -32.44
CA GLN B 123 -20.74 -27.00 -33.65
C GLN B 123 -22.17 -27.47 -33.47
N THR B 124 -23.05 -27.00 -34.35
CA THR B 124 -24.48 -27.25 -34.28
C THR B 124 -24.96 -27.91 -35.55
N TYR B 125 -25.83 -28.90 -35.41
CA TYR B 125 -26.46 -29.52 -36.56
C TYR B 125 -27.34 -28.51 -37.28
N SER B 126 -27.22 -28.46 -38.60
CA SER B 126 -27.97 -27.54 -39.43
C SER B 126 -29.01 -28.31 -40.22
N PHE B 127 -30.29 -27.96 -40.05
CA PHE B 127 -31.35 -28.63 -40.79
C PHE B 127 -31.39 -28.23 -42.25
N ILE B 128 -30.68 -27.17 -42.64
CA ILE B 128 -30.64 -26.74 -44.03
C ILE B 128 -29.55 -27.47 -44.81
N HIS B 129 -28.32 -27.48 -44.28
CA HIS B 129 -27.20 -28.10 -44.96
C HIS B 129 -26.97 -29.55 -44.55
N LYS B 130 -27.77 -30.07 -43.60
CA LYS B 130 -27.66 -31.46 -43.14
C LYS B 130 -26.26 -31.79 -42.63
N ARG B 131 -25.59 -30.79 -42.03
CA ARG B 131 -24.21 -30.95 -41.56
C ARG B 131 -24.09 -30.32 -40.19
N ASN B 132 -22.87 -30.32 -39.66
CA ASN B 132 -22.55 -29.64 -38.42
C ASN B 132 -21.87 -28.32 -38.76
N LEU B 133 -22.41 -27.22 -38.27
CA LEU B 133 -21.91 -25.88 -38.55
C LEU B 133 -21.71 -25.14 -37.25
N PRO B 134 -20.85 -24.12 -37.25
CA PRO B 134 -20.70 -23.29 -36.04
C PRO B 134 -22.02 -22.64 -35.67
N ALA B 135 -22.22 -22.48 -34.36
CA ALA B 135 -23.48 -21.94 -33.86
C ALA B 135 -23.86 -20.59 -34.46
N PRO B 136 -22.97 -19.61 -34.63
CA PRO B 136 -23.40 -18.36 -35.28
C PRO B 136 -23.97 -18.57 -36.67
N ILE B 137 -23.35 -19.45 -37.48
CA ILE B 137 -23.82 -19.68 -38.84
C ILE B 137 -25.21 -20.29 -38.84
N ALA B 138 -25.40 -21.33 -38.02
CA ALA B 138 -26.69 -22.00 -37.96
C ALA B 138 -27.76 -21.08 -37.40
N LEU B 139 -27.42 -20.28 -36.37
CA LEU B 139 -28.39 -19.34 -35.82
C LEU B 139 -28.81 -18.32 -36.85
N GLU B 140 -27.85 -17.76 -37.60
CA GLU B 140 -28.19 -16.73 -38.56
C GLU B 140 -29.02 -17.29 -39.72
N GLU B 141 -28.66 -18.49 -40.20
CA GLU B 141 -29.44 -19.08 -41.29
C GLU B 141 -30.83 -19.47 -40.81
N THR B 142 -30.97 -19.93 -39.57
CA THR B 142 -32.29 -20.22 -39.03
C THR B 142 -33.12 -18.95 -38.91
N VAL B 143 -32.50 -17.84 -38.47
CA VAL B 143 -33.23 -16.59 -38.37
C VAL B 143 -33.70 -16.13 -39.74
N GLU B 144 -32.84 -16.25 -40.76
CA GLU B 144 -33.26 -15.90 -42.11
C GLU B 144 -34.39 -16.80 -42.58
N PHE B 145 -34.32 -18.10 -42.27
CA PHE B 145 -35.38 -19.03 -42.64
C PHE B 145 -36.72 -18.60 -42.05
N LEU B 146 -36.72 -18.30 -40.74
CA LEU B 146 -37.94 -17.86 -40.09
C LEU B 146 -38.44 -16.54 -40.69
N GLU B 147 -37.53 -15.61 -40.96
CA GLU B 147 -37.93 -14.31 -41.48
C GLU B 147 -38.58 -14.44 -42.86
N GLN B 148 -37.99 -15.25 -43.74
CA GLN B 148 -38.51 -15.36 -45.10
C GLN B 148 -39.62 -16.38 -45.24
N ASN B 149 -39.91 -17.17 -44.19
CA ASN B 149 -41.09 -18.02 -44.23
C ASN B 149 -42.28 -17.42 -43.50
N LEU B 150 -42.05 -16.56 -42.50
CA LEU B 150 -43.12 -15.87 -41.81
C LEU B 150 -43.37 -14.48 -42.34
N ARG B 151 -42.56 -14.01 -43.28
CA ARG B 151 -42.73 -12.70 -43.92
C ARG B 151 -42.75 -11.58 -42.87
N ARG B 152 -41.89 -11.70 -41.86
CA ARG B 152 -41.82 -10.69 -40.81
C ARG B 152 -40.41 -10.71 -40.21
N LYS B 153 -40.16 -9.73 -39.34
CA LYS B 153 -38.88 -9.62 -38.64
C LYS B 153 -38.97 -10.27 -37.27
N ILE B 154 -37.91 -10.94 -36.87
CA ILE B 154 -37.86 -11.65 -35.60
C ILE B 154 -37.28 -10.73 -34.54
N GLY B 155 -37.98 -10.59 -33.42
CA GLY B 155 -37.54 -9.75 -32.33
C GLY B 155 -36.26 -10.28 -31.70
N PRO B 156 -35.48 -9.38 -31.10
CA PRO B 156 -34.21 -9.81 -30.50
C PRO B 156 -34.37 -10.77 -29.33
N THR B 157 -35.54 -10.80 -28.69
CA THR B 157 -35.73 -11.64 -27.52
C THR B 157 -35.83 -13.11 -27.92
N LEU B 158 -35.54 -13.98 -26.95
CA LEU B 158 -35.62 -15.42 -27.19
C LEU B 158 -37.07 -15.88 -27.26
N LEU B 159 -37.97 -15.20 -26.57
CA LEU B 159 -39.39 -15.54 -26.65
C LEU B 159 -39.93 -15.34 -28.07
N SER B 160 -39.51 -14.25 -28.72
CA SER B 160 -39.92 -14.02 -30.10
C SER B 160 -39.36 -15.10 -31.02
N TYR B 161 -38.12 -15.51 -30.78
CA TYR B 161 -37.51 -16.58 -31.58
C TYR B 161 -38.28 -17.88 -31.42
N CYS B 162 -38.64 -18.23 -30.19
CA CYS B 162 -39.40 -19.46 -29.96
C CYS B 162 -40.79 -19.37 -30.57
N GLN B 163 -41.43 -18.21 -30.48
CA GLN B 163 -42.74 -18.03 -31.09
C GLN B 163 -42.65 -18.17 -32.60
N ALA B 164 -41.59 -17.64 -33.20
CA ALA B 164 -41.40 -17.81 -34.65
C ALA B 164 -41.20 -19.28 -35.00
N ILE B 165 -40.42 -20.01 -34.18
CA ILE B 165 -40.23 -21.43 -34.41
C ILE B 165 -41.56 -22.16 -34.37
N ALA B 166 -42.39 -21.83 -33.38
CA ALA B 166 -43.70 -22.48 -33.26
C ALA B 166 -44.61 -22.09 -34.43
N ASP B 167 -44.51 -20.85 -34.91
CA ASP B 167 -45.36 -20.40 -36.00
C ASP B 167 -45.01 -21.07 -37.31
N VAL B 168 -43.71 -21.28 -37.56
CA VAL B 168 -43.30 -21.96 -38.79
C VAL B 168 -43.82 -23.39 -38.82
N MET B 169 -43.93 -24.03 -37.66
CA MET B 169 -44.47 -25.38 -37.59
C MET B 169 -45.91 -25.46 -38.07
N GLU B 170 -46.63 -24.35 -38.08
CA GLU B 170 -48.01 -24.32 -38.52
C GLU B 170 -48.16 -24.28 -40.04
N LEU B 171 -47.09 -23.96 -40.77
CA LEU B 171 -47.15 -23.88 -42.22
C LEU B 171 -47.16 -25.27 -42.85
N ASP B 172 -47.67 -25.33 -44.07
CA ASP B 172 -47.69 -26.58 -44.83
C ASP B 172 -46.41 -26.79 -45.62
N GLU B 173 -45.91 -25.75 -46.27
CA GLU B 173 -44.67 -25.79 -47.03
C GLU B 173 -43.80 -24.61 -46.67
N THR B 174 -42.52 -24.86 -46.44
CA THR B 174 -41.56 -23.81 -46.16
C THR B 174 -40.38 -23.93 -47.11
N THR B 175 -39.79 -22.79 -47.44
CA THR B 175 -38.70 -22.72 -48.41
C THR B 175 -37.56 -21.89 -47.83
N TYR B 176 -36.34 -22.21 -48.28
CA TYR B 176 -35.15 -21.46 -47.89
C TYR B 176 -34.44 -20.98 -49.15
N GLU B 177 -34.23 -19.68 -49.24
CA GLU B 177 -33.49 -19.06 -50.33
C GLU B 177 -32.20 -18.48 -49.75
N GLY B 178 -31.07 -18.90 -50.30
CA GLY B 178 -29.78 -18.43 -49.82
C GLY B 178 -28.78 -18.35 -50.95
N ALA B 179 -27.84 -17.42 -50.82
CA ALA B 179 -26.80 -17.26 -51.82
C ALA B 179 -25.86 -18.46 -51.80
N ARG B 180 -25.28 -18.75 -52.96
CA ARG B 180 -24.36 -19.87 -53.10
C ARG B 180 -22.97 -19.51 -52.60
N THR B 209 -29.96 -18.37 -55.17
CA THR B 209 -29.20 -19.27 -56.04
C THR B 209 -29.74 -20.69 -55.96
N TYR B 210 -29.73 -21.27 -54.77
CA TYR B 210 -30.25 -22.61 -54.54
C TYR B 210 -31.45 -22.54 -53.61
N THR B 211 -32.44 -23.38 -53.88
CA THR B 211 -33.67 -23.41 -53.10
C THR B 211 -33.92 -24.84 -52.61
N ILE B 212 -34.25 -24.98 -51.33
CA ILE B 212 -34.58 -26.27 -50.74
C ILE B 212 -35.99 -26.21 -50.19
N LYS B 213 -36.66 -27.37 -50.23
CA LYS B 213 -38.07 -27.46 -49.87
C LYS B 213 -38.24 -28.26 -48.59
N PHE B 214 -39.16 -27.81 -47.74
CA PHE B 214 -39.51 -28.52 -46.51
C PHE B 214 -41.02 -28.63 -46.41
N SER B 215 -41.49 -29.85 -46.17
CA SER B 215 -42.88 -30.06 -45.78
C SER B 215 -42.99 -29.90 -44.26
N ARG B 216 -44.21 -29.97 -43.74
CA ARG B 216 -44.37 -29.97 -42.29
C ARG B 216 -43.71 -31.19 -41.66
N GLU B 217 -43.90 -32.36 -42.28
CA GLU B 217 -43.28 -33.58 -41.75
C GLU B 217 -41.77 -33.53 -41.87
N GLU B 218 -41.25 -33.06 -43.01
CA GLU B 218 -39.80 -32.99 -43.18
C GLU B 218 -39.16 -32.04 -42.19
N LEU B 219 -39.75 -30.86 -42.01
CA LEU B 219 -39.20 -29.88 -41.08
C LEU B 219 -39.39 -30.33 -39.64
N TRP B 220 -40.46 -31.07 -39.34
CA TRP B 220 -40.62 -31.66 -38.02
C TRP B 220 -39.53 -32.70 -37.75
N ASP B 221 -39.22 -33.54 -38.74
CA ASP B 221 -38.16 -34.52 -38.58
C ASP B 221 -36.81 -33.85 -38.39
N GLN B 222 -36.55 -32.77 -39.14
CA GLN B 222 -35.30 -32.04 -38.96
C GLN B 222 -35.24 -31.34 -37.61
N MET B 223 -36.40 -30.92 -37.09
CA MET B 223 -36.42 -30.31 -35.76
C MET B 223 -36.04 -31.31 -34.68
N ARG B 224 -36.53 -32.54 -34.78
CA ARG B 224 -36.35 -33.55 -33.76
C ARG B 224 -35.16 -34.47 -34.05
N THR B 225 -34.20 -34.00 -34.83
CA THR B 225 -33.06 -34.81 -35.25
C THR B 225 -31.82 -34.40 -34.46
N LEU B 226 -31.15 -35.39 -33.88
CA LEU B 226 -29.88 -35.19 -33.17
C LEU B 226 -28.77 -35.80 -34.00
N ASN B 227 -27.75 -35.01 -34.32
CA ASN B 227 -26.64 -35.48 -35.13
C ASN B 227 -25.61 -36.14 -34.22
N THR B 228 -25.46 -37.45 -34.36
CA THR B 228 -24.52 -38.22 -33.54
C THR B 228 -23.13 -38.20 -34.17
N MET B 229 -22.13 -38.42 -33.32
CA MET B 229 -20.74 -38.20 -33.67
C MET B 229 -19.85 -38.61 -32.51
N TRP B 230 -18.62 -39.03 -32.82
CA TRP B 230 -17.72 -39.55 -31.80
C TRP B 230 -17.24 -38.45 -30.86
N LYS B 231 -16.82 -38.86 -29.68
CA LYS B 231 -16.16 -37.99 -28.71
C LYS B 231 -14.69 -38.39 -28.67
N HIS B 232 -13.82 -37.53 -29.17
CA HIS B 232 -12.40 -37.82 -29.28
C HIS B 232 -11.65 -37.19 -28.11
N LEU B 233 -10.44 -37.73 -27.86
CA LEU B 233 -9.54 -37.23 -26.83
C LEU B 233 -10.22 -37.18 -25.45
N GLU B 234 -10.94 -38.23 -25.12
CA GLU B 234 -11.60 -38.33 -23.82
C GLU B 234 -10.84 -39.32 -22.95
N ARG B 235 -10.49 -38.90 -21.74
CA ARG B 235 -9.69 -39.69 -20.83
C ARG B 235 -10.54 -40.24 -19.69
N GLY B 236 -10.16 -41.41 -19.20
CA GLY B 236 -10.82 -42.02 -18.07
C GLY B 236 -11.85 -43.08 -18.40
N ARG B 237 -11.97 -43.49 -19.66
CA ARG B 237 -12.94 -44.49 -20.06
C ARG B 237 -12.29 -45.52 -20.98
N LEU B 238 -12.64 -46.79 -20.77
CA LEU B 238 -12.13 -47.85 -21.63
C LEU B 238 -12.83 -47.84 -22.99
N ASN B 239 -14.13 -47.63 -23.00
CA ASN B 239 -14.93 -47.69 -24.23
C ASN B 239 -15.25 -46.29 -24.71
N ARG B 240 -15.13 -46.09 -26.03
CA ARG B 240 -15.48 -44.80 -26.62
C ARG B 240 -16.99 -44.59 -26.57
N ARG B 241 -17.40 -43.36 -26.30
CA ARG B 241 -18.81 -42.98 -26.26
C ARG B 241 -19.12 -42.03 -27.40
N THR B 242 -20.41 -41.85 -27.65
CA THR B 242 -20.91 -41.04 -28.75
C THR B 242 -21.60 -39.80 -28.20
N ILE B 243 -21.27 -38.64 -28.77
CA ILE B 243 -21.92 -37.39 -28.42
C ILE B 243 -22.87 -37.01 -29.55
N ALA B 244 -23.84 -36.18 -29.22
CA ALA B 244 -24.84 -35.73 -30.18
C ALA B 244 -25.02 -34.22 -30.08
N THR B 245 -25.56 -33.63 -31.14
CA THR B 245 -25.86 -32.21 -31.16
C THR B 245 -27.23 -31.98 -31.78
N PRO B 246 -28.05 -31.12 -31.19
CA PRO B 246 -29.36 -30.81 -31.75
C PRO B 246 -29.30 -29.66 -32.74
N SER B 247 -30.44 -29.40 -33.38
CA SER B 247 -30.56 -28.31 -34.32
C SER B 247 -30.93 -27.02 -33.60
N MET B 248 -30.85 -25.91 -34.32
CA MET B 248 -31.21 -24.61 -33.74
C MET B 248 -32.71 -24.47 -33.52
N LEU B 249 -33.52 -25.36 -34.09
CA LEU B 249 -34.95 -25.29 -33.90
C LEU B 249 -35.36 -25.68 -32.48
N ILE B 250 -34.47 -26.33 -31.74
CA ILE B 250 -34.79 -26.76 -30.37
C ILE B 250 -33.79 -26.24 -29.35
N ARG B 251 -32.61 -25.76 -29.75
CA ARG B 251 -31.66 -25.21 -28.79
C ARG B 251 -32.22 -24.00 -28.09
N GLY B 252 -32.93 -23.14 -28.84
CA GLY B 252 -33.58 -22.00 -28.21
C GLY B 252 -34.58 -22.43 -27.15
N PHE B 253 -35.40 -23.43 -27.46
CA PHE B 253 -36.38 -23.91 -26.49
C PHE B 253 -35.70 -24.49 -25.25
N VAL B 254 -34.60 -25.23 -25.45
CA VAL B 254 -33.87 -25.79 -24.32
C VAL B 254 -33.23 -24.69 -23.48
N LYS B 255 -32.91 -23.54 -24.10
CA LYS B 255 -32.24 -22.47 -23.37
C LYS B 255 -33.09 -21.94 -22.22
N ILE B 256 -34.39 -21.75 -22.44
CA ILE B 256 -35.26 -21.21 -21.38
C ILE B 256 -35.28 -22.15 -20.18
N VAL B 257 -35.51 -23.44 -20.44
CA VAL B 257 -35.63 -24.40 -19.33
C VAL B 257 -34.29 -24.55 -18.62
N GLU B 258 -33.18 -24.52 -19.36
CA GLU B 258 -31.87 -24.61 -18.72
C GLU B 258 -31.60 -23.40 -17.85
N ASP B 259 -31.95 -22.20 -18.31
CA ASP B 259 -31.74 -21.00 -17.50
C ASP B 259 -32.61 -21.02 -16.25
N ALA B 260 -33.87 -21.44 -16.38
CA ALA B 260 -34.74 -21.55 -15.22
C ALA B 260 -34.23 -22.57 -14.22
N ALA B 261 -33.75 -23.71 -14.72
CA ALA B 261 -33.19 -24.73 -13.84
C ALA B 261 -31.94 -24.22 -13.13
N LYS B 262 -31.10 -23.45 -13.83
CA LYS B 262 -29.93 -22.86 -13.19
C LYS B 262 -30.36 -21.87 -12.10
N GLU B 263 -31.39 -21.07 -12.37
CA GLU B 263 -31.88 -20.13 -11.38
C GLU B 263 -32.37 -20.86 -10.13
N ILE B 264 -33.09 -21.97 -10.30
CA ILE B 264 -33.53 -22.73 -9.14
C ILE B 264 -32.34 -23.37 -8.42
N LEU B 265 -31.40 -23.93 -9.17
CA LEU B 265 -30.32 -24.69 -8.56
C LEU B 265 -29.33 -23.80 -7.81
N GLU B 266 -29.20 -22.53 -8.21
CA GLU B 266 -28.31 -21.63 -7.49
C GLU B 266 -28.79 -21.33 -6.07
N ASN B 267 -30.03 -21.66 -5.73
CA ASN B 267 -30.60 -21.28 -4.44
C ASN B 267 -31.04 -22.47 -3.61
N VAL B 268 -30.59 -23.67 -3.95
CA VAL B 268 -30.93 -24.86 -3.15
C VAL B 268 -29.65 -25.46 -2.57
N PRO B 269 -29.67 -25.85 -1.29
CA PRO B 269 -28.46 -26.43 -0.69
C PRO B 269 -28.00 -27.73 -1.34
N THR B 270 -28.93 -28.53 -1.86
CA THR B 270 -28.59 -29.87 -2.30
C THR B 270 -27.98 -29.94 -3.69
N SER B 271 -27.87 -28.82 -4.39
CA SER B 271 -27.31 -28.80 -5.73
C SER B 271 -25.80 -28.62 -5.67
N GLY B 272 -25.11 -29.12 -6.69
CA GLY B 272 -23.67 -28.96 -6.79
C GLY B 272 -23.22 -28.61 -8.20
N VAL B 273 -24.15 -28.58 -9.14
CA VAL B 273 -23.82 -28.34 -10.55
C VAL B 273 -23.61 -26.85 -10.88
N PRO B 274 -24.40 -25.89 -10.39
CA PRO B 274 -24.17 -24.50 -10.83
C PRO B 274 -22.95 -23.85 -10.21
N VAL B 275 -22.43 -24.40 -9.12
CA VAL B 275 -21.22 -23.91 -8.49
C VAL B 275 -20.05 -24.76 -8.94
N GLY B 276 -18.87 -24.16 -8.96
CA GLY B 276 -17.67 -24.88 -9.37
C GLY B 276 -16.43 -24.26 -8.78
N GLY B 277 -15.32 -24.95 -8.96
CA GLY B 277 -14.05 -24.44 -8.47
C GLY B 277 -14.02 -24.43 -6.96
N GLU B 278 -13.55 -23.32 -6.38
CA GLU B 278 -13.43 -23.22 -4.94
C GLU B 278 -14.78 -23.03 -4.26
N GLU B 279 -15.76 -22.45 -4.96
CA GLU B 279 -17.09 -22.29 -4.37
C GLU B 279 -17.75 -23.66 -4.15
N LYS B 280 -17.56 -24.58 -5.08
CA LYS B 280 -18.08 -25.93 -4.89
C LYS B 280 -17.43 -26.61 -3.70
N LEU B 281 -16.11 -26.40 -3.54
CA LEU B 281 -15.41 -26.97 -2.39
C LEU B 281 -15.91 -26.37 -1.08
N ALA B 282 -16.17 -25.07 -1.06
CA ALA B 282 -16.73 -24.44 0.13
C ALA B 282 -18.12 -24.98 0.45
N LYS B 283 -18.95 -25.16 -0.58
CA LYS B 283 -20.28 -25.74 -0.36
C LYS B 283 -20.17 -27.16 0.18
N LEU B 284 -19.24 -27.95 -0.34
CA LEU B 284 -19.03 -29.29 0.17
C LEU B 284 -18.56 -29.28 1.61
N ALA B 285 -17.64 -28.38 1.94
CA ALA B 285 -17.15 -28.29 3.32
C ALA B 285 -18.23 -27.83 4.28
N SER B 286 -19.18 -27.02 3.80
CA SER B 286 -20.28 -26.58 4.65
C SER B 286 -21.14 -27.74 5.13
N LYS B 287 -21.08 -28.90 4.46
CA LYS B 287 -21.90 -30.05 4.80
C LYS B 287 -21.11 -31.17 5.45
N GLN B 288 -19.79 -31.04 5.56
CA GLN B 288 -18.95 -32.09 6.16
C GLN B 288 -18.96 -31.96 7.69
N THR B 289 -20.17 -32.01 8.24
CA THR B 289 -20.38 -31.92 9.68
C THR B 289 -20.82 -33.28 10.18
N PHE B 290 -19.93 -33.95 10.91
CA PHE B 290 -20.17 -35.30 11.41
C PHE B 290 -20.12 -35.25 12.93
N HIS B 291 -21.29 -35.22 13.57
CA HIS B 291 -21.39 -35.04 15.01
C HIS B 291 -22.14 -36.14 15.74
N THR B 292 -22.92 -36.95 15.04
CA THR B 292 -23.71 -37.97 15.71
C THR B 292 -22.87 -39.22 15.96
N ALA B 293 -23.51 -40.25 16.51
CA ALA B 293 -22.80 -41.48 16.84
C ALA B 293 -22.32 -42.20 15.59
N VAL B 294 -23.20 -42.35 14.60
CA VAL B 294 -22.87 -43.02 13.35
C VAL B 294 -22.95 -41.97 12.24
N THR B 295 -21.80 -41.64 11.65
CA THR B 295 -21.72 -40.57 10.65
C THR B 295 -21.08 -41.15 9.39
N GLY B 296 -21.91 -41.55 8.42
CA GLY B 296 -21.43 -42.11 7.18
C GLY B 296 -21.17 -41.05 6.12
N GLU B 297 -20.64 -41.51 4.99
CA GLU B 297 -20.35 -40.63 3.86
C GLU B 297 -20.39 -41.49 2.59
N LEU B 298 -21.48 -41.39 1.84
CA LEU B 298 -21.69 -42.16 0.62
C LEU B 298 -21.32 -41.31 -0.58
N SER B 299 -20.38 -41.82 -1.39
CA SER B 299 -19.96 -41.15 -2.62
C SER B 299 -20.08 -42.15 -3.76
N GLY B 300 -20.84 -41.79 -4.79
CA GLY B 300 -21.07 -42.73 -5.88
C GLY B 300 -21.55 -42.01 -7.13
N ASP B 301 -21.73 -42.80 -8.18
CA ASP B 301 -22.20 -42.33 -9.46
C ASP B 301 -23.53 -43.00 -9.80
N GLN B 302 -24.22 -42.45 -10.79
CA GLN B 302 -25.47 -43.02 -11.27
C GLN B 302 -25.23 -43.72 -12.60
N GLU B 303 -25.61 -44.99 -12.68
CA GLU B 303 -25.35 -45.78 -13.86
C GLU B 303 -26.39 -45.51 -14.94
N LYS B 304 -25.95 -45.61 -16.19
CA LYS B 304 -26.82 -45.47 -17.36
C LYS B 304 -27.64 -44.20 -17.31
N PHE B 305 -26.99 -43.12 -16.87
CA PHE B 305 -27.62 -41.81 -16.87
C PHE B 305 -27.81 -41.34 -18.31
N ASN B 306 -28.70 -40.37 -18.49
CA ASN B 306 -29.07 -39.79 -19.78
C ASN B 306 -29.85 -40.75 -20.66
N GLU B 307 -30.10 -41.98 -20.20
CA GLU B 307 -30.88 -42.94 -20.97
C GLU B 307 -31.90 -43.69 -20.12
N CYS B 308 -31.88 -43.52 -18.80
CA CYS B 308 -32.94 -44.01 -17.93
C CYS B 308 -33.89 -42.91 -17.49
N LEU B 309 -33.71 -41.69 -17.99
CA LEU B 309 -34.55 -40.55 -17.63
C LEU B 309 -35.55 -40.28 -18.75
N ASP B 310 -36.81 -40.54 -18.49
CA ASP B 310 -37.86 -40.17 -19.42
C ASP B 310 -38.05 -38.65 -19.39
N PRO B 311 -38.07 -37.97 -20.53
CA PRO B 311 -38.33 -36.53 -20.53
C PRO B 311 -39.69 -36.17 -19.96
N ASP B 312 -40.65 -37.10 -19.96
CA ASP B 312 -41.95 -36.81 -19.39
C ASP B 312 -41.89 -36.59 -17.89
N ALA B 313 -40.95 -37.24 -17.20
CA ALA B 313 -40.77 -36.97 -15.78
C ALA B 313 -40.34 -35.52 -15.55
N MET B 314 -39.42 -35.02 -16.39
CA MET B 314 -39.01 -33.64 -16.29
C MET B 314 -40.15 -32.69 -16.65
N ARG B 315 -40.96 -33.06 -17.64
CA ARG B 315 -42.17 -32.30 -17.95
C ARG B 315 -43.06 -32.19 -16.72
N LEU B 316 -43.32 -33.30 -16.06
CA LEU B 316 -44.21 -33.31 -14.91
C LEU B 316 -43.63 -32.48 -13.76
N MET B 317 -42.34 -32.60 -13.51
CA MET B 317 -41.71 -31.82 -12.44
C MET B 317 -41.81 -30.33 -12.72
N TRP B 318 -41.51 -29.91 -13.96
CA TRP B 318 -41.61 -28.50 -14.31
C TRP B 318 -43.05 -28.02 -14.24
N THR B 319 -44.00 -28.85 -14.68
CA THR B 319 -45.40 -28.47 -14.63
C THR B 319 -45.87 -28.29 -13.19
N VAL B 320 -45.44 -29.16 -12.28
CA VAL B 320 -45.79 -28.98 -10.87
C VAL B 320 -45.18 -27.71 -10.33
N PHE B 321 -43.92 -27.44 -10.68
CA PHE B 321 -43.26 -26.22 -10.21
C PHE B 321 -44.02 -24.98 -10.68
N LEU B 322 -44.46 -24.97 -11.94
CA LEU B 322 -45.17 -23.81 -12.47
C LEU B 322 -46.59 -23.70 -11.94
N ARG B 323 -47.26 -24.82 -11.70
CA ARG B 323 -48.60 -24.77 -11.12
C ARG B 323 -48.57 -24.22 -9.70
N LYS B 324 -47.67 -24.74 -8.87
CA LYS B 324 -47.61 -24.26 -7.49
C LYS B 324 -47.12 -22.82 -7.41
N LEU B 325 -46.52 -22.29 -8.48
CA LEU B 325 -46.09 -20.90 -8.52
C LEU B 325 -47.18 -19.96 -9.03
N GLY B 326 -48.31 -20.50 -9.48
CA GLY B 326 -49.36 -19.67 -10.04
C GLY B 326 -49.09 -19.18 -11.45
N CYS B 327 -48.21 -19.84 -12.18
CA CYS B 327 -47.86 -19.38 -13.51
C CYS B 327 -49.00 -19.66 -14.50
N PRO B 328 -49.10 -18.85 -15.55
CA PRO B 328 -50.15 -19.06 -16.57
C PRO B 328 -49.82 -20.24 -17.46
N ASP B 329 -50.69 -20.46 -18.45
CA ASP B 329 -50.58 -21.63 -19.31
C ASP B 329 -49.48 -21.51 -20.37
N TRP B 330 -49.25 -20.30 -20.88
CA TRP B 330 -48.30 -20.15 -21.98
C TRP B 330 -46.89 -20.50 -21.55
N ILE B 331 -46.50 -20.10 -20.33
CA ILE B 331 -45.17 -20.46 -19.83
C ILE B 331 -45.05 -21.96 -19.64
N MET B 332 -46.14 -22.62 -19.21
CA MET B 332 -46.12 -24.07 -19.07
C MET B 332 -45.92 -24.74 -20.41
N GLU B 333 -46.64 -24.28 -21.44
CA GLU B 333 -46.47 -24.83 -22.79
C GLU B 333 -45.03 -24.62 -23.27
N LEU B 334 -44.49 -23.42 -23.05
CA LEU B 334 -43.13 -23.13 -23.47
C LEU B 334 -42.12 -24.04 -22.78
N PHE B 335 -42.31 -24.28 -21.48
CA PHE B 335 -41.41 -25.16 -20.75
C PHE B 335 -41.57 -26.61 -21.18
N ASN B 336 -42.74 -26.99 -21.66
CA ASN B 336 -42.99 -28.38 -22.03
C ASN B 336 -42.63 -28.71 -23.48
N ILE B 337 -42.43 -27.70 -24.33
CA ILE B 337 -42.05 -27.99 -25.73
C ILE B 337 -40.77 -28.81 -25.84
N PRO B 338 -39.64 -28.44 -25.20
CA PRO B 338 -38.39 -29.14 -25.50
C PRO B 338 -38.41 -30.61 -25.10
N PHE B 339 -39.04 -30.93 -23.97
CA PHE B 339 -39.06 -32.32 -23.53
C PHE B 339 -39.93 -33.19 -24.43
N MET B 340 -41.02 -32.65 -24.96
CA MET B 340 -41.78 -33.42 -25.96
C MET B 340 -40.98 -33.60 -27.24
N VAL B 341 -40.28 -32.56 -27.68
CA VAL B 341 -39.46 -32.71 -28.89
C VAL B 341 -38.40 -33.79 -28.67
N PHE B 342 -37.83 -33.86 -27.47
CA PHE B 342 -36.88 -34.94 -27.17
C PHE B 342 -37.57 -36.28 -26.98
N LYS B 343 -38.85 -36.29 -26.60
CA LYS B 343 -39.61 -37.53 -26.62
C LYS B 343 -39.77 -38.05 -28.03
N SER B 344 -39.83 -37.15 -29.01
CA SER B 344 -39.91 -37.52 -30.42
C SER B 344 -38.56 -37.44 -31.12
N LYS B 345 -37.47 -37.63 -30.41
CA LYS B 345 -36.14 -37.42 -30.99
C LYS B 345 -35.84 -38.45 -32.07
N LEU B 346 -35.01 -38.05 -33.02
CA LEU B 346 -34.50 -38.92 -34.09
C LEU B 346 -32.98 -38.91 -34.01
N ALA B 347 -32.40 -39.94 -33.41
CA ALA B 347 -30.95 -40.03 -33.32
C ALA B 347 -30.38 -40.44 -34.68
N ASP B 348 -29.37 -39.70 -35.14
CA ASP B 348 -28.75 -39.96 -36.43
C ASP B 348 -27.85 -41.19 -36.30
N MET B 349 -28.19 -42.26 -37.02
CA MET B 349 -27.31 -43.40 -37.07
C MET B 349 -26.03 -43.06 -37.82
N GLY B 350 -24.98 -43.82 -37.55
CA GLY B 350 -23.72 -43.58 -38.20
C GLY B 350 -23.73 -43.98 -39.66
N GLU B 351 -22.56 -44.30 -40.21
CA GLU B 351 -22.45 -44.72 -41.60
C GLU B 351 -22.57 -46.23 -41.77
N GLY B 352 -23.20 -46.91 -40.82
CA GLY B 352 -23.55 -48.30 -41.00
C GLY B 352 -22.76 -49.23 -40.10
N LEU B 353 -23.37 -50.37 -39.78
CA LEU B 353 -22.69 -51.40 -39.02
C LEU B 353 -21.66 -52.12 -39.90
N VAL B 354 -20.57 -52.55 -39.28
CA VAL B 354 -19.50 -53.21 -40.01
C VAL B 354 -19.84 -54.68 -40.20
N TYR B 355 -19.79 -55.14 -41.44
CA TYR B 355 -20.05 -56.53 -41.79
C TYR B 355 -18.85 -57.10 -42.53
N THR B 356 -18.60 -58.40 -42.31
CA THR B 356 -17.48 -59.07 -42.95
C THR B 356 -17.94 -60.44 -43.46
N LYS B 357 -17.46 -60.78 -44.66
CA LYS B 357 -17.70 -62.12 -45.23
C LYS B 357 -16.52 -63.04 -44.92
N GLY B 358 -15.34 -62.68 -45.41
CA GLY B 358 -14.11 -63.35 -45.03
C GLY B 358 -13.24 -62.39 -44.24
N LYS B 359 -12.26 -61.79 -44.92
CA LYS B 359 -11.51 -60.68 -44.37
C LYS B 359 -11.92 -59.35 -45.00
N LEU B 360 -13.07 -59.32 -45.66
CA LEU B 360 -13.63 -58.08 -46.19
C LEU B 360 -14.14 -57.20 -45.05
N THR B 361 -14.37 -55.93 -45.38
CA THR B 361 -14.96 -54.97 -44.45
C THR B 361 -15.96 -54.12 -45.22
N ASP B 362 -17.25 -54.31 -44.93
CA ASP B 362 -18.31 -53.54 -45.56
C ASP B 362 -19.22 -52.95 -44.48
N ARG B 363 -19.75 -51.76 -44.78
CA ARG B 363 -20.58 -51.02 -43.84
C ARG B 363 -22.00 -50.99 -44.38
N LYS B 364 -22.94 -51.52 -43.61
CA LYS B 364 -24.31 -51.67 -44.05
C LYS B 364 -25.28 -51.03 -43.04
N PRO B 365 -26.42 -50.54 -43.52
CA PRO B 365 -27.42 -49.97 -42.61
C PRO B 365 -28.01 -51.00 -41.66
N LEU B 366 -28.87 -50.54 -40.75
CA LEU B 366 -29.39 -51.42 -39.70
C LEU B 366 -30.24 -52.54 -40.27
N GLY B 367 -31.15 -52.23 -41.19
CA GLY B 367 -32.12 -53.19 -41.65
C GLY B 367 -31.75 -54.05 -42.83
N GLU B 368 -30.53 -53.92 -43.37
CA GLU B 368 -30.17 -54.70 -44.54
C GLU B 368 -30.08 -56.20 -44.23
N MET B 369 -29.33 -56.55 -43.19
CA MET B 369 -29.12 -57.93 -42.81
C MET B 369 -29.19 -58.05 -41.30
N PRO B 370 -29.50 -59.24 -40.78
CA PRO B 370 -29.72 -59.37 -39.33
C PRO B 370 -28.49 -59.03 -38.50
N SER B 371 -28.75 -58.48 -37.32
CA SER B 371 -27.71 -58.15 -36.36
C SER B 371 -28.30 -58.28 -34.96
N GLU B 372 -27.61 -57.73 -33.97
CA GLU B 372 -28.12 -57.74 -32.61
C GLU B 372 -29.09 -56.60 -32.34
N PHE B 373 -29.33 -55.72 -33.32
CA PHE B 373 -30.24 -54.60 -33.19
C PHE B 373 -31.43 -54.74 -34.13
N ASP B 374 -31.83 -55.97 -34.45
CA ASP B 374 -32.93 -56.19 -35.38
C ASP B 374 -34.26 -55.70 -34.82
N ASP B 375 -34.39 -55.64 -33.49
CA ASP B 375 -35.64 -55.22 -32.87
C ASP B 375 -35.93 -53.74 -33.12
N LEU B 376 -34.91 -52.95 -33.47
CA LEU B 376 -35.06 -51.51 -33.61
C LEU B 376 -35.28 -51.08 -35.06
N VAL B 377 -35.51 -52.03 -35.97
CA VAL B 377 -35.66 -51.67 -37.38
C VAL B 377 -36.91 -50.82 -37.58
N ARG B 378 -37.97 -51.09 -36.82
CA ARG B 378 -39.22 -50.35 -36.98
C ARG B 378 -39.08 -48.88 -36.63
N ASN B 379 -38.05 -48.51 -35.88
CA ASN B 379 -37.82 -47.11 -35.50
C ASN B 379 -36.97 -46.35 -36.50
N VAL B 380 -36.54 -46.99 -37.60
CA VAL B 380 -35.65 -46.35 -38.55
C VAL B 380 -36.46 -45.35 -39.38
N VAL B 381 -36.01 -44.11 -39.40
CA VAL B 381 -36.61 -43.06 -40.22
C VAL B 381 -35.49 -42.49 -41.08
N GLY B 382 -35.37 -43.02 -42.30
CA GLY B 382 -34.26 -42.66 -43.16
C GLY B 382 -32.94 -43.15 -42.60
N ASN B 383 -32.01 -42.24 -42.37
CA ASN B 383 -30.74 -42.57 -41.72
C ASN B 383 -30.79 -42.34 -40.21
N SER B 384 -31.95 -41.96 -39.68
CA SER B 384 -32.12 -41.71 -38.25
C SER B 384 -33.01 -42.77 -37.64
N ILE B 385 -32.90 -42.92 -36.32
CA ILE B 385 -33.68 -43.89 -35.57
C ILE B 385 -34.30 -43.19 -34.38
N SER B 386 -35.57 -43.50 -34.12
CA SER B 386 -36.31 -42.86 -33.03
C SER B 386 -36.13 -43.62 -31.73
N CYS B 387 -36.34 -42.91 -30.62
CA CYS B 387 -36.25 -43.50 -29.30
C CYS B 387 -37.11 -42.65 -28.35
N ARG B 388 -38.22 -43.21 -27.88
CA ARG B 388 -39.13 -42.46 -27.03
C ARG B 388 -38.69 -42.41 -25.58
N LEU B 389 -37.75 -43.26 -25.18
CA LEU B 389 -37.31 -43.34 -23.79
C LEU B 389 -35.90 -42.78 -23.65
N GLY B 390 -35.60 -42.28 -22.45
CA GLY B 390 -34.29 -41.73 -22.18
C GLY B 390 -34.11 -40.35 -22.80
N MET B 391 -32.91 -39.82 -22.62
CA MET B 391 -32.53 -38.53 -23.18
C MET B 391 -31.51 -38.63 -24.29
N PHE B 392 -30.65 -39.64 -24.27
CA PHE B 392 -29.69 -39.93 -25.33
C PHE B 392 -28.56 -38.90 -25.37
N MET B 393 -28.66 -37.86 -24.56
CA MET B 393 -27.72 -36.74 -24.66
C MET B 393 -27.88 -35.87 -23.43
N GLY B 394 -26.77 -35.26 -23.02
CA GLY B 394 -26.76 -34.39 -21.85
C GLY B 394 -27.18 -32.98 -22.13
N MET B 395 -28.36 -32.80 -22.73
CA MET B 395 -28.91 -31.49 -23.00
C MET B 395 -29.70 -30.92 -21.83
N TYR B 396 -29.91 -31.71 -20.78
CA TYR B 396 -30.72 -31.32 -19.63
C TYR B 396 -29.98 -31.64 -18.34
N ASN B 397 -28.72 -31.21 -18.25
CA ASN B 397 -27.92 -31.45 -17.06
C ASN B 397 -28.58 -30.83 -15.83
N LEU B 398 -28.99 -29.57 -15.95
CA LEU B 398 -29.59 -28.87 -14.81
C LEU B 398 -30.98 -29.42 -14.49
N THR B 399 -31.78 -29.73 -15.51
CA THR B 399 -33.10 -30.28 -15.27
C THR B 399 -33.02 -31.70 -14.70
N SER B 400 -32.06 -32.50 -15.17
CA SER B 400 -31.85 -33.81 -14.57
C SER B 400 -31.37 -33.69 -13.13
N THR B 401 -30.55 -32.67 -12.84
CA THR B 401 -30.17 -32.41 -11.46
C THR B 401 -31.38 -32.08 -10.60
N LEU B 402 -32.29 -31.25 -11.13
CA LEU B 402 -33.50 -30.93 -10.37
C LEU B 402 -34.35 -32.17 -10.15
N LEU B 403 -34.46 -33.04 -11.16
CA LEU B 403 -35.20 -34.28 -11.01
C LEU B 403 -34.57 -35.17 -9.94
N ALA B 404 -33.25 -35.21 -9.89
CA ALA B 404 -32.58 -35.97 -8.83
C ALA B 404 -32.83 -35.35 -7.46
N LEU B 405 -32.86 -34.02 -7.39
CA LEU B 405 -32.98 -33.35 -6.10
C LEU B 405 -34.39 -33.43 -5.53
N ILE B 406 -35.41 -33.46 -6.39
CA ILE B 406 -36.78 -33.55 -5.86
C ILE B 406 -36.99 -34.88 -5.15
N SER B 407 -36.37 -35.96 -5.64
CA SER B 407 -36.55 -37.27 -5.02
C SER B 407 -35.91 -37.32 -3.63
N ILE B 408 -34.91 -36.48 -3.37
CA ILE B 408 -34.28 -36.47 -2.06
C ILE B 408 -35.23 -35.97 -0.99
N GLU B 409 -36.12 -35.04 -1.34
CA GLU B 409 -36.98 -34.40 -0.36
C GLU B 409 -38.07 -35.33 0.12
N ARG B 410 -37.81 -36.04 1.22
CA ARG B 410 -38.79 -36.91 1.85
C ARG B 410 -38.42 -37.08 3.30
N GLU B 411 -39.39 -37.54 4.10
CA GLU B 411 -39.25 -37.55 5.55
C GLU B 411 -38.14 -38.49 6.00
N GLU B 412 -38.00 -39.64 5.34
CA GLU B 412 -37.02 -40.63 5.76
C GLU B 412 -35.60 -40.11 5.62
N LEU B 413 -35.31 -39.41 4.53
CA LEU B 413 -33.96 -38.92 4.28
C LEU B 413 -33.70 -37.67 5.10
N THR B 414 -32.72 -37.74 6.01
CA THR B 414 -32.37 -36.62 6.86
C THR B 414 -30.92 -36.17 6.68
N GLY B 415 -30.17 -36.78 5.76
CA GLY B 415 -28.78 -36.41 5.55
C GLY B 415 -28.62 -35.27 4.57
N SER B 416 -27.35 -34.96 4.28
CA SER B 416 -27.00 -33.91 3.35
C SER B 416 -26.60 -34.53 2.01
N HIS B 417 -27.27 -34.09 0.95
CA HIS B 417 -27.06 -34.62 -0.39
C HIS B 417 -26.54 -33.53 -1.31
N VAL B 418 -25.61 -33.88 -2.18
CA VAL B 418 -25.11 -32.99 -3.23
C VAL B 418 -25.09 -33.76 -4.54
N GLU B 419 -25.75 -33.22 -5.56
CA GLU B 419 -25.89 -33.88 -6.85
C GLU B 419 -25.59 -32.87 -7.95
N SER B 420 -24.64 -33.20 -8.84
CA SER B 420 -24.38 -32.28 -9.94
C SER B 420 -25.14 -32.66 -11.20
N SER B 421 -24.78 -33.78 -11.84
CA SER B 421 -25.64 -34.33 -12.88
C SER B 421 -25.94 -35.79 -12.58
N ASP B 422 -24.89 -36.58 -12.45
CA ASP B 422 -24.98 -37.99 -12.09
C ASP B 422 -23.90 -38.40 -11.11
N ASP B 423 -23.07 -37.45 -10.65
CA ASP B 423 -22.12 -37.69 -9.58
C ASP B 423 -22.68 -37.05 -8.32
N PHE B 424 -22.77 -37.83 -7.24
CA PHE B 424 -23.36 -37.34 -6.00
C PHE B 424 -22.52 -37.77 -4.82
N ILE B 425 -22.69 -37.05 -3.72
CA ILE B 425 -22.12 -37.43 -2.44
C ILE B 425 -23.19 -37.19 -1.37
N HIS B 426 -23.29 -38.11 -0.43
CA HIS B 426 -24.28 -38.04 0.64
C HIS B 426 -23.60 -38.21 1.99
N PHE B 427 -24.01 -37.40 2.95
CA PHE B 427 -23.48 -37.45 4.30
C PHE B 427 -24.60 -37.86 5.25
N PHE B 428 -24.34 -38.89 6.04
CA PHE B 428 -25.31 -39.42 6.99
C PHE B 428 -24.92 -39.04 8.41
N ASN B 429 -25.92 -38.70 9.22
CA ASN B 429 -25.74 -38.47 10.65
C ASN B 429 -26.87 -39.24 11.35
N CYS B 430 -26.57 -40.47 11.75
CA CYS B 430 -27.58 -41.37 12.30
C CYS B 430 -27.13 -41.87 13.66
N LYS B 431 -28.10 -42.28 14.47
CA LYS B 431 -27.80 -42.80 15.79
C LYS B 431 -27.28 -44.24 15.74
N THR B 432 -27.82 -45.05 14.83
CA THR B 432 -27.46 -46.46 14.73
C THR B 432 -27.06 -46.79 13.30
N HIS B 433 -26.30 -47.89 13.16
CA HIS B 433 -25.90 -48.35 11.85
C HIS B 433 -27.11 -48.81 11.03
N GLU B 434 -28.07 -49.47 11.68
CA GLU B 434 -29.25 -49.95 10.96
C GLU B 434 -30.06 -48.79 10.38
N GLU B 435 -30.16 -47.69 11.13
CA GLU B 435 -30.85 -46.51 10.62
C GLU B 435 -30.13 -45.94 9.42
N MET B 436 -28.80 -45.92 9.46
CA MET B 436 -28.03 -45.42 8.31
C MET B 436 -28.24 -46.31 7.09
N PHE B 437 -28.26 -47.63 7.28
CA PHE B 437 -28.49 -48.53 6.15
C PHE B 437 -29.89 -48.34 5.58
N LYS B 438 -30.88 -48.17 6.46
CA LYS B 438 -32.24 -47.93 5.99
C LYS B 438 -32.32 -46.62 5.20
N GLN B 439 -31.63 -45.58 5.68
CA GLN B 439 -31.61 -44.31 4.96
C GLN B 439 -30.93 -44.45 3.61
N ALA B 440 -29.84 -45.21 3.54
CA ALA B 440 -29.15 -45.40 2.26
C ALA B 440 -30.03 -46.16 1.27
N GLU B 441 -30.73 -47.19 1.73
CA GLU B 441 -31.61 -47.92 0.84
C GLU B 441 -32.79 -47.06 0.42
N THR B 442 -33.31 -46.23 1.32
CA THR B 442 -34.37 -45.31 0.96
C THR B 442 -33.88 -44.32 -0.10
N LEU B 443 -32.64 -43.86 0.03
CA LEU B 443 -32.05 -42.98 -0.99
C LEU B 443 -32.00 -43.68 -2.34
N ARG B 444 -31.54 -44.93 -2.36
CA ARG B 444 -31.48 -45.68 -3.61
C ARG B 444 -32.86 -45.82 -4.23
N LEU B 445 -33.85 -46.20 -3.42
CA LEU B 445 -35.19 -46.41 -3.94
C LEU B 445 -35.83 -45.11 -4.43
N THR B 446 -35.65 -44.02 -3.69
CA THR B 446 -36.26 -42.76 -4.12
C THR B 446 -35.57 -42.22 -5.36
N LEU B 447 -34.27 -42.48 -5.54
CA LEU B 447 -33.65 -42.17 -6.82
C LEU B 447 -34.23 -43.02 -7.95
N LYS B 448 -34.47 -44.31 -7.67
CA LYS B 448 -35.05 -45.19 -8.68
C LYS B 448 -36.49 -44.81 -9.03
N LEU B 449 -37.19 -44.12 -8.13
CA LEU B 449 -38.58 -43.74 -8.40
C LEU B 449 -38.69 -42.80 -9.59
N VAL B 450 -37.66 -41.98 -9.84
CA VAL B 450 -37.68 -40.99 -10.90
C VAL B 450 -36.82 -41.41 -12.08
N GLY B 451 -36.37 -42.66 -12.11
CA GLY B 451 -35.57 -43.15 -13.22
C GLY B 451 -34.08 -42.94 -13.09
N ILE B 452 -33.57 -42.81 -11.86
CA ILE B 452 -32.15 -42.62 -11.62
C ILE B 452 -31.64 -43.81 -10.81
N ASN B 453 -30.68 -44.53 -11.36
CA ASN B 453 -30.18 -45.77 -10.78
C ASN B 453 -28.76 -45.55 -10.28
N MET B 454 -28.55 -45.80 -8.99
CA MET B 454 -27.20 -45.74 -8.44
C MET B 454 -26.36 -46.85 -9.06
N SER B 455 -25.15 -46.54 -9.47
CA SER B 455 -24.25 -47.55 -9.99
C SER B 455 -23.72 -48.39 -8.83
N PRO B 456 -24.14 -49.64 -8.68
CA PRO B 456 -23.72 -50.41 -7.49
C PRO B 456 -22.22 -50.57 -7.39
N SER B 457 -21.53 -50.76 -8.51
CA SER B 457 -20.09 -50.94 -8.49
C SER B 457 -19.33 -49.64 -8.33
N LYS B 458 -20.02 -48.50 -8.36
CA LYS B 458 -19.38 -47.20 -8.24
C LYS B 458 -19.81 -46.41 -7.01
N CYS B 459 -20.70 -46.96 -6.19
CA CYS B 459 -21.16 -46.30 -4.97
C CYS B 459 -20.54 -46.99 -3.77
N ILE B 460 -19.82 -46.22 -2.95
CA ILE B 460 -19.12 -46.74 -1.78
C ILE B 460 -19.46 -45.87 -0.59
N LEU B 461 -19.82 -46.51 0.53
CA LEU B 461 -20.21 -45.82 1.75
C LEU B 461 -19.21 -46.16 2.85
N ILE B 462 -18.69 -45.13 3.52
CA ILE B 462 -17.75 -45.29 4.62
C ILE B 462 -18.49 -44.94 5.91
N SER B 463 -18.63 -45.92 6.80
CA SER B 463 -19.48 -45.72 7.97
C SER B 463 -19.02 -44.62 8.90
N PRO B 464 -17.72 -44.46 9.24
CA PRO B 464 -17.30 -43.20 9.83
C PRO B 464 -16.87 -42.21 8.75
N ALA B 465 -17.57 -41.07 8.67
CA ALA B 465 -17.31 -40.13 7.58
C ALA B 465 -15.95 -39.45 7.76
N GLY B 466 -15.44 -38.92 6.65
CA GLY B 466 -14.16 -38.24 6.66
C GLY B 466 -13.35 -38.49 5.41
N ILE B 467 -13.75 -39.52 4.65
CA ILE B 467 -13.08 -39.87 3.41
C ILE B 467 -14.14 -40.00 2.32
N GLY B 468 -13.96 -39.27 1.23
CA GLY B 468 -14.96 -39.28 0.18
C GLY B 468 -14.41 -38.68 -1.10
N GLU B 469 -15.28 -38.63 -2.11
CA GLU B 469 -14.91 -38.12 -3.43
C GLU B 469 -16.15 -37.53 -4.08
N PHE B 470 -15.96 -36.42 -4.80
CA PHE B 470 -17.04 -35.78 -5.54
C PHE B 470 -16.42 -34.99 -6.68
N ASN B 471 -16.81 -35.33 -7.91
CA ASN B 471 -16.26 -34.69 -9.11
C ASN B 471 -14.75 -34.83 -9.16
N SER B 472 -14.24 -36.02 -8.83
CA SER B 472 -12.81 -36.32 -8.81
C SER B 472 -12.06 -35.41 -7.84
N LYS B 473 -12.71 -35.01 -6.76
CA LYS B 473 -12.09 -34.24 -5.69
C LYS B 473 -12.09 -35.10 -4.43
N PHE B 474 -10.91 -35.58 -4.04
CA PHE B 474 -10.77 -36.46 -2.89
C PHE B 474 -10.40 -35.65 -1.67
N HIS B 475 -11.07 -35.92 -0.55
CA HIS B 475 -10.79 -35.24 0.70
C HIS B 475 -10.64 -36.25 1.82
N HIS B 476 -9.60 -36.05 2.64
CA HIS B 476 -9.43 -36.83 3.86
C HIS B 476 -9.51 -35.94 5.10
N ARG B 477 -8.65 -34.93 5.21
CA ARG B 477 -8.81 -33.86 6.19
C ARG B 477 -9.17 -32.54 5.53
N ASP B 478 -8.74 -32.34 4.29
CA ASP B 478 -9.13 -31.23 3.45
C ASP B 478 -9.04 -31.72 2.01
N PHE B 479 -9.65 -30.96 1.10
CA PHE B 479 -9.60 -31.34 -0.30
C PHE B 479 -8.17 -31.29 -0.81
N VAL B 480 -7.57 -32.46 -1.03
CA VAL B 480 -6.17 -32.53 -1.41
C VAL B 480 -5.99 -32.04 -2.85
N GLY B 481 -4.87 -31.38 -3.10
CA GLY B 481 -4.55 -30.95 -4.44
C GLY B 481 -4.34 -32.14 -5.36
N ASN B 482 -4.72 -31.98 -6.62
CA ASN B 482 -4.64 -33.06 -7.60
C ASN B 482 -3.75 -32.58 -8.74
N VAL B 483 -2.45 -32.87 -8.61
CA VAL B 483 -1.54 -32.69 -9.73
C VAL B 483 -1.88 -33.69 -10.83
N ALA B 484 -1.48 -33.34 -12.06
CA ALA B 484 -1.72 -34.02 -13.33
C ALA B 484 -3.10 -33.71 -13.89
N THR B 485 -3.96 -32.99 -13.18
CA THR B 485 -5.11 -32.37 -13.81
C THR B 485 -4.78 -31.00 -14.38
N GLU B 486 -3.58 -30.49 -14.10
CA GLU B 486 -3.11 -29.23 -14.62
C GLU B 486 -2.00 -29.38 -15.66
N LEU B 487 -1.44 -30.58 -15.78
CA LEU B 487 -0.39 -30.82 -16.77
C LEU B 487 -0.82 -30.59 -18.22
N PRO B 488 -2.01 -31.00 -18.67
CA PRO B 488 -2.36 -30.76 -20.08
C PRO B 488 -2.38 -29.30 -20.48
N ALA B 489 -2.51 -28.37 -19.53
CA ALA B 489 -2.53 -26.95 -19.83
C ALA B 489 -1.14 -26.32 -19.80
N LEU B 490 -0.09 -27.11 -19.58
CA LEU B 490 1.26 -26.58 -19.41
C LEU B 490 1.98 -26.37 -20.74
N VAL B 491 1.41 -26.82 -21.86
CA VAL B 491 2.00 -26.65 -23.17
C VAL B 491 1.81 -25.20 -23.63
N PRO B 492 2.77 -24.60 -24.33
CA PRO B 492 2.55 -23.25 -24.88
C PRO B 492 1.36 -23.23 -25.83
N ASN B 493 0.61 -22.13 -25.80
CA ASN B 493 -0.66 -22.07 -26.52
C ASN B 493 -0.46 -21.92 -28.02
N GLY B 494 0.58 -21.22 -28.46
CA GLY B 494 0.85 -21.10 -29.88
C GLY B 494 0.23 -19.90 -30.56
N THR B 495 -0.02 -18.82 -29.84
CA THR B 495 -0.52 -17.59 -30.45
C THR B 495 0.63 -16.65 -30.79
N ASN B 496 1.36 -16.20 -29.77
CA ASN B 496 2.56 -15.39 -29.92
C ASN B 496 3.30 -15.41 -28.58
N PRO B 497 4.60 -15.10 -28.59
CA PRO B 497 5.39 -15.27 -27.35
C PRO B 497 4.83 -14.57 -26.13
N MET B 498 4.34 -13.34 -26.27
CA MET B 498 3.84 -12.61 -25.11
C MET B 498 2.58 -13.25 -24.54
N THR B 499 1.59 -13.51 -25.41
CA THR B 499 0.35 -14.13 -24.94
C THR B 499 0.61 -15.52 -24.37
N ASP B 500 1.46 -16.30 -25.04
CA ASP B 500 1.76 -17.65 -24.57
C ASP B 500 2.39 -17.60 -23.18
N LEU B 501 3.41 -16.76 -23.00
CA LEU B 501 4.07 -16.66 -21.70
C LEU B 501 3.10 -16.19 -20.63
N ALA B 502 2.29 -15.17 -20.94
CA ALA B 502 1.36 -14.63 -19.96
C ALA B 502 0.37 -15.68 -19.51
N MET B 503 -0.25 -16.39 -20.46
CA MET B 503 -1.31 -17.32 -20.07
C MET B 503 -0.74 -18.59 -19.44
N GLY B 504 0.44 -19.04 -19.87
CA GLY B 504 1.06 -20.17 -19.19
C GLY B 504 1.40 -19.85 -17.75
N LEU B 505 2.02 -18.68 -17.52
CA LEU B 505 2.36 -18.29 -16.16
C LEU B 505 1.13 -18.09 -15.31
N ASN B 506 0.06 -17.55 -15.89
CA ASN B 506 -1.16 -17.34 -15.09
C ASN B 506 -1.91 -18.63 -14.82
N VAL B 507 -1.84 -19.61 -15.73
CA VAL B 507 -2.39 -20.93 -15.43
C VAL B 507 -1.62 -21.57 -14.28
N ILE B 508 -0.29 -21.49 -14.31
CA ILE B 508 0.51 -22.00 -13.21
C ILE B 508 0.16 -21.27 -11.91
N LYS B 509 -0.03 -19.95 -12.00
CA LYS B 509 -0.39 -19.17 -10.81
C LYS B 509 -1.72 -19.60 -10.23
N HIS B 510 -2.72 -19.83 -11.09
CA HIS B 510 -4.02 -20.28 -10.59
C HIS B 510 -3.92 -21.66 -9.96
N SER B 511 -3.13 -22.55 -10.56
CA SER B 511 -2.92 -23.86 -9.98
C SER B 511 -2.28 -23.76 -8.60
N VAL B 512 -1.33 -22.84 -8.44
CA VAL B 512 -0.70 -22.61 -7.15
C VAL B 512 -1.73 -22.06 -6.15
N ASN B 513 -2.54 -21.10 -6.59
CA ASN B 513 -3.51 -20.48 -5.69
C ASN B 513 -4.55 -21.49 -5.20
N THR B 514 -5.02 -22.36 -6.09
CA THR B 514 -6.05 -23.32 -5.74
C THR B 514 -5.52 -24.48 -4.91
N GLY B 515 -4.21 -24.56 -4.70
CA GLY B 515 -3.62 -25.61 -3.91
C GLY B 515 -3.23 -26.85 -4.69
N GLN B 516 -3.43 -26.87 -6.01
CA GLN B 516 -3.03 -28.03 -6.79
C GLN B 516 -1.52 -28.18 -6.84
N MET B 517 -0.80 -27.08 -7.05
CA MET B 517 0.66 -27.10 -7.08
C MET B 517 1.20 -26.22 -5.96
N ASN B 518 2.20 -26.73 -5.25
CA ASN B 518 2.85 -26.01 -4.17
C ASN B 518 4.07 -25.26 -4.71
N LEU B 519 4.93 -24.80 -3.80
CA LEU B 519 6.10 -24.01 -4.19
C LEU B 519 6.99 -24.77 -5.18
N CYS B 520 7.37 -25.99 -4.82
CA CYS B 520 8.32 -26.74 -5.64
C CYS B 520 7.69 -27.14 -6.97
N THR B 521 6.47 -27.67 -6.94
CA THR B 521 5.81 -28.05 -8.18
C THR B 521 5.52 -26.83 -9.05
N GLY B 522 5.15 -25.72 -8.43
CA GLY B 522 4.93 -24.50 -9.19
C GLY B 522 6.19 -24.03 -9.90
N ALA B 523 7.31 -24.01 -9.18
CA ALA B 523 8.57 -23.57 -9.78
C ALA B 523 9.03 -24.55 -10.85
N LEU B 524 8.89 -25.85 -10.62
CA LEU B 524 9.30 -26.83 -11.62
C LEU B 524 8.43 -26.72 -12.88
N ALA B 525 7.13 -26.50 -12.70
CA ALA B 525 6.27 -26.28 -13.86
C ALA B 525 6.66 -25.01 -14.60
N MET B 526 7.03 -23.97 -13.86
CA MET B 526 7.52 -22.75 -14.51
C MET B 526 8.75 -23.04 -15.35
N ARG B 527 9.71 -23.80 -14.80
CA ARG B 527 10.93 -24.10 -15.53
C ARG B 527 10.66 -24.96 -16.76
N ILE B 528 9.80 -25.98 -16.62
CA ILE B 528 9.49 -26.84 -17.76
C ILE B 528 8.77 -26.05 -18.85
N PHE B 529 7.79 -25.24 -18.46
CA PHE B 529 7.07 -24.42 -19.42
C PHE B 529 8.01 -23.44 -20.10
N ASN B 530 8.93 -22.83 -19.35
CA ASN B 530 9.86 -21.88 -19.95
C ASN B 530 10.77 -22.57 -20.95
N HIS B 531 11.26 -23.77 -20.61
CA HIS B 531 12.16 -24.46 -21.52
C HIS B 531 11.43 -24.86 -22.80
N ALA B 532 10.22 -25.40 -22.68
CA ALA B 532 9.44 -25.75 -23.86
C ALA B 532 9.05 -24.53 -24.67
N TYR B 533 8.73 -23.42 -24.00
CA TYR B 533 8.34 -22.19 -24.65
C TYR B 533 9.50 -21.57 -25.42
N LYS B 534 10.71 -21.63 -24.86
CA LYS B 534 11.88 -21.16 -25.59
C LYS B 534 12.21 -22.09 -26.75
N TYR B 535 12.01 -23.39 -26.58
CA TYR B 535 12.25 -24.30 -27.71
C TYR B 535 11.28 -24.04 -28.85
N ALA B 536 10.00 -23.82 -28.54
CA ALA B 536 8.98 -23.69 -29.58
C ALA B 536 9.19 -22.46 -30.45
N TYR B 537 9.89 -21.45 -29.95
CA TYR B 537 10.15 -20.23 -30.71
C TYR B 537 11.60 -20.12 -31.18
N MET B 538 12.28 -21.26 -31.30
CA MET B 538 13.64 -21.32 -31.86
C MET B 538 14.61 -20.45 -31.07
N ALA B 539 14.57 -20.59 -29.76
CA ALA B 539 15.43 -19.80 -28.87
C ALA B 539 16.47 -20.63 -28.14
N LEU B 540 16.54 -21.94 -28.41
CA LEU B 540 17.53 -22.82 -27.79
C LEU B 540 18.43 -23.43 -28.85
N GLY B 541 19.69 -23.64 -28.48
CA GLY B 541 20.63 -24.25 -29.40
C GLY B 541 20.97 -23.34 -30.56
N VAL B 542 21.36 -23.94 -31.67
CA VAL B 542 21.72 -23.22 -32.88
C VAL B 542 20.59 -23.43 -33.88
N THR B 543 19.75 -22.41 -34.03
CA THR B 543 18.66 -22.40 -35.00
C THR B 543 18.85 -21.23 -35.96
N ARG B 544 17.93 -21.10 -36.92
CA ARG B 544 18.00 -19.98 -37.85
C ARG B 544 17.82 -18.66 -37.12
N ARG B 545 16.88 -18.60 -36.17
CA ARG B 545 16.67 -17.38 -35.41
C ARG B 545 17.90 -17.02 -34.57
N THR B 546 18.45 -18.00 -33.85
CA THR B 546 19.63 -17.75 -33.03
C THR B 546 20.83 -17.39 -33.89
N ARG B 547 20.99 -18.05 -35.04
CA ARG B 547 22.10 -17.71 -35.93
C ARG B 547 21.96 -16.29 -36.44
N PHE B 548 20.75 -15.89 -36.85
CA PHE B 548 20.55 -14.52 -37.32
C PHE B 548 20.84 -13.51 -36.22
N MET B 549 20.40 -13.80 -35.00
CA MET B 549 20.67 -12.89 -33.89
C MET B 549 22.16 -12.82 -33.58
N GLU B 550 22.88 -13.94 -33.73
CA GLU B 550 24.30 -13.96 -33.42
C GLU B 550 25.11 -13.20 -34.46
N GLU B 551 24.84 -13.43 -35.75
CA GLU B 551 25.64 -12.81 -36.79
C GLU B 551 25.35 -11.31 -36.92
N ASN B 552 24.21 -10.84 -36.45
CA ASN B 552 23.86 -9.43 -36.51
C ASN B 552 24.03 -8.71 -35.18
N ALA B 553 24.59 -9.40 -34.18
CA ALA B 553 24.85 -8.81 -32.86
C ALA B 553 23.58 -8.25 -32.24
N ILE B 554 22.61 -9.14 -32.02
CA ILE B 554 21.32 -8.79 -31.42
C ILE B 554 21.23 -9.55 -30.10
N THR B 555 21.48 -8.85 -29.00
CA THR B 555 21.32 -9.47 -27.69
C THR B 555 19.84 -9.76 -27.42
N PRO B 556 19.53 -10.89 -26.80
CA PRO B 556 18.13 -11.32 -26.66
C PRO B 556 17.26 -10.38 -25.85
N LEU B 557 17.62 -10.15 -24.58
CA LEU B 557 16.91 -9.24 -23.68
C LEU B 557 15.47 -9.67 -23.41
N LEU B 558 15.02 -10.79 -23.95
CA LEU B 558 13.67 -11.28 -23.72
C LEU B 558 13.68 -12.79 -23.59
N THR B 559 12.70 -13.32 -22.84
CA THR B 559 12.65 -14.74 -22.58
C THR B 559 12.49 -15.54 -23.87
N ASN B 560 11.62 -15.09 -24.77
CA ASN B 560 11.41 -15.78 -26.03
C ASN B 560 12.59 -15.63 -26.98
N GLN B 561 13.50 -14.71 -26.72
CA GLN B 561 14.68 -14.52 -27.54
C GLN B 561 15.90 -15.26 -27.00
N GLY B 562 15.75 -16.01 -25.91
CA GLY B 562 16.84 -16.76 -25.34
C GLY B 562 17.49 -16.14 -24.13
N ALA B 563 16.99 -15.01 -23.64
CA ALA B 563 17.56 -14.40 -22.45
C ALA B 563 17.19 -15.19 -21.21
N SER B 564 17.90 -14.92 -20.13
CA SER B 564 17.64 -15.60 -18.87
C SER B 564 16.25 -15.24 -18.36
N PRO B 565 15.58 -16.16 -17.66
CA PRO B 565 14.23 -15.86 -17.16
C PRO B 565 14.23 -14.65 -16.23
N VAL B 566 13.21 -13.82 -16.38
CA VAL B 566 13.04 -12.66 -15.52
C VAL B 566 11.93 -12.98 -14.52
N HIS B 567 11.03 -13.87 -14.91
CA HIS B 567 9.92 -14.25 -14.04
C HIS B 567 10.40 -15.21 -12.97
N SER B 568 9.85 -15.05 -11.77
CA SER B 568 10.14 -15.91 -10.64
C SER B 568 8.84 -16.49 -10.11
N PHE B 569 8.94 -17.27 -9.04
CA PHE B 569 7.73 -17.84 -8.45
C PHE B 569 6.81 -16.75 -7.92
N SER B 570 7.38 -15.74 -7.27
CA SER B 570 6.58 -14.64 -6.74
C SER B 570 6.18 -13.63 -7.81
N THR B 571 6.78 -13.69 -8.99
CA THR B 571 6.51 -12.74 -10.07
C THR B 571 5.84 -13.41 -11.26
N MET B 572 4.99 -14.42 -11.01
CA MET B 572 4.23 -15.03 -12.10
C MET B 572 3.22 -14.06 -12.68
N HIS B 573 2.65 -13.18 -11.86
CA HIS B 573 1.62 -12.26 -12.31
C HIS B 573 2.17 -11.04 -13.02
N LEU B 574 3.47 -10.76 -12.91
CA LEU B 574 4.05 -9.56 -13.50
C LEU B 574 4.32 -9.76 -14.98
N ASP B 575 4.04 -8.71 -15.75
CA ASP B 575 4.35 -8.72 -17.18
C ASP B 575 5.86 -8.72 -17.39
N GLU B 576 6.31 -9.38 -18.46
CA GLU B 576 7.74 -9.53 -18.70
C GLU B 576 8.39 -8.18 -18.99
N VAL B 577 7.80 -7.39 -19.90
CA VAL B 577 8.42 -6.15 -20.33
C VAL B 577 8.50 -5.15 -19.17
N ALA B 578 7.41 -5.00 -18.41
CA ALA B 578 7.41 -4.08 -17.29
C ALA B 578 8.42 -4.49 -16.22
N LEU B 579 8.47 -5.78 -15.92
CA LEU B 579 9.42 -6.27 -14.90
C LEU B 579 10.86 -6.07 -15.36
N ARG B 580 11.15 -6.34 -16.64
CA ARG B 580 12.50 -6.12 -17.15
C ARG B 580 12.87 -4.65 -17.13
N ARG B 581 11.92 -3.77 -17.47
CA ARG B 581 12.19 -2.34 -17.40
C ARG B 581 12.46 -1.90 -15.97
N HIS B 582 11.69 -2.41 -15.01
CA HIS B 582 11.89 -2.05 -13.62
C HIS B 582 13.24 -2.53 -13.11
N LEU B 583 13.64 -3.75 -13.49
CA LEU B 583 14.90 -4.30 -13.03
C LEU B 583 16.10 -3.81 -13.83
N GLY B 584 15.89 -3.02 -14.87
CA GLY B 584 16.98 -2.52 -15.68
C GLY B 584 17.51 -3.49 -16.71
N LEU B 585 16.91 -4.67 -16.85
CA LEU B 585 17.36 -5.64 -17.84
C LEU B 585 16.98 -5.24 -19.26
N LEU B 586 16.11 -4.24 -19.42
CA LEU B 586 15.67 -3.78 -20.73
C LEU B 586 15.74 -2.26 -20.73
N ASP B 587 16.72 -1.70 -21.43
CA ASP B 587 16.94 -0.27 -21.41
C ASP B 587 15.85 0.47 -22.19
N GLU B 588 15.78 1.78 -21.95
CA GLU B 588 14.72 2.59 -22.55
C GLU B 588 14.85 2.69 -24.06
N GLU B 589 16.08 2.65 -24.57
CA GLU B 589 16.27 2.76 -26.01
C GLU B 589 15.65 1.57 -26.74
N THR B 590 15.80 0.36 -26.20
CA THR B 590 15.17 -0.80 -26.79
C THR B 590 13.68 -0.82 -26.51
N LEU B 591 13.25 -0.27 -25.38
CA LEU B 591 11.82 -0.15 -25.09
C LEU B 591 11.13 0.74 -26.10
N ARG B 592 11.80 1.81 -26.54
CA ARG B 592 11.24 2.70 -27.54
C ARG B 592 11.04 2.02 -28.88
N ARG B 593 11.69 0.87 -29.10
CA ARG B 593 11.56 0.11 -30.34
C ARG B 593 10.60 -1.06 -30.21
N ILE B 594 10.65 -1.79 -29.10
CA ILE B 594 9.77 -2.95 -28.91
C ILE B 594 8.31 -2.51 -28.85
N LEU B 595 8.03 -1.45 -28.08
CA LEU B 595 6.66 -1.01 -27.83
C LEU B 595 6.22 0.08 -28.79
N ASN B 596 6.73 0.09 -30.01
CA ASN B 596 6.35 1.08 -31.00
C ASN B 596 4.94 0.79 -31.51
N PRO B 597 3.99 1.70 -31.37
CA PRO B 597 2.66 1.50 -31.94
C PRO B 597 2.57 1.69 -33.44
N ASN B 598 3.71 1.81 -34.14
CA ASN B 598 3.74 1.97 -35.59
C ASN B 598 4.65 0.95 -36.25
N ASN B 599 5.00 -0.12 -35.54
CA ASN B 599 5.88 -1.12 -36.10
C ASN B 599 5.17 -1.89 -37.22
N PRO B 600 5.88 -2.20 -38.32
CA PRO B 600 5.24 -2.96 -39.41
C PRO B 600 4.84 -4.37 -39.03
N VAL B 601 5.44 -4.94 -37.98
CA VAL B 601 5.21 -6.35 -37.67
C VAL B 601 3.75 -6.59 -37.30
N THR B 602 3.20 -5.74 -36.44
CA THR B 602 1.84 -5.88 -35.95
C THR B 602 0.93 -4.76 -36.45
N GLN B 603 1.25 -4.18 -37.59
CA GLN B 603 0.42 -3.13 -38.16
C GLN B 603 -0.92 -3.69 -38.63
N LYS B 604 -2.00 -2.97 -38.33
CA LYS B 604 -3.33 -3.39 -38.74
C LYS B 604 -3.60 -2.96 -40.17
N GLY B 605 -4.51 -3.68 -40.82
CA GLY B 605 -4.85 -3.38 -42.20
C GLY B 605 -5.75 -2.19 -42.41
N ASP B 606 -6.43 -1.74 -41.36
CA ASP B 606 -7.37 -0.64 -41.46
C ASP B 606 -7.17 0.36 -40.32
N PRO B 607 -7.52 1.61 -40.53
CA PRO B 607 -7.42 2.60 -39.44
C PRO B 607 -8.41 2.30 -38.33
N SER B 608 -8.07 2.75 -37.13
CA SER B 608 -8.89 2.53 -35.94
C SER B 608 -9.18 3.86 -35.27
N MET B 609 -10.26 3.90 -34.51
CA MET B 609 -10.72 5.10 -33.84
C MET B 609 -10.15 5.16 -32.43
N PHE B 610 -9.81 6.37 -31.98
CA PHE B 610 -9.24 6.59 -30.66
C PHE B 610 -10.01 7.67 -29.93
N PHE B 611 -10.17 7.49 -28.62
CA PHE B 611 -10.75 8.52 -27.80
C PHE B 611 -9.74 9.64 -27.54
N ARG B 612 -10.26 10.82 -27.21
CA ARG B 612 -9.45 11.97 -26.85
C ARG B 612 -10.13 12.64 -25.66
N ILE B 613 -9.64 12.36 -24.45
CA ILE B 613 -10.28 12.85 -23.24
C ILE B 613 -10.08 14.36 -23.14
N GLU B 614 -11.18 15.08 -23.00
CA GLU B 614 -11.18 16.55 -22.85
C GLU B 614 -10.44 17.21 -24.02
N ASN B 615 -10.99 17.02 -25.22
CA ASN B 615 -10.44 17.62 -26.42
C ASN B 615 -11.58 18.19 -27.25
N LYS B 616 -11.24 19.17 -28.10
CA LYS B 616 -12.25 19.75 -28.97
C LYS B 616 -12.83 18.70 -29.92
N MET B 617 -11.98 17.84 -30.46
CA MET B 617 -12.44 16.70 -31.24
C MET B 617 -12.21 15.44 -30.42
N PRO B 618 -13.25 14.81 -29.87
CA PRO B 618 -13.05 13.70 -28.94
C PRO B 618 -12.72 12.37 -29.61
N GLN B 619 -12.84 12.27 -30.93
CA GLN B 619 -12.56 11.03 -31.65
C GLN B 619 -11.62 11.30 -32.81
N ILE B 620 -10.50 10.57 -32.85
CA ILE B 620 -9.53 10.67 -33.94
C ILE B 620 -9.32 9.28 -34.51
N MET B 621 -9.36 9.19 -35.84
CA MET B 621 -9.18 7.92 -36.54
C MET B 621 -7.85 7.94 -37.27
N GLU B 622 -7.04 6.92 -37.02
CA GLU B 622 -5.69 6.88 -37.58
C GLU B 622 -5.21 5.43 -37.62
N ASP B 623 -4.19 5.18 -38.43
CA ASP B 623 -3.60 3.85 -38.51
C ASP B 623 -2.91 3.49 -37.20
N TYR B 624 -3.00 2.20 -36.85
CA TYR B 624 -2.54 1.73 -35.55
C TYR B 624 -1.88 0.37 -35.70
N SER B 625 -1.00 0.06 -34.75
CA SER B 625 -0.36 -1.23 -34.66
C SER B 625 -0.39 -1.70 -33.22
N VAL B 626 -0.39 -3.02 -33.04
CA VAL B 626 -0.28 -3.55 -31.68
C VAL B 626 1.06 -3.14 -31.09
N PRO B 627 1.10 -2.59 -29.87
CA PRO B 627 2.36 -1.99 -29.39
C PRO B 627 3.55 -2.93 -29.40
N SER B 628 3.36 -4.19 -29.03
CA SER B 628 4.46 -5.13 -28.93
C SER B 628 4.78 -5.71 -30.30
N CYS B 629 6.05 -5.67 -30.69
CA CYS B 629 6.48 -6.25 -31.96
C CYS B 629 6.51 -7.77 -31.92
N PHE B 630 6.39 -8.38 -30.74
CA PHE B 630 6.38 -9.83 -30.61
C PHE B 630 4.97 -10.39 -30.48
N LYS B 631 3.96 -9.58 -30.70
CA LYS B 631 2.57 -10.02 -30.76
C LYS B 631 2.11 -10.22 -32.20
N TYR B 632 3.02 -10.71 -33.05
CA TYR B 632 2.73 -10.92 -34.45
C TYR B 632 1.69 -12.02 -34.63
N THR B 633 1.21 -12.15 -35.87
CA THR B 633 0.22 -13.14 -36.24
C THR B 633 0.88 -14.23 -37.07
N LEU B 634 0.67 -15.48 -36.68
CA LEU B 634 1.17 -16.62 -37.43
C LEU B 634 0.15 -17.04 -38.48
N SER B 635 0.58 -17.12 -39.73
CA SER B 635 -0.32 -17.56 -40.79
C SER B 635 -0.72 -19.01 -40.57
N ARG B 636 -2.01 -19.29 -40.77
CA ARG B 636 -2.54 -20.62 -40.51
C ARG B 636 -2.26 -21.60 -41.65
N ASN B 637 -1.84 -21.12 -42.81
CA ASN B 637 -1.47 -21.95 -43.95
C ASN B 637 -2.64 -22.85 -44.37
N ARG B 638 -3.71 -22.20 -44.81
CA ARG B 638 -4.92 -22.88 -45.28
C ARG B 638 -5.49 -23.83 -44.24
N HIS B 645 -21.06 -23.25 -47.12
CA HIS B 645 -21.60 -22.06 -46.50
C HIS B 645 -20.68 -20.85 -46.69
N LYS B 646 -20.07 -20.77 -47.88
CA LYS B 646 -19.17 -19.66 -48.18
C LYS B 646 -19.91 -18.32 -48.21
N ALA B 647 -21.13 -18.31 -48.75
CA ALA B 647 -21.88 -17.06 -48.83
C ALA B 647 -22.19 -16.52 -47.43
N LEU B 648 -22.51 -17.41 -46.49
CA LEU B 648 -22.73 -16.97 -45.12
C LEU B 648 -21.49 -16.36 -44.51
N LEU B 649 -20.29 -16.81 -44.92
CA LEU B 649 -19.07 -16.21 -44.42
C LEU B 649 -18.88 -14.78 -44.94
N ASN B 650 -19.18 -14.56 -46.24
CA ASN B 650 -19.18 -13.21 -46.76
C ASN B 650 -20.19 -12.34 -46.04
N LYS B 651 -21.33 -12.93 -45.66
CA LYS B 651 -22.33 -12.22 -44.88
C LYS B 651 -21.81 -11.88 -43.49
N GLU B 652 -21.05 -12.78 -42.87
CA GLU B 652 -20.38 -12.46 -41.62
C GLU B 652 -19.43 -11.29 -41.80
N GLU B 653 -18.69 -11.26 -42.91
CA GLU B 653 -17.77 -10.15 -43.15
C GLU B 653 -18.53 -8.83 -43.29
N ARG B 654 -19.68 -8.86 -43.98
CA ARG B 654 -20.52 -7.66 -44.09
C ARG B 654 -21.02 -7.21 -42.72
N TYR B 655 -21.44 -8.17 -41.89
CA TYR B 655 -21.86 -7.84 -40.53
C TYR B 655 -20.72 -7.22 -39.74
N GLN B 656 -19.51 -7.75 -39.91
CA GLN B 656 -18.35 -7.20 -39.20
C GLN B 656 -18.08 -5.76 -39.64
N ARG B 657 -18.20 -5.50 -40.94
CA ARG B 657 -18.00 -4.14 -41.45
C ARG B 657 -19.04 -3.18 -40.86
N VAL B 658 -20.30 -3.60 -40.84
CA VAL B 658 -21.35 -2.76 -40.27
C VAL B 658 -21.11 -2.53 -38.78
N THR B 659 -20.69 -3.57 -38.07
CA THR B 659 -20.39 -3.44 -36.65
C THR B 659 -19.24 -2.46 -36.43
N SER B 660 -18.21 -2.53 -37.27
CA SER B 660 -17.06 -1.65 -37.13
C SER B 660 -17.47 -0.19 -37.33
N ILE B 661 -18.27 0.08 -38.37
CA ILE B 661 -18.66 1.47 -38.61
C ILE B 661 -19.60 1.96 -37.50
N ILE B 662 -20.48 1.09 -37.00
CA ILE B 662 -21.35 1.48 -35.89
C ILE B 662 -20.53 1.82 -34.66
N ASN B 663 -19.54 0.98 -34.35
CA ASN B 663 -18.69 1.25 -33.19
C ASN B 663 -17.92 2.55 -33.36
N LYS B 664 -17.42 2.81 -34.57
CA LYS B 664 -16.69 4.05 -34.82
C LYS B 664 -17.59 5.26 -34.62
N LEU B 665 -18.83 5.20 -35.12
CA LEU B 665 -19.72 6.34 -35.04
C LEU B 665 -20.48 6.44 -33.73
N PHE B 666 -20.66 5.34 -33.00
CA PHE B 666 -21.41 5.31 -31.75
C PHE B 666 -20.49 4.81 -30.65
N PRO B 667 -19.72 5.70 -30.01
CA PRO B 667 -18.86 5.24 -28.91
C PRO B 667 -19.64 4.74 -27.70
N GLU B 668 -20.91 5.10 -27.55
CA GLU B 668 -21.65 4.74 -26.36
C GLU B 668 -22.23 3.34 -26.40
N VAL B 669 -22.29 2.70 -27.58
CA VAL B 669 -22.71 1.30 -27.62
C VAL B 669 -21.60 0.36 -27.17
N LEU B 670 -20.39 0.89 -26.98
CA LEU B 670 -19.30 0.11 -26.43
C LEU B 670 -19.43 -0.09 -24.92
N ILE B 671 -20.27 0.70 -24.26
CA ILE B 671 -20.39 0.67 -22.81
C ILE B 671 -21.79 0.19 -22.42
N GLN B 672 -22.77 0.48 -23.26
CA GLN B 672 -24.16 0.11 -22.99
C GLN B 672 -24.78 -0.47 -24.25
N GLU B 673 -25.95 -1.08 -24.09
CA GLU B 673 -26.61 -1.71 -25.22
C GLU B 673 -27.13 -0.66 -26.20
N ALA B 674 -27.20 -1.06 -27.48
CA ALA B 674 -27.68 -0.17 -28.52
C ALA B 674 -29.17 0.06 -28.39
N SER B 675 -29.59 1.33 -28.43
CA SER B 675 -31.01 1.65 -28.30
C SER B 675 -31.44 2.78 -29.22
N ALA B 676 -30.63 3.17 -30.20
CA ALA B 676 -31.00 4.27 -31.07
C ALA B 676 -32.17 3.86 -31.97
N PRO B 677 -33.08 4.78 -32.28
CA PRO B 677 -34.24 4.42 -33.09
C PRO B 677 -33.93 4.41 -34.58
N GLY B 678 -34.85 3.83 -35.34
CA GLY B 678 -34.70 3.76 -36.78
C GLY B 678 -33.76 2.66 -37.21
N THR B 679 -33.58 2.57 -38.53
CA THR B 679 -32.68 1.57 -39.08
C THR B 679 -31.23 2.03 -38.96
N VAL B 680 -30.31 1.14 -39.34
CA VAL B 680 -28.89 1.43 -39.21
C VAL B 680 -28.50 2.61 -40.10
N ARG B 681 -28.98 2.62 -41.35
CA ARG B 681 -28.59 3.65 -42.30
C ARG B 681 -28.93 5.04 -41.79
N GLU B 682 -30.19 5.25 -41.42
CA GLU B 682 -30.60 6.58 -40.95
C GLU B 682 -29.93 6.93 -39.63
N SER B 683 -29.80 5.97 -38.73
CA SER B 683 -29.18 6.26 -37.43
C SER B 683 -27.76 6.76 -37.61
N LEU B 684 -26.95 6.03 -38.39
CA LEU B 684 -25.59 6.48 -38.64
C LEU B 684 -25.54 7.75 -39.48
N LYS B 685 -26.53 7.98 -40.35
CA LYS B 685 -26.52 9.22 -41.12
C LYS B 685 -26.71 10.43 -40.21
N ARG B 686 -27.73 10.40 -39.34
CA ARG B 686 -27.92 11.49 -38.39
C ARG B 686 -26.75 11.62 -37.43
N ARG B 687 -26.18 10.49 -36.98
CA ARG B 687 -25.04 10.57 -36.07
C ARG B 687 -23.84 11.22 -36.75
N LEU B 688 -23.57 10.84 -38.02
CA LEU B 688 -22.46 11.43 -38.75
C LEU B 688 -22.68 12.93 -38.94
N GLU B 689 -23.90 13.32 -39.29
CA GLU B 689 -24.22 14.74 -39.37
C GLU B 689 -23.89 15.44 -38.06
N LEU B 690 -24.56 15.03 -36.97
CA LEU B 690 -24.38 15.68 -35.68
C LEU B 690 -22.91 15.73 -35.27
N VAL B 691 -22.13 14.71 -35.64
CA VAL B 691 -20.69 14.78 -35.42
C VAL B 691 -20.09 15.91 -36.24
N VAL B 692 -20.58 16.12 -37.46
CA VAL B 692 -20.01 17.17 -38.30
C VAL B 692 -20.32 18.56 -37.74
N GLU B 693 -21.58 18.83 -37.36
CA GLU B 693 -21.85 20.18 -36.86
C GLU B 693 -21.17 20.49 -35.54
N ARG B 694 -20.62 19.49 -34.84
CA ARG B 694 -19.82 19.74 -33.65
C ARG B 694 -18.32 19.64 -33.92
N SER B 695 -17.92 19.59 -35.18
CA SER B 695 -16.51 19.44 -35.52
C SER B 695 -15.72 20.74 -35.39
N ASP B 696 -16.39 21.87 -35.16
CA ASP B 696 -15.74 23.16 -35.00
C ASP B 696 -14.92 23.53 -36.24
N LEU B 697 -15.53 23.39 -37.41
CA LEU B 697 -14.94 23.82 -38.68
C LEU B 697 -15.78 24.95 -39.26
N ASP B 698 -15.41 25.39 -40.46
CA ASP B 698 -16.19 26.39 -41.16
C ASP B 698 -17.50 25.79 -41.66
N GLU B 699 -18.51 26.65 -41.80
CA GLU B 699 -19.83 26.19 -42.20
C GLU B 699 -19.80 25.59 -43.60
N GLU B 700 -19.09 26.24 -44.53
CA GLU B 700 -19.04 25.72 -45.89
C GLU B 700 -18.23 24.42 -45.97
N ARG B 701 -17.23 24.27 -45.12
CA ARG B 701 -16.51 23.00 -45.05
C ARG B 701 -17.42 21.88 -44.55
N LYS B 702 -18.25 22.18 -43.55
CA LYS B 702 -19.24 21.20 -43.12
C LYS B 702 -20.20 20.86 -44.25
N LYS B 703 -20.59 21.87 -45.04
CA LYS B 703 -21.46 21.61 -46.19
C LYS B 703 -20.79 20.68 -47.20
N ARG B 704 -19.51 20.92 -47.51
CA ARG B 704 -18.86 20.05 -48.49
C ARG B 704 -18.65 18.65 -47.95
N ILE B 705 -18.46 18.50 -46.63
CA ILE B 705 -18.39 17.15 -46.06
C ILE B 705 -19.75 16.46 -46.15
N LEU B 706 -20.83 17.16 -45.84
CA LEU B 706 -22.16 16.55 -45.93
C LEU B 706 -22.56 16.25 -47.37
N SER B 707 -21.99 16.98 -48.33
CA SER B 707 -22.41 16.80 -49.73
C SER B 707 -22.16 15.37 -50.21
N ARG B 708 -21.04 14.78 -49.81
CA ARG B 708 -20.64 13.45 -50.26
C ARG B 708 -21.16 12.31 -49.38
N ILE B 709 -21.95 12.61 -48.35
CA ILE B 709 -22.58 11.54 -47.59
C ILE B 709 -23.68 10.90 -48.42
N PHE B 710 -23.64 9.58 -48.55
CA PHE B 710 -24.62 8.85 -49.34
C PHE B 710 -26.00 8.93 -48.68
N GLU C 8 -5.48 16.52 -39.71
CA GLU C 8 -6.26 17.43 -38.87
C GLU C 8 -7.59 16.81 -38.48
N SER C 9 -8.47 17.63 -37.89
CA SER C 9 -9.78 17.14 -37.49
C SER C 9 -10.65 16.73 -38.67
N GLU C 10 -10.37 17.27 -39.86
CA GLU C 10 -11.19 16.93 -41.02
C GLU C 10 -10.90 15.54 -41.55
N CYS C 11 -9.69 15.02 -41.29
CA CYS C 11 -9.34 13.69 -41.78
C CYS C 11 -10.22 12.62 -41.15
N THR C 12 -10.53 12.77 -39.86
CA THR C 12 -11.41 11.81 -39.20
C THR C 12 -12.80 11.81 -39.83
N LEU C 13 -13.34 12.99 -40.12
CA LEU C 13 -14.64 13.08 -40.77
C LEU C 13 -14.61 12.48 -42.16
N ARG C 14 -13.53 12.74 -42.91
CA ARG C 14 -13.39 12.14 -44.23
C ARG C 14 -13.40 10.62 -44.14
N ALA C 15 -12.62 10.07 -43.22
CA ALA C 15 -12.54 8.62 -43.07
C ALA C 15 -13.89 8.04 -42.68
N LEU C 16 -14.59 8.70 -41.77
CA LEU C 16 -15.92 8.22 -41.36
C LEU C 16 -16.90 8.25 -42.54
N VAL C 17 -16.87 9.33 -43.32
CA VAL C 17 -17.78 9.44 -44.46
C VAL C 17 -17.50 8.35 -45.49
N GLU C 18 -16.22 8.14 -45.81
CA GLU C 18 -15.88 7.09 -46.77
C GLU C 18 -16.25 5.70 -46.24
N GLU C 19 -16.03 5.46 -44.95
CA GLU C 19 -16.41 4.17 -44.37
C GLU C 19 -17.91 3.96 -44.45
N TYR C 20 -18.70 5.00 -44.14
CA TYR C 20 -20.15 4.89 -44.23
C TYR C 20 -20.60 4.62 -45.66
N ASN C 21 -20.02 5.35 -46.62
CA ASN C 21 -20.41 5.14 -48.01
C ASN C 21 -20.04 3.74 -48.48
N GLY C 22 -18.84 3.27 -48.14
CA GLY C 22 -18.44 1.93 -48.54
C GLY C 22 -19.29 0.85 -47.90
N ALA C 23 -19.64 1.02 -46.63
CA ALA C 23 -20.48 0.05 -45.96
C ALA C 23 -21.89 0.04 -46.55
N CYS C 24 -22.41 1.20 -46.93
CA CYS C 24 -23.70 1.23 -47.62
C CYS C 24 -23.62 0.54 -48.98
N LYS C 25 -22.53 0.79 -49.73
CA LYS C 25 -22.41 0.20 -51.06
C LYS C 25 -22.10 -1.29 -50.98
N GLU C 26 -21.13 -1.67 -50.14
CA GLU C 26 -20.72 -3.07 -50.04
C GLU C 26 -21.74 -3.93 -49.31
N ALA C 27 -22.55 -3.33 -48.44
CA ALA C 27 -23.59 -4.03 -47.70
C ALA C 27 -24.90 -3.29 -47.93
N PRO C 28 -25.55 -3.52 -49.07
CA PRO C 28 -26.87 -2.90 -49.28
C PRO C 28 -27.91 -3.36 -48.28
N LYS C 29 -27.85 -4.61 -47.86
CA LYS C 29 -28.64 -5.10 -46.74
C LYS C 29 -27.78 -4.89 -45.49
N GLU C 30 -28.18 -5.45 -44.35
CA GLU C 30 -27.52 -5.32 -43.06
C GLU C 30 -27.63 -3.90 -42.50
N MET C 31 -28.20 -2.95 -43.26
CA MET C 31 -28.60 -1.66 -42.73
C MET C 31 -30.09 -1.41 -42.79
N SER C 32 -30.84 -2.21 -43.57
CA SER C 32 -32.29 -2.18 -43.46
C SER C 32 -32.75 -2.71 -42.10
N LYS C 33 -31.88 -3.41 -41.39
CA LYS C 33 -32.18 -3.85 -40.04
C LYS C 33 -32.19 -2.68 -39.08
N GLN C 34 -32.90 -2.85 -37.96
CA GLN C 34 -32.95 -1.83 -36.94
C GLN C 34 -31.58 -1.66 -36.28
N PHE C 35 -31.33 -0.46 -35.76
CA PHE C 35 -30.07 -0.21 -35.08
C PHE C 35 -29.93 -1.08 -33.84
N THR C 36 -31.04 -1.41 -33.19
CA THR C 36 -31.02 -2.28 -32.02
C THR C 36 -30.61 -3.71 -32.34
N ASP C 37 -30.60 -4.08 -33.63
CA ASP C 37 -30.12 -5.39 -34.03
C ASP C 37 -28.61 -5.53 -33.90
N TYR C 38 -27.91 -4.42 -33.61
CA TYR C 38 -26.47 -4.48 -33.39
C TYR C 38 -26.13 -5.41 -32.24
N ASN C 39 -26.94 -5.39 -31.17
CA ASN C 39 -26.72 -6.27 -30.03
C ASN C 39 -26.76 -7.73 -30.43
N THR C 40 -27.42 -8.06 -31.54
CA THR C 40 -27.48 -9.43 -32.04
C THR C 40 -26.37 -9.72 -33.04
N PHE C 41 -26.15 -8.83 -34.01
CA PHE C 41 -25.23 -9.15 -35.09
C PHE C 41 -23.80 -8.70 -34.82
N LYS C 42 -23.50 -8.13 -33.65
CA LYS C 42 -22.12 -7.89 -33.29
C LYS C 42 -21.41 -9.17 -32.90
N ARG C 43 -22.17 -10.20 -32.56
CA ARG C 43 -21.61 -11.49 -32.16
C ARG C 43 -21.27 -12.38 -33.34
N TYR C 44 -21.74 -12.05 -34.54
CA TYR C 44 -21.46 -12.84 -35.74
C TYR C 44 -20.07 -12.46 -36.22
N THR C 45 -19.05 -13.16 -35.72
CA THR C 45 -17.67 -12.89 -36.05
C THR C 45 -16.92 -14.19 -36.32
N THR C 46 -17.58 -15.12 -37.01
CA THR C 46 -16.99 -16.39 -37.39
C THR C 46 -15.80 -16.12 -38.34
N SER C 47 -15.01 -17.17 -38.59
CA SER C 47 -13.76 -17.21 -39.34
C SER C 47 -12.56 -16.77 -38.49
N LYS C 48 -12.78 -16.37 -37.24
CA LYS C 48 -11.70 -16.25 -36.28
C LYS C 48 -11.50 -17.52 -35.47
N LYS C 49 -12.32 -18.54 -35.71
CA LYS C 49 -12.24 -19.78 -34.97
C LYS C 49 -11.04 -20.61 -35.43
N ASP C 50 -10.45 -21.34 -34.48
CA ASP C 50 -9.30 -22.19 -34.75
C ASP C 50 -9.36 -23.37 -33.80
N HIS C 51 -8.67 -24.45 -34.17
CA HIS C 51 -8.61 -25.64 -33.34
C HIS C 51 -7.16 -26.03 -33.11
N ALA C 52 -6.82 -26.26 -31.84
CA ALA C 52 -5.50 -26.72 -31.44
C ALA C 52 -4.36 -25.90 -32.04
N PRO C 53 -4.28 -24.60 -31.74
CA PRO C 53 -3.11 -23.82 -32.15
C PRO C 53 -1.83 -24.29 -31.51
N GLN C 54 -1.90 -24.97 -30.36
CA GLN C 54 -0.71 -25.44 -29.67
C GLN C 54 -0.07 -26.64 -30.37
N MET C 55 -0.84 -27.38 -31.17
CA MET C 55 -0.30 -28.51 -31.90
C MET C 55 0.36 -28.11 -33.22
N ARG C 56 0.30 -26.82 -33.57
CA ARG C 56 0.92 -26.33 -34.79
C ARG C 56 2.06 -25.35 -34.54
N LEU C 57 2.28 -24.94 -33.29
CA LEU C 57 3.23 -23.87 -33.01
C LEU C 57 4.64 -24.24 -33.46
N VAL C 58 5.08 -25.46 -33.15
CA VAL C 58 6.45 -25.86 -33.46
C VAL C 58 6.67 -25.84 -34.96
N TYR C 59 5.72 -26.37 -35.74
CA TYR C 59 5.84 -26.34 -37.18
C TYR C 59 5.62 -24.93 -37.73
N SER C 60 4.65 -24.20 -37.19
CA SER C 60 4.32 -22.88 -37.72
C SER C 60 5.51 -21.93 -37.60
N VAL C 61 6.20 -21.94 -36.46
CA VAL C 61 7.35 -21.08 -36.30
C VAL C 61 8.46 -21.46 -37.27
N ARG C 62 8.60 -22.75 -37.56
CA ARG C 62 9.67 -23.24 -38.41
C ARG C 62 9.32 -23.25 -39.89
N LYS C 63 8.17 -22.71 -40.27
CA LYS C 63 7.86 -22.55 -41.68
C LYS C 63 8.78 -21.51 -42.31
N PRO C 64 8.99 -21.56 -43.63
CA PRO C 64 9.83 -20.55 -44.28
C PRO C 64 9.37 -19.13 -44.05
N TRP C 65 8.06 -18.89 -44.09
CA TRP C 65 7.47 -17.56 -43.92
C TRP C 65 6.32 -17.66 -42.93
N PRO C 66 6.61 -17.61 -41.64
CA PRO C 66 5.57 -17.87 -40.63
C PRO C 66 4.71 -16.67 -40.29
N ILE C 67 5.24 -15.46 -40.44
CA ILE C 67 4.60 -14.25 -39.94
C ILE C 67 3.88 -13.55 -41.08
N SER C 68 2.62 -13.20 -40.86
CA SER C 68 1.80 -12.49 -41.82
C SER C 68 1.63 -11.05 -41.35
N MET C 69 1.98 -10.10 -42.22
CA MET C 69 1.90 -8.68 -41.89
C MET C 69 1.47 -7.90 -43.12
N THR C 70 1.06 -6.66 -42.90
CA THR C 70 0.69 -5.79 -44.00
C THR C 70 1.94 -5.33 -44.75
N PRO C 71 1.83 -5.05 -46.04
CA PRO C 71 2.99 -4.57 -46.81
C PRO C 71 3.51 -3.24 -46.26
N SER C 72 4.78 -3.24 -45.89
CA SER C 72 5.44 -2.05 -45.37
C SER C 72 6.85 -1.97 -45.91
N LYS C 73 7.33 -0.73 -46.09
CA LYS C 73 8.66 -0.49 -46.63
C LYS C 73 9.72 -0.32 -45.54
N GLU C 74 9.33 -0.34 -44.27
CA GLU C 74 10.30 -0.22 -43.18
C GLU C 74 11.10 -1.50 -42.97
N ILE C 75 10.64 -2.62 -43.52
CA ILE C 75 11.34 -3.89 -43.40
C ILE C 75 12.10 -4.14 -44.70
N PRO C 76 13.44 -4.12 -44.68
CA PRO C 76 14.20 -4.38 -45.92
C PRO C 76 13.92 -5.77 -46.46
N LEU C 77 13.94 -5.88 -47.79
CA LEU C 77 13.73 -7.18 -48.43
C LEU C 77 14.82 -8.16 -48.03
N VAL C 78 16.07 -7.71 -48.04
CA VAL C 78 17.21 -8.53 -47.63
C VAL C 78 18.07 -7.71 -46.68
N PHE C 79 18.42 -8.28 -45.53
CA PHE C 79 19.26 -7.62 -44.54
C PHE C 79 20.41 -8.56 -44.18
N ASN C 80 21.63 -8.15 -44.55
CA ASN C 80 22.85 -8.92 -44.25
C ASN C 80 22.76 -10.35 -44.77
N GLY C 81 22.19 -10.50 -45.97
CA GLY C 81 22.10 -11.79 -46.63
C GLY C 81 20.88 -12.62 -46.28
N THR C 82 20.05 -12.17 -45.36
CA THR C 82 18.84 -12.89 -44.97
C THR C 82 17.62 -12.20 -45.56
N LYS C 83 16.76 -12.98 -46.20
CA LYS C 83 15.55 -12.43 -46.82
C LYS C 83 14.47 -12.30 -45.75
N LEU C 84 14.21 -11.06 -45.32
CA LEU C 84 13.30 -10.83 -44.21
C LEU C 84 11.85 -11.04 -44.61
N LYS C 85 11.47 -10.59 -45.80
CA LYS C 85 10.08 -10.64 -46.24
C LYS C 85 9.98 -11.31 -47.60
N ASP C 86 8.80 -11.84 -47.90
CA ASP C 86 8.54 -12.53 -49.16
C ASP C 86 7.33 -11.91 -49.82
N THR C 87 7.49 -11.45 -51.06
CA THR C 87 6.40 -10.89 -51.85
C THR C 87 6.24 -11.62 -53.18
N ILE C 88 6.68 -12.88 -53.26
CA ILE C 88 6.63 -13.60 -54.53
C ILE C 88 5.20 -13.93 -54.91
N LEU C 89 4.40 -14.41 -53.95
CA LEU C 89 3.06 -14.88 -54.27
C LEU C 89 2.08 -13.71 -54.41
N ASP C 90 1.90 -12.93 -53.34
CA ASP C 90 0.97 -11.79 -53.31
C ASP C 90 -0.40 -12.17 -53.89
N LEU C 91 -0.97 -13.25 -53.34
CA LEU C 91 -2.26 -13.73 -53.82
C LEU C 91 -3.35 -12.68 -53.59
N GLY C 92 -3.36 -12.05 -52.43
CA GLY C 92 -4.32 -11.00 -52.15
C GLY C 92 -3.71 -9.62 -52.25
N GLU C 93 -2.39 -9.54 -52.03
CA GLU C 93 -1.59 -8.33 -52.18
C GLU C 93 -1.90 -7.34 -51.06
N SER C 94 -2.91 -7.62 -50.25
CA SER C 94 -3.28 -6.80 -49.11
C SER C 94 -3.30 -7.70 -47.87
N LYS C 95 -2.48 -7.37 -46.88
CA LYS C 95 -2.29 -8.20 -45.70
C LYS C 95 -1.89 -9.61 -46.12
N ARG C 96 -1.05 -9.69 -47.14
CA ARG C 96 -0.67 -10.96 -47.75
C ARG C 96 0.83 -11.23 -47.71
N THR C 97 1.67 -10.19 -47.73
CA THR C 97 3.10 -10.40 -47.67
C THR C 97 3.49 -11.10 -46.37
N ARG C 98 4.45 -12.01 -46.47
CA ARG C 98 4.86 -12.84 -45.35
C ARG C 98 6.29 -12.48 -44.95
N ALA C 99 6.55 -12.51 -43.64
CA ALA C 99 7.83 -12.10 -43.10
C ALA C 99 8.52 -13.28 -42.42
N ASN C 100 9.84 -13.24 -42.39
CA ASN C 100 10.62 -14.27 -41.72
C ASN C 100 10.41 -14.17 -40.20
N ILE C 101 10.65 -15.29 -39.52
CA ILE C 101 10.48 -15.32 -38.07
C ILE C 101 11.44 -14.38 -37.36
N VAL C 102 12.58 -14.06 -38.00
CA VAL C 102 13.57 -13.17 -37.39
C VAL C 102 13.20 -11.70 -37.54
N VAL C 103 12.09 -11.37 -38.18
CA VAL C 103 11.72 -9.97 -38.38
C VAL C 103 11.49 -9.24 -37.07
N PRO C 104 10.75 -9.78 -36.08
CA PRO C 104 10.69 -9.09 -34.78
C PRO C 104 12.06 -8.96 -34.11
N ASP C 105 12.91 -9.97 -34.26
CA ASP C 105 14.26 -9.89 -33.71
C ASP C 105 15.06 -8.78 -34.40
N TYR C 106 14.91 -8.67 -35.72
CA TYR C 106 15.55 -7.57 -36.44
C TYR C 106 15.01 -6.22 -35.97
N TRP C 107 13.70 -6.14 -35.71
CA TRP C 107 13.08 -4.89 -35.29
C TRP C 107 13.44 -4.51 -33.85
N SER C 108 13.83 -5.48 -33.02
CA SER C 108 14.28 -5.15 -31.67
C SER C 108 15.45 -4.18 -31.70
N LYS C 109 16.26 -4.22 -32.77
CA LYS C 109 17.26 -3.23 -33.07
C LYS C 109 16.89 -2.57 -34.40
N TYR C 110 17.78 -1.71 -34.90
CA TYR C 110 17.64 -1.12 -36.24
C TYR C 110 16.21 -0.70 -36.59
N GLY C 111 15.49 -0.14 -35.62
CA GLY C 111 14.09 0.17 -35.82
C GLY C 111 13.75 1.57 -35.38
N SER C 112 12.69 2.11 -35.99
CA SER C 112 12.21 3.43 -35.61
C SER C 112 11.69 3.43 -34.18
N GLN C 113 11.96 4.51 -33.46
CA GLN C 113 11.66 4.60 -32.04
C GLN C 113 10.38 5.38 -31.82
N THR C 114 10.00 5.52 -30.54
CA THR C 114 8.78 6.20 -30.15
C THR C 114 9.08 7.02 -28.90
N SER C 115 8.27 8.05 -28.68
CA SER C 115 8.48 8.91 -27.53
C SER C 115 8.33 8.11 -26.23
N LEU C 116 9.11 8.51 -25.22
CA LEU C 116 9.08 7.83 -23.94
C LEU C 116 7.71 7.94 -23.27
N GLU C 117 6.96 9.01 -23.59
CA GLU C 117 5.61 9.15 -23.04
C GLU C 117 4.71 8.01 -23.50
N VAL C 118 4.84 7.61 -24.78
CA VAL C 118 4.05 6.50 -25.29
C VAL C 118 4.40 5.20 -24.56
N VAL C 119 5.69 4.96 -24.35
CA VAL C 119 6.13 3.76 -23.65
C VAL C 119 5.59 3.75 -22.22
N ASN C 120 5.64 4.90 -21.56
CA ASN C 120 5.10 4.99 -20.19
C ASN C 120 3.60 4.73 -20.19
N ALA C 121 2.88 5.27 -21.17
CA ALA C 121 1.44 5.09 -21.23
C ALA C 121 1.06 3.63 -21.46
N ILE C 122 1.80 2.95 -22.35
CA ILE C 122 1.46 1.57 -22.68
C ILE C 122 1.62 0.66 -21.47
N LEU C 123 2.72 0.81 -20.73
CA LEU C 123 3.03 -0.07 -19.62
C LEU C 123 2.46 0.41 -18.30
N TYR C 124 1.42 1.25 -18.32
CA TYR C 124 0.98 1.93 -17.11
C TYR C 124 0.46 0.94 -16.07
N ALA C 125 -0.48 0.07 -16.46
CA ALA C 125 -1.04 -0.87 -15.48
C ALA C 125 -0.03 -1.92 -15.07
N GLU C 126 0.75 -2.43 -16.02
CA GLU C 126 1.78 -3.40 -15.68
C GLU C 126 2.84 -2.78 -14.77
N ASP C 127 3.21 -1.53 -15.02
CA ASP C 127 4.14 -0.84 -14.13
C ASP C 127 3.54 -0.67 -12.75
N LEU C 128 2.25 -0.36 -12.67
CA LEU C 128 1.60 -0.28 -11.36
C LEU C 128 1.70 -1.61 -10.62
N LYS C 129 1.45 -2.71 -11.33
CA LYS C 129 1.56 -4.02 -10.70
C LYS C 129 2.98 -4.29 -10.22
N VAL C 130 3.99 -3.92 -11.02
CA VAL C 130 5.37 -4.19 -10.66
C VAL C 130 5.79 -3.38 -9.44
N GLN C 131 5.47 -2.08 -9.42
CA GLN C 131 5.80 -1.26 -8.25
C GLN C 131 5.01 -1.71 -7.02
N ARG C 132 3.79 -2.20 -7.22
CA ARG C 132 3.02 -2.73 -6.11
C ARG C 132 3.67 -3.98 -5.54
N PHE C 133 4.23 -4.83 -6.41
CA PHE C 133 4.93 -6.01 -5.93
C PHE C 133 6.20 -5.63 -5.17
N PHE C 134 6.96 -4.68 -5.72
CA PHE C 134 8.24 -4.31 -5.11
C PHE C 134 8.09 -3.31 -3.97
N SER C 135 6.87 -2.87 -3.68
CA SER C 135 6.63 -1.99 -2.54
C SER C 135 6.10 -2.70 -1.32
N THR C 136 5.65 -3.94 -1.43
CA THR C 136 5.17 -4.70 -0.28
C THR C 136 6.33 -5.25 0.52
N GLU C 137 6.23 -5.15 1.84
CA GLU C 137 7.27 -5.67 2.72
C GLU C 137 7.29 -7.19 2.65
N TRP C 138 8.36 -7.75 2.10
CA TRP C 138 8.53 -9.20 2.06
C TRP C 138 8.94 -9.68 3.45
N GLY C 139 7.97 -10.13 4.23
CA GLY C 139 8.23 -10.54 5.61
C GLY C 139 8.94 -11.87 5.72
N GLU C 140 8.79 -12.52 6.87
CA GLU C 140 9.43 -13.79 7.15
C GLU C 140 8.42 -14.92 6.99
N ILE C 141 8.87 -16.02 6.38
CA ILE C 141 7.99 -17.16 6.14
C ILE C 141 7.70 -17.88 7.45
N ARG C 142 6.42 -18.14 7.71
CA ARG C 142 6.00 -18.87 8.91
C ARG C 142 5.36 -20.18 8.45
N TYR C 143 6.14 -21.26 8.46
CA TYR C 143 5.63 -22.55 8.04
C TYR C 143 4.64 -23.08 9.07
N GLY C 144 3.59 -23.76 8.59
CA GLY C 144 2.62 -24.35 9.48
C GLY C 144 1.41 -24.93 8.78
N ARG C 145 0.78 -25.93 9.39
CA ARG C 145 -0.44 -26.51 8.85
C ARG C 145 -1.58 -25.49 8.91
N MET C 146 -2.37 -25.43 7.85
CA MET C 146 -3.38 -24.39 7.71
C MET C 146 -4.69 -25.00 7.24
N LEU C 147 -5.80 -24.56 7.84
CA LEU C 147 -7.12 -24.98 7.40
C LEU C 147 -7.67 -23.90 6.47
N PRO C 148 -7.85 -24.19 5.18
CA PRO C 148 -8.25 -23.14 4.24
C PRO C 148 -9.66 -22.63 4.49
N PHE C 149 -9.86 -21.36 4.15
CA PHE C 149 -11.18 -20.74 4.18
C PHE C 149 -11.46 -20.21 2.79
N ARG C 150 -12.45 -20.80 2.12
CA ARG C 150 -12.76 -20.47 0.73
C ARG C 150 -13.74 -19.31 0.70
N LYS C 151 -13.31 -18.18 0.16
CA LYS C 151 -14.13 -16.98 0.07
C LYS C 151 -13.81 -16.25 -1.22
N PRO C 152 -14.76 -15.49 -1.75
CA PRO C 152 -14.46 -14.66 -2.94
C PRO C 152 -13.63 -13.45 -2.54
N VAL C 153 -12.55 -13.22 -3.29
CA VAL C 153 -11.64 -12.12 -3.03
C VAL C 153 -11.43 -11.33 -4.32
N GLN C 154 -11.13 -10.04 -4.17
CA GLN C 154 -10.95 -9.18 -5.33
C GLN C 154 -9.70 -9.58 -6.10
N ALA C 155 -9.82 -9.61 -7.43
CA ALA C 155 -8.71 -10.07 -8.26
C ALA C 155 -7.56 -9.09 -8.23
N CYS C 156 -7.83 -7.81 -8.43
CA CYS C 156 -6.81 -6.78 -8.46
C CYS C 156 -7.34 -5.52 -7.78
N PRO C 157 -6.47 -4.70 -7.21
CA PRO C 157 -6.93 -3.46 -6.59
C PRO C 157 -7.50 -2.49 -7.61
N THR C 158 -8.45 -1.67 -7.15
CA THR C 158 -9.11 -0.68 -7.99
C THR C 158 -8.78 0.72 -7.49
N ILE C 159 -8.63 1.65 -8.44
CA ILE C 159 -8.35 3.03 -8.06
C ILE C 159 -9.53 3.64 -7.32
N GLU C 160 -10.74 3.14 -7.55
CA GLU C 160 -11.93 3.61 -6.88
C GLU C 160 -13.00 2.53 -7.00
N GLU C 161 -13.68 2.25 -5.89
CA GLU C 161 -14.72 1.23 -5.87
C GLU C 161 -16.07 1.87 -6.18
N VAL C 162 -16.74 1.33 -7.19
CA VAL C 162 -18.03 1.84 -7.67
C VAL C 162 -18.99 0.67 -7.75
N ASN C 163 -20.25 0.91 -7.39
CA ASN C 163 -21.26 -0.13 -7.49
C ASN C 163 -21.48 -0.50 -8.96
N PRO C 164 -21.82 -1.76 -9.23
CA PRO C 164 -21.91 -2.20 -10.64
C PRO C 164 -22.91 -1.42 -11.47
N ALA C 165 -23.99 -0.92 -10.88
CA ALA C 165 -24.98 -0.18 -11.65
C ALA C 165 -24.43 1.13 -12.19
N SER C 166 -23.45 1.72 -11.50
CA SER C 166 -22.91 3.03 -11.87
C SER C 166 -21.68 2.94 -12.75
N ILE C 167 -21.16 1.73 -13.00
CA ILE C 167 -19.97 1.61 -13.86
C ILE C 167 -20.23 2.08 -15.29
N PRO C 168 -21.29 1.65 -15.98
CA PRO C 168 -21.49 2.16 -17.34
C PRO C 168 -21.64 3.67 -17.43
N HIS C 169 -22.32 4.28 -16.46
CA HIS C 169 -22.48 5.73 -16.48
C HIS C 169 -21.16 6.44 -16.20
N THR C 170 -20.34 5.88 -15.30
CA THR C 170 -19.02 6.43 -15.06
C THR C 170 -18.17 6.36 -16.32
N LEU C 171 -18.18 5.24 -17.02
CA LEU C 171 -17.43 5.12 -18.26
C LEU C 171 -17.94 6.08 -19.32
N LEU C 172 -19.27 6.24 -19.40
CA LEU C 172 -19.83 7.18 -20.37
C LEU C 172 -19.39 8.61 -20.07
N GLN C 173 -19.35 8.98 -18.79
CA GLN C 173 -18.88 10.31 -18.43
C GLN C 173 -17.39 10.47 -18.69
N VAL C 174 -16.61 9.39 -18.55
CA VAL C 174 -15.18 9.48 -18.78
C VAL C 174 -14.88 9.65 -20.27
N PHE C 175 -15.49 8.83 -21.11
CA PHE C 175 -15.09 8.74 -22.51
C PHE C 175 -15.90 9.62 -23.45
N CYS C 176 -17.22 9.54 -23.39
CA CYS C 176 -18.10 10.26 -24.32
C CYS C 176 -19.15 11.04 -23.53
N PRO C 177 -18.76 12.13 -22.88
CA PRO C 177 -19.75 12.97 -22.19
C PRO C 177 -20.77 13.60 -23.12
N GLN C 178 -20.44 13.76 -24.40
CA GLN C 178 -21.33 14.45 -25.33
C GLN C 178 -22.57 13.63 -25.67
N TYR C 179 -22.57 12.33 -25.35
CA TYR C 179 -23.68 11.45 -25.67
C TYR C 179 -24.32 10.90 -24.40
N THR C 180 -24.51 11.78 -23.41
CA THR C 180 -25.06 11.38 -22.13
C THR C 180 -26.17 12.36 -21.73
N THR C 181 -26.98 11.92 -20.76
CA THR C 181 -28.04 12.74 -20.20
C THR C 181 -27.69 13.11 -18.75
N LEU C 182 -28.50 14.00 -18.17
CA LEU C 182 -28.26 14.42 -16.80
C LEU C 182 -28.50 13.29 -15.80
N ASP C 183 -29.43 12.37 -16.11
CA ASP C 183 -29.60 11.22 -15.23
C ASP C 183 -28.37 10.32 -15.24
N SER C 184 -27.78 10.11 -16.42
CA SER C 184 -26.55 9.32 -16.51
C SER C 184 -25.42 9.99 -15.74
N LYS C 185 -25.32 11.32 -15.86
CA LYS C 185 -24.31 12.05 -15.10
C LYS C 185 -24.54 11.93 -13.61
N ARG C 186 -25.81 12.00 -13.18
CA ARG C 186 -26.13 11.88 -11.76
C ARG C 186 -25.82 10.50 -11.23
N LYS C 187 -25.96 9.47 -12.05
CA LYS C 187 -25.67 8.11 -11.60
C LYS C 187 -24.19 7.76 -11.67
N ALA C 188 -23.34 8.65 -12.17
CA ALA C 188 -21.92 8.37 -12.29
C ALA C 188 -21.17 8.82 -11.03
N HIS C 189 -20.10 8.10 -10.71
CA HIS C 189 -19.24 8.45 -9.60
C HIS C 189 -18.21 9.47 -10.08
N MET C 190 -18.40 10.73 -9.71
CA MET C 190 -17.60 11.80 -10.28
C MET C 190 -16.14 11.74 -9.85
N GLY C 191 -15.87 11.28 -8.63
CA GLY C 191 -14.48 11.09 -8.23
C GLY C 191 -13.78 10.06 -9.09
N ALA C 192 -14.45 8.93 -9.34
CA ALA C 192 -13.92 7.94 -10.26
C ALA C 192 -13.82 8.49 -11.68
N VAL C 193 -14.75 9.36 -12.07
CA VAL C 193 -14.68 9.97 -13.40
C VAL C 193 -13.41 10.80 -13.53
N GLU C 194 -13.12 11.64 -12.53
CA GLU C 194 -11.93 12.48 -12.58
C GLU C 194 -10.66 11.63 -12.55
N LYS C 195 -10.60 10.62 -11.67
CA LYS C 195 -9.43 9.75 -11.61
C LYS C 195 -9.22 9.03 -12.94
N LEU C 196 -10.29 8.50 -13.53
CA LEU C 196 -10.16 7.77 -14.77
C LEU C 196 -9.78 8.68 -15.92
N LYS C 197 -10.32 9.90 -15.96
CA LYS C 197 -9.93 10.82 -17.02
C LYS C 197 -8.45 11.17 -16.91
N ARG C 198 -7.97 11.42 -15.69
CA ARG C 198 -6.56 11.71 -15.51
C ARG C 198 -5.70 10.51 -15.91
N VAL C 199 -6.14 9.30 -15.59
CA VAL C 199 -5.37 8.11 -15.90
C VAL C 199 -5.33 7.85 -17.41
N MET C 200 -6.48 7.94 -18.07
CA MET C 200 -6.59 7.59 -19.48
C MET C 200 -6.32 8.74 -20.42
N GLU C 201 -5.96 9.92 -19.92
CA GLU C 201 -5.51 10.98 -20.82
C GLU C 201 -4.34 10.53 -21.71
N PRO C 202 -3.27 9.91 -21.18
CA PRO C 202 -2.21 9.44 -22.08
C PRO C 202 -2.51 8.07 -22.68
N ILE C 203 -3.31 7.26 -21.99
CA ILE C 203 -3.52 5.88 -22.42
C ILE C 203 -4.38 5.83 -23.68
N CYS C 204 -5.40 6.70 -23.76
CA CYS C 204 -6.28 6.69 -24.93
C CYS C 204 -5.57 7.07 -26.21
N LYS C 205 -4.38 7.67 -26.11
CA LYS C 205 -3.61 8.00 -27.31
C LYS C 205 -2.91 6.79 -27.91
N VAL C 206 -2.80 5.69 -27.16
CA VAL C 206 -2.09 4.50 -27.61
C VAL C 206 -2.98 3.26 -27.60
N GLN C 207 -4.22 3.37 -27.13
CA GLN C 207 -5.15 2.26 -27.09
C GLN C 207 -6.41 2.62 -27.86
N THR C 208 -6.98 1.64 -28.55
CA THR C 208 -8.22 1.87 -29.29
C THR C 208 -9.37 2.15 -28.32
N GLN C 209 -10.53 2.46 -28.89
CA GLN C 209 -11.68 2.88 -28.08
C GLN C 209 -12.09 1.78 -27.10
N GLU C 210 -12.34 0.58 -27.61
CA GLU C 210 -12.80 -0.52 -26.76
C GLU C 210 -11.71 -0.95 -25.77
N SER C 211 -10.45 -0.95 -26.20
CA SER C 211 -9.36 -1.30 -25.30
C SER C 211 -9.28 -0.34 -24.12
N ALA C 212 -9.35 0.96 -24.39
CA ALA C 212 -9.32 1.95 -23.32
C ALA C 212 -10.55 1.84 -22.43
N VAL C 213 -11.73 1.63 -23.06
CA VAL C 213 -12.95 1.50 -22.28
C VAL C 213 -12.84 0.37 -21.28
N HIS C 214 -12.35 -0.79 -21.73
CA HIS C 214 -12.30 -1.92 -20.83
C HIS C 214 -11.11 -1.89 -19.89
N ILE C 215 -10.04 -1.17 -20.24
CA ILE C 215 -8.98 -0.90 -19.26
C ILE C 215 -9.53 -0.07 -18.11
N ALA C 216 -10.29 0.97 -18.43
CA ALA C 216 -10.92 1.78 -17.38
C ALA C 216 -11.90 0.94 -16.57
N ARG C 217 -12.70 0.12 -17.25
CA ARG C 217 -13.64 -0.75 -16.54
C ARG C 217 -12.91 -1.65 -15.56
N SER C 218 -11.81 -2.28 -16.00
CA SER C 218 -11.03 -3.12 -15.10
C SER C 218 -10.46 -2.31 -13.95
N LEU C 219 -10.06 -1.07 -14.21
CA LEU C 219 -9.57 -0.22 -13.13
C LEU C 219 -10.65 0.12 -12.11
N ILE C 220 -11.93 0.07 -12.49
CA ILE C 220 -12.97 0.35 -11.51
C ILE C 220 -13.94 -0.83 -11.34
N ASP C 221 -13.53 -2.04 -11.68
CA ASP C 221 -14.36 -3.22 -11.48
C ASP C 221 -13.70 -4.15 -10.46
N SER C 222 -14.52 -4.67 -9.53
CA SER C 222 -14.00 -5.53 -8.47
C SER C 222 -13.55 -6.87 -9.03
N ASN C 223 -14.46 -7.61 -9.66
CA ASN C 223 -14.17 -8.92 -10.25
C ASN C 223 -13.65 -9.90 -9.19
N LYS C 224 -14.51 -10.20 -8.22
CA LYS C 224 -14.16 -11.10 -7.14
C LYS C 224 -14.09 -12.54 -7.64
N LYS C 225 -13.17 -13.32 -7.08
CA LYS C 225 -12.98 -14.71 -7.45
C LYS C 225 -12.73 -15.55 -6.20
N TRP C 226 -13.29 -16.76 -6.20
CA TRP C 226 -13.18 -17.65 -5.04
C TRP C 226 -11.79 -18.25 -4.96
N LEU C 227 -11.18 -18.16 -3.78
CA LEU C 227 -9.84 -18.71 -3.55
C LEU C 227 -9.75 -19.18 -2.11
N PRO C 228 -8.93 -20.20 -1.83
CA PRO C 228 -8.72 -20.64 -0.45
C PRO C 228 -7.78 -19.67 0.28
N THR C 229 -8.28 -19.03 1.31
CA THR C 229 -7.53 -18.04 2.07
C THR C 229 -7.25 -18.55 3.48
N VAL C 230 -6.48 -17.76 4.22
CA VAL C 230 -6.14 -18.02 5.61
C VAL C 230 -6.84 -16.99 6.48
N VAL C 231 -7.51 -17.46 7.54
CA VAL C 231 -8.20 -16.55 8.44
C VAL C 231 -7.23 -15.57 9.06
N ASP C 232 -7.74 -14.39 9.41
CA ASP C 232 -6.99 -13.23 9.92
C ASP C 232 -5.69 -13.01 9.14
N HIS C 233 -5.67 -13.39 7.87
CA HIS C 233 -4.53 -13.12 6.99
C HIS C 233 -5.00 -12.77 5.59
N THR C 234 -6.17 -12.16 5.47
CA THR C 234 -6.73 -11.83 4.17
C THR C 234 -5.89 -10.76 3.50
N PRO C 235 -5.32 -11.01 2.31
CA PRO C 235 -4.48 -10.01 1.66
C PRO C 235 -5.27 -8.95 0.90
N ARG C 236 -6.57 -8.84 1.13
CA ARG C 236 -7.51 -7.88 0.55
C ARG C 236 -7.58 -7.95 -0.97
N THR C 237 -6.75 -8.78 -1.61
CA THR C 237 -6.71 -8.90 -3.05
C THR C 237 -5.87 -10.12 -3.39
N ALA C 238 -6.35 -10.91 -4.35
CA ALA C 238 -5.68 -12.15 -4.75
C ALA C 238 -4.48 -11.93 -5.65
N GLU C 239 -4.00 -10.68 -5.77
CA GLU C 239 -2.87 -10.40 -6.65
C GLU C 239 -1.59 -11.09 -6.16
N MET C 240 -1.49 -11.35 -4.86
CA MET C 240 -0.26 -11.85 -4.25
C MET C 240 -0.47 -13.16 -3.50
N ALA C 241 -1.58 -13.85 -3.74
CA ALA C 241 -1.90 -15.04 -2.96
C ALA C 241 -0.87 -16.15 -3.18
N HIS C 242 -0.38 -16.29 -4.41
CA HIS C 242 0.63 -17.30 -4.69
C HIS C 242 1.92 -17.06 -3.92
N PHE C 243 2.25 -15.80 -3.67
CA PHE C 243 3.50 -15.48 -2.98
C PHE C 243 3.30 -15.47 -1.45
N LEU C 244 2.26 -14.79 -0.98
CA LEU C 244 2.08 -14.57 0.45
C LEU C 244 1.33 -15.69 1.16
N CYS C 245 0.80 -16.67 0.43
CA CYS C 245 -0.06 -17.65 1.07
C CYS C 245 0.08 -19.02 0.39
N SER C 246 -0.18 -20.06 1.16
CA SER C 246 -0.22 -21.44 0.69
C SER C 246 -0.79 -22.28 1.83
N LYS C 247 -0.84 -23.59 1.61
CA LYS C 247 -1.29 -24.50 2.65
C LYS C 247 -0.19 -24.85 3.64
N TYR C 248 1.04 -24.37 3.41
CA TYR C 248 2.15 -24.67 4.29
C TYR C 248 2.83 -23.44 4.88
N HIS C 249 2.47 -22.24 4.46
CA HIS C 249 3.19 -21.05 4.88
C HIS C 249 2.35 -19.81 4.62
N TYR C 250 2.68 -18.74 5.35
CA TYR C 250 2.27 -17.40 4.97
C TYR C 250 3.46 -16.47 5.11
N VAL C 251 3.44 -15.38 4.35
CA VAL C 251 4.44 -14.34 4.45
C VAL C 251 3.80 -13.16 5.18
N HIS C 252 4.35 -12.82 6.33
CA HIS C 252 3.79 -11.74 7.13
C HIS C 252 3.96 -10.41 6.41
N THR C 253 2.87 -9.66 6.32
CA THR C 253 2.87 -8.35 5.69
C THR C 253 2.15 -7.35 6.58
N ASN C 254 2.53 -6.08 6.45
CA ASN C 254 1.98 -5.00 7.26
C ASN C 254 1.34 -3.96 6.33
N THR C 255 0.07 -4.20 6.01
CA THR C 255 -0.70 -3.31 5.14
C THR C 255 -1.97 -2.88 5.86
N GLN C 256 -2.24 -1.59 5.87
CA GLN C 256 -3.45 -1.05 6.46
C GLN C 256 -4.56 -0.99 5.40
N ASP C 257 -5.75 -0.60 5.84
CA ASP C 257 -6.89 -0.56 4.92
C ASP C 257 -6.75 0.56 3.90
N LEU C 258 -6.41 1.77 4.36
CA LEU C 258 -6.34 2.96 3.52
C LEU C 258 -7.63 3.15 2.73
N SER C 259 -8.76 2.93 3.40
CA SER C 259 -10.07 3.04 2.78
C SER C 259 -11.00 3.87 3.65
N ASP C 260 -11.99 4.48 3.01
CA ASP C 260 -12.95 5.34 3.69
C ASP C 260 -14.11 4.58 4.31
N THR C 261 -13.99 3.25 4.44
CA THR C 261 -15.08 2.46 5.00
C THR C 261 -15.23 2.74 6.50
N ARG C 262 -14.13 3.00 7.20
CA ARG C 262 -14.19 3.37 8.61
C ARG C 262 -14.96 4.67 8.82
N SER C 263 -14.69 5.66 7.97
CA SER C 263 -15.39 6.94 8.08
C SER C 263 -16.88 6.79 7.75
N ILE C 264 -17.21 5.97 6.76
CA ILE C 264 -18.61 5.73 6.45
C ILE C 264 -19.30 5.02 7.60
N ASP C 265 -18.59 4.09 8.26
CA ASP C 265 -19.11 3.50 9.49
C ASP C 265 -19.38 4.56 10.54
N ASN C 266 -18.45 5.51 10.71
CA ASN C 266 -18.67 6.56 11.71
C ASN C 266 -19.91 7.37 11.39
N LEU C 267 -20.08 7.75 10.12
CA LEU C 267 -21.26 8.52 9.73
C LEU C 267 -22.54 7.74 9.94
N CYS C 268 -22.55 6.46 9.53
CA CYS C 268 -23.73 5.63 9.70
C CYS C 268 -24.03 5.40 11.18
N GLY C 269 -23.00 5.25 12.01
CA GLY C 269 -23.22 5.09 13.43
C GLY C 269 -23.80 6.33 14.06
N GLU C 270 -23.33 7.51 13.67
CA GLU C 270 -23.93 8.74 14.16
C GLU C 270 -25.38 8.85 13.74
N LEU C 271 -25.68 8.52 12.47
CA LEU C 271 -27.07 8.58 12.01
C LEU C 271 -27.95 7.61 12.75
N VAL C 272 -27.48 6.38 12.99
CA VAL C 272 -28.28 5.39 13.70
C VAL C 272 -28.49 5.81 15.15
N LYS C 273 -27.43 6.30 15.81
CA LYS C 273 -27.54 6.69 17.21
C LYS C 273 -28.52 7.85 17.38
N ARG C 274 -28.45 8.84 16.49
CA ARG C 274 -29.39 9.95 16.59
C ARG C 274 -30.79 9.58 16.11
N SER C 275 -30.92 8.56 15.26
CA SER C 275 -32.23 8.13 14.81
C SER C 275 -32.96 7.32 15.86
N LEU C 276 -32.23 6.54 16.68
CA LEU C 276 -32.86 5.76 17.74
C LEU C 276 -33.47 6.62 18.83
N LYS C 277 -33.16 7.91 18.88
CA LYS C 277 -33.66 8.80 19.91
C LYS C 277 -34.97 9.48 19.52
N CYS C 278 -35.49 9.20 18.33
CA CYS C 278 -36.73 9.79 17.85
C CYS C 278 -37.82 8.73 17.76
N ARG C 279 -38.97 9.13 17.24
CA ARG C 279 -40.12 8.24 17.13
C ARG C 279 -40.00 7.36 15.90
N CYS C 280 -40.07 6.03 16.10
CA CYS C 280 -40.04 5.05 15.03
C CYS C 280 -38.84 5.27 14.13
N PRO C 281 -37.64 4.89 14.58
CA PRO C 281 -36.40 5.33 13.90
C PRO C 281 -36.27 4.89 12.45
N LYS C 282 -37.03 3.89 11.99
CA LYS C 282 -36.77 3.31 10.68
C LYS C 282 -36.94 4.32 9.56
N GLU C 283 -38.10 4.99 9.51
CA GLU C 283 -38.34 5.93 8.41
C GLU C 283 -37.52 7.19 8.59
N THR C 284 -37.19 7.56 9.83
CA THR C 284 -36.28 8.69 10.03
C THR C 284 -34.92 8.41 9.40
N LEU C 285 -34.37 7.22 9.66
CA LEU C 285 -33.10 6.85 9.06
C LEU C 285 -33.20 6.78 7.55
N VAL C 286 -34.28 6.19 7.03
CA VAL C 286 -34.44 6.08 5.58
C VAL C 286 -34.51 7.46 4.93
N ALA C 287 -35.27 8.38 5.53
CA ALA C 287 -35.41 9.72 4.98
C ALA C 287 -34.09 10.48 5.04
N ASN C 288 -33.36 10.35 6.15
CA ASN C 288 -32.09 11.07 6.27
C ASN C 288 -31.04 10.52 5.31
N LEU C 289 -31.01 9.20 5.11
CA LEU C 289 -30.07 8.63 4.16
C LEU C 289 -30.37 9.05 2.73
N ASP C 290 -31.58 9.51 2.43
CA ASP C 290 -31.95 9.98 1.11
C ASP C 290 -31.71 11.48 0.93
N LYS C 291 -31.21 12.17 1.95
CA LYS C 291 -30.97 13.60 1.88
C LYS C 291 -29.51 13.97 2.13
N ILE C 292 -28.65 13.01 2.45
CA ILE C 292 -27.25 13.27 2.73
C ILE C 292 -26.42 12.88 1.50
N THR C 293 -25.44 13.71 1.18
CA THR C 293 -24.54 13.45 0.07
C THR C 293 -23.11 13.51 0.56
N ILE C 294 -22.31 12.49 0.24
CA ILE C 294 -20.88 12.48 0.50
C ILE C 294 -20.19 12.90 -0.78
N GLN C 295 -19.36 13.95 -0.70
CA GLN C 295 -18.83 14.64 -1.87
C GLN C 295 -20.04 15.09 -2.70
N GLY C 296 -20.15 14.70 -3.96
CA GLY C 296 -21.35 14.96 -4.73
C GLY C 296 -22.25 13.76 -4.94
N ARG C 297 -21.99 12.64 -4.25
CA ARG C 297 -22.70 11.39 -4.47
C ARG C 297 -23.77 11.21 -3.40
N PRO C 298 -24.99 10.82 -3.77
CA PRO C 298 -26.02 10.59 -2.75
C PRO C 298 -25.65 9.43 -1.84
N MET C 299 -26.16 9.48 -0.61
CA MET C 299 -25.76 8.51 0.40
C MET C 299 -26.17 7.09 0.03
N ARG C 300 -27.28 6.92 -0.67
CA ARG C 300 -27.68 5.59 -1.13
C ARG C 300 -26.61 5.00 -2.04
N GLU C 301 -26.10 5.80 -2.97
CA GLU C 301 -25.13 5.29 -3.93
C GLU C 301 -23.80 4.97 -3.26
N VAL C 302 -23.36 5.80 -2.31
CA VAL C 302 -22.09 5.51 -1.64
C VAL C 302 -22.24 4.32 -0.70
N LEU C 303 -23.43 4.13 -0.12
CA LEU C 303 -23.66 2.91 0.64
C LEU C 303 -23.61 1.68 -0.25
N ALA C 304 -24.17 1.78 -1.46
CA ALA C 304 -24.07 0.68 -2.42
C ALA C 304 -22.64 0.43 -2.85
N ASP C 305 -21.82 1.49 -2.94
CA ASP C 305 -20.44 1.34 -3.37
C ASP C 305 -19.62 0.52 -2.38
N HIS C 306 -19.83 0.75 -1.09
CA HIS C 306 -19.02 0.15 -0.03
C HIS C 306 -19.78 -1.02 0.57
N ASP C 307 -19.42 -2.23 0.15
CA ASP C 307 -20.02 -3.45 0.68
C ASP C 307 -19.11 -4.04 1.75
N GLY C 308 -19.17 -3.44 2.94
CA GLY C 308 -18.27 -3.80 4.02
C GLY C 308 -18.89 -4.75 5.03
N GLU C 309 -18.03 -5.27 5.91
CA GLU C 309 -18.42 -6.20 6.96
C GLU C 309 -18.95 -5.49 8.20
N LEU C 310 -18.86 -4.17 8.25
CA LEU C 310 -19.06 -3.43 9.49
C LEU C 310 -20.55 -3.35 9.86
N PRO C 311 -20.85 -3.24 11.17
CA PRO C 311 -22.25 -3.26 11.62
C PRO C 311 -23.11 -2.10 11.15
N TYR C 312 -22.69 -0.87 11.45
CA TYR C 312 -23.50 0.30 11.11
C TYR C 312 -23.65 0.46 9.60
N LEU C 313 -22.57 0.21 8.87
CA LEU C 313 -22.64 0.18 7.41
C LEU C 313 -23.67 -0.84 6.95
N GLY C 314 -23.69 -2.01 7.59
CA GLY C 314 -24.68 -3.01 7.23
C GLY C 314 -26.10 -2.57 7.52
N ILE C 315 -26.31 -1.91 8.67
CA ILE C 315 -27.64 -1.41 9.01
C ILE C 315 -28.12 -0.42 7.95
N CYS C 316 -27.25 0.51 7.57
CA CYS C 316 -27.65 1.51 6.59
C CYS C 316 -27.82 0.90 5.20
N ARG C 317 -27.04 -0.13 4.86
CA ARG C 317 -27.24 -0.80 3.58
C ARG C 317 -28.57 -1.55 3.56
N VAL C 318 -28.94 -2.17 4.68
CA VAL C 318 -30.24 -2.85 4.75
C VAL C 318 -31.37 -1.84 4.68
N ALA C 319 -31.18 -0.67 5.30
CA ALA C 319 -32.20 0.38 5.22
C ALA C 319 -32.44 0.83 3.78
N MET C 320 -31.42 0.73 2.93
CA MET C 320 -31.54 1.07 1.52
C MET C 320 -31.91 -0.11 0.64
N GLY C 321 -32.24 -1.26 1.24
CA GLY C 321 -32.64 -2.43 0.50
C GLY C 321 -31.50 -3.29 0.00
N LEU C 322 -30.26 -2.93 0.31
CA LEU C 322 -29.10 -3.71 -0.11
C LEU C 322 -28.85 -4.84 0.90
N SER C 323 -27.72 -5.54 0.73
CA SER C 323 -27.36 -6.63 1.62
C SER C 323 -26.24 -6.22 2.55
N THR C 324 -25.95 -7.08 3.51
CA THR C 324 -24.85 -6.88 4.46
C THR C 324 -24.11 -8.19 4.66
N HIS C 325 -22.78 -8.10 4.74
CA HIS C 325 -21.93 -9.25 4.99
C HIS C 325 -21.55 -9.41 6.45
N HIS C 326 -22.11 -8.60 7.34
CA HIS C 326 -21.73 -8.65 8.75
C HIS C 326 -22.04 -10.01 9.35
N THR C 327 -21.13 -10.49 10.19
CA THR C 327 -21.28 -11.76 10.88
C THR C 327 -21.36 -11.50 12.38
N MET C 328 -22.14 -12.33 13.07
CA MET C 328 -22.30 -12.18 14.51
C MET C 328 -20.95 -12.30 15.20
N LYS C 329 -20.60 -11.28 15.99
CA LYS C 329 -19.31 -11.22 16.65
C LYS C 329 -19.50 -11.01 18.15
N ILE C 330 -18.80 -11.83 18.93
CA ILE C 330 -18.77 -11.66 20.38
C ILE C 330 -17.31 -11.46 20.78
N ARG C 331 -17.01 -10.30 21.34
CA ARG C 331 -15.64 -9.92 21.68
C ARG C 331 -14.74 -9.99 20.45
N SER C 332 -14.04 -11.11 20.27
CA SER C 332 -13.16 -11.29 19.12
C SER C 332 -13.48 -12.54 18.33
N THR C 333 -14.57 -13.24 18.63
CA THR C 333 -14.92 -14.49 17.97
C THR C 333 -16.13 -14.28 17.07
N LYS C 334 -16.03 -14.74 15.84
CA LYS C 334 -17.11 -14.65 14.86
C LYS C 334 -17.90 -15.95 14.84
N PHE C 335 -19.22 -15.83 14.81
CA PHE C 335 -20.13 -16.97 14.84
C PHE C 335 -21.02 -16.97 13.60
N SER C 336 -21.17 -18.14 13.01
N SER C 336 -21.19 -18.15 13.01
CA SER C 336 -22.03 -18.32 11.83
CA SER C 336 -22.03 -18.32 11.83
C SER C 336 -22.82 -19.60 12.01
C SER C 336 -22.82 -19.60 11.99
N ILE C 337 -24.15 -19.49 11.94
CA ILE C 337 -25.02 -20.63 12.13
C ILE C 337 -25.04 -21.45 10.85
N LEU C 338 -24.50 -22.67 10.91
CA LEU C 338 -24.54 -23.56 9.75
C LEU C 338 -25.97 -23.98 9.43
N ASN C 339 -26.69 -24.46 10.44
CA ASN C 339 -28.09 -24.82 10.30
C ASN C 339 -28.71 -24.91 11.67
N SER C 340 -29.97 -24.51 11.78
CA SER C 340 -30.67 -24.53 13.06
C SER C 340 -32.14 -24.83 12.82
N ASP C 341 -32.79 -25.37 13.85
CA ASP C 341 -34.21 -25.68 13.75
C ASP C 341 -35.06 -24.41 13.82
N HIS C 342 -34.70 -23.49 14.68
CA HIS C 342 -35.44 -22.25 14.88
C HIS C 342 -34.47 -21.11 15.09
N PRO C 343 -34.88 -19.87 14.82
CA PRO C 343 -34.01 -18.72 15.08
C PRO C 343 -33.70 -18.59 16.56
N ARG C 344 -32.55 -17.99 16.84
CA ARG C 344 -32.17 -17.71 18.22
C ARG C 344 -33.21 -16.82 18.89
N ILE C 345 -33.91 -17.36 19.87
CA ILE C 345 -34.95 -16.62 20.57
C ILE C 345 -34.32 -15.80 21.69
N GLU C 346 -35.07 -14.82 22.18
CA GLU C 346 -34.64 -13.98 23.28
C GLU C 346 -35.63 -14.08 24.43
N VAL C 347 -35.09 -13.99 25.64
CA VAL C 347 -35.89 -14.12 26.86
C VAL C 347 -35.77 -12.82 27.64
N LYS C 348 -36.90 -12.19 27.92
CA LYS C 348 -36.93 -10.97 28.73
C LYS C 348 -36.88 -11.36 30.20
N LYS C 349 -35.66 -11.66 30.66
CA LYS C 349 -35.46 -12.05 32.06
C LYS C 349 -35.49 -10.79 32.92
N VAL C 350 -36.59 -10.59 33.64
CA VAL C 350 -36.74 -9.47 34.54
C VAL C 350 -36.13 -9.85 35.89
N PHE C 351 -35.42 -8.89 36.49
CA PHE C 351 -34.72 -9.11 37.76
C PHE C 351 -35.33 -8.21 38.82
N SER C 352 -36.11 -8.80 39.72
CA SER C 352 -36.71 -8.06 40.83
C SER C 352 -35.84 -8.14 42.08
N LEU C 353 -34.57 -7.74 41.92
CA LEU C 353 -33.66 -7.71 43.07
C LEU C 353 -34.11 -6.67 44.09
N SER C 354 -34.63 -5.54 43.62
CA SER C 354 -35.22 -4.51 44.46
C SER C 354 -36.58 -4.13 43.91
N PRO C 355 -37.52 -3.74 44.78
CA PRO C 355 -38.85 -3.35 44.31
C PRO C 355 -38.80 -2.17 43.34
N ASP C 356 -38.21 -1.06 43.79
CA ASP C 356 -38.11 0.13 42.94
C ASP C 356 -37.03 0.00 41.88
N VAL C 357 -35.93 -0.68 42.19
CA VAL C 357 -34.81 -0.83 41.28
C VAL C 357 -34.89 -2.22 40.66
N GLN C 358 -35.38 -2.28 39.42
CA GLN C 358 -35.44 -3.53 38.66
C GLN C 358 -35.07 -3.25 37.22
N VAL C 359 -34.26 -4.14 36.64
CA VAL C 359 -33.79 -4.01 35.27
C VAL C 359 -34.06 -5.30 34.53
N THR C 360 -34.66 -5.19 33.34
CA THR C 360 -34.96 -6.35 32.49
C THR C 360 -33.82 -6.49 31.49
N ILE C 361 -32.94 -7.45 31.73
CA ILE C 361 -31.79 -7.70 30.85
C ILE C 361 -32.13 -8.92 30.00
N PRO C 362 -32.29 -8.77 28.68
CA PRO C 362 -32.62 -9.92 27.83
C PRO C 362 -31.39 -10.59 27.24
N TYR C 363 -31.45 -11.92 27.19
CA TYR C 363 -30.40 -12.74 26.60
C TYR C 363 -30.99 -13.56 25.46
N ARG C 364 -30.10 -14.12 24.63
CA ARG C 364 -30.50 -14.92 23.50
C ARG C 364 -29.96 -16.35 23.65
N ARG C 365 -30.76 -17.31 23.20
CA ARG C 365 -30.44 -18.73 23.34
C ARG C 365 -30.93 -19.46 22.11
N PHE C 366 -30.78 -20.79 22.12
CA PHE C 366 -31.27 -21.66 21.07
C PHE C 366 -32.44 -22.49 21.58
N LYS C 367 -33.38 -22.75 20.68
CA LYS C 367 -34.42 -23.74 20.91
C LYS C 367 -34.31 -24.80 19.82
N GLY C 368 -34.35 -26.06 20.21
CA GLY C 368 -34.11 -27.14 19.28
C GLY C 368 -32.63 -27.33 19.01
N LYS C 369 -32.35 -28.09 17.96
CA LYS C 369 -30.98 -28.42 17.59
C LYS C 369 -30.40 -27.36 16.67
N ALA C 370 -29.11 -27.09 16.83
CA ALA C 370 -28.43 -26.10 16.01
C ALA C 370 -26.95 -26.49 15.90
N LYS C 371 -26.31 -25.95 14.87
CA LYS C 371 -24.89 -26.20 14.61
C LYS C 371 -24.26 -24.90 14.14
N VAL C 372 -23.30 -24.39 14.91
CA VAL C 372 -22.73 -23.06 14.71
C VAL C 372 -21.24 -23.20 14.47
N TYR C 373 -20.74 -22.53 13.44
CA TYR C 373 -19.31 -22.44 13.17
C TYR C 373 -18.75 -21.22 13.86
N PHE C 374 -17.58 -21.38 14.48
CA PHE C 374 -16.92 -20.28 15.18
C PHE C 374 -15.48 -20.16 14.68
N GLN C 375 -14.99 -18.92 14.67
CA GLN C 375 -13.62 -18.65 14.28
C GLN C 375 -13.06 -17.52 15.15
N ASN C 376 -11.82 -17.69 15.60
CA ASN C 376 -11.15 -16.67 16.41
C ASN C 376 -9.66 -16.87 16.28
N ASP C 377 -8.97 -15.89 15.69
CA ASP C 377 -7.52 -15.97 15.44
C ASP C 377 -7.31 -17.21 14.59
N GLN C 378 -6.38 -18.10 14.93
CA GLN C 378 -6.21 -19.34 14.17
C GLN C 378 -7.12 -20.46 14.63
N ILE C 379 -7.91 -20.24 15.68
CA ILE C 379 -8.83 -21.27 16.16
C ILE C 379 -10.05 -21.31 15.25
N GLN C 380 -10.36 -22.49 14.74
CA GLN C 380 -11.44 -22.65 13.78
C GLN C 380 -12.13 -23.99 14.01
N GLY C 381 -13.45 -23.99 13.97
CA GLY C 381 -14.21 -25.20 14.19
C GLY C 381 -15.69 -24.90 14.28
N TYR C 382 -16.44 -25.90 14.73
CA TYR C 382 -17.87 -25.78 14.90
C TYR C 382 -18.30 -26.54 16.15
N PHE C 383 -19.50 -26.21 16.64
CA PHE C 383 -20.09 -26.93 17.76
C PHE C 383 -21.57 -27.16 17.47
N SER C 384 -22.10 -28.24 18.04
CA SER C 384 -23.51 -28.58 17.92
C SER C 384 -24.17 -28.49 19.30
N CYS C 385 -25.33 -27.87 19.35
CA CYS C 385 -26.04 -27.67 20.60
C CYS C 385 -27.51 -28.02 20.45
N THR C 386 -28.13 -28.40 21.56
CA THR C 386 -29.57 -28.59 21.66
C THR C 386 -30.07 -27.73 22.81
N ASP C 387 -30.97 -26.81 22.51
CA ASP C 387 -31.46 -25.84 23.48
C ASP C 387 -30.30 -25.10 24.13
N ARG C 388 -30.11 -25.30 25.43
CA ARG C 388 -29.01 -24.68 26.16
C ARG C 388 -27.96 -25.70 26.61
N GLN C 389 -27.87 -26.83 25.92
CA GLN C 389 -26.94 -27.89 26.25
C GLN C 389 -26.02 -28.15 25.06
N ILE C 390 -24.71 -28.15 25.31
CA ILE C 390 -23.74 -28.45 24.26
C ILE C 390 -23.68 -29.95 24.05
N ASP C 391 -23.76 -30.37 22.79
CA ASP C 391 -23.63 -31.79 22.46
C ASP C 391 -22.19 -32.15 22.11
N GLU C 392 -21.64 -31.51 21.08
CA GLU C 392 -20.27 -31.77 20.65
C GLU C 392 -19.60 -30.46 20.27
N ILE C 393 -18.28 -30.41 20.47
CA ILE C 393 -17.44 -29.31 20.01
C ILE C 393 -16.25 -29.90 19.27
N LYS C 394 -15.98 -29.38 18.08
CA LYS C 394 -14.82 -29.78 17.31
C LYS C 394 -14.01 -28.55 16.96
N ILE C 395 -12.71 -28.58 17.29
CA ILE C 395 -11.84 -27.41 17.18
C ILE C 395 -10.60 -27.80 16.40
N SER C 396 -10.21 -26.94 15.46
CA SER C 396 -8.94 -27.07 14.74
C SER C 396 -8.08 -25.87 15.11
N ALA C 397 -7.22 -26.04 16.12
CA ALA C 397 -6.42 -24.97 16.68
C ALA C 397 -4.97 -25.42 16.78
N PRO C 398 -4.03 -24.47 16.81
CA PRO C 398 -2.62 -24.84 17.00
C PRO C 398 -2.39 -25.44 18.37
N LYS C 399 -1.34 -26.26 18.46
CA LYS C 399 -1.01 -26.92 19.71
C LYS C 399 -0.60 -25.90 20.78
N ASN C 400 -0.89 -26.25 22.03
CA ASN C 400 -0.56 -25.45 23.21
C ASN C 400 -1.25 -24.09 23.23
N ALA C 401 -2.24 -23.87 22.38
CA ALA C 401 -2.92 -22.60 22.36
C ALA C 401 -3.91 -22.50 23.52
N PRO C 402 -4.08 -21.30 24.07
CA PRO C 402 -5.09 -21.11 25.13
C PRO C 402 -6.47 -20.86 24.53
N LEU C 403 -7.41 -21.74 24.85
CA LEU C 403 -8.77 -21.66 24.32
C LEU C 403 -9.75 -21.12 25.35
N LEU C 404 -9.34 -20.17 26.18
CA LEU C 404 -10.24 -19.59 27.17
C LEU C 404 -11.26 -18.68 26.51
N GLU C 405 -10.79 -17.62 25.85
CA GLU C 405 -11.70 -16.67 25.25
C GLU C 405 -12.62 -17.26 24.18
N PRO C 406 -12.17 -18.13 23.26
CA PRO C 406 -13.14 -18.65 22.28
C PRO C 406 -14.20 -19.52 22.92
N LEU C 407 -13.82 -20.39 23.86
CA LEU C 407 -14.80 -21.24 24.51
C LEU C 407 -15.80 -20.43 25.33
N LEU C 408 -15.33 -19.38 26.03
CA LEU C 408 -16.26 -18.55 26.78
C LEU C 408 -17.14 -17.72 25.87
N ASP C 409 -16.63 -17.29 24.71
CA ASP C 409 -17.50 -16.64 23.73
C ASP C 409 -18.57 -17.59 23.23
N ILE C 410 -18.21 -18.86 23.02
CA ILE C 410 -19.19 -19.87 22.62
C ILE C 410 -20.26 -20.01 23.71
N CYS C 411 -19.83 -20.09 24.96
CA CYS C 411 -20.76 -20.26 26.07
C CYS C 411 -21.71 -19.07 26.18
N TYR C 412 -21.19 -17.85 26.02
CA TYR C 412 -22.06 -16.68 25.99
C TYR C 412 -23.01 -16.70 24.80
N TYR C 413 -22.51 -17.13 23.63
CA TYR C 413 -23.33 -17.15 22.43
C TYR C 413 -24.52 -18.09 22.59
N GLY C 414 -24.30 -19.27 23.17
CA GLY C 414 -25.37 -20.21 23.37
C GLY C 414 -26.08 -20.12 24.70
N SER C 415 -25.62 -19.25 25.60
CA SER C 415 -26.15 -19.18 26.96
C SER C 415 -26.12 -20.54 27.63
N PHE C 416 -25.01 -21.27 27.41
CA PHE C 416 -24.90 -22.64 27.86
C PHE C 416 -24.66 -22.72 29.36
N ILE C 417 -23.56 -22.13 29.83
CA ILE C 417 -23.26 -22.10 31.25
C ILE C 417 -24.30 -21.22 31.95
N GLU C 418 -24.62 -21.58 33.20
CA GLU C 418 -25.68 -20.86 33.89
C GLU C 418 -25.26 -20.23 35.22
N PRO C 419 -24.11 -19.54 35.32
CA PRO C 419 -23.94 -18.60 36.44
C PRO C 419 -24.64 -17.27 36.18
N GLY C 420 -24.68 -16.88 34.91
CA GLY C 420 -25.28 -15.62 34.52
C GLY C 420 -26.59 -15.76 33.77
N PHE C 421 -26.83 -14.84 32.84
CA PHE C 421 -28.06 -14.82 32.03
C PHE C 421 -29.29 -14.75 32.92
N GLU C 422 -29.90 -15.90 33.20
CA GLU C 422 -31.10 -15.90 34.04
C GLU C 422 -30.78 -15.57 35.49
N GLN C 423 -29.56 -15.89 35.95
CA GLN C 423 -29.16 -15.63 37.32
C GLN C 423 -28.44 -14.27 37.40
N THR C 424 -27.84 -13.98 38.55
CA THR C 424 -27.21 -12.69 38.80
C THR C 424 -25.78 -12.80 39.31
N PHE C 425 -25.39 -13.92 39.91
CA PHE C 425 -24.08 -14.14 40.53
C PHE C 425 -23.61 -12.93 41.32
N GLY C 426 -24.51 -12.30 42.05
CA GLY C 426 -24.18 -11.13 42.85
C GLY C 426 -25.38 -10.27 43.21
N TYR C 428 -26.71 -6.65 42.17
CA TYR C 428 -27.93 -6.20 41.48
C TYR C 428 -27.64 -5.89 40.02
N PRO C 429 -28.47 -6.43 39.12
CA PRO C 429 -28.28 -6.16 37.69
C PRO C 429 -28.41 -4.67 37.38
N ALA C 430 -27.57 -4.20 36.47
CA ALA C 430 -27.60 -2.79 36.07
C ALA C 430 -27.00 -2.68 34.68
N GLY C 431 -27.86 -2.55 33.67
CA GLY C 431 -27.41 -2.35 32.30
C GLY C 431 -26.87 -3.60 31.63
N LYS C 432 -26.97 -3.63 30.30
CA LYS C 432 -26.46 -4.78 29.55
C LYS C 432 -24.94 -4.84 29.59
N ARG C 433 -24.27 -3.72 29.31
CA ARG C 433 -22.81 -3.74 29.19
C ARG C 433 -22.13 -4.13 30.49
N GLU C 434 -22.60 -3.59 31.61
CA GLU C 434 -22.03 -3.94 32.91
C GLU C 434 -22.22 -5.42 33.21
N PHE C 435 -23.41 -5.95 32.92
CA PHE C 435 -23.67 -7.38 33.16
C PHE C 435 -22.76 -8.25 32.29
N VAL C 436 -22.58 -7.87 31.02
CA VAL C 436 -21.71 -8.63 30.13
C VAL C 436 -20.26 -8.60 30.62
N ASP C 437 -19.79 -7.42 31.02
CA ASP C 437 -18.43 -7.32 31.53
C ASP C 437 -18.24 -8.15 32.80
N SER C 438 -19.22 -8.11 33.71
CA SER C 438 -19.14 -8.91 34.92
C SER C 438 -19.15 -10.39 34.59
N PHE C 439 -19.97 -10.81 33.63
CA PHE C 439 -19.98 -12.20 33.19
C PHE C 439 -18.61 -12.63 32.70
N PHE C 440 -18.02 -11.84 31.80
CA PHE C 440 -16.72 -12.21 31.24
C PHE C 440 -15.63 -12.23 32.31
N MET C 441 -15.61 -11.25 33.20
CA MET C 441 -14.60 -11.24 34.26
C MET C 441 -14.77 -12.43 35.21
N HIS C 442 -16.01 -12.70 35.61
CA HIS C 442 -16.28 -13.80 36.53
C HIS C 442 -15.86 -15.14 35.92
N HIS C 443 -16.17 -15.36 34.64
CA HIS C 443 -15.80 -16.61 34.02
C HIS C 443 -14.34 -16.64 33.57
N SER C 444 -13.69 -15.49 33.49
CA SER C 444 -12.26 -15.47 33.25
C SER C 444 -11.48 -15.88 34.50
N LYS C 445 -11.89 -15.37 35.67
CA LYS C 445 -11.21 -15.79 36.89
C LYS C 445 -11.73 -17.12 37.41
N ASP C 446 -12.95 -17.53 37.06
CA ASP C 446 -13.53 -18.81 37.48
C ASP C 446 -14.11 -19.51 36.25
N HIS C 447 -13.27 -20.20 35.50
CA HIS C 447 -13.68 -20.94 34.32
C HIS C 447 -13.94 -22.41 34.62
N LYS C 448 -14.78 -22.70 35.61
CA LYS C 448 -15.14 -24.08 35.93
C LYS C 448 -16.53 -24.46 35.45
N ALA C 449 -17.35 -23.47 35.09
CA ALA C 449 -18.68 -23.76 34.55
C ALA C 449 -18.59 -24.57 33.27
N PHE C 450 -17.59 -24.28 32.43
CA PHE C 450 -17.41 -25.05 31.20
C PHE C 450 -17.12 -26.51 31.53
N LEU C 451 -16.26 -26.77 32.51
CA LEU C 451 -15.92 -28.15 32.84
C LEU C 451 -17.10 -28.89 33.45
N ILE C 452 -17.86 -28.22 34.33
CA ILE C 452 -19.01 -28.89 34.94
C ILE C 452 -20.16 -29.03 33.94
N HIS C 453 -20.14 -28.26 32.84
CA HIS C 453 -21.14 -28.39 31.79
C HIS C 453 -20.80 -29.47 30.79
N MET C 454 -19.51 -29.62 30.46
CA MET C 454 -19.08 -30.56 29.44
C MET C 454 -18.74 -31.94 30.00
N GLY C 455 -18.25 -32.02 31.22
CA GLY C 455 -17.80 -33.27 31.79
C GLY C 455 -16.34 -33.53 31.55
N LEU C 456 -15.80 -34.48 32.30
CA LEU C 456 -14.38 -34.82 32.25
C LEU C 456 -14.23 -36.31 31.95
N ASP C 457 -13.15 -36.64 31.26
CA ASP C 457 -12.83 -38.03 30.95
C ASP C 457 -11.33 -38.25 31.15
N LYS C 458 -10.97 -39.50 31.44
CA LYS C 458 -9.57 -39.86 31.67
C LYS C 458 -8.86 -40.27 30.38
N ASP C 459 -9.56 -40.28 29.25
CA ASP C 459 -8.94 -40.66 27.98
C ASP C 459 -7.90 -39.63 27.57
N LEU C 460 -6.72 -40.12 27.18
CA LEU C 460 -5.65 -39.24 26.74
C LEU C 460 -5.79 -38.81 25.28
N SER C 461 -6.66 -39.47 24.52
CA SER C 461 -6.85 -39.11 23.11
C SER C 461 -7.54 -37.75 22.97
N LEU C 462 -8.44 -37.42 23.88
CA LEU C 462 -9.15 -36.15 23.80
C LEU C 462 -8.17 -35.00 24.01
N PRO C 463 -8.13 -34.01 23.11
CA PRO C 463 -7.04 -33.03 23.14
C PRO C 463 -7.27 -31.84 24.08
N LEU C 464 -8.51 -31.60 24.50
CA LEU C 464 -8.81 -30.41 25.29
C LEU C 464 -8.51 -30.67 26.75
N SER C 465 -7.52 -29.94 27.29
CA SER C 465 -7.12 -30.08 28.68
C SER C 465 -8.11 -29.38 29.61
N PRO C 466 -8.17 -29.80 30.89
CA PRO C 466 -9.08 -29.14 31.82
C PRO C 466 -8.79 -27.66 32.02
N GLU C 467 -7.54 -27.23 31.82
CA GLU C 467 -7.19 -25.82 31.90
C GLU C 467 -7.45 -25.08 30.58
N LEU C 468 -8.29 -25.66 29.72
CA LEU C 468 -8.70 -25.03 28.46
C LEU C 468 -7.51 -24.72 27.57
N ASN C 469 -6.65 -25.73 27.38
CA ASN C 469 -5.52 -25.64 26.47
C ASN C 469 -5.58 -26.81 25.49
N TRP C 470 -4.99 -26.59 24.32
CA TRP C 470 -5.08 -27.55 23.21
C TRP C 470 -3.89 -28.49 23.24
N LYS C 471 -4.17 -29.79 23.31
CA LYS C 471 -3.19 -30.88 23.20
C LYS C 471 -2.20 -30.94 24.35
N GLU C 472 -2.41 -30.18 25.42
CA GLU C 472 -1.53 -30.30 26.58
C GLU C 472 -1.90 -31.54 27.38
N PRO C 473 -0.94 -32.43 27.67
CA PRO C 473 -1.26 -33.64 28.43
C PRO C 473 -1.77 -33.31 29.83
N ALA C 474 -2.71 -34.11 30.30
CA ALA C 474 -3.26 -33.95 31.64
C ALA C 474 -3.89 -35.27 32.06
N LEU C 475 -4.13 -35.39 33.37
CA LEU C 475 -4.73 -36.62 33.90
C LEU C 475 -6.14 -36.81 33.37
N SER C 476 -6.94 -35.75 33.33
CA SER C 476 -8.29 -35.80 32.82
C SER C 476 -8.40 -34.92 31.58
N LYS C 477 -9.47 -35.16 30.81
CA LYS C 477 -9.70 -34.41 29.58
C LYS C 477 -11.18 -34.03 29.50
N VAL C 478 -11.45 -32.94 28.79
CA VAL C 478 -12.81 -32.44 28.66
C VAL C 478 -13.58 -33.30 27.67
N CYS C 479 -14.75 -33.77 28.10
CA CYS C 479 -15.51 -34.73 27.32
C CYS C 479 -16.22 -34.05 26.14
N ARG C 480 -16.47 -34.85 25.10
CA ARG C 480 -17.19 -34.42 23.90
C ARG C 480 -16.54 -33.20 23.25
N VAL C 481 -15.21 -33.16 23.25
CA VAL C 481 -14.45 -32.16 22.50
C VAL C 481 -13.35 -32.91 21.76
N THR C 482 -13.47 -32.98 20.44
CA THR C 482 -12.55 -33.72 19.60
C THR C 482 -11.96 -32.81 18.53
N GLU C 483 -10.94 -33.32 17.85
CA GLU C 483 -10.31 -32.57 16.77
C GLU C 483 -11.24 -32.51 15.55
N LEU C 484 -11.09 -31.44 14.78
CA LEU C 484 -11.89 -31.24 13.57
C LEU C 484 -11.44 -32.24 12.51
N ASP C 485 -12.24 -33.28 12.30
CA ASP C 485 -11.85 -34.35 11.39
C ASP C 485 -11.84 -33.89 9.94
N SER C 486 -12.81 -33.05 9.55
CA SER C 486 -12.92 -32.58 8.18
C SER C 486 -13.13 -31.08 8.18
N THR C 487 -12.71 -30.43 7.09
CA THR C 487 -12.84 -28.98 6.98
C THR C 487 -14.31 -28.58 6.99
N VAL C 488 -14.61 -27.53 7.76
CA VAL C 488 -15.96 -27.02 7.89
C VAL C 488 -15.91 -25.51 7.72
N GLN C 489 -16.83 -24.96 6.92
CA GLN C 489 -16.85 -23.56 6.57
C GLN C 489 -18.27 -23.15 6.29
N PRO C 490 -18.69 -21.97 6.74
CA PRO C 490 -20.05 -21.51 6.42
C PRO C 490 -20.23 -21.29 4.93
N TYR C 491 -21.44 -21.56 4.45
CA TYR C 491 -21.79 -21.30 3.06
C TYR C 491 -23.30 -21.17 2.97
N THR C 492 -23.77 -20.06 2.40
CA THR C 492 -25.19 -19.84 2.17
C THR C 492 -25.50 -20.07 0.70
N SER C 493 -26.54 -20.86 0.44
CA SER C 493 -26.91 -21.20 -0.92
C SER C 493 -27.93 -20.22 -1.49
N ALA C 494 -29.08 -20.11 -0.83
CA ALA C 494 -30.08 -19.13 -1.24
C ALA C 494 -29.59 -17.73 -0.95
N THR C 495 -29.93 -16.79 -1.82
CA THR C 495 -29.55 -15.40 -1.63
C THR C 495 -30.27 -14.85 -0.41
N ARG C 496 -29.52 -14.63 0.67
CA ARG C 496 -30.11 -14.12 1.90
C ARG C 496 -30.70 -12.74 1.67
N GLU C 497 -31.93 -12.54 2.14
CA GLU C 497 -32.58 -11.23 2.10
C GLU C 497 -32.85 -10.80 3.52
N PHE C 498 -32.55 -9.54 3.82
CA PHE C 498 -32.52 -9.03 5.19
C PHE C 498 -33.74 -8.18 5.47
N VAL C 499 -34.18 -8.19 6.73
CA VAL C 499 -35.32 -7.43 7.20
C VAL C 499 -34.85 -6.47 8.28
N LEU C 500 -35.20 -5.19 8.13
CA LEU C 500 -34.83 -4.16 9.08
C LEU C 500 -35.99 -3.93 10.04
N GLY C 501 -35.73 -4.08 11.34
CA GLY C 501 -36.75 -3.87 12.34
C GLY C 501 -37.09 -2.40 12.51
N GLU C 502 -38.22 -2.16 13.18
CA GLU C 502 -38.65 -0.79 13.42
C GLU C 502 -37.69 -0.07 14.36
N THR C 503 -37.08 -0.80 15.29
CA THR C 503 -36.03 -0.25 16.16
C THR C 503 -34.64 -0.40 15.54
N LEU C 504 -34.56 -0.47 14.21
CA LEU C 504 -33.31 -0.57 13.47
C LEU C 504 -32.52 -1.82 13.85
N ASN C 505 -33.22 -2.95 13.92
CA ASN C 505 -32.59 -4.25 14.12
C ASN C 505 -32.56 -4.99 12.78
N VAL C 506 -31.39 -5.47 12.39
CA VAL C 506 -31.22 -6.18 11.13
C VAL C 506 -31.51 -7.66 11.39
N TYR C 507 -32.43 -8.23 10.62
CA TYR C 507 -32.81 -9.63 10.75
C TYR C 507 -32.56 -10.36 9.46
N THR C 508 -32.32 -11.66 9.57
CA THR C 508 -32.16 -12.54 8.41
C THR C 508 -33.35 -13.51 8.39
N GLN C 509 -33.92 -13.70 7.20
CA GLN C 509 -35.14 -14.49 7.08
C GLN C 509 -34.84 -15.98 7.23
N HIS C 510 -34.98 -16.48 8.46
CA HIS C 510 -34.89 -17.91 8.70
C HIS C 510 -36.22 -18.57 8.37
N GLU C 511 -36.20 -19.89 8.18
CA GLU C 511 -37.40 -20.61 7.78
C GLU C 511 -38.52 -20.43 8.80
N ASN C 512 -38.24 -20.72 10.07
CA ASN C 512 -39.23 -20.59 11.14
C ASN C 512 -39.12 -19.27 11.87
N GLY C 513 -39.12 -18.15 11.15
CA GLY C 513 -39.07 -16.86 11.82
C GLY C 513 -37.99 -15.92 11.33
N LEU C 514 -37.47 -15.08 12.23
CA LEU C 514 -36.48 -14.08 11.90
C LEU C 514 -35.24 -14.28 12.76
N GLU C 515 -34.07 -14.29 12.13
CA GLU C 515 -32.80 -14.47 12.82
C GLU C 515 -32.12 -13.12 12.99
N LEU C 516 -31.81 -12.76 14.22
CA LEU C 516 -31.13 -11.50 14.49
C LEU C 516 -29.70 -11.56 13.99
N LEU C 517 -29.28 -10.52 13.26
CA LEU C 517 -27.91 -10.42 12.77
C LEU C 517 -27.17 -9.23 13.35
N ILE C 518 -27.73 -8.03 13.25
CA ILE C 518 -27.13 -6.83 13.79
C ILE C 518 -28.13 -6.19 14.73
N CYS C 519 -27.69 -5.85 15.94
CA CYS C 519 -28.57 -5.22 16.91
C CYS C 519 -27.87 -4.05 17.59
N PRO C 520 -28.31 -2.82 17.32
CA PRO C 520 -27.77 -1.66 18.04
C PRO C 520 -28.02 -1.74 19.54
N THR C 521 -27.52 -0.75 20.28
CA THR C 521 -27.54 -0.61 21.74
C THR C 521 -26.52 -1.50 22.41
N GLU C 522 -25.81 -2.36 21.68
CA GLU C 522 -24.63 -3.03 22.20
C GLU C 522 -23.46 -3.00 21.22
N ILE C 523 -23.61 -2.31 20.10
CA ILE C 523 -22.49 -2.09 19.18
C ILE C 523 -21.61 -0.99 19.79
N ARG C 524 -20.44 -1.38 20.28
CA ARG C 524 -19.54 -0.46 20.97
C ARG C 524 -18.49 0.02 19.98
N SER C 525 -18.52 1.31 19.67
CA SER C 525 -17.54 1.92 18.77
C SER C 525 -17.47 3.41 19.07
N THR C 526 -16.25 3.90 19.30
CA THR C 526 -16.06 5.31 19.60
C THR C 526 -16.26 6.15 18.34
N ARG C 527 -16.46 7.45 18.55
CA ARG C 527 -16.66 8.37 17.45
C ARG C 527 -15.36 8.51 16.65
N GLY C 528 -15.51 8.67 15.34
CA GLY C 528 -14.38 8.86 14.45
C GLY C 528 -14.62 9.97 13.46
N PRO C 529 -13.62 10.26 12.63
CA PRO C 529 -13.78 11.30 11.61
C PRO C 529 -14.87 10.94 10.62
N LEU C 530 -15.62 11.95 10.19
CA LEU C 530 -16.60 11.78 9.14
C LEU C 530 -15.91 11.73 7.78
N PRO C 531 -16.54 11.11 6.79
CA PRO C 531 -15.98 11.10 5.44
C PRO C 531 -15.85 12.53 4.91
N PRO C 532 -14.76 12.83 4.20
CA PRO C 532 -14.62 14.17 3.61
C PRO C 532 -15.71 14.43 2.59
N GLY C 533 -16.18 15.68 2.55
CA GLY C 533 -17.23 16.06 1.63
C GLY C 533 -18.63 15.72 2.07
N THR C 534 -18.83 15.34 3.32
CA THR C 534 -20.17 15.03 3.81
C THR C 534 -21.02 16.30 3.87
N ASN C 535 -22.25 16.19 3.38
CA ASN C 535 -23.18 17.31 3.35
C ASN C 535 -24.42 16.94 4.15
N LEU C 536 -24.58 17.54 5.32
CA LEU C 536 -25.72 17.29 6.19
C LEU C 536 -26.73 18.42 6.18
N SER C 537 -26.65 19.33 5.20
CA SER C 537 -27.54 20.49 5.18
C SER C 537 -29.00 20.06 5.02
N GLY C 538 -29.25 19.08 4.14
CA GLY C 538 -30.61 18.63 3.92
C GLY C 538 -31.15 17.67 4.94
N SER C 539 -30.33 17.20 5.88
CA SER C 539 -30.75 16.23 6.86
C SER C 539 -31.25 16.91 8.13
N GLU C 540 -31.84 16.10 9.00
CA GLU C 540 -32.37 16.59 10.28
C GLU C 540 -31.33 16.61 11.38
N PHE C 541 -30.13 16.07 11.14
CA PHE C 541 -29.07 16.00 12.14
C PHE C 541 -27.86 16.74 11.60
N ILE C 542 -27.80 18.04 11.86
CA ILE C 542 -26.64 18.83 11.50
C ILE C 542 -25.61 18.83 12.62
N ASP C 543 -26.03 18.61 13.86
CA ASP C 543 -25.14 18.56 15.01
C ASP C 543 -24.16 17.39 14.96
N ILE C 544 -24.26 16.52 13.95
CA ILE C 544 -23.26 15.47 13.79
C ILE C 544 -21.88 16.07 13.56
N TYR C 545 -21.82 17.18 12.84
CA TYR C 545 -20.58 17.93 12.69
C TYR C 545 -20.06 18.34 14.06
N GLN C 546 -18.77 18.15 14.29
CA GLN C 546 -18.12 18.59 15.51
C GLN C 546 -17.47 19.95 15.37
N ASP C 547 -17.62 20.61 14.23
CA ASP C 547 -17.02 21.91 13.97
C ASP C 547 -18.11 22.97 13.91
N PRO C 548 -18.00 24.04 14.69
CA PRO C 548 -19.01 25.11 14.62
C PRO C 548 -19.14 25.73 13.24
N PHE C 549 -18.03 25.87 12.52
CA PHE C 549 -18.08 26.47 11.19
C PHE C 549 -18.90 25.61 10.23
N SER C 550 -18.67 24.30 10.25
CA SER C 550 -19.44 23.40 9.39
C SER C 550 -20.90 23.38 9.78
N ARG C 551 -21.19 23.39 11.08
CA ARG C 551 -22.58 23.42 11.56
C ARG C 551 -23.30 24.66 11.05
N ALA C 552 -22.69 25.83 11.23
CA ALA C 552 -23.32 27.06 10.79
C ALA C 552 -23.47 27.09 9.27
N LYS C 553 -22.45 26.63 8.55
CA LYS C 553 -22.53 26.64 7.09
C LYS C 553 -23.65 25.74 6.59
N SER C 554 -23.77 24.54 7.16
CA SER C 554 -24.84 23.63 6.74
C SER C 554 -26.21 24.20 7.09
N LEU C 555 -26.36 24.75 8.30
CA LEU C 555 -27.65 25.32 8.68
C LEU C 555 -28.05 26.47 7.77
N LEU C 556 -27.09 27.34 7.44
CA LEU C 556 -27.41 28.48 6.59
C LEU C 556 -27.68 28.05 5.15
N LYS C 557 -26.97 27.04 4.65
CA LYS C 557 -27.29 26.51 3.33
C LYS C 557 -28.68 25.90 3.32
N SER C 558 -29.09 25.27 4.43
CA SER C 558 -30.44 24.72 4.51
C SER C 558 -31.49 25.82 4.48
N THR C 559 -31.28 26.89 5.25
CA THR C 559 -32.32 27.92 5.34
C THR C 559 -32.36 28.81 4.10
N ILE C 560 -31.20 29.21 3.57
CA ILE C 560 -31.17 30.17 2.46
C ILE C 560 -31.77 29.57 1.20
N LEU C 561 -31.34 28.37 0.83
CA LEU C 561 -31.65 27.82 -0.48
C LEU C 561 -33.10 27.34 -0.59
N HIS C 562 -33.81 27.19 0.52
CA HIS C 562 -35.18 26.68 0.51
C HIS C 562 -36.07 27.60 1.33
N ALA C 563 -37.19 28.01 0.73
CA ALA C 563 -38.09 28.94 1.39
C ALA C 563 -38.90 28.27 2.49
N GLU C 564 -39.36 27.03 2.25
CA GLU C 564 -40.19 26.36 3.23
C GLU C 564 -39.43 26.03 4.50
N ARG C 565 -38.16 25.62 4.37
CA ARG C 565 -37.35 25.36 5.55
C ARG C 565 -37.11 26.64 6.34
N CYS C 566 -36.89 27.75 5.64
CA CYS C 566 -36.75 29.03 6.32
C CYS C 566 -38.03 29.41 7.06
N LYS C 567 -39.19 29.19 6.43
CA LYS C 567 -40.47 29.42 7.09
C LYS C 567 -40.56 28.62 8.39
N GLU C 568 -40.30 27.32 8.30
CA GLU C 568 -40.42 26.46 9.48
C GLU C 568 -39.43 26.85 10.56
N PHE C 569 -38.19 27.16 10.18
CA PHE C 569 -37.16 27.55 11.14
C PHE C 569 -37.55 28.83 11.86
N VAL C 570 -37.97 29.85 11.11
CA VAL C 570 -38.35 31.12 11.72
C VAL C 570 -39.57 30.93 12.63
N GLY C 571 -40.54 30.14 12.18
CA GLY C 571 -41.72 29.90 13.00
C GLY C 571 -41.39 29.20 14.30
N ASN C 572 -40.55 28.16 14.25
CA ASN C 572 -40.20 27.44 15.46
C ASN C 572 -39.36 28.31 16.40
N MET C 573 -38.40 29.07 15.86
CA MET C 573 -37.58 29.91 16.72
C MET C 573 -38.40 31.03 17.36
N LEU C 574 -39.32 31.63 16.59
CA LEU C 574 -40.10 32.75 17.11
C LEU C 574 -41.06 32.30 18.21
N GLU C 575 -41.70 31.15 18.04
CA GLU C 575 -42.70 30.66 18.98
C GLU C 575 -42.15 29.62 19.94
N GLU C 576 -40.83 29.43 19.97
CA GLU C 576 -40.18 28.49 20.89
C GLU C 576 -40.66 27.05 20.67
N TYR C 577 -41.05 26.72 19.45
CA TYR C 577 -41.46 25.36 19.16
C TYR C 577 -40.25 24.46 18.93
N GLN C 578 -40.48 23.15 19.01
CA GLN C 578 -39.40 22.19 18.80
C GLN C 578 -38.95 22.21 17.35
N ASP C 579 -37.64 22.25 17.14
CA ASP C 579 -37.05 22.33 15.81
C ASP C 579 -35.97 21.27 15.67
N PRO C 580 -35.77 20.75 14.46
CA PRO C 580 -34.68 19.78 14.26
C PRO C 580 -33.30 20.34 14.57
N ALA C 581 -33.10 21.64 14.45
CA ALA C 581 -31.79 22.27 14.61
C ALA C 581 -31.67 23.07 15.91
N GLU C 582 -32.40 22.66 16.96
CA GLU C 582 -32.29 23.36 18.22
C GLU C 582 -30.90 23.24 18.82
N THR C 583 -30.32 22.04 18.78
CA THR C 583 -28.99 21.83 19.37
C THR C 583 -27.93 22.64 18.63
N THR C 584 -27.99 22.66 17.30
CA THR C 584 -27.01 23.42 16.52
C THR C 584 -27.12 24.91 16.82
N VAL C 585 -28.35 25.44 16.86
CA VAL C 585 -28.54 26.86 17.13
C VAL C 585 -28.04 27.20 18.53
N GLN C 586 -28.36 26.35 19.51
CA GLN C 586 -27.89 26.59 20.87
C GLN C 586 -26.37 26.53 20.98
N SER C 587 -25.74 25.66 20.19
CA SER C 587 -24.28 25.54 20.25
C SER C 587 -23.56 26.60 19.43
N LEU C 588 -24.26 27.29 18.53
CA LEU C 588 -23.59 28.29 17.71
C LEU C 588 -23.47 29.64 18.41
N VAL C 589 -24.54 30.08 19.06
CA VAL C 589 -24.55 31.41 19.67
C VAL C 589 -24.11 31.31 21.13
N PRO C 590 -23.21 32.19 21.58
CA PRO C 590 -22.82 32.19 23.00
C PRO C 590 -23.99 32.53 23.90
N ILE C 591 -23.79 32.29 25.19
CA ILE C 591 -24.79 32.66 26.20
C ILE C 591 -24.92 34.17 26.18
N ASN C 592 -26.08 34.67 25.75
CA ASN C 592 -26.29 36.09 25.50
C ASN C 592 -27.60 36.53 26.14
N THR C 593 -27.96 37.78 25.91
CA THR C 593 -29.21 38.38 26.36
C THR C 593 -29.85 39.19 25.23
N TRP C 594 -29.86 38.61 24.04
CA TRP C 594 -30.44 39.27 22.87
C TRP C 594 -31.66 38.53 22.34
N GLY C 595 -32.19 37.57 23.09
CA GLY C 595 -33.30 36.78 22.58
C GLY C 595 -34.57 37.58 22.41
N LYS C 596 -34.92 38.42 23.40
CA LYS C 596 -36.15 39.19 23.31
C LYS C 596 -36.08 40.20 22.17
N SER C 597 -34.94 40.87 22.00
CA SER C 597 -34.81 41.82 20.89
C SER C 597 -34.87 41.10 19.55
N ALA C 598 -34.25 39.92 19.46
CA ALA C 598 -34.32 39.16 18.22
C ALA C 598 -35.74 38.75 17.90
N LYS C 599 -36.49 38.28 18.90
CA LYS C 599 -37.89 37.91 18.69
C LYS C 599 -38.72 39.11 18.26
N ARG C 600 -38.48 40.27 18.89
CA ARG C 600 -39.13 41.49 18.44
C ARG C 600 -38.86 41.74 16.97
N LYS C 601 -37.58 41.87 16.61
CA LYS C 601 -37.20 42.12 15.22
C LYS C 601 -37.87 41.13 14.27
N LEU C 602 -37.96 39.86 14.69
CA LEU C 602 -38.73 38.89 13.93
C LEU C 602 -40.18 39.35 13.76
N GLN C 603 -40.80 39.82 14.85
CA GLN C 603 -42.20 40.23 14.77
C GLN C 603 -42.40 41.38 13.78
N GLU C 604 -41.61 42.45 13.92
CA GLU C 604 -41.80 43.56 12.98
C GLU C 604 -41.43 43.19 11.54
N GLU C 605 -40.41 42.35 11.35
CA GLU C 605 -40.04 41.99 9.98
C GLU C 605 -41.11 41.10 9.34
N ILE C 606 -41.74 40.21 10.12
CA ILE C 606 -42.82 39.40 9.56
C ILE C 606 -44.04 40.26 9.25
N THR C 607 -44.42 41.14 10.19
CA THR C 607 -45.62 41.95 9.98
C THR C 607 -45.44 42.93 8.81
N SER C 608 -44.26 43.55 8.72
CA SER C 608 -44.02 44.53 7.66
C SER C 608 -44.04 43.87 6.29
N ASP C 609 -43.41 42.70 6.17
CA ASP C 609 -43.29 42.01 4.89
C ASP C 609 -43.81 40.58 5.00
N PRO C 610 -45.11 40.35 4.78
CA PRO C 610 -45.60 38.96 4.73
C PRO C 610 -45.01 38.15 3.59
N ASP C 611 -44.44 38.80 2.59
CA ASP C 611 -43.88 38.14 1.40
C ASP C 611 -42.36 38.07 1.47
N TRP C 612 -41.80 37.88 2.67
CA TRP C 612 -40.35 37.94 2.85
C TRP C 612 -39.65 36.70 2.32
N HIS C 613 -40.31 35.55 2.36
CA HIS C 613 -39.64 34.29 2.06
C HIS C 613 -39.51 34.02 0.57
N GLN C 614 -39.07 35.01 -0.19
CA GLN C 614 -38.69 34.84 -1.59
C GLN C 614 -37.36 35.49 -1.94
N CYS C 615 -36.92 36.50 -1.20
CA CYS C 615 -35.63 37.12 -1.44
C CYS C 615 -34.59 36.47 -0.55
N PRO C 616 -33.54 35.85 -1.11
CA PRO C 616 -32.53 35.20 -0.26
C PRO C 616 -31.87 36.14 0.73
N ARG C 617 -31.76 37.43 0.42
CA ARG C 617 -31.23 38.38 1.39
C ARG C 617 -32.14 38.50 2.61
N LYS C 618 -33.45 38.58 2.36
CA LYS C 618 -34.40 38.59 3.47
C LYS C 618 -34.35 37.28 4.24
N ARG C 619 -34.18 36.16 3.54
CA ARG C 619 -34.04 34.89 4.24
C ARG C 619 -32.79 34.88 5.12
N ALA C 620 -31.70 35.48 4.64
CA ALA C 620 -30.48 35.55 5.45
C ALA C 620 -30.70 36.39 6.71
N LYS C 621 -31.35 37.55 6.56
CA LYS C 621 -31.61 38.39 7.73
C LYS C 621 -32.52 37.67 8.72
N MET C 622 -33.58 37.02 8.22
CA MET C 622 -34.49 36.30 9.10
C MET C 622 -33.80 35.12 9.77
N SER C 623 -32.91 34.44 9.05
CA SER C 623 -32.17 33.32 9.63
C SER C 623 -31.25 33.79 10.74
N TYR C 624 -30.56 34.92 10.53
CA TYR C 624 -29.71 35.47 11.58
C TYR C 624 -30.53 35.82 12.82
N LEU C 625 -31.66 36.50 12.60
CA LEU C 625 -32.51 36.89 13.73
C LEU C 625 -33.06 35.66 14.46
N ALA C 626 -33.46 34.63 13.72
CA ALA C 626 -34.00 33.42 14.34
C ALA C 626 -32.93 32.65 15.09
N ILE C 627 -31.71 32.60 14.53
CA ILE C 627 -30.61 31.92 15.21
C ILE C 627 -30.31 32.60 16.52
N ILE C 628 -30.30 33.94 16.54
CA ILE C 628 -30.10 34.64 17.81
C ILE C 628 -31.29 34.40 18.74
N ALA C 629 -32.50 34.33 18.18
CA ALA C 629 -33.70 34.18 19.01
C ALA C 629 -33.71 32.84 19.72
N GLY C 630 -33.28 31.77 19.06
CA GLY C 630 -33.32 30.45 19.64
C GLY C 630 -32.09 30.09 20.44
N SER C 631 -31.29 31.09 20.79
CA SER C 631 -30.06 30.89 21.52
C SER C 631 -30.33 30.63 23.00
N ILE C 632 -29.29 30.21 23.71
CA ILE C 632 -29.36 29.99 25.14
C ILE C 632 -29.20 31.33 25.84
N GLN C 633 -30.27 31.82 26.44
CA GLN C 633 -30.26 33.11 27.10
C GLN C 633 -29.79 32.97 28.55
N ASP C 634 -29.41 34.10 29.14
CA ASP C 634 -28.96 34.15 30.52
C ASP C 634 -30.06 34.74 31.39
N ARG C 635 -30.22 34.19 32.59
CA ARG C 635 -31.30 34.61 33.47
C ARG C 635 -30.95 35.88 34.24
N ASP C 636 -29.80 35.89 34.91
CA ASP C 636 -29.44 37.01 35.79
C ASP C 636 -28.78 38.14 35.02
N LYS C 637 -29.47 38.64 33.98
CA LYS C 637 -28.98 39.79 33.24
C LYS C 637 -30.14 40.36 32.42
N LYS C 638 -30.26 41.68 32.41
CA LYS C 638 -31.34 42.33 31.69
C LYS C 638 -31.10 42.25 30.19
N GLN C 639 -32.19 42.14 29.43
CA GLN C 639 -32.11 41.98 28.00
C GLN C 639 -31.61 43.27 27.34
N THR C 640 -30.83 43.12 26.27
CA THR C 640 -30.29 44.24 25.53
C THR C 640 -30.66 44.10 24.06
N ASN C 641 -30.45 45.18 23.31
CA ASN C 641 -30.78 45.19 21.89
C ASN C 641 -29.87 44.23 21.12
N VAL C 642 -30.44 43.64 20.07
CA VAL C 642 -29.69 42.67 19.26
C VAL C 642 -28.56 43.38 18.53
N PRO C 643 -27.35 42.84 18.52
CA PRO C 643 -26.24 43.50 17.83
C PRO C 643 -26.29 43.28 16.33
N ARG C 644 -25.55 44.13 15.60
CA ARG C 644 -25.43 43.96 14.16
C ARG C 644 -24.74 42.65 13.82
N ALA C 645 -23.69 42.29 14.56
CA ALA C 645 -22.97 41.06 14.31
C ALA C 645 -22.50 40.48 15.63
N PHE C 646 -22.33 39.16 15.66
CA PHE C 646 -21.84 38.45 16.83
C PHE C 646 -20.81 37.42 16.39
N MET C 647 -20.13 36.84 17.38
CA MET C 647 -19.09 35.85 17.14
C MET C 647 -19.58 34.48 17.58
N LEU C 648 -19.28 33.46 16.78
CA LEU C 648 -19.73 32.11 17.08
C LEU C 648 -19.07 31.61 18.37
N ARG C 649 -19.77 30.72 19.07
CA ARG C 649 -19.28 30.23 20.35
C ARG C 649 -17.98 29.48 20.18
N GLY C 650 -16.99 29.84 20.99
CA GLY C 650 -15.69 29.19 20.94
C GLY C 650 -14.99 29.30 19.61
N SER C 651 -15.11 30.46 18.95
CA SER C 651 -14.52 30.64 17.64
C SER C 651 -14.37 32.13 17.35
N GLN C 652 -13.58 32.44 16.34
CA GLN C 652 -13.33 33.81 15.91
C GLN C 652 -14.01 34.12 14.58
N ILE C 653 -15.06 33.38 14.27
CA ILE C 653 -15.82 33.58 13.03
C ILE C 653 -16.97 34.53 13.30
N GLU C 654 -17.08 35.56 12.49
CA GLU C 654 -18.09 36.61 12.67
C GLU C 654 -19.30 36.32 11.79
N TYR C 655 -20.49 36.38 12.39
CA TYR C 655 -21.75 36.27 11.68
C TYR C 655 -22.42 37.64 11.72
N ASP C 656 -22.76 38.18 10.55
CA ASP C 656 -23.20 39.56 10.42
C ASP C 656 -24.62 39.61 9.85
N MET C 657 -25.45 40.48 10.43
CA MET C 657 -26.82 40.64 9.96
C MET C 657 -26.85 41.18 8.54
N LYS C 658 -26.11 42.24 8.26
CA LYS C 658 -26.08 42.83 6.94
C LYS C 658 -25.36 41.96 5.92
N ALA C 659 -24.66 40.92 6.38
CA ALA C 659 -23.95 39.98 5.51
C ALA C 659 -22.96 40.70 4.60
N THR C 660 -22.22 41.64 5.17
CA THR C 660 -21.16 42.32 4.45
C THR C 660 -19.79 41.67 4.65
N ARG C 661 -19.65 40.86 5.70
CA ARG C 661 -18.36 40.24 6.00
C ARG C 661 -18.61 39.02 6.89
N GLY C 662 -17.63 38.14 6.93
CA GLY C 662 -17.65 37.03 7.86
C GLY C 662 -18.23 35.78 7.25
N LEU C 663 -19.14 35.12 7.97
CA LEU C 663 -19.62 33.81 7.56
C LEU C 663 -20.54 33.91 6.34
N VAL C 664 -21.37 34.95 6.27
CA VAL C 664 -22.27 35.16 5.15
C VAL C 664 -21.94 36.49 4.49
N VAL C 665 -21.76 36.47 3.18
CA VAL C 665 -21.50 37.67 2.39
C VAL C 665 -22.46 37.67 1.21
N ASP C 666 -23.32 38.68 1.13
CA ASP C 666 -24.33 38.79 0.07
C ASP C 666 -24.03 39.98 -0.83
N THR C 667 -23.16 39.75 -1.82
CA THR C 667 -22.91 40.76 -2.82
C THR C 667 -24.10 40.87 -3.77
N THR C 668 -24.10 41.92 -4.59
CA THR C 668 -25.17 42.10 -5.56
C THR C 668 -25.19 40.95 -6.56
N ASN C 669 -24.01 40.50 -6.99
CA ASN C 669 -23.95 39.45 -8.01
C ASN C 669 -24.31 38.08 -7.42
N ARG C 670 -23.87 37.81 -6.20
CA ARG C 670 -24.01 36.46 -5.65
C ARG C 670 -23.97 36.52 -4.13
N ILE C 671 -24.34 35.40 -3.51
CA ILE C 671 -24.30 35.22 -2.06
C ILE C 671 -23.29 34.14 -1.74
N ILE C 672 -22.40 34.42 -0.80
CA ILE C 672 -21.36 33.50 -0.37
C ILE C 672 -21.59 33.16 1.09
N VAL C 673 -21.73 31.86 1.38
CA VAL C 673 -21.92 31.37 2.74
C VAL C 673 -20.77 30.44 3.06
N GLY C 674 -19.94 30.84 4.02
CA GLY C 674 -18.79 30.05 4.40
C GLY C 674 -17.78 29.87 3.29
N GLY C 675 -17.55 30.91 2.51
CA GLY C 675 -16.58 30.85 1.42
C GLY C 675 -17.08 30.16 0.16
N GLU C 676 -18.33 29.74 0.12
CA GLU C 676 -18.89 29.02 -1.02
C GLU C 676 -20.07 29.81 -1.57
N THR C 677 -20.12 29.94 -2.90
CA THR C 677 -21.19 30.66 -3.57
C THR C 677 -22.42 29.77 -3.61
N VAL C 678 -23.32 29.97 -2.64
CA VAL C 678 -24.52 29.14 -2.57
C VAL C 678 -25.48 29.48 -3.70
N LEU C 679 -25.65 30.77 -4.00
CA LEU C 679 -26.64 31.21 -4.97
C LEU C 679 -26.04 32.25 -5.90
N ARG C 680 -26.33 32.11 -7.19
CA ARG C 680 -25.91 33.05 -8.21
C ARG C 680 -27.15 33.73 -8.78
N GLU C 681 -27.01 35.02 -9.12
CA GLU C 681 -28.18 35.81 -9.48
C GLU C 681 -28.87 35.29 -10.74
N GLY C 682 -28.10 34.91 -11.75
CA GLY C 682 -28.69 34.49 -13.01
C GLY C 682 -28.28 33.11 -13.50
N LYS C 683 -27.10 32.66 -13.12
CA LYS C 683 -26.52 31.41 -13.62
C LYS C 683 -26.43 30.42 -12.46
N GLY C 684 -27.52 29.68 -12.25
CA GLY C 684 -27.54 28.69 -11.19
C GLY C 684 -28.72 27.76 -11.35
N GLY C 685 -28.67 26.66 -10.61
CA GLY C 685 -29.72 25.67 -10.64
C GLY C 685 -30.23 25.24 -9.28
N PRO C 686 -30.42 26.18 -8.35
CA PRO C 686 -30.79 25.76 -6.98
C PRO C 686 -32.10 24.98 -6.92
N GLU C 687 -33.06 25.31 -7.78
CA GLU C 687 -34.33 24.61 -7.83
C GLU C 687 -34.29 23.37 -8.71
N GLY C 688 -33.20 23.15 -9.45
CA GLY C 688 -33.06 21.94 -10.23
C GLY C 688 -33.72 22.01 -11.59
N TYR C 689 -33.65 20.88 -12.29
CA TYR C 689 -34.20 20.74 -13.63
C TYR C 689 -35.08 19.50 -13.69
N VAL C 690 -36.01 19.49 -14.65
CA VAL C 690 -36.80 18.32 -14.96
C VAL C 690 -36.61 17.99 -16.43
N GLN C 691 -36.89 16.74 -16.78
CA GLN C 691 -36.53 16.24 -18.11
C GLN C 691 -37.39 16.90 -19.19
N THR C 692 -38.70 16.69 -19.15
CA THR C 692 -39.66 17.35 -20.03
C THR C 692 -39.31 17.14 -21.51
N GLY C 693 -39.39 15.88 -21.93
CA GLY C 693 -39.31 15.67 -23.37
C GLY C 693 -38.21 14.74 -23.84
N VAL C 694 -38.60 13.79 -24.68
CA VAL C 694 -37.68 12.92 -25.41
C VAL C 694 -38.11 12.92 -26.87
N PHE C 695 -37.20 13.27 -27.77
CA PHE C 695 -37.53 13.40 -29.18
C PHE C 695 -36.42 12.81 -30.03
N GLU C 696 -36.80 12.36 -31.23
CA GLU C 696 -35.83 11.86 -32.20
C GLU C 696 -35.26 12.98 -33.08
N GLU C 697 -35.80 14.19 -32.99
CA GLU C 697 -35.30 15.34 -33.70
C GLU C 697 -35.04 16.46 -32.70
N GLN C 698 -34.12 17.36 -33.05
CA GLN C 698 -33.72 18.40 -32.13
C GLN C 698 -34.88 19.36 -31.87
N PRO C 699 -35.22 19.63 -30.61
CA PRO C 699 -36.28 20.60 -30.32
C PRO C 699 -35.88 22.03 -30.67
N ARG C 700 -36.76 22.98 -30.40
CA ARG C 700 -36.51 24.38 -30.75
C ARG C 700 -35.87 25.13 -29.57
N CYS C 701 -34.70 24.64 -29.16
CA CYS C 701 -33.90 25.31 -28.14
C CYS C 701 -32.48 24.82 -28.25
N TYR C 702 -31.59 25.47 -27.49
CA TYR C 702 -30.15 25.28 -27.66
C TYR C 702 -29.74 23.85 -27.29
N LEU C 703 -28.78 23.32 -28.04
CA LEU C 703 -28.21 22.00 -27.80
C LEU C 703 -26.83 22.17 -27.18
N VAL C 704 -26.69 21.76 -25.92
CA VAL C 704 -25.42 21.91 -25.23
C VAL C 704 -24.50 20.73 -25.58
N ASP C 705 -23.20 20.95 -25.38
CA ASP C 705 -22.22 19.93 -25.75
C ASP C 705 -22.30 18.73 -24.80
N THR C 706 -22.33 18.98 -23.50
CA THR C 706 -22.35 17.94 -22.49
C THR C 706 -23.37 18.32 -21.42
N PRO C 707 -23.86 17.34 -20.65
CA PRO C 707 -24.80 17.68 -19.58
C PRO C 707 -24.26 18.69 -18.58
N ASP C 708 -22.97 18.62 -18.25
CA ASP C 708 -22.41 19.59 -17.32
C ASP C 708 -22.22 20.95 -17.96
N HIS C 709 -22.07 20.99 -19.30
CA HIS C 709 -21.99 22.26 -19.99
C HIS C 709 -23.30 23.03 -19.88
N GLY C 710 -24.43 22.34 -20.02
CA GLY C 710 -25.72 22.98 -19.85
C GLY C 710 -26.05 23.30 -18.41
N LEU C 711 -25.44 22.60 -17.46
CA LEU C 711 -25.64 22.89 -16.05
C LEU C 711 -24.91 24.13 -15.59
N SER C 712 -23.90 24.58 -16.34
CA SER C 712 -23.15 25.79 -15.99
C SER C 712 -23.74 27.03 -16.62
N MET C 713 -24.16 26.95 -17.88
CA MET C 713 -24.73 28.12 -18.56
C MET C 713 -26.07 28.51 -17.96
N GLY C 714 -26.83 27.55 -17.43
CA GLY C 714 -28.09 27.84 -16.80
C GLY C 714 -29.17 28.37 -17.72
N LEU C 715 -29.31 27.79 -18.91
CA LEU C 715 -30.35 28.22 -19.82
C LEU C 715 -31.72 27.79 -19.31
N SER C 716 -32.76 28.46 -19.81
CA SER C 716 -34.12 28.07 -19.49
C SER C 716 -34.56 26.82 -20.24
N ARG C 717 -33.90 26.50 -21.35
CA ARG C 717 -34.19 25.30 -22.13
C ARG C 717 -32.92 24.87 -22.84
N PHE C 718 -32.56 23.59 -22.70
CA PHE C 718 -31.41 23.05 -23.40
C PHE C 718 -31.61 21.56 -23.63
N CYS C 719 -30.96 21.04 -24.67
CA CYS C 719 -31.08 19.64 -25.05
C CYS C 719 -29.75 18.93 -24.90
N VAL C 720 -29.81 17.61 -24.79
CA VAL C 720 -28.66 16.74 -24.82
C VAL C 720 -28.96 15.59 -25.78
N HIS C 721 -27.90 14.98 -26.30
CA HIS C 721 -28.01 13.87 -27.22
C HIS C 721 -27.61 12.57 -26.53
N SER C 722 -28.37 11.50 -26.80
CA SER C 722 -28.04 10.19 -26.25
C SER C 722 -28.64 9.13 -27.16
N GLN C 723 -27.80 8.53 -28.00
CA GLN C 723 -28.18 7.45 -28.91
C GLN C 723 -29.35 7.85 -29.79
N GLY C 724 -29.15 8.92 -30.56
CA GLY C 724 -30.13 9.32 -31.54
C GLY C 724 -31.39 9.96 -31.00
N ARG C 725 -31.41 10.31 -29.71
CA ARG C 725 -32.56 10.95 -29.10
C ARG C 725 -32.13 12.23 -28.39
N TYR C 726 -33.07 13.16 -28.26
CA TYR C 726 -32.81 14.45 -27.66
C TYR C 726 -33.66 14.60 -26.40
N PHE C 727 -33.03 15.02 -25.30
CA PHE C 727 -33.68 15.21 -24.02
C PHE C 727 -33.55 16.67 -23.65
N GLN C 728 -34.65 17.41 -23.66
CA GLN C 728 -34.62 18.86 -23.50
C GLN C 728 -35.11 19.24 -22.10
N TYR C 729 -34.17 19.30 -21.16
CA TYR C 729 -34.45 19.76 -19.81
C TYR C 729 -34.69 21.25 -19.81
N GLU C 730 -35.73 21.70 -19.11
CA GLU C 730 -36.06 23.12 -19.10
C GLU C 730 -35.89 23.78 -17.73
N LYS C 731 -36.64 23.37 -16.71
CA LYS C 731 -36.59 24.02 -15.41
C LYS C 731 -37.58 23.34 -14.50
N LYS C 732 -37.39 23.50 -13.19
CA LYS C 732 -38.33 23.02 -12.19
C LYS C 732 -39.03 24.21 -11.55
N ILE C 733 -40.35 24.25 -11.64
CA ILE C 733 -41.13 25.33 -11.03
C ILE C 733 -41.83 24.89 -9.74
N SER C 734 -42.05 23.60 -9.55
CA SER C 734 -42.65 23.12 -8.31
C SER C 734 -41.69 23.31 -7.15
N ILE C 735 -42.25 23.61 -5.98
CA ILE C 735 -41.44 23.89 -4.79
C ILE C 735 -41.20 22.64 -3.95
N TRP C 736 -41.52 21.46 -4.48
CA TRP C 736 -41.32 20.22 -3.76
C TRP C 736 -40.74 19.17 -4.70
N GLU C 737 -40.02 18.21 -4.12
CA GLU C 737 -39.42 17.12 -4.87
C GLU C 737 -40.39 15.94 -4.93
N GLU C 738 -40.11 15.00 -5.83
CA GLU C 738 -40.98 13.83 -5.96
C GLU C 738 -41.00 13.02 -4.67
N THR C 739 -39.84 12.88 -4.02
CA THR C 739 -39.72 11.96 -2.89
C THR C 739 -40.64 12.34 -1.75
N ASP C 740 -40.62 13.61 -1.33
CA ASP C 740 -41.42 13.99 -0.18
C ASP C 740 -42.91 14.12 -0.51
N ASN C 741 -43.28 14.40 -1.76
CA ASN C 741 -44.70 14.31 -2.11
C ASN C 741 -45.20 12.88 -2.08
N ILE C 742 -44.38 11.93 -2.56
CA ILE C 742 -44.74 10.52 -2.43
C ILE C 742 -44.86 10.14 -0.96
N LYS C 743 -43.93 10.63 -0.14
CA LYS C 743 -43.99 10.38 1.31
C LYS C 743 -45.28 10.94 1.90
N ALA C 744 -45.64 12.17 1.53
CA ALA C 744 -46.85 12.78 2.07
C ALA C 744 -48.09 12.00 1.66
N THR C 745 -48.16 11.57 0.39
CA THR C 745 -49.31 10.81 -0.06
C THR C 745 -49.41 9.46 0.65
N ILE C 746 -48.27 8.77 0.81
CA ILE C 746 -48.28 7.47 1.48
C ILE C 746 -48.69 7.62 2.94
N ASP C 747 -48.14 8.62 3.63
CA ASP C 747 -48.53 8.86 5.01
C ASP C 747 -49.98 9.29 5.13
N SER C 748 -50.50 10.06 4.18
CA SER C 748 -51.91 10.42 4.21
C SER C 748 -52.80 9.20 4.03
N GLN C 749 -52.41 8.28 3.15
CA GLN C 749 -53.17 7.05 2.97
C GLN C 749 -53.15 6.21 4.25
N ARG C 750 -51.96 6.04 4.84
CA ARG C 750 -51.87 5.28 6.08
C ARG C 750 -52.46 6.01 7.29
N ASP C 751 -52.64 7.33 7.21
CA ASP C 751 -53.25 8.10 8.29
C ASP C 751 -54.73 8.33 8.04
N LEU C 752 -55.26 7.86 6.92
CA LEU C 752 -56.68 7.57 6.81
C LEU C 752 -57.02 6.12 7.12
N LYS C 753 -56.07 5.21 6.94
CA LYS C 753 -56.30 3.80 7.20
C LYS C 753 -56.43 3.47 8.69
N ARG C 754 -55.84 4.28 9.59
CA ARG C 754 -55.77 3.94 11.01
C ARG C 754 -57.10 4.02 11.75
N ARG C 755 -58.13 4.66 11.19
CA ARG C 755 -59.43 4.64 11.87
C ARG C 755 -60.25 3.50 11.28
N SER H 174 52.84 6.21 43.24
CA SER H 174 53.54 4.95 43.05
C SER H 174 53.10 4.27 41.76
N VAL H 175 54.00 3.45 41.19
CA VAL H 175 53.73 2.76 39.95
C VAL H 175 54.07 1.28 40.13
N GLY H 176 53.37 0.42 39.40
CA GLY H 176 53.58 -1.00 39.48
C GLY H 176 54.77 -1.45 38.65
N THR H 177 54.91 -2.77 38.54
CA THR H 177 56.01 -3.37 37.79
C THR H 177 55.61 -3.68 36.35
N THR H 178 54.58 -4.51 36.17
CA THR H 178 54.14 -4.83 34.82
C THR H 178 53.37 -3.69 34.17
N PHE H 179 52.86 -2.75 34.98
CA PHE H 179 52.23 -1.56 34.42
C PHE H 179 53.23 -0.72 33.64
N ARG H 180 54.48 -0.66 34.12
CA ARG H 180 55.53 0.03 33.38
C ARG H 180 55.79 -0.65 32.04
N THR H 181 55.78 -1.98 32.02
CA THR H 181 55.92 -2.69 30.74
C THR H 181 54.76 -2.41 29.81
N LEU H 182 53.54 -2.35 30.36
CA LEU H 182 52.38 -2.01 29.56
C LEU H 182 52.53 -0.62 28.95
N LEU H 183 53.04 0.33 29.72
CA LEU H 183 53.26 1.67 29.21
C LEU H 183 54.35 1.68 28.12
N LYS H 184 55.43 0.95 28.36
CA LYS H 184 56.61 1.02 27.48
C LYS H 184 56.50 0.15 26.24
N ARG H 185 55.50 -0.73 26.15
CA ARG H 185 55.47 -1.65 25.02
C ARG H 185 55.20 -0.97 23.68
N ASP H 186 54.81 0.31 23.67
CA ASP H 186 54.51 1.01 22.44
C ASP H 186 55.31 2.30 22.28
N THR H 187 56.43 2.43 22.99
CA THR H 187 57.29 3.61 22.87
C THR H 187 58.73 3.23 23.11
N ASP H 188 59.64 3.93 22.43
CA ASP H 188 61.06 3.64 22.58
C ASP H 188 61.57 4.05 23.95
N TRP H 189 61.20 5.23 24.42
CA TRP H 189 61.66 5.71 25.70
C TRP H 189 60.90 5.03 26.85
N ASP H 190 61.46 5.17 28.05
CA ASP H 190 60.85 4.61 29.25
C ASP H 190 59.74 5.54 29.75
N VAL H 191 59.27 5.29 30.97
CA VAL H 191 58.21 6.11 31.55
C VAL H 191 58.66 7.56 31.69
N ILE H 192 59.88 7.76 32.18
CA ILE H 192 60.44 9.09 32.37
C ILE H 192 61.59 9.26 31.39
N PRO H 193 61.39 9.90 30.25
CA PRO H 193 62.45 9.95 29.22
C PRO H 193 63.69 10.66 29.73
N THR H 194 64.85 10.13 29.36
CA THR H 194 66.14 10.75 29.62
C THR H 194 66.96 10.73 28.33
N PRO H 195 66.64 11.58 27.36
CA PRO H 195 67.42 11.60 26.11
C PRO H 195 68.88 11.91 26.38
N ARG H 196 69.75 11.23 25.64
CA ARG H 196 71.20 11.42 25.75
C ARG H 196 71.75 12.40 24.74
N VAL H 197 70.90 13.01 23.92
CA VAL H 197 71.33 13.99 22.93
C VAL H 197 71.42 15.36 23.57
N GLU H 198 72.43 16.13 23.20
CA GLU H 198 72.60 17.47 23.74
C GLU H 198 71.51 18.38 23.21
N PRO H 199 70.84 19.16 24.06
CA PRO H 199 69.76 20.04 23.58
C PRO H 199 70.31 21.15 22.69
N ASN H 200 69.86 21.17 21.45
CA ASN H 200 70.29 22.17 20.48
C ASN H 200 69.26 22.26 19.36
N VAL H 201 69.08 23.47 18.85
CA VAL H 201 68.19 23.72 17.72
C VAL H 201 69.05 23.76 16.45
N PRO H 202 68.83 22.86 15.50
CA PRO H 202 69.64 22.85 14.28
C PRO H 202 69.22 23.96 13.33
N ARG H 203 70.08 24.23 12.36
CA ARG H 203 69.83 25.21 11.32
C ARG H 203 69.34 24.48 10.08
N ILE H 204 68.11 24.76 9.67
CA ILE H 204 67.46 24.07 8.56
C ILE H 204 67.24 25.06 7.44
N GLU H 205 67.62 24.68 6.23
CA GLU H 205 67.42 25.54 5.07
C GLU H 205 65.92 25.70 4.80
N GLY H 206 65.49 26.93 4.60
CA GLY H 206 64.08 27.20 4.36
C GLY H 206 63.84 27.97 3.08
N ARG H 207 62.59 27.96 2.61
CA ARG H 207 62.25 28.64 1.37
C ARG H 207 62.18 30.14 1.58
N ARG H 208 61.86 30.87 0.52
CA ARG H 208 61.78 32.32 0.53
C ARG H 208 60.32 32.76 0.49
N TRP H 209 59.95 33.67 1.39
CA TRP H 209 58.61 34.22 1.38
C TRP H 209 58.39 35.05 0.12
N THR H 210 57.22 34.88 -0.50
CA THR H 210 56.89 35.54 -1.75
C THR H 210 55.90 36.67 -1.52
N GLN H 211 55.74 37.50 -2.55
CA GLN H 211 54.83 38.62 -2.53
C GLN H 211 53.99 38.60 -3.79
N MET H 212 52.74 39.05 -3.69
CA MET H 212 51.80 38.99 -4.79
C MET H 212 51.29 40.39 -5.14
N LYS H 213 51.37 40.74 -6.42
CA LYS H 213 50.65 41.87 -6.98
C LYS H 213 49.22 41.53 -7.34
N LYS H 214 48.97 40.30 -7.80
CA LYS H 214 47.67 39.87 -8.28
C LYS H 214 46.81 39.45 -7.11
N LEU H 215 45.61 40.02 -7.01
CA LEU H 215 44.60 39.41 -6.16
C LEU H 215 44.15 38.08 -6.77
N PRO H 216 43.89 37.08 -5.93
CA PRO H 216 43.51 35.78 -6.47
C PRO H 216 42.25 35.86 -7.32
N LEU H 217 42.25 35.14 -8.43
CA LEU H 217 41.12 35.08 -9.35
C LEU H 217 40.45 33.74 -9.17
N LEU H 218 39.18 33.76 -8.77
CA LEU H 218 38.47 32.54 -8.44
C LEU H 218 37.98 31.86 -9.71
N LYS H 219 38.23 30.56 -9.83
CA LYS H 219 37.76 29.81 -10.98
C LYS H 219 36.24 29.68 -10.93
N GLU H 220 35.61 29.82 -12.08
CA GLU H 220 34.16 29.73 -12.22
C GLU H 220 33.80 28.36 -12.78
N LYS H 221 33.08 27.57 -11.99
CA LYS H 221 32.72 26.23 -12.42
C LYS H 221 31.76 26.28 -13.61
N GLU H 222 31.98 25.39 -14.57
CA GLU H 222 31.16 25.32 -15.77
C GLU H 222 30.28 24.08 -15.71
N GLY H 223 29.15 24.15 -16.41
CA GLY H 223 28.19 23.08 -16.43
C GLY H 223 26.77 23.61 -16.50
N PRO H 224 25.80 22.74 -16.22
CA PRO H 224 24.41 23.21 -16.21
C PRO H 224 24.20 24.21 -15.10
N PRO H 225 23.35 25.21 -15.32
CA PRO H 225 23.04 26.16 -14.25
C PRO H 225 22.30 25.46 -13.11
N SER H 226 22.74 25.77 -11.89
CA SER H 226 22.16 25.11 -10.72
C SER H 226 20.72 25.56 -10.52
N PRO H 227 19.79 24.64 -10.32
CA PRO H 227 18.39 25.05 -10.13
C PRO H 227 18.16 25.67 -8.75
N TRP H 228 16.93 26.12 -8.51
CA TRP H 228 16.57 26.69 -7.21
C TRP H 228 16.36 25.54 -6.22
N ARG H 229 17.23 25.44 -5.23
CA ARG H 229 17.15 24.41 -4.20
C ARG H 229 16.99 25.11 -2.85
N ALA H 230 15.74 25.30 -2.44
CA ALA H 230 15.43 25.91 -1.15
C ALA H 230 14.07 25.39 -0.71
N LEU H 231 13.80 25.54 0.59
CA LEU H 231 12.56 25.01 1.15
C LEU H 231 11.35 25.71 0.55
N LEU H 232 11.41 27.02 0.36
CA LEU H 232 10.30 27.79 -0.18
C LEU H 232 10.74 28.42 -1.50
N LEU H 233 9.89 29.30 -2.05
CA LEU H 233 10.13 29.84 -3.38
C LEU H 233 10.98 31.10 -3.40
N GLY H 234 10.90 31.95 -2.38
CA GLY H 234 11.70 33.14 -2.34
C GLY H 234 11.12 34.31 -3.14
N ALA H 235 11.80 34.72 -4.20
CA ALA H 235 11.34 35.87 -4.97
C ALA H 235 10.00 35.61 -5.64
N ASP H 236 9.83 34.42 -6.21
CA ASP H 236 8.58 34.11 -6.91
C ASP H 236 7.50 33.71 -5.91
N SER H 237 7.27 34.55 -4.92
CA SER H 237 6.29 34.29 -3.87
C SER H 237 5.23 35.38 -3.89
N GLU H 238 3.99 34.99 -4.12
CA GLU H 238 2.86 35.90 -4.05
C GLU H 238 1.77 35.27 -3.19
N TYR H 239 0.72 36.04 -2.93
CA TYR H 239 -0.37 35.61 -2.08
C TYR H 239 -1.70 35.95 -2.74
N ILE H 240 -2.73 35.22 -2.33
CA ILE H 240 -4.10 35.47 -2.76
C ILE H 240 -4.78 36.27 -1.66
N VAL H 241 -5.35 37.42 -2.02
CA VAL H 241 -6.08 38.22 -1.06
C VAL H 241 -7.44 37.59 -0.84
N CYS H 242 -7.74 37.28 0.42
CA CYS H 242 -8.97 36.61 0.81
C CYS H 242 -9.79 37.52 1.70
N PRO H 243 -11.10 37.33 1.78
CA PRO H 243 -11.91 38.15 2.67
C PRO H 243 -11.49 37.95 4.11
N PRO H 244 -11.63 38.97 4.95
CA PRO H 244 -11.18 38.86 6.34
C PRO H 244 -11.88 37.72 7.07
N GLY H 245 -11.12 37.04 7.91
CA GLY H 245 -11.65 35.91 8.65
C GLY H 245 -10.51 35.09 9.23
N THR H 246 -10.89 33.92 9.74
CA THR H 246 -9.91 33.00 10.32
C THR H 246 -9.21 32.22 9.22
N ASP H 247 -8.26 31.37 9.64
CA ASP H 247 -7.56 30.51 8.67
C ASP H 247 -8.53 29.54 8.00
N GLN H 248 -9.45 28.98 8.77
CA GLN H 248 -10.43 28.05 8.21
C GLN H 248 -11.31 28.73 7.18
N GLU H 249 -11.73 29.96 7.47
CA GLU H 249 -12.57 30.70 6.52
C GLU H 249 -11.83 30.94 5.20
N ALA H 250 -10.56 31.36 5.28
CA ALA H 250 -9.79 31.60 4.07
C ALA H 250 -9.57 30.31 3.28
N ILE H 251 -9.26 29.21 3.98
CA ILE H 251 -9.06 27.94 3.29
C ILE H 251 -10.34 27.47 2.63
N SER H 252 -11.47 27.63 3.30
CA SER H 252 -12.76 27.27 2.71
C SER H 252 -13.06 28.12 1.49
N TRP H 253 -12.78 29.42 1.56
CA TRP H 253 -12.98 30.30 0.42
C TRP H 253 -12.13 29.86 -0.76
N ILE H 254 -10.87 29.54 -0.51
CA ILE H 254 -9.97 29.14 -1.59
C ILE H 254 -10.41 27.81 -2.20
N HIS H 255 -10.79 26.86 -1.35
CA HIS H 255 -11.19 25.54 -1.85
C HIS H 255 -12.51 25.61 -2.61
N SER H 256 -13.43 26.47 -2.20
CA SER H 256 -14.75 26.54 -2.81
C SER H 256 -14.83 27.54 -3.96
N GLN H 257 -13.79 28.32 -4.21
CA GLN H 257 -13.82 29.35 -5.25
C GLN H 257 -12.66 29.19 -6.22
N SER H 258 -12.25 27.96 -6.50
CA SER H 258 -11.08 27.75 -7.34
C SER H 258 -11.17 26.42 -8.07
N GLU H 259 -10.54 26.37 -9.24
CA GLU H 259 -10.35 25.13 -9.99
C GLU H 259 -8.89 25.04 -10.42
N ILE H 260 -8.37 23.82 -10.46
CA ILE H 260 -6.96 23.56 -10.67
C ILE H 260 -6.79 22.76 -11.96
N GLU H 261 -5.92 23.24 -12.84
CA GLU H 261 -5.55 22.50 -14.04
C GLU H 261 -4.04 22.61 -14.21
N CYS H 262 -3.38 21.47 -14.43
CA CYS H 262 -1.93 21.42 -14.47
C CYS H 262 -1.40 22.08 -15.74
N ILE H 263 -0.40 22.95 -15.57
CA ILE H 263 0.26 23.58 -16.71
C ILE H 263 1.53 22.81 -17.03
N ARG H 264 2.46 22.75 -16.08
CA ARG H 264 3.74 22.08 -16.25
C ARG H 264 3.82 20.92 -15.27
N GLU H 265 4.19 19.75 -15.77
CA GLU H 265 4.33 18.55 -14.95
C GLU H 265 5.79 18.14 -14.91
N SER H 266 6.28 17.85 -13.71
CA SER H 266 7.64 17.39 -13.50
C SER H 266 7.64 15.94 -13.05
N LYS H 267 8.59 15.15 -13.57
CA LYS H 267 8.67 13.75 -13.16
C LYS H 267 9.03 13.62 -11.69
N SER H 268 9.71 14.62 -11.13
CA SER H 268 10.04 14.58 -9.70
C SER H 268 8.79 14.72 -8.84
N THR H 269 7.87 15.59 -9.23
CA THR H 269 6.62 15.80 -8.52
C THR H 269 5.46 15.46 -9.43
N PRO H 270 4.92 14.24 -9.38
CA PRO H 270 3.80 13.87 -10.25
C PRO H 270 2.59 14.74 -9.98
N ALA H 271 1.79 14.97 -11.03
CA ALA H 271 0.63 15.84 -10.93
C ALA H 271 -0.49 15.24 -10.08
N SER H 272 -0.39 13.96 -9.71
CA SER H 272 -1.44 13.35 -8.91
C SER H 272 -1.48 13.86 -7.47
N VAL H 273 -0.42 14.54 -7.02
CA VAL H 273 -0.39 15.08 -5.67
C VAL H 273 -1.33 16.27 -5.48
N ILE H 274 -1.86 16.82 -6.58
CA ILE H 274 -2.88 17.85 -6.45
C ILE H 274 -4.12 17.30 -5.77
N THR H 275 -4.38 16.00 -5.92
CA THR H 275 -5.46 15.36 -5.18
C THR H 275 -5.22 15.43 -3.68
N CYS H 276 -3.98 15.15 -3.25
CA CYS H 276 -3.63 15.26 -1.84
C CYS H 276 -3.80 16.70 -1.36
N LEU H 277 -3.36 17.66 -2.16
CA LEU H 277 -3.47 19.06 -1.77
C LEU H 277 -4.93 19.48 -1.61
N THR H 278 -5.78 19.11 -2.58
CA THR H 278 -7.19 19.48 -2.49
C THR H 278 -7.89 18.75 -1.35
N SER H 279 -7.53 17.50 -1.09
CA SER H 279 -8.09 16.79 0.05
C SER H 279 -7.72 17.48 1.35
N SER H 280 -6.46 17.92 1.48
CA SER H 280 -6.05 18.64 2.68
C SER H 280 -6.78 19.96 2.81
N LEU H 281 -6.96 20.68 1.69
CA LEU H 281 -7.70 21.95 1.73
C LEU H 281 -9.12 21.73 2.21
N GLN H 282 -9.80 20.72 1.67
CA GLN H 282 -11.17 20.45 2.06
C GLN H 282 -11.26 20.02 3.52
N SER H 283 -10.34 19.16 3.96
CA SER H 283 -10.36 18.72 5.36
C SER H 283 -10.11 19.87 6.31
N PHE H 284 -9.17 20.76 5.96
CA PHE H 284 -8.92 21.93 6.79
C PHE H 284 -10.12 22.85 6.82
N ALA H 285 -10.80 23.03 5.68
CA ALA H 285 -12.02 23.82 5.65
C ALA H 285 -13.10 23.21 6.52
N GLU H 286 -13.15 21.88 6.61
CA GLU H 286 -14.12 21.20 7.46
C GLU H 286 -13.69 21.11 8.91
N GLY H 287 -12.71 21.91 9.33
CA GLY H 287 -12.28 21.91 10.71
C GLY H 287 -11.41 20.75 11.13
N ASN H 288 -10.77 20.07 10.18
CA ASN H 288 -9.92 18.91 10.46
C ASN H 288 -8.55 19.16 9.88
N PRO H 289 -7.63 19.77 10.64
CA PRO H 289 -6.28 20.01 10.11
C PRO H 289 -5.51 18.74 9.79
N VAL H 290 -5.87 17.62 10.40
CA VAL H 290 -5.22 16.33 10.14
C VAL H 290 -6.26 15.39 9.55
N ARG H 291 -5.90 14.74 8.45
CA ARG H 291 -6.83 13.91 7.70
C ARG H 291 -6.25 12.51 7.50
N SER H 292 -7.14 11.56 7.23
CA SER H 292 -6.71 10.20 6.96
C SER H 292 -6.01 10.11 5.60
N ARG H 293 -5.19 9.07 5.45
CA ARG H 293 -4.40 8.91 4.24
C ARG H 293 -5.27 8.49 3.06
N ILE H 294 -4.84 8.86 1.86
CA ILE H 294 -5.49 8.45 0.62
C ILE H 294 -4.44 7.75 -0.24
N HIS H 295 -4.91 7.17 -1.36
CA HIS H 295 -4.01 6.43 -2.22
C HIS H 295 -2.98 7.34 -2.88
N GLU H 296 -3.37 8.55 -3.26
CA GLU H 296 -2.42 9.47 -3.89
C GLU H 296 -1.31 9.87 -2.94
N ASP H 297 -1.49 9.68 -1.63
CA ASP H 297 -0.45 9.97 -0.66
C ASP H 297 0.69 8.96 -0.72
N ILE H 298 0.53 7.84 -1.41
CA ILE H 298 1.60 6.85 -1.51
C ILE H 298 2.82 7.48 -2.20
N ILE H 299 2.66 7.87 -3.46
CA ILE H 299 3.69 8.71 -4.06
C ILE H 299 3.32 10.18 -3.87
N ALA H 300 3.42 10.63 -2.62
CA ALA H 300 3.50 12.04 -2.28
C ALA H 300 4.46 12.30 -1.13
N PHE H 301 4.72 11.31 -0.28
CA PHE H 301 5.54 11.46 0.91
C PHE H 301 6.60 10.36 1.00
N GLY H 302 6.79 9.59 -0.07
CA GLY H 302 7.75 8.50 -0.06
C GLY H 302 7.40 7.40 0.92
N ILE H 303 6.12 7.04 1.01
CA ILE H 303 5.72 5.95 1.88
C ILE H 303 6.22 4.63 1.32
N ASN H 304 6.95 3.87 2.14
CA ASN H 304 7.53 2.59 1.74
C ASN H 304 8.49 2.74 0.58
N LYS H 305 9.10 3.93 0.44
CA LYS H 305 10.08 4.14 -0.61
C LYS H 305 11.41 3.48 -0.27
N LYS H 306 11.79 3.48 1.01
CA LYS H 306 13.03 2.82 1.41
C LYS H 306 12.95 1.32 1.12
N GLN H 307 11.85 0.68 1.51
CA GLN H 307 11.68 -0.75 1.24
C GLN H 307 11.63 -1.02 -0.25
N GLU H 308 10.92 -0.19 -1.01
CA GLU H 308 10.86 -0.33 -2.46
C GLU H 308 12.26 -0.31 -3.07
N LYS H 309 13.04 0.72 -2.74
CA LYS H 309 14.38 0.84 -3.30
C LYS H 309 15.27 -0.30 -2.87
N LYS H 310 15.21 -0.70 -1.59
CA LYS H 310 16.07 -1.77 -1.11
C LYS H 310 15.75 -3.09 -1.79
N GLN H 311 14.47 -3.42 -1.93
CA GLN H 311 14.08 -4.68 -2.57
C GLN H 311 14.40 -4.66 -4.06
N SER H 312 14.18 -3.52 -4.73
CA SER H 312 14.53 -3.42 -6.13
C SER H 312 16.03 -3.58 -6.35
N ALA H 313 16.84 -2.95 -5.48
CA ALA H 313 18.29 -3.09 -5.59
C ALA H 313 18.74 -4.52 -5.32
N SER H 314 18.13 -5.18 -4.34
CA SER H 314 18.46 -6.57 -4.07
C SER H 314 18.11 -7.46 -5.27
N SER H 315 16.96 -7.21 -5.89
CA SER H 315 16.54 -8.00 -7.04
C SER H 315 17.44 -7.76 -8.25
N SER H 316 17.87 -6.52 -8.46
CA SER H 316 18.67 -6.17 -9.63
C SER H 316 20.16 -6.07 -9.34
N ALA H 317 20.61 -6.52 -8.17
CA ALA H 317 22.02 -6.43 -7.83
C ALA H 317 22.85 -7.32 -8.73
N SER H 318 24.03 -6.81 -9.13
CA SER H 318 24.94 -7.56 -9.99
C SER H 318 26.34 -7.02 -9.79
N GLY H 319 27.33 -7.84 -10.13
CA GLY H 319 28.72 -7.44 -10.03
C GLY H 319 29.32 -7.73 -8.67
N GLU H 320 30.33 -6.94 -8.29
CA GLU H 320 31.04 -7.13 -7.04
C GLU H 320 31.11 -5.79 -6.30
N TRP H 321 31.29 -5.88 -4.98
CA TRP H 321 31.33 -4.68 -4.16
C TRP H 321 32.56 -3.84 -4.49
N LYS H 322 32.39 -2.53 -4.38
CA LYS H 322 33.49 -1.59 -4.55
C LYS H 322 33.25 -0.41 -3.60
N ARG H 323 34.23 0.48 -3.54
CA ARG H 323 34.13 1.63 -2.66
C ARG H 323 33.00 2.55 -3.10
N ALA H 324 32.45 3.30 -2.14
CA ALA H 324 31.30 4.16 -2.42
C ALA H 324 31.64 5.21 -3.47
N GLU H 325 32.79 5.86 -3.33
CA GLU H 325 33.30 6.86 -4.27
C GLU H 325 32.19 7.83 -4.70
N TYR H 326 31.66 8.54 -3.70
CA TYR H 326 30.63 9.53 -3.95
C TYR H 326 31.16 10.67 -4.81
N GLN H 327 30.25 11.44 -5.39
CA GLN H 327 30.63 12.53 -6.27
C GLN H 327 29.54 13.59 -6.24
N VAL H 328 29.97 14.85 -6.32
CA VAL H 328 29.06 16.00 -6.35
C VAL H 328 29.22 16.69 -7.70
N GLU H 329 28.11 16.88 -8.40
CA GLU H 329 28.14 17.47 -9.74
C GLU H 329 28.35 18.97 -9.66
N GLU H 330 29.30 19.48 -10.45
CA GLU H 330 29.56 20.91 -10.50
C GLU H 330 28.52 21.59 -11.38
N MET H 331 28.10 22.79 -10.95
CA MET H 331 27.10 23.57 -11.68
C MET H 331 27.55 25.02 -11.76
N SER H 332 27.10 25.69 -12.81
CA SER H 332 27.51 27.07 -13.08
C SER H 332 26.58 28.05 -12.39
N LEU H 333 26.92 29.33 -12.48
CA LEU H 333 26.10 30.38 -11.86
C LEU H 333 24.80 30.55 -12.63
N PRO H 334 23.64 30.42 -11.99
CA PRO H 334 22.39 30.58 -12.72
C PRO H 334 22.14 32.04 -13.06
N PRO H 335 21.39 32.32 -14.13
CA PRO H 335 21.05 33.71 -14.43
C PRO H 335 20.02 34.32 -13.49
N TRP H 336 19.29 33.51 -12.73
CA TRP H 336 18.21 34.03 -11.92
C TRP H 336 18.67 34.59 -10.57
N VAL H 337 19.94 34.39 -10.20
CA VAL H 337 20.41 34.92 -8.92
C VAL H 337 20.38 36.45 -8.94
N GLU H 338 20.82 37.05 -10.04
CA GLU H 338 20.71 38.50 -10.18
C GLU H 338 19.25 38.92 -10.24
N GLU H 339 18.40 38.15 -10.91
CA GLU H 339 16.98 38.43 -10.93
C GLU H 339 16.38 38.32 -9.54
N GLU H 340 16.81 37.31 -8.76
CA GLU H 340 16.38 37.19 -7.38
C GLU H 340 16.78 38.41 -6.58
N MET H 341 18.02 38.86 -6.74
CA MET H 341 18.52 40.00 -5.96
C MET H 341 17.77 41.27 -6.30
N VAL H 342 17.49 41.50 -7.59
CA VAL H 342 16.81 42.73 -7.98
C VAL H 342 15.31 42.68 -7.73
N LEU H 343 14.73 41.49 -7.61
CA LEU H 343 13.28 41.40 -7.39
C LEU H 343 12.94 41.53 -5.91
N LEU H 344 13.81 41.04 -5.02
CA LEU H 344 13.62 41.20 -3.59
C LEU H 344 13.73 42.65 -3.14
N ARG H 345 14.25 43.54 -3.98
CA ARG H 345 14.35 44.96 -3.67
C ARG H 345 13.03 45.71 -3.83
N SER H 346 12.04 45.11 -4.50
CA SER H 346 10.84 45.84 -4.89
C SER H 346 10.10 46.39 -3.67
N ASP H 347 9.60 47.61 -3.79
CA ASP H 347 8.86 48.23 -2.72
C ASP H 347 7.54 47.51 -2.49
N GLN H 348 7.05 47.58 -1.26
CA GLN H 348 5.78 46.96 -0.88
C GLN H 348 4.93 48.00 -0.16
N GLU H 349 3.61 47.79 -0.22
CA GLU H 349 2.69 48.73 0.42
C GLU H 349 2.68 48.56 1.94
N ASP H 350 2.85 47.34 2.43
CA ASP H 350 2.79 47.05 3.86
C ASP H 350 4.18 47.00 4.46
N ASN H 351 4.22 47.02 5.80
CA ASN H 351 5.50 47.04 6.50
C ASN H 351 6.11 45.65 6.65
N TRP H 352 5.28 44.61 6.78
CA TRP H 352 5.73 43.23 6.79
C TRP H 352 6.66 42.87 7.94
N ILE H 353 6.92 43.82 8.83
CA ILE H 353 7.77 43.60 10.00
C ILE H 353 7.05 44.23 11.19
N GLU H 354 6.39 43.40 11.99
CA GLU H 354 5.61 43.86 13.13
C GLU H 354 6.28 43.31 14.39
N LEU H 355 7.24 44.06 14.92
CA LEU H 355 7.93 43.71 16.14
C LEU H 355 7.50 44.66 17.25
N GLU H 356 7.05 44.10 18.36
CA GLU H 356 6.54 44.91 19.46
C GLU H 356 7.67 45.68 20.12
N LYS H 357 7.46 46.98 20.29
CA LYS H 357 8.50 47.86 20.80
C LYS H 357 8.77 47.60 22.28
N ASN H 358 10.02 47.81 22.68
CA ASN H 358 10.39 47.71 24.09
C ASN H 358 10.06 49.01 24.81
N ALA H 359 10.25 49.01 26.13
CA ALA H 359 10.04 50.21 26.92
C ALA H 359 11.16 51.20 26.69
N ILE H 360 10.92 52.45 27.08
CA ILE H 360 11.91 53.52 26.98
C ILE H 360 11.94 54.25 28.32
N TYR H 361 13.11 54.34 28.91
CA TYR H 361 13.27 55.04 30.19
C TYR H 361 14.36 56.10 30.14
N THR H 362 15.45 55.86 29.42
CA THR H 362 16.54 56.81 29.28
C THR H 362 16.63 57.27 27.83
N GLU H 363 17.43 58.31 27.61
CA GLU H 363 17.56 58.86 26.26
C GLU H 363 18.35 57.93 25.36
N VAL H 364 19.27 57.14 25.92
CA VAL H 364 19.99 56.15 25.11
C VAL H 364 19.04 55.05 24.65
N ASP H 365 18.06 54.70 25.48
CA ASP H 365 17.01 53.78 25.05
C ASP H 365 16.21 54.37 23.90
N GLY H 366 15.91 55.67 23.97
CA GLY H 366 15.25 56.33 22.86
C GLY H 366 16.09 56.30 21.59
N VAL H 367 17.40 56.48 21.73
CA VAL H 367 18.30 56.40 20.58
C VAL H 367 18.25 55.02 19.94
N ALA H 368 18.33 53.98 20.78
CA ALA H 368 18.30 52.61 20.26
C ALA H 368 16.97 52.31 19.57
N GLU H 369 15.86 52.71 20.19
CA GLU H 369 14.55 52.46 19.61
C GLU H 369 14.36 53.24 18.31
N GLY H 370 14.86 54.48 18.25
CA GLY H 370 14.78 55.23 17.01
C GLY H 370 15.59 54.60 15.89
N LEU H 371 16.79 54.11 16.22
CA LEU H 371 17.58 53.40 15.22
C LEU H 371 16.86 52.17 14.70
N VAL H 372 16.28 51.38 15.62
CA VAL H 372 15.58 50.17 15.21
C VAL H 372 14.34 50.51 14.37
N ASP H 373 13.60 51.55 14.76
CA ASP H 373 12.43 51.95 14.00
C ASP H 373 12.81 52.42 12.60
N LYS H 374 13.87 53.21 12.49
CA LYS H 374 14.31 53.66 11.17
C LYS H 374 14.75 52.49 10.31
N TYR H 375 15.48 51.54 10.89
CA TYR H 375 15.90 50.36 10.13
C TYR H 375 14.69 49.57 9.66
N ILE H 376 13.71 49.38 10.54
CA ILE H 376 12.52 48.62 10.18
C ILE H 376 11.76 49.32 9.05
N GLU H 377 11.62 50.64 9.14
CA GLU H 377 10.87 51.35 8.12
C GLU H 377 11.63 51.51 6.82
N ILE H 378 12.96 51.33 6.82
CA ILE H 378 13.69 51.36 5.55
C ILE H 378 13.86 49.99 4.92
N VAL H 379 13.75 48.90 5.69
CA VAL H 379 13.80 47.56 5.11
C VAL H 379 12.45 46.84 5.15
N GLY H 380 11.49 47.33 5.93
CA GLY H 380 10.23 46.60 6.06
C GLY H 380 9.43 46.55 4.79
N ARG H 381 9.30 47.68 4.10
CA ARG H 381 8.45 47.75 2.92
C ARG H 381 9.19 47.24 1.68
N THR H 382 9.74 46.02 1.78
CA THR H 382 10.44 45.40 0.67
C THR H 382 9.96 43.96 0.54
N LYS H 383 10.17 43.40 -0.66
CA LYS H 383 9.72 42.03 -0.91
C LYS H 383 10.44 41.03 -0.02
N VAL H 384 11.72 41.28 0.28
CA VAL H 384 12.48 40.34 1.09
C VAL H 384 11.89 40.22 2.49
N ALA H 385 11.35 41.32 3.03
CA ALA H 385 10.71 41.25 4.34
C ALA H 385 9.46 40.37 4.31
N SER H 386 8.66 40.50 3.25
CA SER H 386 7.47 39.64 3.12
C SER H 386 7.87 38.18 2.96
N VAL H 387 8.92 37.90 2.18
CA VAL H 387 9.38 36.54 2.01
C VAL H 387 9.91 35.99 3.33
N ILE H 388 10.59 36.82 4.12
CA ILE H 388 11.07 36.40 5.43
C ILE H 388 9.90 36.06 6.34
N GLU H 389 8.86 36.89 6.33
CA GLU H 389 7.67 36.61 7.14
C GLU H 389 7.02 35.30 6.71
N LYS H 390 6.91 35.08 5.40
CA LYS H 390 6.34 33.84 4.90
C LYS H 390 7.16 32.63 5.33
N TRP H 391 8.49 32.73 5.22
CA TRP H 391 9.36 31.65 5.64
C TRP H 391 9.19 31.36 7.12
N GLN H 392 9.18 32.41 7.93
CA GLN H 392 9.05 32.24 9.37
C GLN H 392 7.74 31.55 9.73
N ILE H 393 6.64 32.02 9.14
CA ILE H 393 5.33 31.45 9.47
C ILE H 393 5.26 29.99 9.01
N ALA H 394 5.69 29.71 7.78
CA ALA H 394 5.63 28.34 7.28
C ALA H 394 6.47 27.40 8.12
N ALA H 395 7.71 27.79 8.42
CA ALA H 395 8.58 26.94 9.20
C ALA H 395 8.06 26.75 10.62
N THR H 396 7.51 27.81 11.22
CA THR H 396 6.99 27.68 12.58
C THR H 396 5.79 26.74 12.62
N ARG H 397 4.87 26.89 11.67
CA ARG H 397 3.69 26.03 11.64
C ARG H 397 4.08 24.58 11.37
N THR H 398 5.03 24.34 10.47
CA THR H 398 5.47 22.97 10.21
C THR H 398 6.19 22.38 11.43
N PHE H 399 7.02 23.18 12.10
CA PHE H 399 7.78 22.69 13.24
C PHE H 399 6.88 22.38 14.42
N SER H 400 5.81 23.18 14.61
CA SER H 400 4.92 22.96 15.74
C SER H 400 4.16 21.63 15.66
N GLN H 401 4.16 20.97 14.50
CA GLN H 401 3.45 19.71 14.33
C GLN H 401 4.37 18.50 14.23
N LEU H 402 5.68 18.70 14.08
CA LEU H 402 6.59 17.56 13.94
C LEU H 402 6.78 16.81 15.25
N HIS H 403 6.60 17.49 16.39
CA HIS H 403 6.85 16.86 17.67
C HIS H 403 5.92 15.68 17.91
N THR H 404 4.64 15.85 17.58
CA THR H 404 3.68 14.76 17.76
C THR H 404 3.91 13.68 16.70
N ASP H 405 4.26 12.48 17.14
CA ASP H 405 4.48 11.37 16.22
C ASP H 405 3.15 10.89 15.68
N ARG H 406 2.89 11.13 14.40
CA ARG H 406 1.61 10.82 13.78
C ARG H 406 1.81 9.81 12.65
N SER H 407 0.69 9.44 12.02
CA SER H 407 0.69 8.63 10.82
C SER H 407 -0.32 9.15 9.80
N ARG H 408 -0.78 10.39 9.97
CA ARG H 408 -1.80 10.99 9.13
C ARG H 408 -1.32 12.35 8.67
N ILE H 409 -1.87 12.79 7.54
CA ILE H 409 -1.39 14.00 6.88
C ILE H 409 -1.92 15.23 7.61
N THR H 410 -1.02 16.16 7.92
CA THR H 410 -1.35 17.42 8.59
C THR H 410 -1.15 18.57 7.61
N ALA H 411 -2.04 19.56 7.69
CA ALA H 411 -1.99 20.73 6.82
C ALA H 411 -1.65 21.96 7.63
N CYS H 412 -0.69 22.75 7.14
CA CYS H 412 -0.23 23.97 7.80
C CYS H 412 -0.31 25.12 6.81
N PRO H 413 -1.40 25.87 6.79
CA PRO H 413 -1.53 26.98 5.84
C PRO H 413 -0.54 28.09 6.13
N ILE H 414 -0.11 28.78 5.07
CA ILE H 414 0.74 29.95 5.20
C ILE H 414 -0.10 31.18 4.88
N ILE H 415 -0.71 31.77 5.91
CA ILE H 415 -1.64 32.87 5.73
C ILE H 415 -1.23 34.02 6.63
N THR H 416 -1.17 35.22 6.06
CA THR H 416 -0.88 36.45 6.78
C THR H 416 -2.09 37.39 6.68
N ARG H 417 -2.02 38.50 7.39
CA ARG H 417 -3.06 39.52 7.35
C ARG H 417 -2.44 40.87 7.03
N ASP H 418 -2.93 41.50 5.97
CA ASP H 418 -2.57 42.87 5.68
C ASP H 418 -3.27 43.81 6.69
N PRO H 419 -2.81 45.09 6.81
CA PRO H 419 -3.42 45.98 7.81
C PRO H 419 -4.79 46.51 7.37
N SER H 420 -5.61 45.61 6.85
CA SER H 420 -7.01 45.88 6.59
C SER H 420 -7.91 44.71 6.93
N GLY H 421 -7.35 43.62 7.47
CA GLY H 421 -8.10 42.44 7.83
C GLY H 421 -8.05 41.33 6.80
N ASN H 422 -7.71 41.64 5.55
CA ASN H 422 -7.73 40.64 4.50
C ASN H 422 -6.68 39.57 4.73
N CYS H 423 -6.98 38.36 4.28
CA CYS H 423 -6.11 37.21 4.46
C CYS H 423 -5.27 37.01 3.19
N GLN H 424 -3.97 36.82 3.37
CA GLN H 424 -3.03 36.64 2.27
C GLN H 424 -2.54 35.20 2.30
N PHE H 425 -2.92 34.43 1.28
CA PHE H 425 -2.63 32.99 1.22
C PHE H 425 -1.35 32.79 0.41
N TRP H 426 -0.24 32.59 1.12
CA TRP H 426 1.02 32.29 0.44
C TRP H 426 1.08 30.86 -0.07
N GLY H 427 0.43 29.94 0.64
CA GLY H 427 0.44 28.55 0.23
C GLY H 427 0.13 27.65 1.40
N MET H 428 0.32 26.36 1.16
CA MET H 428 0.09 25.33 2.18
C MET H 428 1.22 24.32 2.13
N VAL H 429 1.63 23.85 3.30
CA VAL H 429 2.61 22.79 3.43
C VAL H 429 1.94 21.60 4.11
N LEU H 430 2.06 20.43 3.50
CA LEU H 430 1.46 19.20 4.01
C LEU H 430 2.54 18.32 4.59
N LEU H 431 2.30 17.81 5.80
CA LEU H 431 3.26 16.99 6.51
C LEU H 431 2.76 15.55 6.52
N GLY H 432 3.59 14.63 6.05
CA GLY H 432 3.21 13.24 5.92
C GLY H 432 3.20 12.51 7.25
N PRO H 433 3.30 11.18 7.21
CA PRO H 433 3.33 10.41 8.47
C PRO H 433 4.48 10.81 9.39
N HIS H 434 5.66 11.05 8.84
CA HIS H 434 6.83 11.56 9.57
C HIS H 434 7.04 10.85 10.91
N HIS H 435 7.24 9.54 10.82
CA HIS H 435 7.58 8.78 12.02
C HIS H 435 9.03 9.06 12.41
N VAL H 436 9.28 10.25 12.93
CA VAL H 436 10.64 10.74 13.16
C VAL H 436 11.14 10.24 14.51
N LYS H 437 12.40 9.80 14.54
CA LYS H 437 13.06 9.34 15.75
C LYS H 437 14.23 10.23 16.14
N ARG H 438 15.17 10.45 15.23
CA ARG H 438 16.35 11.26 15.50
C ARG H 438 16.08 12.72 15.16
N ASP H 439 16.76 13.62 15.87
CA ASP H 439 16.54 15.05 15.71
C ASP H 439 16.94 15.55 14.33
N THR H 440 17.79 14.81 13.62
CA THR H 440 18.21 15.18 12.28
C THR H 440 17.47 14.41 11.18
N ASP H 441 16.49 13.59 11.56
CA ASP H 441 15.79 12.78 10.58
C ASP H 441 14.87 13.64 9.71
N ASN H 442 14.76 13.27 8.44
CA ASN H 442 13.93 14.01 7.51
C ASN H 442 12.44 13.74 7.77
N ALA H 443 11.61 14.68 7.37
CA ALA H 443 10.17 14.57 7.51
C ALA H 443 9.53 14.87 6.16
N PRO H 444 8.67 13.99 5.66
CA PRO H 444 8.07 14.22 4.33
C PRO H 444 7.21 15.47 4.32
N LEU H 445 7.33 16.24 3.23
CA LEU H 445 6.56 17.45 3.06
C LEU H 445 6.06 17.55 1.63
N LEU H 446 4.88 18.14 1.47
CA LEU H 446 4.31 18.48 0.17
C LEU H 446 3.94 19.96 0.24
N ILE H 447 4.77 20.81 -0.37
CA ILE H 447 4.64 22.25 -0.23
C ILE H 447 3.94 22.80 -1.46
N ALA H 448 2.83 23.48 -1.24
CA ALA H 448 2.10 24.18 -2.29
C ALA H 448 2.31 25.68 -2.12
N GLU H 449 2.64 26.37 -3.21
CA GLU H 449 3.01 27.77 -3.15
C GLU H 449 2.42 28.51 -4.33
N ILE H 450 2.15 29.80 -4.13
CA ILE H 450 1.62 30.66 -5.17
C ILE H 450 2.81 31.32 -5.87
N MET H 451 3.05 30.92 -7.12
CA MET H 451 4.20 31.38 -7.88
C MET H 451 3.80 32.54 -8.80
N GLY H 452 4.76 33.43 -9.06
CA GLY H 452 4.52 34.55 -9.94
C GLY H 452 4.86 34.25 -11.38
N GLU H 453 6.03 33.68 -11.62
CA GLU H 453 6.47 33.34 -12.97
C GLU H 453 7.16 31.99 -12.95
N ASP H 454 6.71 31.08 -13.81
CA ASP H 454 7.31 29.76 -13.90
C ASP H 454 8.56 29.78 -14.76
N THR H 455 9.49 28.89 -14.43
CA THR H 455 10.73 28.76 -15.19
C THR H 455 11.16 27.30 -15.15
N GLU H 456 11.40 26.72 -16.33
CA GLU H 456 11.76 25.31 -16.40
C GLU H 456 13.10 25.03 -15.75
N GLU H 457 14.13 25.80 -16.12
CA GLU H 457 15.48 25.54 -15.62
C GLU H 457 15.67 26.01 -14.18
N LYS H 458 14.80 26.87 -13.67
CA LYS H 458 14.87 27.29 -12.28
C LYS H 458 14.09 26.39 -11.34
N TYR H 459 13.00 25.80 -11.82
CA TYR H 459 12.15 24.91 -11.03
C TYR H 459 11.91 23.62 -11.80
N PRO H 460 12.94 22.80 -11.98
CA PRO H 460 12.74 21.55 -12.73
C PRO H 460 11.97 20.49 -11.96
N LYS H 461 12.02 20.53 -10.62
CA LYS H 461 11.36 19.54 -9.79
C LYS H 461 10.00 19.99 -9.28
N HIS H 462 9.54 21.18 -9.69
CA HIS H 462 8.25 21.69 -9.27
C HIS H 462 7.19 21.39 -10.32
N SER H 463 5.97 21.12 -9.86
CA SER H 463 4.82 20.98 -10.73
C SER H 463 3.98 22.25 -10.61
N VAL H 464 3.72 22.91 -11.73
CA VAL H 464 3.04 24.20 -11.75
C VAL H 464 1.62 23.98 -12.23
N PHE H 465 0.66 24.48 -11.46
CA PHE H 465 -0.76 24.34 -11.76
C PHE H 465 -1.38 25.72 -11.95
N SER H 466 -2.40 25.79 -12.80
CA SER H 466 -3.16 27.02 -12.98
C SER H 466 -4.23 27.15 -11.91
N LEU H 467 -4.39 28.35 -11.38
CA LEU H 467 -5.32 28.62 -10.30
C LEU H 467 -6.24 29.76 -10.69
N LYS H 468 -7.54 29.56 -10.51
CA LYS H 468 -8.57 30.50 -10.96
C LYS H 468 -9.47 30.85 -9.77
N VAL H 469 -9.23 32.02 -9.17
CA VAL H 469 -10.08 32.53 -8.09
C VAL H 469 -10.62 33.88 -8.51
N GLU H 470 -11.95 34.02 -8.50
CA GLU H 470 -12.63 35.29 -8.76
C GLU H 470 -12.20 35.89 -10.10
N GLU H 471 -12.09 35.04 -11.12
CA GLU H 471 -11.67 35.44 -12.46
C GLU H 471 -10.29 36.10 -12.45
N LYS H 472 -9.41 35.65 -11.56
CA LYS H 472 -8.03 36.10 -11.51
C LYS H 472 -7.10 34.93 -11.79
N GLN H 473 -5.88 35.25 -12.22
CA GLN H 473 -4.90 34.26 -12.63
C GLN H 473 -3.82 34.14 -11.56
N PHE H 474 -3.56 32.91 -11.12
CA PHE H 474 -2.47 32.61 -10.21
C PHE H 474 -1.84 31.29 -10.60
N LEU H 475 -0.54 31.16 -10.28
CA LEU H 475 0.20 29.94 -10.53
C LEU H 475 0.46 29.22 -9.21
N LEU H 476 0.13 27.94 -9.17
CA LEU H 476 0.32 27.11 -7.98
C LEU H 476 1.42 26.10 -8.24
N SER H 477 2.43 26.09 -7.38
CA SER H 477 3.58 25.21 -7.52
C SER H 477 3.57 24.16 -6.42
N LEU H 478 3.74 22.90 -6.81
CA LEU H 478 3.77 21.78 -5.88
C LEU H 478 5.10 21.06 -6.00
N LYS H 479 5.77 20.84 -4.87
CA LYS H 479 7.02 20.12 -4.84
C LYS H 479 7.02 19.11 -3.70
N ILE H 480 7.69 17.99 -3.92
CA ILE H 480 7.84 16.94 -2.93
C ILE H 480 9.21 17.10 -2.29
N THR H 481 9.24 17.38 -0.98
CA THR H 481 10.48 17.56 -0.25
C THR H 481 10.40 16.87 1.10
N SER H 482 11.57 16.51 1.63
CA SER H 482 11.70 16.05 3.01
C SER H 482 12.71 16.95 3.71
N PHE H 483 12.39 17.37 4.92
CA PHE H 483 13.16 18.43 5.57
C PHE H 483 13.27 18.11 7.05
N SER H 484 14.49 18.16 7.58
CA SER H 484 14.75 17.73 8.94
C SER H 484 14.17 18.70 9.96
N ARG H 485 14.05 18.22 11.19
CA ARG H 485 13.49 19.05 12.26
C ARG H 485 14.43 20.19 12.62
N ASN H 486 15.74 19.94 12.62
CA ASN H 486 16.69 20.99 12.95
C ASN H 486 16.62 22.14 11.95
N LYS H 487 16.53 21.82 10.67
CA LYS H 487 16.48 22.87 9.65
C LYS H 487 15.17 23.65 9.74
N LEU H 488 14.06 22.97 10.00
CA LEU H 488 12.79 23.66 10.16
C LEU H 488 12.81 24.57 11.38
N TYR H 489 13.40 24.11 12.48
CA TYR H 489 13.52 24.97 13.66
C TYR H 489 14.41 26.17 13.38
N THR H 490 15.50 25.96 12.64
CA THR H 490 16.38 27.07 12.29
C THR H 490 15.65 28.10 11.44
N PHE H 491 14.88 27.65 10.45
CA PHE H 491 14.18 28.57 9.57
C PHE H 491 12.95 29.18 10.21
N SER H 492 12.45 28.60 11.32
CA SER H 492 11.41 29.27 12.09
C SER H 492 11.95 30.50 12.81
N ASN H 493 13.27 30.60 12.97
CA ASN H 493 13.92 31.77 13.53
C ASN H 493 14.64 32.58 12.46
N ILE H 494 14.08 32.59 11.25
CA ILE H 494 14.71 33.30 10.13
C ILE H 494 14.73 34.80 10.34
N ARG H 495 13.92 35.32 11.27
CA ARG H 495 13.89 36.76 11.51
C ARG H 495 15.22 37.29 12.05
N ARG H 496 16.10 36.41 12.52
CA ARG H 496 17.41 36.83 12.99
C ARG H 496 18.31 37.34 11.87
N VAL H 497 17.95 37.11 10.61
CA VAL H 497 18.77 37.57 9.50
C VAL H 497 18.80 39.09 9.42
N LEU H 498 17.89 39.78 10.10
CA LEU H 498 17.84 41.23 10.07
C LEU H 498 18.96 41.89 10.87
N ILE H 499 19.68 41.13 11.69
CA ILE H 499 20.64 41.73 12.62
C ILE H 499 21.84 42.31 11.87
N GLN H 500 22.43 41.54 10.96
CA GLN H 500 23.65 41.99 10.29
C GLN H 500 23.43 43.24 9.44
N PRO H 501 22.41 43.33 8.57
CA PRO H 501 22.17 44.62 7.90
C PRO H 501 21.88 45.73 8.89
N ALA H 502 21.17 45.43 9.98
CA ALA H 502 20.95 46.42 11.02
C ALA H 502 22.27 46.82 11.65
N SER H 503 23.20 45.87 11.82
CA SER H 503 24.52 46.21 12.35
C SER H 503 25.25 47.18 11.43
N ILE H 504 25.24 46.91 10.13
CA ILE H 504 25.92 47.79 9.19
C ILE H 504 25.30 49.18 9.20
N TYR H 505 23.96 49.23 9.16
CA TYR H 505 23.26 50.52 9.16
C TYR H 505 23.56 51.30 10.43
N SER H 506 23.52 50.63 11.58
CA SER H 506 23.77 51.30 12.85
C SER H 506 25.20 51.81 12.92
N GLN H 507 26.16 51.02 12.46
CA GLN H 507 27.55 51.48 12.48
C GLN H 507 27.74 52.70 11.60
N VAL H 508 27.15 52.71 10.40
CA VAL H 508 27.29 53.87 9.52
C VAL H 508 26.65 55.10 10.17
N VAL H 509 25.45 54.94 10.72
CA VAL H 509 24.73 56.07 11.32
C VAL H 509 25.51 56.61 12.52
N LEU H 510 26.03 55.73 13.37
CA LEU H 510 26.73 56.18 14.56
C LEU H 510 28.10 56.75 14.24
N SER H 511 28.73 56.31 13.14
CA SER H 511 29.95 56.94 12.69
C SER H 511 29.63 58.37 12.26
N ARG H 512 28.53 58.54 11.51
CA ARG H 512 28.09 59.89 11.21
C ARG H 512 27.19 60.40 12.33
N ALA H 513 27.60 60.16 13.57
CA ALA H 513 27.11 60.89 14.73
C ALA H 513 28.30 61.20 15.61
N ALA H 514 29.30 60.32 15.57
CA ALA H 514 30.56 60.51 16.26
C ALA H 514 31.48 61.48 15.53
N GLU H 515 31.27 61.67 14.24
CA GLU H 515 32.03 62.69 13.51
C GLU H 515 31.76 64.11 14.02
N ASN H 516 30.52 64.45 14.36
CA ASN H 516 30.21 65.82 14.75
C ASN H 516 29.23 65.92 15.92
N ASN H 517 29.19 64.90 16.77
CA ASN H 517 28.33 64.90 17.96
C ASN H 517 26.87 65.21 17.63
N SER H 518 26.38 64.67 16.51
CA SER H 518 25.01 64.95 16.06
C SER H 518 24.38 63.67 15.53
N LEU H 519 23.38 63.17 16.25
CA LEU H 519 22.60 62.02 15.81
C LEU H 519 21.44 62.53 14.97
N ASN H 520 21.56 62.38 13.64
CA ASN H 520 20.53 62.86 12.74
C ASN H 520 19.42 61.83 12.52
N LEU H 521 19.76 60.54 12.50
CA LEU H 521 18.81 59.44 12.33
C LEU H 521 18.14 59.47 10.96
N GLU H 522 18.61 60.35 10.07
CA GLU H 522 18.15 60.39 8.69
C GLU H 522 19.31 60.57 7.72
N VAL H 523 20.51 60.21 8.16
CA VAL H 523 21.69 60.31 7.31
C VAL H 523 21.65 59.19 6.27
N ASN H 524 21.81 59.56 5.00
CA ASN H 524 21.79 58.64 3.88
C ASN H 524 23.02 58.88 3.03
N PRO H 525 24.20 58.45 3.49
CA PRO H 525 25.43 58.71 2.75
C PRO H 525 25.47 57.96 1.44
N GLU H 526 26.27 58.48 0.52
CA GLU H 526 26.54 57.81 -0.75
C GLU H 526 27.64 56.77 -0.52
N ILE H 527 27.28 55.49 -0.54
CA ILE H 527 28.23 54.42 -0.31
C ILE H 527 28.86 54.05 -1.65
N GLN H 528 30.19 54.11 -1.71
CA GLN H 528 30.91 53.82 -2.94
C GLN H 528 31.19 52.32 -3.03
N LEU H 529 30.79 51.73 -4.16
CA LEU H 529 30.94 50.29 -4.38
C LEU H 529 31.38 50.06 -5.82
N TYR H 530 31.75 48.82 -6.12
CA TYR H 530 32.09 48.42 -7.48
C TYR H 530 30.85 47.83 -8.13
N LEU H 531 30.33 48.53 -9.14
CA LEU H 531 29.15 48.10 -9.88
C LEU H 531 29.55 47.85 -11.33
N GLU H 532 29.17 46.68 -11.85
CA GLU H 532 29.50 46.23 -13.22
C GLU H 532 30.92 46.63 -13.61
N GLY H 533 31.87 46.35 -12.72
CA GLY H 533 33.25 46.70 -12.95
C GLY H 533 33.52 48.19 -13.01
N ALA H 534 32.76 48.99 -12.26
CA ALA H 534 32.96 50.43 -12.22
C ALA H 534 32.74 50.92 -10.80
N GLN H 535 33.47 51.98 -10.44
CA GLN H 535 33.42 52.54 -9.09
C GLN H 535 32.39 53.66 -9.07
N ARG H 536 31.25 53.42 -8.42
CA ARG H 536 30.18 54.39 -8.36
C ARG H 536 29.54 54.35 -6.97
N GLY H 537 28.86 55.44 -6.63
CA GLY H 537 28.25 55.56 -5.31
C GLY H 537 26.73 55.43 -5.34
N MET H 538 26.15 55.06 -4.20
CA MET H 538 24.71 54.89 -4.11
C MET H 538 24.28 55.00 -2.64
N THR H 539 22.98 55.21 -2.45
CA THR H 539 22.45 55.58 -1.14
C THR H 539 22.61 54.44 -0.14
N LEU H 540 22.66 54.83 1.14
CA LEU H 540 22.80 53.85 2.22
C LEU H 540 21.58 52.94 2.33
N TYR H 541 20.38 53.50 2.14
CA TYR H 541 19.16 52.70 2.30
C TYR H 541 19.11 51.56 1.30
N GLN H 542 19.40 51.85 0.03
CA GLN H 542 19.41 50.80 -0.99
C GLN H 542 20.49 49.78 -0.70
N TRP H 543 21.65 50.24 -0.20
CA TRP H 543 22.72 49.31 0.13
C TRP H 543 22.31 48.37 1.25
N VAL H 544 21.64 48.89 2.27
CA VAL H 544 21.17 48.05 3.37
C VAL H 544 20.12 47.06 2.87
N ARG H 545 19.25 47.52 1.97
CA ARG H 545 18.26 46.62 1.39
C ARG H 545 18.92 45.46 0.64
N MET H 546 19.95 45.77 -0.16
CA MET H 546 20.60 44.71 -0.92
C MET H 546 21.43 43.80 -0.03
N ILE H 547 22.02 44.35 1.04
CA ILE H 547 22.69 43.51 2.03
C ILE H 547 21.68 42.54 2.66
N LEU H 548 20.50 43.03 3.01
CA LEU H 548 19.50 42.16 3.61
C LEU H 548 19.06 41.07 2.62
N CYS H 549 18.88 41.44 1.36
CA CYS H 549 18.49 40.46 0.35
C CYS H 549 19.56 39.38 0.18
N LEU H 550 20.83 39.81 0.08
CA LEU H 550 21.92 38.84 -0.09
C LEU H 550 22.10 37.98 1.14
N GLU H 551 21.92 38.55 2.33
CA GLU H 551 22.03 37.76 3.56
C GLU H 551 20.90 36.74 3.64
N PHE H 552 19.69 37.11 3.24
CA PHE H 552 18.60 36.14 3.21
C PHE H 552 18.90 35.02 2.23
N LEU H 553 19.41 35.36 1.04
CA LEU H 553 19.74 34.33 0.07
C LEU H 553 20.84 33.40 0.59
N MET H 554 21.83 33.97 1.27
CA MET H 554 22.89 33.15 1.87
C MET H 554 22.34 32.25 2.98
N ALA H 555 21.44 32.78 3.80
CA ALA H 555 20.89 32.01 4.92
C ALA H 555 20.05 30.85 4.42
N ILE H 556 19.21 31.07 3.41
CA ILE H 556 18.38 29.97 2.90
C ILE H 556 19.17 28.99 2.05
N TYR H 557 20.42 29.31 1.72
CA TYR H 557 21.27 28.45 0.91
C TYR H 557 22.53 28.08 1.68
N ASN H 558 22.41 27.78 2.97
CA ASN H 558 23.54 27.45 3.80
C ASN H 558 23.83 25.95 3.73
N ASN H 559 25.07 25.62 3.40
CA ASN H 559 25.55 24.25 3.33
C ASN H 559 27.06 24.27 3.61
N PRO H 560 27.74 23.12 3.69
CA PRO H 560 29.18 23.16 3.91
C PRO H 560 29.95 23.97 2.88
N GLN H 561 29.48 23.99 1.63
CA GLN H 561 30.15 24.81 0.62
C GLN H 561 30.13 26.28 0.99
N MET H 562 28.96 26.79 1.41
CA MET H 562 28.88 28.19 1.81
C MET H 562 29.74 28.47 3.04
N GLU H 563 29.71 27.57 4.03
CA GLU H 563 30.51 27.75 5.23
C GLU H 563 32.00 27.86 4.89
N GLY H 564 32.51 26.88 4.14
CA GLY H 564 33.92 26.91 3.78
C GLY H 564 34.28 28.10 2.92
N PHE H 565 33.40 28.44 1.97
CA PHE H 565 33.67 29.56 1.08
C PHE H 565 33.79 30.86 1.86
N LEU H 566 32.85 31.10 2.79
CA LEU H 566 32.89 32.32 3.58
C LEU H 566 34.12 32.35 4.49
N ALA H 567 34.41 31.21 5.14
CA ALA H 567 35.54 31.15 6.07
C ALA H 567 36.85 31.41 5.35
N ASN H 568 37.02 30.85 4.16
CA ASN H 568 38.26 31.07 3.41
C ASN H 568 38.26 32.37 2.63
N MET H 569 37.10 33.00 2.44
CA MET H 569 37.03 34.30 1.81
C MET H 569 37.30 35.44 2.79
N ARG H 570 37.15 35.20 4.09
CA ARG H 570 37.52 36.23 5.06
C ARG H 570 38.97 36.67 4.88
N ARG H 571 39.87 35.72 4.62
CA ARG H 571 41.28 36.06 4.44
C ARG H 571 41.51 36.92 3.20
N LEU H 572 40.87 36.55 2.08
CA LEU H 572 41.03 37.34 0.86
C LEU H 572 40.41 38.72 1.02
N HIS H 573 39.31 38.82 1.75
CA HIS H 573 38.71 40.12 2.05
C HIS H 573 39.66 40.98 2.87
N MET H 574 40.33 40.38 3.87
CA MET H 574 41.31 41.11 4.65
C MET H 574 42.49 41.57 3.79
N SER H 575 42.96 40.70 2.90
CA SER H 575 44.08 41.07 2.03
C SER H 575 43.69 42.20 1.07
N ARG H 576 42.48 42.13 0.52
CA ARG H 576 42.00 43.20 -0.35
C ARG H 576 41.90 44.52 0.40
N HIS H 577 41.41 44.48 1.64
CA HIS H 577 41.36 45.70 2.44
C HIS H 577 42.78 46.23 2.72
N ALA H 578 43.72 45.33 3.00
CA ALA H 578 45.08 45.75 3.25
C ALA H 578 45.70 46.43 2.04
N MET H 579 45.50 45.87 0.85
CA MET H 579 46.05 46.49 -0.34
C MET H 579 45.26 47.71 -0.80
N MET H 580 44.03 47.89 -0.33
CA MET H 580 43.38 49.19 -0.55
C MET H 580 43.92 50.24 0.41
N GLU H 581 44.35 49.83 1.60
CA GLU H 581 44.89 50.76 2.59
C GLU H 581 46.41 50.93 2.44
N ARG H 582 46.93 50.67 1.24
CA ARG H 582 48.35 50.88 0.91
C ARG H 582 49.26 50.06 1.83
N ARG H 583 49.10 48.74 1.73
CA ARG H 583 49.92 47.80 2.49
C ARG H 583 50.38 46.68 1.58
N GLN H 584 51.47 46.04 1.96
CA GLN H 584 52.04 44.92 1.20
C GLN H 584 51.67 43.61 1.87
N VAL H 585 51.31 42.63 1.05
CA VAL H 585 50.89 41.31 1.51
C VAL H 585 51.94 40.30 1.08
N PHE H 586 52.45 39.53 2.05
CA PHE H 586 53.45 38.51 1.80
C PHE H 586 52.88 37.13 2.07
N LEU H 587 53.42 36.14 1.36
CA LEU H 587 52.91 34.78 1.42
C LEU H 587 54.05 33.81 1.65
N PRO H 588 53.77 32.68 2.33
CA PRO H 588 54.79 31.62 2.45
C PRO H 588 55.08 30.97 1.10
N PHE H 589 55.92 29.93 1.12
CA PHE H 589 56.36 29.27 -0.11
C PHE H 589 55.20 28.69 -0.89
N GLY H 590 54.53 27.68 -0.34
CA GLY H 590 53.43 27.04 -1.03
C GLY H 590 52.08 27.65 -0.71
N SER H 591 52.00 28.97 -0.75
CA SER H 591 50.81 29.71 -0.33
C SER H 591 49.95 30.02 -1.55
N ARG H 592 48.79 29.37 -1.63
CA ARG H 592 47.79 29.65 -2.67
C ARG H 592 46.45 29.77 -1.97
N PRO H 593 46.14 30.94 -1.39
CA PRO H 593 44.89 31.08 -0.63
C PRO H 593 43.64 30.87 -1.46
N GLU H 594 43.71 31.03 -2.78
CA GLU H 594 42.53 30.85 -3.61
C GLU H 594 42.09 29.40 -3.72
N ASP H 595 42.99 28.45 -3.48
CA ASP H 595 42.62 27.04 -3.61
C ASP H 595 41.57 26.63 -2.59
N LYS H 596 41.68 27.12 -1.36
CA LYS H 596 40.73 26.75 -0.32
C LYS H 596 39.37 27.37 -0.56
N VAL H 597 39.31 28.55 -1.20
CA VAL H 597 38.03 29.10 -1.60
C VAL H 597 37.47 28.31 -2.77
N ASN H 598 38.33 27.94 -3.73
CA ASN H 598 37.87 27.26 -4.94
C ASN H 598 37.33 25.87 -4.64
N GLU H 599 37.93 25.16 -3.67
CA GLU H 599 37.44 23.82 -3.36
C GLU H 599 36.03 23.83 -2.80
N CYS H 600 35.56 24.97 -2.30
CA CYS H 600 34.21 25.10 -1.77
C CYS H 600 33.20 25.60 -2.80
N ILE H 601 33.63 25.87 -4.02
CA ILE H 601 32.76 26.36 -5.08
C ILE H 601 32.45 25.17 -5.99
N ILE H 602 31.30 24.54 -5.78
CA ILE H 602 30.93 23.38 -6.58
C ILE H 602 29.61 23.62 -7.30
N ASN H 603 28.52 23.79 -6.55
CA ASN H 603 27.21 23.95 -7.16
C ASN H 603 26.29 24.91 -6.43
N ASN H 604 26.77 25.63 -5.42
CA ASN H 604 25.91 26.56 -4.69
C ASN H 604 25.70 27.82 -5.52
N PRO H 605 24.45 28.18 -5.85
CA PRO H 605 24.24 29.36 -6.70
C PRO H 605 24.77 30.65 -6.10
N ILE H 606 24.60 30.85 -4.78
CA ILE H 606 25.01 32.11 -4.17
C ILE H 606 26.51 32.12 -3.90
N VAL H 607 27.13 30.96 -3.69
CA VAL H 607 28.59 30.93 -3.64
C VAL H 607 29.17 31.34 -4.98
N ALA H 608 28.57 30.85 -6.08
CA ALA H 608 29.01 31.27 -7.41
C ALA H 608 28.75 32.76 -7.64
N TYR H 609 27.61 33.26 -7.15
CA TYR H 609 27.30 34.67 -7.29
C TYR H 609 28.32 35.53 -6.56
N LEU H 610 28.68 35.14 -5.34
CA LEU H 610 29.70 35.88 -4.59
C LEU H 610 31.06 35.77 -5.25
N ALA H 611 31.38 34.60 -5.81
CA ALA H 611 32.65 34.46 -6.53
C ALA H 611 32.71 35.39 -7.72
N LYS H 612 31.63 35.48 -8.49
CA LYS H 612 31.60 36.38 -9.63
C LYS H 612 31.67 37.84 -9.19
N GLY H 613 30.99 38.18 -8.09
CA GLY H 613 31.09 39.53 -7.56
C GLY H 613 32.49 39.89 -7.13
N TRP H 614 33.20 38.95 -6.52
CA TRP H 614 34.60 39.18 -6.16
C TRP H 614 35.47 39.31 -7.40
N ASN H 615 35.20 38.50 -8.43
CA ASN H 615 36.00 38.55 -9.64
C ASN H 615 35.79 39.83 -10.43
N SER H 616 34.58 40.41 -10.36
CA SER H 616 34.30 41.62 -11.11
C SER H 616 35.10 42.81 -10.59
N MET H 617 35.50 42.79 -9.33
CA MET H 617 36.25 43.89 -8.77
C MET H 617 37.70 43.85 -9.25
N PRO H 618 38.37 45.01 -9.31
CA PRO H 618 39.77 45.03 -9.75
C PRO H 618 40.66 44.24 -8.81
N ASN H 619 41.66 43.59 -9.40
CA ASN H 619 42.63 42.80 -8.65
C ASN H 619 43.96 43.51 -8.47
N VAL H 620 44.11 44.73 -8.98
CA VAL H 620 45.32 45.52 -8.85
C VAL H 620 44.96 46.86 -8.21
N TYR H 621 45.76 47.28 -7.23
CA TYR H 621 45.51 48.54 -6.54
C TYR H 621 46.79 49.34 -6.50
N TYR H 622 46.71 50.60 -6.90
CA TYR H 622 47.89 51.47 -6.95
C TYR H 622 47.76 52.62 -5.96
N MET I 1 29.53 39.90 -3.92
CA MET I 1 30.69 40.14 -3.05
C MET I 1 31.16 41.58 -3.16
N ASN I 2 30.94 42.19 -4.33
CA ASN I 2 31.26 43.60 -4.49
C ASN I 2 30.44 44.49 -3.58
N LEU I 3 29.30 43.99 -3.09
CA LEU I 3 28.47 44.74 -2.16
C LEU I 3 28.96 44.64 -0.73
N PHE I 4 29.92 43.76 -0.44
CA PHE I 4 30.46 43.59 0.89
C PHE I 4 31.76 44.34 1.09
N THR I 5 32.17 45.17 0.13
CA THR I 5 33.44 45.89 0.17
C THR I 5 33.19 47.37 -0.07
N PRO I 6 32.81 48.11 0.96
CA PRO I 6 32.61 49.56 0.80
C PRO I 6 33.92 50.27 0.57
N LEU I 7 33.82 51.43 -0.09
CA LEU I 7 34.98 52.26 -0.38
C LEU I 7 34.89 53.64 0.26
N SER I 8 33.80 53.98 0.95
CA SER I 8 33.64 55.28 1.55
C SER I 8 32.92 55.18 2.88
N GLU I 9 33.41 55.94 3.86
CA GLU I 9 32.76 56.17 5.15
C GLU I 9 32.82 54.94 6.06
N ILE I 10 33.29 53.82 5.52
CA ILE I 10 33.36 52.59 6.31
C ILE I 10 34.32 51.64 5.59
N ASN I 11 35.12 50.92 6.37
CA ASN I 11 36.14 50.06 5.82
C ASN I 11 35.67 48.61 5.77
N PRO I 12 36.24 47.80 4.88
CA PRO I 12 35.81 46.39 4.78
C PRO I 12 36.00 45.58 6.04
N THR I 13 36.88 45.98 6.96
CA THR I 13 37.10 45.20 8.17
C THR I 13 35.84 45.12 9.02
N THR I 14 35.15 46.25 9.20
CA THR I 14 33.92 46.25 10.00
C THR I 14 32.81 45.46 9.32
N THR I 15 32.67 45.61 8.00
CA THR I 15 31.62 44.91 7.28
C THR I 15 31.97 43.45 7.01
N GLN I 16 33.16 43.01 7.39
CA GLN I 16 33.51 41.59 7.26
C GLN I 16 32.62 40.71 8.12
N GLU I 17 31.90 41.30 9.09
CA GLU I 17 30.90 40.55 9.83
C GLU I 17 29.82 39.99 8.90
N LEU I 18 29.56 40.67 7.78
CA LEU I 18 28.59 40.15 6.81
C LEU I 18 29.06 38.85 6.16
N LEU I 19 30.36 38.56 6.21
CA LEU I 19 30.88 37.32 5.65
C LEU I 19 30.72 36.19 6.66
N TYR I 20 29.52 36.02 7.20
CA TYR I 20 29.24 34.97 8.17
C TYR I 20 27.89 34.37 7.82
N ALA I 21 27.82 33.03 7.83
CA ALA I 21 26.59 32.32 7.47
C ALA I 21 25.72 32.14 8.71
N TYR I 22 25.29 33.28 9.26
CA TYR I 22 24.39 33.26 10.40
C TYR I 22 22.99 32.85 9.96
N THR I 23 22.16 32.50 10.94
CA THR I 23 20.73 32.28 10.74
C THR I 23 20.44 31.14 9.78
N GLY I 24 21.47 30.46 9.29
CA GLY I 24 21.29 29.30 8.46
C GLY I 24 21.61 28.04 9.25
N PRO I 25 21.05 26.91 8.81
CA PRO I 25 21.32 25.65 9.51
C PRO I 25 22.81 25.31 9.48
N ALA I 26 23.32 24.87 10.63
CA ALA I 26 24.70 24.43 10.70
C ALA I 26 24.85 23.09 9.98
N PRO I 27 25.99 22.84 9.35
CA PRO I 27 26.21 21.55 8.70
C PRO I 27 26.11 20.41 9.71
N VAL I 28 25.51 19.31 9.29
CA VAL I 28 25.28 18.16 10.13
C VAL I 28 25.96 16.95 9.50
N ALA I 29 26.65 16.18 10.33
CA ALA I 29 27.41 15.02 9.83
C ALA I 29 26.49 13.81 9.71
N TYR I 30 26.53 13.16 8.55
CA TYR I 30 25.71 11.99 8.27
C TYR I 30 26.59 10.76 8.12
N GLY I 31 26.02 9.61 8.46
CA GLY I 31 26.62 8.34 8.11
C GLY I 31 27.82 7.97 8.96
N THR I 32 28.61 7.03 8.43
CA THR I 32 29.72 6.48 9.16
C THR I 32 30.88 7.47 9.23
N ARG I 33 31.57 7.45 10.37
CA ARG I 33 32.78 8.22 10.58
C ARG I 33 34.04 7.43 10.27
N THR I 34 33.89 6.21 9.77
CA THR I 34 35.05 5.33 9.59
C THR I 34 36.05 5.90 8.60
N ARG I 35 35.57 6.45 7.48
CA ARG I 35 36.48 7.02 6.50
C ARG I 35 37.22 8.22 7.08
N ALA I 36 36.51 9.10 7.80
CA ALA I 36 37.15 10.27 8.39
C ALA I 36 38.16 9.86 9.47
N VAL I 37 37.80 8.90 10.32
CA VAL I 37 38.71 8.45 11.37
C VAL I 37 39.95 7.81 10.76
N LEU I 38 39.76 6.98 9.73
CA LEU I 38 40.89 6.33 9.07
C LEU I 38 41.80 7.36 8.41
N GLU I 39 41.22 8.37 7.77
CA GLU I 39 42.03 9.43 7.18
C GLU I 39 42.81 10.19 8.26
N ASN I 40 42.15 10.49 9.38
CA ASN I 40 42.81 11.17 10.48
C ASN I 40 43.99 10.35 11.00
N ILE I 41 43.80 9.03 11.10
CA ILE I 41 44.87 8.16 11.59
C ILE I 41 46.00 8.08 10.56
N ILE I 42 45.67 8.06 9.27
CA ILE I 42 46.69 7.81 8.26
C ILE I 42 47.46 9.07 7.86
N ARG I 43 46.93 10.27 8.13
CA ARG I 43 47.67 11.48 7.77
C ARG I 43 49.04 11.59 8.44
N PRO I 44 49.18 11.39 9.76
CA PRO I 44 50.52 11.54 10.35
C PRO I 44 51.56 10.58 9.79
N TYR I 45 51.16 9.37 9.39
CA TYR I 45 52.11 8.43 8.82
C TYR I 45 52.55 8.84 7.41
N GLN I 46 51.72 9.60 6.70
CA GLN I 46 52.06 10.04 5.36
C GLN I 46 53.00 11.26 5.36
N TYR I 47 53.14 11.95 6.48
CA TYR I 47 53.96 13.15 6.56
C TYR I 47 55.23 12.96 7.36
N PHE I 48 55.52 11.76 7.85
CA PHE I 48 56.73 11.54 8.63
C PHE I 48 57.98 11.75 7.78
N TYR I 49 57.96 11.27 6.54
CA TYR I 49 59.10 11.38 5.63
C TYR I 49 58.77 12.36 4.52
N LYS I 50 59.82 12.99 3.97
CA LYS I 50 59.64 13.88 2.83
C LYS I 50 59.04 13.13 1.65
N GLU I 51 59.58 11.95 1.36
CA GLU I 51 58.97 11.05 0.38
C GLU I 51 57.93 10.19 1.08
N PRO I 52 56.67 10.19 0.62
CA PRO I 52 55.63 9.44 1.34
C PRO I 52 55.86 7.94 1.32
N ASN I 53 56.21 7.37 2.47
CA ASN I 53 56.41 5.94 2.64
C ASN I 53 55.58 5.54 3.87
N VAL I 54 54.31 5.21 3.64
CA VAL I 54 53.40 4.91 4.74
C VAL I 54 53.86 3.65 5.48
N GLN I 55 54.11 2.57 4.73
CA GLN I 55 54.36 1.27 5.35
C GLN I 55 55.57 1.31 6.28
N ARG I 56 56.62 2.03 5.89
CA ARG I 56 57.79 2.15 6.75
C ARG I 56 57.47 2.89 8.04
N ALA I 57 56.45 3.75 8.03
CA ALA I 57 56.15 4.61 9.17
C ALA I 57 55.25 3.95 10.21
N LEU I 58 54.61 2.82 9.90
CA LEU I 58 53.72 2.19 10.88
C LEU I 58 54.47 1.61 12.08
N ASP I 59 55.78 1.41 11.97
CA ASP I 59 56.59 0.93 13.08
C ASP I 59 57.71 1.96 13.32
N ILE I 60 57.37 3.00 14.08
CA ILE I 60 58.31 4.06 14.42
C ILE I 60 58.32 4.24 15.93
N LYS I 61 57.21 3.88 16.57
CA LYS I 61 57.04 4.04 18.01
C LYS I 61 57.26 5.49 18.42
N THR I 62 58.43 5.81 18.94
CA THR I 62 58.75 7.20 19.25
C THR I 62 58.92 8.00 17.96
N GLY I 63 58.25 9.13 17.87
CA GLY I 63 58.22 9.93 16.66
C GLY I 63 59.37 10.89 16.47
N CYS I 64 60.43 10.76 17.27
CA CYS I 64 61.59 11.63 17.09
C CYS I 64 62.20 11.43 15.71
N LYS I 65 62.62 12.54 15.10
CA LYS I 65 63.15 12.52 13.75
C LYS I 65 64.39 13.40 13.67
N GLU I 66 65.28 13.06 12.75
CA GLU I 66 66.52 13.77 12.52
C GLU I 66 66.26 15.03 11.68
N PRO I 67 67.10 16.07 11.82
CA PRO I 67 67.02 17.20 10.90
C PRO I 67 67.37 16.79 9.48
N GLU I 68 67.34 17.76 8.55
CA GLU I 68 67.42 17.51 7.09
C GLU I 68 66.49 16.38 6.66
N ASP I 69 65.43 16.17 7.44
CA ASP I 69 64.38 15.22 7.13
C ASP I 69 62.98 15.78 7.33
N ILE I 70 62.85 16.92 8.03
CA ILE I 70 61.55 17.55 8.19
C ILE I 70 61.12 18.16 6.86
N ASN I 71 59.90 17.85 6.44
CA ASN I 71 59.37 18.39 5.20
C ASN I 71 59.15 19.88 5.33
N VAL I 72 59.97 20.67 4.64
CA VAL I 72 59.82 22.13 4.67
C VAL I 72 58.90 22.64 3.57
N GLU I 73 58.58 21.81 2.58
CA GLU I 73 57.67 22.18 1.51
C GLU I 73 56.26 21.66 1.73
N GLY I 74 55.98 21.03 2.87
CA GLY I 74 54.68 20.49 3.15
C GLY I 74 54.54 20.05 4.60
N PRO I 75 53.44 19.37 4.91
CA PRO I 75 53.24 18.90 6.28
C PRO I 75 54.32 17.91 6.69
N SER I 76 54.68 17.97 7.97
CA SER I 76 55.71 17.09 8.52
C SER I 76 55.35 16.72 9.95
N SER I 77 55.06 15.45 10.18
CA SER I 77 54.76 14.97 11.52
C SER I 77 56.05 14.63 12.26
N GLY I 78 55.92 14.38 13.56
CA GLY I 78 57.07 14.08 14.39
C GLY I 78 57.67 15.32 15.00
N PHE I 79 58.87 15.13 15.56
CA PHE I 79 59.58 16.22 16.21
C PHE I 79 61.07 15.88 16.27
N HIS I 80 61.86 16.88 16.65
CA HIS I 80 63.29 16.73 16.86
C HIS I 80 63.56 16.81 18.35
N THR I 81 64.16 15.75 18.91
CA THR I 81 64.31 15.66 20.36
C THR I 81 65.20 16.78 20.90
N ALA I 82 66.33 17.03 20.24
CA ALA I 82 67.22 18.08 20.70
C ALA I 82 66.55 19.44 20.62
N SER I 83 65.81 19.70 19.54
CA SER I 83 65.08 20.95 19.41
C SER I 83 64.03 21.09 20.51
N VAL I 84 63.30 20.01 20.80
CA VAL I 84 62.29 20.06 21.85
C VAL I 84 62.94 20.37 23.19
N LEU I 85 64.06 19.71 23.49
CA LEU I 85 64.74 19.95 24.77
C LEU I 85 65.21 21.40 24.88
N LYS I 86 65.84 21.91 23.80
CA LYS I 86 66.34 23.28 23.84
C LYS I 86 65.22 24.30 23.96
N LEU I 87 64.13 24.10 23.21
CA LEU I 87 63.02 25.05 23.28
C LEU I 87 62.32 25.00 24.63
N ALA I 88 62.18 23.81 25.21
CA ALA I 88 61.62 23.72 26.56
C ALA I 88 62.51 24.40 27.57
N ASP I 89 63.83 24.26 27.43
CA ASP I 89 64.76 24.97 28.29
C ASP I 89 64.58 26.48 28.16
N ASN I 90 64.50 26.97 26.93
CA ASN I 90 64.35 28.41 26.71
C ASN I 90 63.04 28.92 27.30
N PHE I 91 61.95 28.16 27.12
CA PHE I 91 60.67 28.57 27.68
C PHE I 91 60.70 28.55 29.20
N PHE I 92 61.38 27.57 29.79
CA PHE I 92 61.46 27.50 31.25
C PHE I 92 62.26 28.67 31.80
N ARG I 93 63.36 29.05 31.14
CA ARG I 93 64.17 30.16 31.62
C ARG I 93 63.38 31.46 31.64
N LYS I 94 62.58 31.70 30.60
CA LYS I 94 61.68 32.84 30.59
C LYS I 94 60.40 32.52 31.35
N TYR I 95 59.62 33.56 31.62
CA TYR I 95 58.33 33.43 32.33
C TYR I 95 58.53 32.74 33.68
N ARG I 96 59.50 33.23 34.44
CA ARG I 96 59.77 32.65 35.76
C ARG I 96 58.58 32.72 36.71
N PRO I 97 57.85 33.84 36.85
CA PRO I 97 56.68 33.84 37.75
C PRO I 97 55.64 32.80 37.38
N ALA I 98 55.45 32.54 36.08
CA ALA I 98 54.52 31.49 35.68
C ALA I 98 54.98 30.13 36.19
N MET I 99 56.28 29.86 36.11
CA MET I 99 56.81 28.60 36.62
C MET I 99 56.67 28.52 38.14
N GLU I 100 56.89 29.63 38.83
CA GLU I 100 56.73 29.62 40.29
C GLU I 100 55.28 29.35 40.69
N LYS I 101 54.33 29.95 39.97
CA LYS I 101 52.92 29.68 40.27
C LYS I 101 52.52 28.27 39.87
N LEU I 102 53.13 27.72 38.82
CA LEU I 102 52.93 26.31 38.51
C LEU I 102 53.44 25.43 39.63
N LYS I 103 54.59 25.78 40.21
CA LYS I 103 55.11 25.05 41.37
C LYS I 103 54.16 25.15 42.55
N TYR I 104 53.60 26.33 42.79
CA TYR I 104 52.60 26.49 43.85
C TYR I 104 51.41 25.57 43.60
N TRP I 105 50.90 25.57 42.36
CA TRP I 105 49.78 24.70 42.01
C TRP I 105 50.11 23.24 42.23
N ILE I 106 51.30 22.81 41.85
CA ILE I 106 51.62 21.39 41.85
C ILE I 106 51.99 20.92 43.25
N LEU I 107 52.41 21.83 44.14
CA LEU I 107 52.75 21.42 45.50
C LEU I 107 51.56 21.51 46.44
N VAL I 108 50.78 22.59 46.36
CA VAL I 108 49.76 22.82 47.37
C VAL I 108 48.42 22.28 46.95
N LYS I 109 47.85 22.79 45.86
CA LYS I 109 46.48 22.47 45.50
C LYS I 109 46.36 21.30 44.53
N LEU I 110 47.47 20.73 44.07
CA LEU I 110 47.38 19.49 43.29
C LEU I 110 46.82 18.34 44.12
N PRO I 111 47.31 18.04 45.34
CA PRO I 111 46.66 16.97 46.12
C PRO I 111 45.47 17.49 46.91
N LYS I 112 44.63 18.30 46.27
CA LYS I 112 43.45 18.87 46.91
C LYS I 112 42.19 18.77 46.08
N LEU I 113 42.29 18.63 44.76
CA LEU I 113 41.11 18.60 43.91
C LEU I 113 40.25 17.38 44.21
N LYS I 114 38.95 17.60 44.35
CA LYS I 114 38.01 16.50 44.53
C LYS I 114 37.89 15.72 43.24
N TYR I 115 37.80 14.39 43.35
CA TYR I 115 37.71 13.56 42.17
C TYR I 115 36.31 13.53 41.57
N ALA I 116 35.33 14.12 42.25
CA ALA I 116 33.95 14.14 41.75
C ALA I 116 33.76 15.10 40.58
N GLU I 117 34.71 15.99 40.31
CA GLU I 117 34.57 16.93 39.20
C GLU I 117 34.70 16.26 37.84
N LEU I 118 35.10 14.98 37.79
CA LEU I 118 35.09 14.25 36.53
C LEU I 118 33.67 13.98 36.04
N SER I 119 32.66 14.17 36.90
CA SER I 119 31.28 13.95 36.48
C SER I 119 30.76 15.05 35.56
N LYS I 120 31.33 16.25 35.62
CA LYS I 120 30.92 17.33 34.74
C LYS I 120 31.78 17.37 33.47
N GLY I 121 31.90 16.23 32.81
CA GLY I 121 32.71 16.11 31.62
C GLY I 121 31.93 15.94 30.34
N ARG I 122 32.24 14.89 29.59
CA ARG I 122 31.63 14.63 28.29
C ARG I 122 31.19 13.17 28.24
N GLN I 123 30.49 12.82 27.17
CA GLN I 123 29.98 11.46 27.00
C GLN I 123 31.11 10.45 27.06
N THR I 124 30.91 9.37 27.82
CA THR I 124 31.94 8.38 28.07
C THR I 124 31.44 7.01 27.64
N TYR I 125 32.31 6.27 26.95
CA TYR I 125 32.01 4.89 26.57
C TYR I 125 32.38 3.97 27.74
N SER I 126 31.36 3.42 28.40
CA SER I 126 31.60 2.52 29.51
C SER I 126 32.23 1.22 29.03
N PHE I 127 33.22 0.75 29.78
CA PHE I 127 33.88 -0.52 29.47
C PHE I 127 33.15 -1.71 30.09
N ILE I 128 32.09 -1.47 30.85
CA ILE I 128 31.31 -2.54 31.46
C ILE I 128 29.96 -2.72 30.77
N HIS I 129 29.25 -1.62 30.49
CA HIS I 129 27.98 -1.69 29.79
C HIS I 129 28.14 -1.79 28.27
N LYS I 130 29.36 -1.63 27.76
CA LYS I 130 29.64 -1.73 26.32
C LYS I 130 28.82 -0.73 25.52
N ARG I 131 28.58 0.46 26.09
CA ARG I 131 27.82 1.50 25.42
C ARG I 131 28.22 2.84 26.03
N ASN I 132 27.50 3.89 25.65
CA ASN I 132 27.80 5.25 26.09
C ASN I 132 26.92 5.62 27.28
N LEU I 133 27.54 6.21 28.29
CA LEU I 133 26.87 6.64 29.51
C LEU I 133 27.27 8.05 29.86
N PRO I 134 26.42 8.79 30.56
CA PRO I 134 26.81 10.13 31.03
C PRO I 134 27.97 10.05 32.00
N ALA I 135 28.74 11.14 32.05
CA ALA I 135 29.96 11.15 32.86
C ALA I 135 29.72 10.82 34.34
N PRO I 136 28.70 11.35 35.03
CA PRO I 136 28.49 10.92 36.43
C PRO I 136 28.23 9.43 36.56
N ILE I 137 27.45 8.85 35.63
CA ILE I 137 27.18 7.42 35.68
C ILE I 137 28.46 6.62 35.46
N ALA I 138 29.28 7.05 34.51
CA ALA I 138 30.54 6.36 34.25
C ALA I 138 31.47 6.46 35.46
N LEU I 139 31.53 7.63 36.10
CA LEU I 139 32.37 7.78 37.28
C LEU I 139 31.89 6.88 38.42
N GLU I 140 30.58 6.84 38.65
CA GLU I 140 30.04 5.98 39.72
C GLU I 140 30.32 4.52 39.43
N GLU I 141 30.12 4.08 38.19
CA GLU I 141 30.37 2.69 37.84
C GLU I 141 31.86 2.36 37.98
N THR I 142 32.73 3.28 37.58
CA THR I 142 34.16 3.04 37.68
C THR I 142 34.62 2.96 39.13
N VAL I 143 34.09 3.84 40.01
CA VAL I 143 34.51 3.78 41.40
C VAL I 143 33.95 2.53 42.07
N GLU I 144 32.74 2.09 41.69
CA GLU I 144 32.24 0.83 42.21
C GLU I 144 33.12 -0.33 41.76
N PHE I 145 33.55 -0.32 40.51
CA PHE I 145 34.48 -1.33 40.00
C PHE I 145 35.78 -1.33 40.79
N LEU I 146 36.31 -0.13 41.06
CA LEU I 146 37.55 -0.02 41.83
C LEU I 146 37.38 -0.56 43.23
N GLU I 147 36.28 -0.21 43.88
CA GLU I 147 36.02 -0.71 45.23
C GLU I 147 35.91 -2.23 45.25
N GLN I 148 35.22 -2.79 44.25
CA GLN I 148 35.01 -4.23 44.23
C GLN I 148 36.31 -4.98 43.96
N ASN I 149 37.11 -4.51 43.01
CA ASN I 149 38.29 -5.24 42.57
C ASN I 149 39.60 -4.73 43.17
N LEU I 150 39.53 -3.85 44.18
CA LEU I 150 40.74 -3.37 44.82
C LEU I 150 40.67 -3.38 46.34
N ARG I 151 39.47 -3.40 46.94
CA ARG I 151 39.22 -3.62 48.36
C ARG I 151 39.70 -2.49 49.26
N ARG I 152 40.29 -1.44 48.73
CA ARG I 152 40.68 -0.27 49.51
C ARG I 152 39.78 0.90 49.13
N LYS I 153 39.25 1.59 50.14
CA LYS I 153 38.28 2.65 49.89
C LYS I 153 38.96 3.85 49.24
N ILE I 154 38.28 4.44 48.26
CA ILE I 154 38.85 5.56 47.51
C ILE I 154 38.68 6.84 48.32
N GLY I 155 39.79 7.57 48.48
CA GLY I 155 39.76 8.83 49.21
C GLY I 155 39.10 9.93 48.40
N PRO I 156 38.74 11.02 49.07
CA PRO I 156 38.11 12.14 48.36
C PRO I 156 38.99 12.75 47.29
N THR I 157 40.30 12.80 47.51
CA THR I 157 41.20 13.39 46.52
C THR I 157 41.31 12.51 45.29
N LEU I 158 41.57 13.14 44.14
CA LEU I 158 41.71 12.41 42.89
C LEU I 158 43.07 11.74 42.76
N LEU I 159 44.04 12.12 43.60
CA LEU I 159 45.29 11.37 43.68
C LEU I 159 45.00 9.94 44.15
N SER I 160 44.04 9.79 45.07
CA SER I 160 43.62 8.45 45.48
C SER I 160 43.01 7.69 44.32
N TYR I 161 42.21 8.37 43.49
CA TYR I 161 41.65 7.72 42.31
C TYR I 161 42.73 7.26 41.35
N CYS I 162 43.73 8.11 41.12
CA CYS I 162 44.84 7.74 40.23
C CYS I 162 45.62 6.56 40.78
N GLN I 163 45.90 6.59 42.09
CA GLN I 163 46.59 5.46 42.72
C GLN I 163 45.77 4.19 42.61
N ALA I 164 44.45 4.29 42.77
CA ALA I 164 43.59 3.12 42.63
C ALA I 164 43.66 2.56 41.21
N ILE I 165 43.62 3.43 40.21
CA ILE I 165 43.74 2.97 38.83
C ILE I 165 45.06 2.26 38.62
N ALA I 166 46.16 2.87 39.10
CA ALA I 166 47.48 2.27 38.93
C ALA I 166 47.58 0.92 39.63
N ASP I 167 47.01 0.81 40.82
CA ASP I 167 47.08 -0.44 41.57
C ASP I 167 46.23 -1.52 40.92
N VAL I 168 45.00 -1.18 40.50
CA VAL I 168 44.13 -2.18 39.90
C VAL I 168 44.61 -2.60 38.53
N MET I 169 45.44 -1.78 37.87
CA MET I 169 45.93 -2.18 36.56
C MET I 169 46.96 -3.30 36.64
N GLU I 170 47.46 -3.63 37.83
CA GLU I 170 48.45 -4.69 38.00
C GLU I 170 47.84 -6.03 38.34
N LEU I 171 46.52 -6.13 38.45
CA LEU I 171 45.86 -7.38 38.77
C LEU I 171 45.62 -8.18 37.51
N ASP I 172 45.81 -9.50 37.60
CA ASP I 172 45.65 -10.38 36.45
C ASP I 172 44.19 -10.65 36.10
N GLU I 173 43.26 -10.41 37.02
CA GLU I 173 41.86 -10.75 36.80
C GLU I 173 40.99 -9.82 37.64
N THR I 174 39.95 -9.27 37.01
CA THR I 174 39.02 -8.38 37.69
C THR I 174 37.60 -8.75 37.35
N THR I 175 36.70 -8.61 38.32
CA THR I 175 35.29 -8.96 38.14
C THR I 175 34.41 -7.86 38.69
N TYR I 176 33.44 -7.42 37.89
CA TYR I 176 32.48 -6.42 38.32
C TYR I 176 31.28 -7.06 38.99
N GLU I 177 30.52 -6.27 39.73
CA GLU I 177 29.33 -6.75 40.42
C GLU I 177 28.24 -7.11 39.43
N TYR I 210 24.89 -9.06 35.42
CA TYR I 210 25.99 -8.62 36.28
C TYR I 210 26.95 -9.76 36.58
N THR I 211 27.97 -9.49 37.40
CA THR I 211 29.10 -10.40 37.63
C THR I 211 29.77 -10.79 36.31
N ILE I 212 30.33 -9.77 35.66
CA ILE I 212 31.13 -9.94 34.45
C ILE I 212 32.59 -9.80 34.82
N LYS I 213 33.45 -10.52 34.10
CA LYS I 213 34.88 -10.59 34.41
C LYS I 213 35.69 -9.92 33.31
N PHE I 214 36.80 -9.31 33.72
CA PHE I 214 37.72 -8.64 32.79
C PHE I 214 39.12 -9.17 32.99
N SER I 215 39.77 -9.54 31.89
CA SER I 215 41.19 -9.86 31.94
C SER I 215 42.01 -8.59 31.96
N ARG I 216 43.27 -8.72 32.38
CA ARG I 216 44.14 -7.54 32.46
C ARG I 216 44.39 -6.96 31.07
N GLU I 217 44.61 -7.82 30.07
CA GLU I 217 44.81 -7.32 28.72
C GLU I 217 43.55 -6.69 28.17
N GLU I 218 42.39 -7.27 28.49
CA GLU I 218 41.12 -6.68 28.06
C GLU I 218 40.93 -5.30 28.67
N LEU I 219 41.20 -5.17 29.98
CA LEU I 219 41.06 -3.86 30.62
C LEU I 219 42.07 -2.86 30.08
N TRP I 220 43.28 -3.32 29.78
CA TRP I 220 44.28 -2.43 29.19
C TRP I 220 43.86 -1.96 27.81
N ASP I 221 43.29 -2.85 27.00
CA ASP I 221 42.78 -2.45 25.69
C ASP I 221 41.62 -1.48 25.82
N GLN I 222 40.74 -1.70 26.80
CA GLN I 222 39.64 -0.77 27.04
C GLN I 222 40.16 0.60 27.45
N MET I 223 41.21 0.64 28.28
CA MET I 223 41.83 1.92 28.62
C MET I 223 42.42 2.59 27.40
N ARG I 224 43.08 1.80 26.54
CA ARG I 224 43.61 2.36 25.29
C ARG I 224 42.51 2.83 24.36
N THR I 225 41.32 2.23 24.44
CA THR I 225 40.26 2.51 23.49
C THR I 225 39.82 3.97 23.57
N LEU I 226 39.72 4.61 22.42
CA LEU I 226 39.22 5.97 22.31
C LEU I 226 37.90 5.95 21.56
N ASN I 227 36.87 6.52 22.17
CA ASN I 227 35.55 6.60 21.53
C ASN I 227 35.51 7.83 20.64
N THR I 228 35.45 7.60 19.33
CA THR I 228 35.36 8.68 18.35
C THR I 228 33.92 8.87 17.92
N MET I 229 33.56 10.13 17.66
CA MET I 229 32.22 10.45 17.16
C MET I 229 32.30 11.72 16.33
N TRP I 230 31.25 11.93 15.53
CA TRP I 230 31.18 13.11 14.68
C TRP I 230 31.13 14.37 15.54
N LYS I 231 31.78 15.42 15.05
CA LYS I 231 31.70 16.74 15.69
C LYS I 231 30.57 17.52 15.05
N HIS I 232 29.54 17.81 15.83
CA HIS I 232 28.32 18.41 15.32
C HIS I 232 28.31 19.92 15.53
N LEU I 233 27.47 20.59 14.75
CA LEU I 233 27.29 22.04 14.83
C LEU I 233 28.60 22.80 14.63
N GLU I 234 29.44 22.28 13.73
CA GLU I 234 30.73 22.87 13.43
C GLU I 234 30.61 23.69 12.15
N ARG I 235 30.63 25.01 12.28
CA ARG I 235 30.60 25.91 11.14
C ARG I 235 32.00 26.43 10.85
N GLY I 236 32.25 26.69 9.56
CA GLY I 236 33.51 27.27 9.14
C GLY I 236 34.37 26.41 8.25
N ARG I 237 33.91 25.22 7.87
CA ARG I 237 34.70 24.40 6.95
C ARG I 237 33.78 23.48 6.16
N LEU I 238 34.30 23.03 5.01
CA LEU I 238 33.53 22.20 4.10
C LEU I 238 33.42 20.75 4.58
N ASN I 239 34.49 20.23 5.19
CA ASN I 239 34.57 18.83 5.56
C ASN I 239 34.29 18.63 7.04
N ARG I 240 33.54 17.58 7.36
CA ARG I 240 33.25 17.25 8.74
C ARG I 240 34.48 16.67 9.43
N ARG I 241 34.48 16.76 10.76
CA ARG I 241 35.60 16.30 11.58
C ARG I 241 35.08 15.40 12.69
N THR I 242 35.97 14.54 13.18
CA THR I 242 35.66 13.62 14.26
C THR I 242 36.49 13.96 15.48
N ILE I 243 35.87 13.84 16.65
CA ILE I 243 36.55 14.06 17.93
C ILE I 243 36.54 12.77 18.71
N ALA I 244 37.52 12.61 19.59
CA ALA I 244 37.69 11.41 20.39
C ALA I 244 37.66 11.74 21.87
N THR I 245 36.99 10.90 22.65
CA THR I 245 36.92 11.07 24.09
C THR I 245 37.63 9.93 24.79
N PRO I 246 38.35 10.20 25.88
CA PRO I 246 39.09 9.13 26.56
C PRO I 246 38.20 8.36 27.52
N SER I 247 38.70 7.20 27.93
CA SER I 247 38.02 6.39 28.92
C SER I 247 38.13 7.05 30.30
N MET I 248 37.18 6.72 31.17
CA MET I 248 37.13 7.36 32.48
C MET I 248 38.35 7.00 33.33
N LEU I 249 38.96 5.85 33.06
CA LEU I 249 40.14 5.44 33.83
C LEU I 249 41.30 6.41 33.64
N ILE I 250 41.54 6.84 32.40
CA ILE I 250 42.63 7.77 32.11
C ILE I 250 42.20 9.22 32.24
N ARG I 251 40.90 9.49 32.42
CA ARG I 251 40.42 10.86 32.45
C ARG I 251 40.96 11.65 33.62
N GLY I 252 41.25 11.00 34.76
CA GLY I 252 41.85 11.72 35.87
C GLY I 252 43.23 12.25 35.55
N PHE I 253 44.06 11.41 34.93
CA PHE I 253 45.37 11.84 34.48
C PHE I 253 45.26 12.93 33.43
N VAL I 254 44.34 12.76 32.48
CA VAL I 254 44.13 13.78 31.45
C VAL I 254 43.73 15.11 32.10
N LYS I 255 42.85 15.05 33.10
CA LYS I 255 42.39 16.27 33.74
C LYS I 255 43.49 16.95 34.53
N ILE I 256 44.33 16.18 35.23
CA ILE I 256 45.39 16.82 35.99
C ILE I 256 46.41 17.47 35.06
N VAL I 257 46.78 16.81 33.97
CA VAL I 257 47.75 17.45 33.07
C VAL I 257 47.13 18.66 32.38
N GLU I 258 45.83 18.57 32.03
CA GLU I 258 45.17 19.70 31.40
C GLU I 258 45.04 20.88 32.36
N ASP I 259 44.76 20.59 33.64
CA ASP I 259 44.67 21.67 34.63
C ASP I 259 46.03 22.33 34.84
N ALA I 260 47.10 21.53 34.88
CA ALA I 260 48.43 22.12 34.98
C ALA I 260 48.74 22.99 33.77
N ALA I 261 48.38 22.51 32.57
CA ALA I 261 48.59 23.28 31.36
C ALA I 261 47.81 24.58 31.39
N LYS I 262 46.56 24.54 31.83
CA LYS I 262 45.75 25.75 31.92
C LYS I 262 46.34 26.73 32.93
N GLU I 263 46.79 26.22 34.08
CA GLU I 263 47.35 27.10 35.10
C GLU I 263 48.62 27.78 34.61
N ILE I 264 49.48 27.05 33.90
CA ILE I 264 50.69 27.67 33.37
C ILE I 264 50.38 28.57 32.16
N LEU I 265 49.27 28.32 31.45
CA LEU I 265 48.92 29.14 30.31
C LEU I 265 48.28 30.47 30.71
N GLU I 266 47.55 30.51 31.83
CA GLU I 266 46.93 31.77 32.24
C GLU I 266 47.96 32.83 32.59
N ASN I 267 49.22 32.46 32.81
CA ASN I 267 50.22 33.37 33.35
C ASN I 267 51.38 33.58 32.37
N VAL I 268 51.11 33.43 31.07
CA VAL I 268 52.13 33.68 30.05
C VAL I 268 51.54 34.64 29.02
N PRO I 269 52.25 35.72 28.67
CA PRO I 269 51.66 36.71 27.75
C PRO I 269 51.42 36.18 26.34
N THR I 270 52.08 35.10 25.93
CA THR I 270 51.94 34.59 24.58
C THR I 270 50.78 33.61 24.42
N SER I 271 50.05 33.32 25.49
CA SER I 271 48.92 32.40 25.39
C SER I 271 47.74 33.08 24.71
N GLY I 272 46.75 32.27 24.35
CA GLY I 272 45.55 32.77 23.71
C GLY I 272 44.39 32.99 24.66
N VAL I 273 44.69 33.04 25.95
CA VAL I 273 43.66 33.22 26.97
C VAL I 273 44.05 34.42 27.84
N PRO I 274 43.08 35.17 28.38
CA PRO I 274 43.37 36.33 29.22
C PRO I 274 43.46 35.98 30.71
N GLU I 279 42.22 39.61 25.88
CA GLU I 279 42.56 41.02 25.66
C GLU I 279 43.99 41.15 25.14
N LYS I 280 44.63 40.02 24.85
CA LYS I 280 45.99 40.03 24.34
C LYS I 280 46.06 40.73 22.99
N LEU I 281 45.09 40.46 22.11
CA LEU I 281 45.09 41.10 20.80
C LEU I 281 44.95 42.61 20.93
N ALA I 282 44.06 43.08 21.81
CA ALA I 282 43.92 44.51 22.05
C ALA I 282 45.18 45.08 22.67
N LYS I 283 45.81 44.33 23.58
CA LYS I 283 47.04 44.79 24.22
C LYS I 283 48.14 45.00 23.19
N LEU I 284 48.29 44.07 22.24
CA LEU I 284 49.29 44.25 21.19
C LEU I 284 48.87 45.30 20.18
N ALA I 285 47.55 45.51 20.02
CA ALA I 285 47.08 46.60 19.17
C ALA I 285 47.49 47.95 19.74
N SER I 286 47.38 48.11 21.06
CA SER I 286 47.76 49.36 21.73
C SER I 286 49.28 49.40 21.93
N LYS I 287 50.00 49.36 20.81
CA LYS I 287 51.46 49.38 20.81
C LYS I 287 51.94 50.39 19.79
N GLN I 288 52.91 51.22 20.18
CA GLN I 288 53.52 52.20 19.30
C GLN I 288 54.95 51.76 18.98
N THR I 289 55.30 51.81 17.71
CA THR I 289 56.61 51.36 17.23
C THR I 289 57.44 52.54 16.80
N PHE I 290 58.62 52.24 16.25
CA PHE I 290 59.52 53.28 15.77
C PHE I 290 58.93 53.97 14.55
N HIS I 291 59.33 55.24 14.35
CA HIS I 291 58.73 56.05 13.29
C HIS I 291 58.98 55.46 11.91
N THR I 292 60.22 55.07 11.62
CA THR I 292 60.58 54.49 10.34
C THR I 292 61.18 53.11 10.60
N ALA I 293 60.32 52.10 10.69
CA ALA I 293 60.75 50.73 10.89
C ALA I 293 59.71 49.81 10.27
N VAL I 294 60.15 48.59 9.96
CA VAL I 294 59.27 47.58 9.39
C VAL I 294 58.57 46.85 10.53
N THR I 295 57.23 46.86 10.51
CA THR I 295 56.41 46.25 11.56
C THR I 295 55.45 45.27 10.89
N GLY I 296 55.82 43.99 10.88
CA GLY I 296 55.00 42.98 10.25
C GLY I 296 53.82 42.56 11.12
N GLU I 297 52.92 41.80 10.49
CA GLU I 297 51.74 41.26 11.19
C GLU I 297 51.33 40.00 10.45
N LEU I 298 51.65 38.85 11.02
CA LEU I 298 51.35 37.55 10.43
C LEU I 298 50.16 36.93 11.15
N SER I 299 49.09 36.68 10.40
CA SER I 299 47.91 36.00 10.91
C SER I 299 47.66 34.75 10.08
N GLY I 300 47.58 33.61 10.75
CA GLY I 300 47.41 32.35 10.03
C GLY I 300 46.84 31.28 10.93
N ASP I 301 46.64 30.11 10.33
CA ASP I 301 46.10 28.95 11.01
C ASP I 301 47.09 27.79 10.91
N GLN I 302 46.69 26.65 11.46
CA GLN I 302 47.49 25.43 11.45
C GLN I 302 46.77 24.37 10.64
N GLU I 303 47.49 23.74 9.71
CA GLU I 303 46.93 22.65 8.93
C GLU I 303 47.36 21.32 9.53
N LYS I 304 46.41 20.39 9.63
CA LYS I 304 46.64 19.07 10.22
C LYS I 304 47.26 19.20 11.61
N PHE I 305 46.69 20.10 12.41
CA PHE I 305 47.24 20.37 13.74
C PHE I 305 47.18 19.14 14.62
N ASN I 306 46.12 18.35 14.52
CA ASN I 306 46.01 17.11 15.28
C ASN I 306 46.51 15.90 14.51
N GLU I 307 47.03 16.10 13.29
CA GLU I 307 47.57 15.02 12.48
C GLU I 307 49.09 15.12 12.36
N CYS I 308 49.74 15.97 13.14
CA CYS I 308 51.18 16.13 13.03
C CYS I 308 51.87 16.26 14.39
N LEU I 309 51.17 16.02 15.49
CA LEU I 309 51.74 16.10 16.83
C LEU I 309 51.92 14.70 17.40
N ASP I 310 52.99 14.54 18.19
CA ASP I 310 53.30 13.29 18.85
C ASP I 310 53.27 13.49 20.36
N PRO I 311 52.62 12.62 21.13
CA PRO I 311 52.62 12.78 22.59
C PRO I 311 54.00 12.73 23.21
N ASP I 312 55.00 12.18 22.51
CA ASP I 312 56.35 12.12 23.08
C ASP I 312 56.97 13.51 23.21
N ALA I 313 56.66 14.42 22.30
CA ALA I 313 57.13 15.80 22.44
C ALA I 313 56.54 16.45 23.68
N MET I 314 55.25 16.20 23.94
CA MET I 314 54.63 16.71 25.16
C MET I 314 55.26 16.07 26.40
N ARG I 315 55.58 14.78 26.32
CA ARG I 315 56.30 14.12 27.40
C ARG I 315 57.62 14.83 27.68
N LEU I 316 58.40 15.09 26.64
CA LEU I 316 59.70 15.75 26.82
C LEU I 316 59.52 17.13 27.42
N MET I 317 58.53 17.89 26.92
CA MET I 317 58.29 19.24 27.44
C MET I 317 57.96 19.20 28.93
N TRP I 318 57.01 18.36 29.32
CA TRP I 318 56.60 18.29 30.72
C TRP I 318 57.74 17.80 31.60
N THR I 319 58.49 16.80 31.14
CA THR I 319 59.61 16.30 31.93
C THR I 319 60.69 17.36 32.09
N VAL I 320 60.96 18.14 31.05
CA VAL I 320 61.97 19.19 31.16
C VAL I 320 61.53 20.23 32.18
N PHE I 321 60.27 20.69 32.09
CA PHE I 321 59.79 21.67 33.05
C PHE I 321 59.85 21.14 34.47
N LEU I 322 59.37 19.92 34.68
CA LEU I 322 59.34 19.34 36.02
C LEU I 322 60.75 19.12 36.56
N ARG I 323 61.67 18.67 35.72
CA ARG I 323 63.03 18.40 36.16
C ARG I 323 63.77 19.68 36.50
N LYS I 324 63.53 20.75 35.74
CA LYS I 324 64.22 22.00 36.02
C LYS I 324 63.52 22.86 37.06
N LEU I 325 62.30 22.50 37.49
CA LEU I 325 61.72 23.18 38.64
C LEU I 325 62.03 22.46 39.95
N GLY I 326 62.26 21.16 39.91
CA GLY I 326 62.67 20.41 41.08
C GLY I 326 61.62 19.58 41.77
N CYS I 327 60.68 19.01 41.02
CA CYS I 327 59.64 18.17 41.63
C CYS I 327 60.15 16.75 41.85
N PRO I 328 59.50 16.00 42.73
CA PRO I 328 59.92 14.60 42.96
C PRO I 328 59.58 13.72 41.78
N ASP I 329 59.98 12.45 41.91
CA ASP I 329 59.80 11.49 40.81
C ASP I 329 58.34 11.08 40.64
N TRP I 330 57.64 10.81 41.75
CA TRP I 330 56.24 10.40 41.62
C TRP I 330 55.44 11.44 40.86
N ILE I 331 55.81 12.71 40.98
CA ILE I 331 55.21 13.75 40.13
C ILE I 331 55.56 13.50 38.67
N MET I 332 56.79 13.06 38.40
CA MET I 332 57.17 12.74 37.03
C MET I 332 56.26 11.68 36.43
N GLU I 333 56.07 10.56 37.14
CA GLU I 333 55.15 9.55 36.61
C GLU I 333 53.72 10.08 36.54
N LEU I 334 53.29 10.83 37.54
CA LEU I 334 51.91 11.31 37.55
C LEU I 334 51.62 12.20 36.35
N PHE I 335 52.60 12.99 35.92
CA PHE I 335 52.43 13.86 34.77
C PHE I 335 52.78 13.19 33.45
N ASN I 336 53.47 12.04 33.47
CA ASN I 336 53.86 11.39 32.23
C ASN I 336 52.93 10.26 31.81
N ILE I 337 52.19 9.66 32.75
CA ILE I 337 51.29 8.56 32.40
C ILE I 337 50.27 8.92 31.31
N PRO I 338 49.62 10.09 31.31
CA PRO I 338 48.59 10.32 30.28
C PRO I 338 49.11 10.18 28.86
N PHE I 339 50.26 10.78 28.55
CA PHE I 339 50.81 10.64 27.21
C PHE I 339 51.35 9.25 26.95
N MET I 340 51.81 8.55 28.00
CA MET I 340 52.20 7.15 27.85
C MET I 340 51.02 6.32 27.38
N VAL I 341 49.85 6.52 27.99
CA VAL I 341 48.66 5.77 27.58
C VAL I 341 48.19 6.21 26.21
N PHE I 342 48.26 7.52 25.93
CA PHE I 342 47.80 8.03 24.64
C PHE I 342 48.69 7.57 23.50
N LYS I 343 49.95 7.23 23.77
CA LYS I 343 50.83 6.70 22.74
C LYS I 343 50.36 5.36 22.21
N SER I 344 49.48 4.68 22.94
CA SER I 344 48.95 3.38 22.56
C SER I 344 47.44 3.45 22.33
N LYS I 345 46.99 4.54 21.72
CA LYS I 345 45.56 4.76 21.55
C LYS I 345 44.94 3.71 20.62
N LEU I 346 43.68 3.41 20.87
CA LEU I 346 42.90 2.41 20.14
C LEU I 346 41.59 3.01 19.64
N ALA I 347 41.69 4.15 18.97
CA ALA I 347 40.52 4.88 18.51
C ALA I 347 39.60 4.00 17.68
N ASP I 348 38.32 3.99 18.04
CA ASP I 348 37.32 3.18 17.33
C ASP I 348 37.10 3.75 15.94
N MET I 349 37.08 2.87 14.94
CA MET I 349 36.89 3.30 13.56
C MET I 349 35.42 3.27 13.14
N GLY I 350 34.58 3.92 13.93
CA GLY I 350 33.18 4.07 13.55
C GLY I 350 32.47 2.75 13.35
N GLU I 351 31.71 2.67 12.26
CA GLU I 351 30.91 1.49 11.96
C GLU I 351 31.37 0.72 10.73
N GLY I 352 32.28 1.28 9.93
CA GLY I 352 32.80 0.56 8.78
C GLY I 352 32.71 1.34 7.49
N LEU I 353 33.55 0.97 6.52
CA LEU I 353 33.53 1.62 5.22
C LEU I 353 32.26 1.25 4.46
N VAL I 354 31.87 2.13 3.54
CA VAL I 354 30.66 1.94 2.74
C VAL I 354 31.06 1.33 1.40
N TYR I 355 30.48 0.19 1.06
CA TYR I 355 30.72 -0.49 -0.20
C TYR I 355 29.41 -0.65 -0.95
N THR I 356 29.45 -0.41 -2.25
CA THR I 356 28.28 -0.50 -3.12
C THR I 356 28.53 -1.53 -4.22
N LYS I 357 27.65 -2.52 -4.32
CA LYS I 357 27.72 -3.47 -5.43
C LYS I 357 27.03 -2.89 -6.67
N GLY I 358 25.72 -2.71 -6.58
CA GLY I 358 24.97 -2.03 -7.61
C GLY I 358 24.34 -0.77 -7.06
N LYS I 359 23.03 -0.80 -6.85
CA LYS I 359 22.36 0.25 -6.08
C LYS I 359 22.33 -0.08 -4.59
N LEU I 360 22.81 -1.25 -4.20
CA LEU I 360 22.91 -1.62 -2.79
C LEU I 360 24.11 -0.93 -2.14
N THR I 361 24.01 -0.76 -0.83
CA THR I 361 25.10 -0.24 -0.01
C THR I 361 25.27 -1.13 1.21
N ASP I 362 26.51 -1.26 1.66
CA ASP I 362 26.81 -2.09 2.83
C ASP I 362 27.95 -1.47 3.60
N ARG I 363 27.95 -1.71 4.91
CA ARG I 363 29.00 -1.25 5.80
C ARG I 363 29.94 -2.41 6.08
N LYS I 364 31.20 -2.26 5.72
CA LYS I 364 32.18 -3.32 5.85
C LYS I 364 33.37 -2.84 6.69
N PRO I 365 33.78 -3.59 7.71
CA PRO I 365 34.95 -3.20 8.49
C PRO I 365 36.22 -3.24 7.66
N LEU I 366 37.20 -2.45 8.08
CA LEU I 366 38.46 -2.36 7.37
C LEU I 366 39.15 -3.72 7.32
N GLY I 367 39.65 -4.09 6.15
CA GLY I 367 40.35 -5.34 5.95
C GLY I 367 39.53 -6.43 5.31
N GLU I 368 38.19 -6.31 5.34
CA GLU I 368 37.35 -7.31 4.70
C GLU I 368 37.54 -7.31 3.18
N MET I 369 37.62 -6.13 2.58
CA MET I 369 37.85 -5.98 1.15
C MET I 369 38.85 -4.85 0.94
N PRO I 370 39.59 -4.87 -0.17
CA PRO I 370 40.64 -3.86 -0.36
C PRO I 370 40.06 -2.46 -0.54
N SER I 371 40.80 -1.48 -0.05
CA SER I 371 40.39 -0.08 -0.13
C SER I 371 41.65 0.77 -0.19
N GLU I 372 41.51 2.07 0.05
CA GLU I 372 42.65 2.98 0.05
C GLU I 372 43.33 3.07 1.41
N PHE I 373 42.83 2.34 2.42
CA PHE I 373 43.43 2.32 3.75
C PHE I 373 43.95 0.92 4.08
N ASP I 374 44.53 0.26 3.08
CA ASP I 374 45.03 -1.10 3.28
C ASP I 374 46.26 -1.16 4.15
N ASP I 375 47.03 -0.07 4.25
CA ASP I 375 48.26 -0.08 5.03
C ASP I 375 48.00 -0.18 6.52
N LEU I 376 46.81 0.19 6.99
CA LEU I 376 46.46 0.12 8.40
C LEU I 376 45.73 -1.17 8.76
N VAL I 377 45.61 -2.10 7.82
CA VAL I 377 44.90 -3.36 8.10
C VAL I 377 45.63 -4.14 9.20
N ARG I 378 46.95 -4.15 9.16
CA ARG I 378 47.73 -4.88 10.15
C ARG I 378 47.53 -4.35 11.56
N ASN I 379 47.11 -3.10 11.71
CA ASN I 379 46.90 -2.48 13.01
C ASN I 379 45.48 -2.61 13.51
N VAL I 380 44.62 -3.33 12.79
CA VAL I 380 43.24 -3.50 13.22
C VAL I 380 43.20 -4.45 14.41
N VAL I 381 42.60 -4.00 15.50
CA VAL I 381 42.46 -4.79 16.72
C VAL I 381 40.97 -4.86 17.03
N GLY I 382 40.32 -5.91 16.53
CA GLY I 382 38.87 -6.01 16.69
C GLY I 382 38.17 -4.87 15.98
N ASN I 383 37.24 -4.23 16.68
CA ASN I 383 36.56 -3.06 16.12
C ASN I 383 37.42 -1.80 16.17
N SER I 384 38.47 -1.79 17.00
CA SER I 384 39.33 -0.63 17.12
C SER I 384 40.56 -0.80 16.22
N ILE I 385 41.44 0.20 16.25
CA ILE I 385 42.66 0.20 15.45
C ILE I 385 43.74 0.94 16.22
N SER I 386 44.97 0.50 16.07
CA SER I 386 46.10 1.03 16.83
C SER I 386 46.92 1.98 15.97
N CYS I 387 47.26 3.13 16.55
CA CYS I 387 48.11 4.12 15.88
C CYS I 387 49.01 4.74 16.93
N ARG I 388 50.32 4.51 16.81
CA ARG I 388 51.26 4.96 17.84
C ARG I 388 51.44 6.47 17.81
N LEU I 389 51.60 7.05 16.63
CA LEU I 389 51.88 8.47 16.48
C LEU I 389 50.69 9.18 15.83
N GLY I 390 50.34 10.34 16.36
CA GLY I 390 49.18 11.09 15.90
C GLY I 390 48.38 11.64 17.05
N MET I 391 47.38 12.47 16.77
CA MET I 391 46.55 13.07 17.80
C MET I 391 45.11 13.09 17.35
N PHE I 392 44.22 13.44 18.29
CA PHE I 392 42.80 13.58 18.01
C PHE I 392 42.31 14.85 18.69
N MET I 393 41.27 15.45 18.11
CA MET I 393 40.69 16.65 18.68
C MET I 393 39.91 16.34 19.96
N GLY I 394 39.91 17.29 20.89
CA GLY I 394 39.20 17.13 22.15
C GLY I 394 39.96 16.40 23.21
N MET I 395 41.26 16.15 23.03
CA MET I 395 42.07 15.43 24.02
C MET I 395 42.97 16.38 24.80
N TYR I 396 43.86 17.10 24.09
CA TYR I 396 44.77 18.05 24.73
C TYR I 396 44.81 19.30 23.86
N ASN I 397 43.92 20.24 24.14
CA ASN I 397 43.90 21.51 23.44
C ASN I 397 44.75 22.58 24.13
N LEU I 398 45.34 22.26 25.27
CA LEU I 398 46.18 23.18 26.02
C LEU I 398 47.65 22.81 25.97
N THR I 399 47.97 21.51 26.07
CA THR I 399 49.36 21.09 25.98
C THR I 399 49.93 21.31 24.59
N SER I 400 49.09 21.18 23.55
CA SER I 400 49.52 21.52 22.20
C SER I 400 49.87 23.01 22.09
N THR I 401 49.04 23.86 22.71
CA THR I 401 49.35 25.29 22.74
C THR I 401 50.65 25.54 23.50
N LEU I 402 50.87 24.81 24.58
CA LEU I 402 52.13 24.94 25.31
C LEU I 402 53.32 24.55 24.45
N LEU I 403 53.19 23.47 23.69
CA LEU I 403 54.27 23.04 22.80
C LEU I 403 54.55 24.10 21.74
N ALA I 404 53.49 24.67 21.16
CA ALA I 404 53.69 25.75 20.20
C ALA I 404 54.39 26.94 20.85
N LEU I 405 54.01 27.29 22.06
CA LEU I 405 54.62 28.43 22.74
C LEU I 405 56.09 28.18 23.05
N ILE I 406 56.44 26.98 23.52
CA ILE I 406 57.85 26.71 23.76
C ILE I 406 58.62 26.72 22.44
N SER I 407 57.96 26.37 21.34
CA SER I 407 58.61 26.54 20.04
C SER I 407 58.84 28.03 19.75
N ILE I 408 57.90 28.88 20.14
CA ILE I 408 58.04 30.31 19.87
C ILE I 408 59.29 30.87 20.52
N GLU I 409 59.57 30.47 21.76
CA GLU I 409 60.66 31.05 22.53
C GLU I 409 62.00 30.68 21.90
N ARG I 410 62.67 31.68 21.33
CA ARG I 410 64.00 31.50 20.74
C ARG I 410 64.79 32.80 20.93
N GLU I 411 65.89 32.93 20.19
CA GLU I 411 66.75 34.10 20.30
C GLU I 411 66.47 35.13 19.21
N GLU I 412 66.52 34.73 17.94
CA GLU I 412 66.30 35.67 16.85
C GLU I 412 64.84 36.02 16.63
N LEU I 413 63.91 35.32 17.28
CA LEU I 413 62.49 35.65 17.19
C LEU I 413 62.19 36.77 18.18
N THR I 414 62.54 37.98 17.77
CA THR I 414 62.29 39.18 18.58
C THR I 414 60.95 39.81 18.24
N GLY I 415 59.89 39.02 18.31
CA GLY I 415 58.56 39.51 18.00
C GLY I 415 57.53 39.14 19.04
N SER I 416 56.27 39.43 18.78
CA SER I 416 55.17 39.14 19.67
C SER I 416 54.26 38.08 19.06
N HIS I 417 53.98 37.04 19.81
CA HIS I 417 53.21 35.90 19.32
C HIS I 417 52.08 35.59 20.29
N VAL I 418 50.90 35.30 19.74
CA VAL I 418 49.75 34.83 20.50
C VAL I 418 49.25 33.54 19.86
N GLU I 419 49.16 32.48 20.65
CA GLU I 419 48.82 31.15 20.16
C GLU I 419 47.59 30.64 20.89
N SER I 420 46.64 30.09 20.15
CA SER I 420 45.46 29.46 20.73
C SER I 420 45.08 28.29 19.84
N SER I 421 45.43 27.08 20.27
CA SER I 421 45.16 25.86 19.53
C SER I 421 45.76 25.92 18.13
N ASP I 422 44.90 25.95 17.10
CA ASP I 422 45.34 25.94 15.72
C ASP I 422 45.32 27.32 15.07
N ASP I 423 45.09 28.38 15.85
CA ASP I 423 45.05 29.73 15.33
C ASP I 423 46.06 30.60 16.07
N PHE I 424 46.73 31.49 15.35
CA PHE I 424 47.77 32.31 15.94
C PHE I 424 47.87 33.63 15.21
N ILE I 425 48.47 34.61 15.87
CA ILE I 425 48.83 35.89 15.28
C ILE I 425 50.21 36.27 15.77
N HIS I 426 51.04 36.80 14.87
CA HIS I 426 52.41 37.16 15.21
C HIS I 426 52.69 38.58 14.74
N PHE I 427 53.37 39.34 15.60
CA PHE I 427 53.79 40.71 15.30
C PHE I 427 55.30 40.74 15.18
N PHE I 428 55.79 41.26 14.05
CA PHE I 428 57.22 41.39 13.80
C PHE I 428 57.62 42.86 13.97
N ASN I 429 58.63 43.11 14.78
CA ASN I 429 59.13 44.46 15.03
C ASN I 429 60.65 44.42 14.83
N CYS I 430 61.09 44.62 13.58
CA CYS I 430 62.51 44.61 13.26
C CYS I 430 62.87 45.83 12.43
N LYS I 431 64.09 45.86 11.89
CA LYS I 431 64.60 47.04 11.21
C LYS I 431 64.68 46.89 9.69
N THR I 432 64.68 45.68 9.16
CA THR I 432 64.87 45.46 7.73
C THR I 432 63.85 44.45 7.24
N HIS I 433 63.43 44.60 5.98
CA HIS I 433 62.46 43.69 5.39
C HIS I 433 63.01 42.26 5.34
N GLU I 434 64.28 42.10 4.94
CA GLU I 434 64.88 40.78 4.93
C GLU I 434 65.01 40.20 6.33
N GLU I 435 65.21 41.05 7.35
CA GLU I 435 65.18 40.56 8.72
C GLU I 435 63.81 40.01 9.07
N MET I 436 62.75 40.70 8.65
CA MET I 436 61.39 40.21 8.88
C MET I 436 61.16 38.88 8.16
N PHE I 437 61.65 38.77 6.93
CA PHE I 437 61.51 37.51 6.19
C PHE I 437 62.24 36.38 6.89
N LYS I 438 63.45 36.64 7.37
CA LYS I 438 64.20 35.61 8.09
C LYS I 438 63.49 35.21 9.37
N GLN I 439 62.93 36.18 10.10
CA GLN I 439 62.20 35.87 11.32
C GLN I 439 60.97 35.01 11.02
N ALA I 440 60.22 35.36 9.97
CA ALA I 440 59.05 34.57 9.61
C ALA I 440 59.45 33.16 9.19
N GLU I 441 60.51 33.03 8.40
CA GLU I 441 60.94 31.71 7.95
C GLU I 441 61.43 30.86 9.11
N THR I 442 62.20 31.43 10.03
CA THR I 442 62.66 30.65 11.17
C THR I 442 61.51 30.34 12.13
N LEU I 443 60.49 31.20 12.17
CA LEU I 443 59.28 30.87 12.93
C LEU I 443 58.60 29.64 12.34
N ARG I 444 58.46 29.61 11.01
CA ARG I 444 57.86 28.45 10.36
C ARG I 444 58.68 27.20 10.60
N LEU I 445 60.00 27.31 10.47
CA LEU I 445 60.88 26.14 10.67
C LEU I 445 60.83 25.65 12.11
N THR I 446 60.79 26.56 13.08
CA THR I 446 60.73 26.14 14.47
C THR I 446 59.38 25.52 14.80
N LEU I 447 58.30 26.03 14.19
CA LEU I 447 57.01 25.38 14.34
C LEU I 447 57.05 23.97 13.77
N LYS I 448 57.71 23.80 12.62
CA LYS I 448 57.88 22.47 12.04
C LYS I 448 58.78 21.58 12.89
N LEU I 449 59.66 22.16 13.70
CA LEU I 449 60.57 21.37 14.52
C LEU I 449 59.82 20.40 15.43
N VAL I 450 58.74 20.87 16.06
CA VAL I 450 57.88 20.00 16.85
C VAL I 450 56.68 19.51 16.06
N GLY I 451 56.59 19.83 14.78
CA GLY I 451 55.53 19.32 13.92
C GLY I 451 54.22 20.08 13.99
N ILE I 452 54.28 21.40 13.93
CA ILE I 452 53.05 22.20 13.95
C ILE I 452 52.55 22.45 12.54
N ASN I 453 53.43 22.81 11.60
CA ASN I 453 53.15 22.83 10.17
C ASN I 453 51.97 23.77 9.85
N MET I 454 52.22 25.06 10.04
CA MET I 454 51.18 26.04 9.75
C MET I 454 50.86 26.04 8.25
N SER I 455 49.58 26.24 7.95
CA SER I 455 49.11 26.15 6.57
C SER I 455 49.65 27.30 5.75
N PRO I 456 50.40 27.05 4.68
CA PRO I 456 50.88 28.16 3.84
C PRO I 456 49.75 28.98 3.23
N SER I 457 48.65 28.34 2.84
CA SER I 457 47.56 29.06 2.20
C SER I 457 46.76 29.88 3.21
N LYS I 458 46.74 29.49 4.48
CA LYS I 458 45.96 30.18 5.49
C LYS I 458 46.76 31.25 6.24
N CYS I 459 48.04 31.41 5.92
CA CYS I 459 48.88 32.40 6.60
C CYS I 459 49.08 33.61 5.71
N ILE I 460 48.76 34.79 6.24
CA ILE I 460 48.88 36.05 5.54
C ILE I 460 49.74 36.98 6.36
N LEU I 461 50.76 37.58 5.74
CA LEU I 461 51.65 38.51 6.41
C LEU I 461 51.54 39.86 5.74
N ILE I 462 51.40 40.92 6.54
CA ILE I 462 51.30 42.28 6.06
C ILE I 462 52.56 43.03 6.47
N SER I 463 53.22 43.67 5.49
CA SER I 463 54.49 44.34 5.78
C SER I 463 54.34 45.44 6.82
N PRO I 464 53.39 46.38 6.71
CA PRO I 464 53.13 47.26 7.85
C PRO I 464 52.03 46.70 8.74
N ALA I 465 52.25 46.79 10.05
CA ALA I 465 51.29 46.27 11.00
C ALA I 465 50.01 47.12 10.99
N GLY I 466 48.93 46.53 11.46
CA GLY I 466 47.67 47.25 11.54
C GLY I 466 46.45 46.44 11.17
N ILE I 467 46.60 45.44 10.30
CA ILE I 467 45.50 44.60 9.86
C ILE I 467 45.83 43.14 10.14
N GLY I 468 44.92 42.45 10.80
CA GLY I 468 45.11 41.05 11.10
C GLY I 468 43.85 40.47 11.71
N GLU I 469 43.87 39.17 11.95
CA GLU I 469 42.75 38.47 12.56
C GLU I 469 43.27 37.34 13.42
N PHE I 470 42.60 37.12 14.55
CA PHE I 470 42.98 36.05 15.48
C PHE I 470 41.72 35.62 16.22
N ASN I 471 41.57 34.30 16.38
CA ASN I 471 40.29 33.69 16.79
C ASN I 471 39.23 34.21 15.82
N SER I 472 38.11 34.73 16.30
CA SER I 472 37.12 35.38 15.45
C SER I 472 37.21 36.90 15.51
N LYS I 473 38.22 37.43 16.20
CA LYS I 473 38.41 38.87 16.29
C LYS I 473 39.17 39.38 15.08
N PHE I 474 38.89 40.63 14.71
CA PHE I 474 39.52 41.26 13.56
C PHE I 474 40.18 42.56 14.00
N HIS I 475 41.37 42.81 13.44
CA HIS I 475 42.21 43.94 13.82
C HIS I 475 42.33 44.91 12.66
N HIS I 476 42.11 46.19 12.94
CA HIS I 476 42.31 47.24 11.94
C HIS I 476 42.79 48.49 12.66
N ARG I 477 44.06 48.82 12.49
CA ARG I 477 44.69 49.99 13.12
C ARG I 477 44.52 49.85 14.63
N ASP I 478 44.03 50.86 15.33
CA ASP I 478 43.92 50.85 16.78
C ASP I 478 42.63 50.21 17.28
N PHE I 479 41.76 49.76 16.39
CA PHE I 479 40.50 49.13 16.76
C PHE I 479 40.55 47.63 16.50
N VAL I 480 40.06 46.85 17.46
CA VAL I 480 39.90 45.41 17.32
C VAL I 480 38.41 45.10 17.35
N GLY I 481 37.96 44.32 16.37
CA GLY I 481 36.55 44.01 16.27
C GLY I 481 36.21 42.58 16.60
N ASN I 482 35.39 42.38 17.63
CA ASN I 482 34.96 41.05 18.03
C ASN I 482 33.71 40.67 17.25
N VAL I 483 33.81 39.60 16.46
CA VAL I 483 32.70 39.10 15.66
C VAL I 483 32.38 37.69 16.14
N ALA I 484 31.13 37.45 16.51
CA ALA I 484 30.74 36.17 17.05
C ALA I 484 30.77 35.08 15.99
N THR I 485 31.05 33.86 16.42
CA THR I 485 30.89 32.71 15.54
C THR I 485 29.43 32.33 15.36
N GLU I 486 28.64 32.49 16.42
CA GLU I 486 27.22 32.20 16.40
C GLU I 486 26.45 33.41 16.92
N LEU I 487 25.32 33.71 16.28
CA LEU I 487 24.42 34.72 16.81
C LEU I 487 23.75 34.20 18.07
N PRO I 488 23.28 35.10 18.94
CA PRO I 488 22.48 34.67 20.07
C PRO I 488 21.23 33.94 19.61
N ALA I 489 20.81 32.94 20.40
CA ALA I 489 19.67 32.12 20.00
C ALA I 489 18.41 32.95 19.83
N LEU I 490 18.24 33.99 20.66
CA LEU I 490 17.08 34.88 20.61
C LEU I 490 15.77 34.11 20.78
N VAL I 491 15.84 32.98 21.46
CA VAL I 491 14.67 32.16 21.76
C VAL I 491 14.72 31.80 23.24
N PRO I 492 13.58 31.55 23.89
CA PRO I 492 13.62 31.12 25.29
C PRO I 492 14.40 29.83 25.45
N ASN I 493 15.13 29.73 26.57
CA ASN I 493 15.99 28.58 26.80
C ASN I 493 15.18 27.29 26.90
N GLY I 494 14.03 27.35 27.55
CA GLY I 494 13.13 26.21 27.58
C GLY I 494 12.97 25.54 28.92
N THR I 495 13.06 26.32 30.01
CA THR I 495 12.86 25.80 31.35
C THR I 495 11.62 26.38 32.01
N ASN I 496 11.53 27.70 32.12
CA ASN I 496 10.35 28.37 32.65
C ASN I 496 10.39 29.82 32.20
N PRO I 497 9.24 30.50 32.19
CA PRO I 497 9.21 31.87 31.62
C PRO I 497 10.21 32.82 32.25
N MET I 498 10.29 32.87 33.58
CA MET I 498 11.20 33.81 34.24
C MET I 498 12.65 33.46 33.94
N THR I 499 13.02 32.18 34.07
CA THR I 499 14.38 31.76 33.79
C THR I 499 14.73 32.00 32.32
N ASP I 500 13.82 31.67 31.40
CA ASP I 500 14.11 31.86 29.99
C ASP I 500 14.31 33.34 29.66
N LEU I 501 13.45 34.21 30.21
CA LEU I 501 13.62 35.64 29.97
C LEU I 501 14.94 36.14 30.55
N ALA I 502 15.28 35.71 31.76
CA ALA I 502 16.53 36.15 32.39
C ALA I 502 17.73 35.72 31.56
N MET I 503 17.76 34.45 31.14
CA MET I 503 18.89 33.96 30.35
C MET I 503 18.96 34.65 28.99
N GLY I 504 17.83 34.88 28.34
CA GLY I 504 17.86 35.55 27.04
C GLY I 504 18.39 36.97 27.14
N LEU I 505 17.88 37.73 28.13
CA LEU I 505 18.36 39.10 28.29
C LEU I 505 19.83 39.12 28.70
N ASN I 506 20.27 38.16 29.52
CA ASN I 506 21.68 38.09 29.90
C ASN I 506 22.56 37.75 28.70
N VAL I 507 22.08 36.87 27.82
CA VAL I 507 22.85 36.54 26.62
C VAL I 507 22.97 37.76 25.72
N ILE I 508 21.88 38.50 25.55
CA ILE I 508 21.94 39.72 24.74
C ILE I 508 22.89 40.73 25.37
N LYS I 509 22.86 40.86 26.71
CA LYS I 509 23.76 41.78 27.39
C LYS I 509 25.21 41.38 27.21
N HIS I 510 25.51 40.08 27.31
CA HIS I 510 26.87 39.61 27.08
C HIS I 510 27.31 39.89 25.65
N SER I 511 26.41 39.68 24.68
CA SER I 511 26.76 39.92 23.29
C SER I 511 27.04 41.40 23.05
N VAL I 512 26.25 42.28 23.65
CA VAL I 512 26.49 43.71 23.44
C VAL I 512 27.73 44.17 24.20
N ASN I 513 28.06 43.53 25.33
CA ASN I 513 29.24 43.92 26.08
C ASN I 513 30.52 43.61 25.33
N THR I 514 30.59 42.44 24.66
CA THR I 514 31.79 42.06 23.95
C THR I 514 32.04 42.88 22.69
N GLY I 515 31.21 43.88 22.41
CA GLY I 515 31.36 44.68 21.22
C GLY I 515 30.77 44.05 19.97
N GLN I 516 30.24 42.83 20.06
CA GLN I 516 29.65 42.18 18.91
C GLN I 516 28.35 42.84 18.47
N MET I 517 27.69 43.57 19.37
CA MET I 517 26.40 44.17 19.08
C MET I 517 26.37 45.57 19.67
N ASN I 518 25.48 46.40 19.15
CA ASN I 518 25.36 47.79 19.57
C ASN I 518 23.92 48.15 19.88
N LEU I 519 23.64 49.45 20.02
CA LEU I 519 22.31 49.92 20.39
C LEU I 519 21.23 49.33 19.49
N CYS I 520 21.32 49.57 18.18
CA CYS I 520 20.29 49.12 17.26
C CYS I 520 20.21 47.60 17.25
N THR I 521 21.35 46.91 17.15
CA THR I 521 21.34 45.47 17.13
C THR I 521 20.80 44.89 18.44
N GLY I 522 21.20 45.47 19.57
CA GLY I 522 20.72 44.98 20.85
C GLY I 522 19.22 45.12 20.99
N ALA I 523 18.69 46.30 20.65
CA ALA I 523 17.25 46.51 20.75
C ALA I 523 16.48 45.62 19.78
N LEU I 524 16.97 45.49 18.55
CA LEU I 524 16.31 44.63 17.58
C LEU I 524 16.31 43.17 18.04
N ALA I 525 17.44 42.71 18.58
CA ALA I 525 17.53 41.34 19.05
C ALA I 525 16.62 41.10 20.24
N MET I 526 16.52 42.07 21.15
CA MET I 526 15.63 41.86 22.29
C MET I 526 14.16 41.94 21.87
N ARG I 527 13.83 42.73 20.84
CA ARG I 527 12.47 42.67 20.29
C ARG I 527 12.18 41.31 19.67
N ILE I 528 13.13 40.76 18.92
CA ILE I 528 12.94 39.43 18.33
C ILE I 528 12.79 38.39 19.42
N PHE I 529 13.62 38.46 20.45
CA PHE I 529 13.52 37.54 21.57
C PHE I 529 12.18 37.69 22.29
N ASN I 530 11.70 38.93 22.44
CA ASN I 530 10.40 39.14 23.06
C ASN I 530 9.29 38.47 22.26
N HIS I 531 9.33 38.62 20.93
CA HIS I 531 8.32 37.97 20.09
C HIS I 531 8.37 36.46 20.22
N ALA I 532 9.57 35.88 20.14
CA ALA I 532 9.70 34.43 20.25
C ALA I 532 9.28 33.93 21.62
N TYR I 533 9.66 34.66 22.67
CA TYR I 533 9.31 34.30 24.04
C TYR I 533 7.80 34.34 24.25
N LYS I 534 7.13 35.36 23.71
CA LYS I 534 5.68 35.43 23.83
C LYS I 534 5.00 34.32 23.03
N TYR I 535 5.52 34.01 21.84
CA TYR I 535 4.92 32.94 21.05
C TYR I 535 5.06 31.59 21.73
N ALA I 536 6.24 31.30 22.27
CA ALA I 536 6.49 29.97 22.83
C ALA I 536 5.67 29.68 24.07
N TYR I 537 5.16 30.71 24.75
CA TYR I 537 4.42 30.54 25.99
C TYR I 537 2.95 30.92 25.83
N MET I 538 2.40 30.73 24.62
CA MET I 538 0.97 30.91 24.37
C MET I 538 0.49 32.31 24.76
N ALA I 539 1.28 33.33 24.42
CA ALA I 539 0.92 34.71 24.71
C ALA I 539 0.62 35.51 23.45
N LEU I 540 0.53 34.87 22.29
CA LEU I 540 0.30 35.55 21.03
C LEU I 540 -0.97 35.00 20.38
N GLY I 541 -1.81 35.90 19.89
CA GLY I 541 -3.02 35.49 19.18
C GLY I 541 -4.03 34.86 20.11
N VAL I 542 -4.75 33.87 19.60
CA VAL I 542 -5.77 33.16 20.34
C VAL I 542 -5.28 31.73 20.58
N THR I 543 -5.27 31.33 21.85
CA THR I 543 -4.80 29.99 22.23
C THR I 543 -5.47 29.63 23.55
N ARG I 544 -5.12 28.45 24.06
CA ARG I 544 -5.74 27.96 25.29
C ARG I 544 -5.46 28.89 26.46
N ARG I 545 -4.21 29.33 26.61
CA ARG I 545 -3.86 30.19 27.73
C ARG I 545 -4.54 31.55 27.64
N THR I 546 -4.55 32.15 26.44
CA THR I 546 -5.20 33.44 26.27
C THR I 546 -6.70 33.36 26.50
N ARG I 547 -7.35 32.31 25.99
CA ARG I 547 -8.78 32.14 26.21
C ARG I 547 -9.08 31.92 27.69
N PHE I 548 -8.24 31.12 28.37
CA PHE I 548 -8.45 30.90 29.80
C PHE I 548 -8.32 32.19 30.58
N MET I 549 -7.33 33.02 30.24
CA MET I 549 -7.18 34.30 30.95
C MET I 549 -8.30 35.26 30.60
N GLU I 550 -8.82 35.21 29.38
CA GLU I 550 -9.88 36.13 28.98
C GLU I 550 -11.22 35.78 29.60
N GLU I 551 -11.55 34.48 29.64
CA GLU I 551 -12.86 34.08 30.14
C GLU I 551 -12.97 34.25 31.65
N ASN I 552 -11.84 34.19 32.36
CA ASN I 552 -11.82 34.32 33.81
C ASN I 552 -11.41 35.71 34.27
N ALA I 553 -11.37 36.68 33.37
CA ALA I 553 -11.03 38.07 33.69
C ALA I 553 -9.66 38.17 34.36
N ILE I 554 -8.71 37.36 33.89
CA ILE I 554 -7.35 37.38 34.39
C ILE I 554 -6.55 38.36 33.52
N THR I 555 -6.17 39.49 34.10
CA THR I 555 -5.43 40.50 33.36
C THR I 555 -3.98 40.07 33.19
N PRO I 556 -3.47 39.98 31.95
CA PRO I 556 -2.05 39.66 31.77
C PRO I 556 -1.14 40.75 32.31
N LEU I 557 -0.37 40.43 33.35
CA LEU I 557 0.46 41.40 34.04
C LEU I 557 1.95 41.18 33.84
N LEU I 558 2.35 40.11 33.15
CA LEU I 558 3.75 39.83 32.89
C LEU I 558 3.95 39.61 31.40
N THR I 559 5.23 39.63 30.99
CA THR I 559 5.55 39.48 29.58
C THR I 559 5.12 38.13 29.05
N ASN I 560 5.35 37.07 29.81
CA ASN I 560 4.93 35.74 29.38
C ASN I 560 3.40 35.60 29.32
N GLN I 561 2.68 36.41 30.09
CA GLN I 561 1.22 36.39 30.01
C GLN I 561 0.71 37.09 28.77
N GLY I 562 1.39 38.14 28.32
CA GLY I 562 0.98 38.86 27.13
C GLY I 562 1.04 40.36 27.30
N ALA I 563 1.50 40.82 28.45
CA ALA I 563 1.58 42.25 28.70
C ALA I 563 2.70 42.88 27.89
N SER I 564 2.65 44.21 27.77
CA SER I 564 3.69 44.93 27.06
C SER I 564 5.02 44.76 27.78
N PRO I 565 6.12 44.62 27.06
CA PRO I 565 7.42 44.42 27.71
C PRO I 565 7.80 45.61 28.58
N VAL I 566 8.45 45.32 29.71
CA VAL I 566 8.85 46.34 30.65
C VAL I 566 10.35 46.58 30.51
N HIS I 567 11.06 45.57 30.01
CA HIS I 567 12.50 45.69 29.85
C HIS I 567 12.85 46.60 28.67
N SER I 568 13.91 47.37 28.84
CA SER I 568 14.45 48.23 27.80
C SER I 568 15.90 47.84 27.52
N PHE I 569 16.56 48.60 26.66
CA PHE I 569 17.97 48.34 26.39
C PHE I 569 18.82 48.60 27.63
N SER I 570 18.51 49.68 28.37
CA SER I 570 19.26 49.99 29.58
C SER I 570 18.86 49.09 30.74
N THR I 571 17.59 48.68 30.80
CA THR I 571 17.06 47.93 31.94
C THR I 571 17.03 46.43 31.69
N MET I 572 17.76 45.94 30.68
CA MET I 572 17.73 44.52 30.39
C MET I 572 18.50 43.70 31.42
N HIS I 573 19.22 44.34 32.34
CA HIS I 573 19.92 43.65 33.41
C HIS I 573 19.10 43.56 34.69
N LEU I 574 17.83 43.95 34.65
CA LEU I 574 16.97 43.98 35.82
C LEU I 574 15.92 42.88 35.73
N ASP I 575 15.52 42.38 36.89
CA ASP I 575 14.46 41.37 36.95
C ASP I 575 13.12 41.97 36.56
N GLU I 576 12.28 41.14 35.96
CA GLU I 576 10.98 41.61 35.48
C GLU I 576 10.08 42.00 36.64
N VAL I 577 9.97 41.13 37.65
CA VAL I 577 9.08 41.41 38.77
C VAL I 577 9.56 42.61 39.55
N ALA I 578 10.87 42.71 39.79
CA ALA I 578 11.41 43.85 40.54
C ALA I 578 11.21 45.15 39.78
N LEU I 579 11.34 45.13 38.46
CA LEU I 579 11.19 46.34 37.67
C LEU I 579 9.74 46.79 37.55
N ARG I 580 8.80 45.85 37.52
CA ARG I 580 7.40 46.21 37.32
C ARG I 580 6.80 46.90 38.54
N ARG I 581 7.21 46.47 39.75
CA ARG I 581 6.63 47.06 40.95
C ARG I 581 7.03 48.53 41.09
N HIS I 582 8.26 48.86 40.72
CA HIS I 582 8.71 50.25 40.83
C HIS I 582 7.93 51.16 39.89
N LEU I 583 7.61 50.67 38.70
CA LEU I 583 6.84 51.43 37.73
C LEU I 583 5.34 51.37 37.98
N GLY I 584 4.90 50.60 38.97
CA GLY I 584 3.48 50.49 39.26
C GLY I 584 2.71 49.62 38.30
N LEU I 585 3.38 48.77 37.54
CA LEU I 585 2.72 47.88 36.60
C LEU I 585 2.36 46.53 37.21
N LEU I 586 2.68 46.32 38.49
CA LEU I 586 2.35 45.07 39.19
C LEU I 586 1.92 45.44 40.60
N ASP I 587 0.63 45.25 40.89
CA ASP I 587 0.09 45.61 42.20
C ASP I 587 0.69 44.75 43.30
N GLU I 588 0.86 45.35 44.48
CA GLU I 588 1.43 44.62 45.61
C GLU I 588 0.61 43.40 45.98
N GLU I 589 -0.71 43.46 45.76
CA GLU I 589 -1.54 42.27 45.96
C GLU I 589 -1.15 41.15 45.01
N THR I 590 -0.85 41.49 43.76
CA THR I 590 -0.39 40.49 42.80
C THR I 590 0.95 39.90 43.23
N LEU I 591 1.86 40.74 43.74
CA LEU I 591 3.13 40.23 44.26
C LEU I 591 2.91 39.27 45.41
N ARG I 592 1.97 39.61 46.30
CA ARG I 592 1.64 38.71 47.40
C ARG I 592 1.10 37.38 46.88
N ARG I 593 0.25 37.44 45.85
CA ARG I 593 -0.29 36.21 45.28
C ARG I 593 0.79 35.34 44.65
N ILE I 594 1.71 35.94 43.90
CA ILE I 594 2.64 35.16 43.11
C ILE I 594 3.89 34.78 43.90
N LEU I 595 4.38 35.66 44.77
CA LEU I 595 5.59 35.41 45.53
C LEU I 595 5.34 34.64 46.81
N ASN I 596 4.22 33.93 46.91
CA ASN I 596 3.91 33.16 48.10
C ASN I 596 4.87 31.98 48.21
N PRO I 597 5.62 31.85 49.30
CA PRO I 597 6.46 30.66 49.47
C PRO I 597 5.69 29.35 49.45
N ASN I 598 4.46 29.35 49.99
CA ASN I 598 3.60 28.17 49.96
C ASN I 598 2.89 28.11 48.61
N ASN I 599 3.69 27.84 47.57
CA ASN I 599 3.19 27.80 46.21
C ASN I 599 3.29 26.38 45.65
N PRO I 600 2.27 25.93 44.91
CA PRO I 600 2.27 24.54 44.43
C PRO I 600 3.46 24.18 43.56
N VAL I 601 3.96 25.12 42.76
CA VAL I 601 5.08 24.86 41.85
C VAL I 601 6.25 25.75 42.26
N THR I 602 7.42 25.14 42.43
CA THR I 602 8.63 25.86 42.83
C THR I 602 9.87 25.01 42.57
N GLU I 622 24.00 34.33 34.98
CA GLU I 622 23.45 33.58 36.10
C GLU I 622 21.97 33.93 36.30
N ASP I 623 21.20 32.97 36.81
CA ASP I 623 19.76 33.13 36.95
C ASP I 623 19.42 34.10 38.08
N TYR I 624 19.26 35.37 37.73
CA TYR I 624 18.84 36.40 38.71
C TYR I 624 17.33 36.63 38.63
N SER I 625 16.58 35.55 38.86
CA SER I 625 15.11 35.61 38.85
C SER I 625 14.58 35.07 40.17
N VAL I 626 13.68 35.82 40.78
CA VAL I 626 13.08 35.44 42.05
C VAL I 626 12.10 34.30 41.84
N PRO I 627 11.97 33.36 42.78
CA PRO I 627 10.98 32.29 42.62
C PRO I 627 9.57 32.82 42.68
N SER I 628 8.68 32.17 41.93
CA SER I 628 7.28 32.57 41.86
C SER I 628 6.47 31.40 41.33
N CYS I 629 5.18 31.65 41.10
CA CYS I 629 4.31 30.62 40.55
C CYS I 629 4.65 30.29 39.10
N PHE I 630 5.38 31.17 38.42
CA PHE I 630 5.79 30.93 37.04
C PHE I 630 7.11 30.18 36.95
N LYS I 631 7.72 29.85 38.08
CA LYS I 631 8.94 29.04 38.13
C LYS I 631 8.53 27.58 38.25
N TYR I 632 8.20 26.97 37.11
CA TYR I 632 7.76 25.57 37.09
C TYR I 632 8.68 24.76 36.20
N THR I 633 8.72 23.46 36.46
CA THR I 633 9.53 22.52 35.70
C THR I 633 8.63 21.71 34.77
N LEU I 634 8.98 21.69 33.48
CA LEU I 634 8.20 20.94 32.51
C LEU I 634 8.36 19.44 32.74
N SER I 635 7.28 18.71 32.55
CA SER I 635 7.28 17.26 32.74
C SER I 635 8.08 16.57 31.64
N HIS I 645 15.38 -1.77 28.16
CA HIS I 645 16.63 -2.51 28.35
C HIS I 645 17.65 -1.64 29.08
N LYS I 646 17.21 -0.46 29.53
CA LYS I 646 18.11 0.44 30.24
C LYS I 646 18.65 -0.19 31.51
N ALA I 647 17.75 -0.69 32.37
CA ALA I 647 18.09 -1.32 33.64
C ALA I 647 18.85 -0.38 34.57
N LEU I 648 18.82 0.92 34.30
CA LEU I 648 19.48 1.92 35.14
C LEU I 648 18.53 2.99 35.66
N LEU I 649 17.24 2.94 35.28
CA LEU I 649 16.29 3.95 35.74
C LEU I 649 15.93 3.77 37.21
N ASN I 650 16.12 2.57 37.77
CA ASN I 650 15.80 2.36 39.17
C ASN I 650 16.86 2.96 40.08
N LYS I 651 18.14 2.83 39.73
CA LYS I 651 19.21 3.31 40.60
C LYS I 651 19.38 4.82 40.56
N GLU I 652 18.85 5.51 39.55
CA GLU I 652 18.82 6.96 39.61
C GLU I 652 17.73 7.44 40.57
N GLU I 653 16.66 6.66 40.71
CA GLU I 653 15.61 7.03 41.65
C GLU I 653 16.04 6.77 43.09
N ARG I 654 16.79 5.69 43.34
CA ARG I 654 17.28 5.43 44.68
C ARG I 654 18.43 6.37 45.05
N TYR I 655 19.18 6.85 44.05
CA TYR I 655 20.11 7.93 44.33
C TYR I 655 19.38 9.23 44.62
N GLN I 656 18.17 9.39 44.09
CA GLN I 656 17.37 10.58 44.40
C GLN I 656 17.03 10.62 45.87
N ARG I 657 16.72 9.46 46.48
CA ARG I 657 16.47 9.41 47.91
C ARG I 657 17.70 9.86 48.70
N VAL I 658 18.89 9.44 48.26
CA VAL I 658 20.12 9.88 48.93
C VAL I 658 20.30 11.38 48.79
N THR I 659 20.01 11.92 47.61
CA THR I 659 20.10 13.36 47.42
C THR I 659 18.92 14.08 48.06
N SER I 660 17.81 13.38 48.29
CA SER I 660 16.65 14.03 48.90
C SER I 660 16.86 14.26 50.40
N ILE I 661 17.42 13.29 51.11
CA ILE I 661 17.66 13.45 52.53
C ILE I 661 18.67 14.56 52.78
N ILE I 662 19.66 14.69 51.89
CA ILE I 662 20.57 15.82 51.94
C ILE I 662 19.90 17.04 51.30
N ASN I 663 20.40 18.23 51.62
CA ASN I 663 19.85 19.52 51.23
C ASN I 663 18.57 19.82 52.00
N LYS I 664 18.09 18.83 52.76
CA LYS I 664 17.07 19.02 53.78
C LYS I 664 17.66 19.01 55.18
N LEU I 665 18.79 18.31 55.36
CA LEU I 665 19.46 18.23 56.65
C LEU I 665 20.61 19.23 56.65
N PHE I 666 21.39 19.34 55.57
CA PHE I 666 22.60 20.13 55.58
C PHE I 666 22.45 21.43 54.78
N PRO I 667 22.37 22.58 55.45
CA PRO I 667 22.63 23.85 54.76
C PRO I 667 24.06 23.97 54.26
N GLU I 668 24.97 23.15 54.79
CA GLU I 668 26.40 23.32 54.52
C GLU I 668 26.75 22.94 53.08
N VAL I 669 26.14 21.87 52.57
CA VAL I 669 26.46 21.40 51.22
C VAL I 669 25.99 22.42 50.18
N LEU I 670 25.04 23.28 50.55
CA LEU I 670 24.56 24.33 49.66
C LEU I 670 25.53 25.51 49.68
N ILE I 671 26.63 25.37 50.41
CA ILE I 671 27.62 26.44 50.54
C ILE I 671 28.95 25.96 49.97
N GLN I 672 29.42 24.82 50.44
CA GLN I 672 30.72 24.29 50.03
C GLN I 672 30.53 22.82 49.66
N GLU I 673 31.65 22.13 49.43
CA GLU I 673 31.61 20.72 49.10
C GLU I 673 31.35 19.88 50.36
N ALA I 674 31.03 18.60 50.15
CA ALA I 674 30.75 17.68 51.25
C ALA I 674 32.08 17.15 51.79
N SER I 675 32.72 17.97 52.61
CA SER I 675 34.01 17.63 53.20
C SER I 675 33.81 17.07 54.61
N ALA I 676 33.30 15.85 54.66
CA ALA I 676 33.09 15.13 55.92
C ALA I 676 33.85 13.82 55.91
N PRO I 677 34.94 13.70 56.67
CA PRO I 677 35.71 12.44 56.66
C PRO I 677 34.86 11.27 57.12
N GLY I 678 35.08 10.12 56.50
CA GLY I 678 34.28 8.95 56.79
C GLY I 678 32.84 9.12 56.36
N THR I 679 31.93 9.15 57.34
CA THR I 679 30.51 9.38 57.12
C THR I 679 29.95 8.45 56.04
N VAL I 680 29.98 7.15 56.35
CA VAL I 680 29.43 6.13 55.46
C VAL I 680 27.94 6.36 55.24
N GLU I 682 25.76 5.47 57.70
CA GLU I 682 25.29 5.26 59.06
C GLU I 682 25.71 6.42 59.96
N SER I 683 26.86 7.00 59.66
CA SER I 683 27.39 8.10 60.46
C SER I 683 26.56 9.37 60.37
N LEU I 684 25.62 9.44 59.42
CA LEU I 684 24.73 10.59 59.34
C LEU I 684 23.85 10.73 60.58
N LYS I 685 23.66 9.63 61.33
CA LYS I 685 22.90 9.69 62.57
C LYS I 685 23.54 10.60 63.60
N ARG I 686 24.85 10.86 63.48
CA ARG I 686 25.52 11.76 64.41
C ARG I 686 24.92 13.16 64.35
N ARG I 687 24.55 13.61 63.16
CA ARG I 687 23.97 14.94 63.02
C ARG I 687 22.54 14.98 63.57
N LEU I 688 21.73 13.96 63.26
CA LEU I 688 20.34 13.96 63.71
C LEU I 688 20.25 13.95 65.23
N GLU I 689 21.10 13.15 65.88
CA GLU I 689 21.14 13.16 67.35
C GLU I 689 21.56 14.52 67.87
N LEU I 690 22.51 15.16 67.20
CA LEU I 690 22.91 16.51 67.59
C LEU I 690 21.79 17.52 67.37
N VAL I 691 20.96 17.32 66.34
CA VAL I 691 19.80 18.18 66.14
C VAL I 691 18.84 18.06 67.31
N VAL I 692 18.58 16.83 67.75
CA VAL I 692 17.73 16.63 68.92
C VAL I 692 18.37 17.22 70.16
N GLU I 693 19.67 17.02 70.32
CA GLU I 693 20.41 17.58 71.45
C GLU I 693 20.61 19.07 71.29
N GLU J 10 8.23 19.78 65.43
CA GLU J 10 6.99 19.65 66.19
C GLU J 10 6.20 18.44 65.71
N CYS J 11 6.49 17.28 66.31
CA CYS J 11 5.87 15.98 66.05
C CYS J 11 6.22 15.43 64.67
N THR J 12 6.96 16.16 63.85
CA THR J 12 7.40 15.69 62.54
C THR J 12 8.91 15.47 62.49
N LEU J 13 9.60 15.58 63.62
CA LEU J 13 11.04 15.39 63.64
C LEU J 13 11.42 13.96 63.26
N ARG J 14 10.67 12.98 63.76
CA ARG J 14 10.96 11.59 63.43
C ARG J 14 10.57 11.24 61.99
N ALA J 15 9.71 12.05 61.37
CA ALA J 15 9.44 11.85 59.95
C ALA J 15 10.69 12.04 59.11
N LEU J 16 11.58 12.95 59.53
CA LEU J 16 12.88 13.07 58.88
C LEU J 16 13.70 11.80 59.06
N VAL J 17 13.59 11.17 60.23
CA VAL J 17 14.28 9.90 60.47
C VAL J 17 13.70 8.81 59.57
N GLU J 18 12.40 8.86 59.29
CA GLU J 18 11.77 7.85 58.44
C GLU J 18 12.40 7.83 57.05
N GLU J 19 12.91 8.97 56.58
CA GLU J 19 13.62 8.99 55.31
C GLU J 19 14.88 8.12 55.37
N TYR J 20 15.61 8.19 56.49
CA TYR J 20 16.79 7.34 56.66
C TYR J 20 16.40 5.87 56.71
N ASN J 21 15.37 5.53 57.49
CA ASN J 21 14.97 4.14 57.63
C ASN J 21 14.51 3.57 56.29
N GLY J 22 13.75 4.35 55.53
CA GLY J 22 13.37 3.92 54.20
C GLY J 22 14.55 3.75 53.27
N ALA J 23 15.52 4.67 53.37
CA ALA J 23 16.69 4.60 52.50
C ALA J 23 17.50 3.34 52.76
N CYS J 24 17.63 2.94 54.04
CA CYS J 24 18.38 1.74 54.35
C CYS J 24 17.70 0.48 53.82
N LYS J 25 16.36 0.45 53.84
CA LYS J 25 15.63 -0.73 53.42
C LYS J 25 15.22 -0.70 51.95
N GLU J 26 15.03 0.48 51.36
CA GLU J 26 14.65 0.58 49.96
C GLU J 26 15.83 0.81 49.03
N ALA J 27 16.93 1.37 49.52
CA ALA J 27 18.12 1.64 48.72
C ALA J 27 19.35 1.07 49.45
N PRO J 28 19.51 -0.25 49.45
CA PRO J 28 20.66 -0.84 50.15
C PRO J 28 21.93 -0.75 49.32
N LYS J 29 23.05 -0.57 50.02
CA LYS J 29 24.42 -0.52 49.49
C LYS J 29 24.64 0.63 48.49
N GLU J 30 23.70 1.57 48.38
CA GLU J 30 23.96 2.79 47.63
C GLU J 30 24.05 4.01 48.53
N MET J 31 23.10 4.16 49.46
CA MET J 31 23.24 5.19 50.49
C MET J 31 24.32 4.87 51.50
N SER J 32 24.83 3.63 51.49
CA SER J 32 25.92 3.24 52.38
C SER J 32 27.26 3.84 52.00
N LYS J 33 27.36 4.48 50.83
CA LYS J 33 28.60 5.10 50.43
C LYS J 33 28.86 6.36 51.25
N GLN J 34 30.06 6.92 51.07
CA GLN J 34 30.50 8.03 51.90
C GLN J 34 29.68 9.29 51.60
N PHE J 35 29.61 10.17 52.60
CA PHE J 35 28.95 11.46 52.41
C PHE J 35 29.77 12.34 51.47
N THR J 36 31.08 12.11 51.37
CA THR J 36 31.90 12.84 50.41
C THR J 36 31.51 12.52 48.97
N ASP J 37 30.88 11.37 48.74
CA ASP J 37 30.45 11.01 47.39
C ASP J 37 29.26 11.84 46.91
N TYR J 38 28.66 12.66 47.78
CA TYR J 38 27.55 13.50 47.36
C TYR J 38 27.93 14.39 46.19
N ASN J 39 29.17 14.86 46.13
CA ASN J 39 29.61 15.69 45.02
C ASN J 39 29.62 14.92 43.70
N THR J 40 29.56 13.58 43.76
CA THR J 40 29.52 12.77 42.55
C THR J 40 28.10 12.53 42.05
N PHE J 41 27.20 12.12 42.94
CA PHE J 41 25.84 11.77 42.55
C PHE J 41 24.84 12.90 42.80
N LYS J 42 25.32 14.11 43.10
CA LYS J 42 24.42 15.26 43.20
C LYS J 42 23.75 15.52 41.86
N ARG J 43 24.52 15.42 40.77
CA ARG J 43 24.01 15.62 39.42
C ARG J 43 23.73 14.32 38.70
N TYR J 44 23.65 13.20 39.43
CA TYR J 44 23.42 11.90 38.80
C TYR J 44 22.04 11.85 38.16
N THR J 45 22.01 11.72 36.84
CA THR J 45 20.76 11.56 36.10
C THR J 45 20.97 10.51 35.02
N THR J 46 19.94 9.72 34.76
CA THR J 46 19.96 8.76 33.67
C THR J 46 19.48 9.37 32.35
N SER J 47 18.93 10.58 32.38
CA SER J 47 18.47 11.24 31.17
C SER J 47 19.64 11.83 30.40
N LYS J 48 19.63 11.64 29.08
CA LYS J 48 20.70 12.17 28.24
C LYS J 48 20.65 13.70 28.24
N LYS J 49 21.83 14.32 28.18
CA LYS J 49 21.93 15.77 28.10
C LYS J 49 21.74 16.19 26.66
N ASP J 50 20.53 16.66 26.34
CA ASP J 50 20.21 17.04 24.97
C ASP J 50 21.01 18.27 24.55
N HIS J 51 21.34 18.32 23.26
CA HIS J 51 22.13 19.42 22.71
C HIS J 51 21.30 20.68 22.48
N ALA J 52 19.97 20.59 22.53
CA ALA J 52 19.10 21.74 22.27
C ALA J 52 17.81 21.58 23.06
N PRO J 53 17.83 21.91 24.35
CA PRO J 53 16.58 21.88 25.13
C PRO J 53 15.56 22.90 24.67
N GLN J 54 15.97 23.95 23.96
CA GLN J 54 15.05 24.97 23.49
C GLN J 54 14.19 24.52 22.32
N MET J 55 14.59 23.44 21.64
CA MET J 55 13.78 22.92 20.54
C MET J 55 12.53 22.20 21.03
N ARG J 56 12.54 21.70 22.26
CA ARG J 56 11.43 20.95 22.82
C ARG J 56 10.47 21.82 23.63
N LEU J 57 10.72 23.12 23.73
CA LEU J 57 9.86 23.97 24.54
C LEU J 57 8.49 24.13 23.91
N VAL J 58 8.42 24.15 22.58
CA VAL J 58 7.15 24.36 21.89
C VAL J 58 6.20 23.20 22.19
N TYR J 59 6.68 21.96 22.05
CA TYR J 59 5.84 20.82 22.38
C TYR J 59 5.49 20.82 23.86
N SER J 60 6.47 21.10 24.72
CA SER J 60 6.27 20.95 26.16
C SER J 60 5.15 21.86 26.66
N VAL J 61 5.11 23.10 26.20
CA VAL J 61 4.00 23.98 26.55
C VAL J 61 2.70 23.48 25.95
N ARG J 62 2.74 23.08 24.68
CA ARG J 62 1.57 22.54 24.01
C ARG J 62 1.24 21.11 24.44
N LYS J 63 2.15 20.44 25.13
CA LYS J 63 1.86 19.10 25.63
C LYS J 63 0.73 19.16 26.65
N PRO J 64 -0.22 18.23 26.61
CA PRO J 64 -1.21 18.14 27.68
C PRO J 64 -0.53 17.83 29.01
N TRP J 65 -0.98 18.52 30.06
CA TRP J 65 -0.41 18.42 31.39
C TRP J 65 1.07 18.75 31.36
N PRO J 66 1.45 20.00 31.11
CA PRO J 66 2.88 20.33 30.99
C PRO J 66 3.60 20.37 32.33
N ILE J 67 2.95 20.89 33.37
CA ILE J 67 3.59 21.17 34.65
C ILE J 67 3.34 20.01 35.59
N SER J 68 4.40 19.52 36.23
CA SER J 68 4.30 18.49 37.26
C SER J 68 4.34 19.21 38.61
N MET J 69 3.17 19.50 39.15
CA MET J 69 3.05 20.23 40.40
C MET J 69 3.06 19.29 41.59
N THR J 70 3.37 19.84 42.76
CA THR J 70 3.19 19.10 44.00
C THR J 70 1.70 18.99 44.31
N PRO J 71 1.26 17.84 44.84
CA PRO J 71 -0.17 17.68 45.15
C PRO J 71 -0.66 18.72 46.14
N SER J 72 -1.87 19.21 45.91
CA SER J 72 -2.47 20.21 46.78
C SER J 72 -3.98 20.15 46.62
N LYS J 73 -4.68 20.70 47.62
CA LYS J 73 -6.14 20.69 47.63
C LYS J 73 -6.77 22.07 47.43
N GLU J 74 -6.01 23.14 47.66
CA GLU J 74 -6.58 24.48 47.50
C GLU J 74 -6.95 24.77 46.06
N ILE J 75 -6.09 24.37 45.11
CA ILE J 75 -6.35 24.59 43.69
C ILE J 75 -7.50 23.69 43.26
N PRO J 76 -8.58 24.23 42.71
CA PRO J 76 -9.71 23.40 42.30
C PRO J 76 -9.32 22.43 41.19
N LEU J 77 -9.93 21.24 41.24
CA LEU J 77 -9.69 20.25 40.19
C LEU J 77 -10.23 20.74 38.85
N VAL J 78 -11.42 21.34 38.86
CA VAL J 78 -12.03 21.94 37.68
C VAL J 78 -12.52 23.32 38.05
N PHE J 79 -12.15 24.32 37.26
CA PHE J 79 -12.57 25.70 37.49
C PHE J 79 -13.21 26.24 36.22
N ASN J 80 -14.47 26.68 36.32
CA ASN J 80 -15.21 27.24 35.20
C ASN J 80 -15.18 26.30 34.00
N GLY J 81 -15.42 25.02 34.27
CA GLY J 81 -15.45 24.03 33.21
C GLY J 81 -14.11 23.82 32.52
N THR J 82 -13.02 23.84 33.29
CA THR J 82 -11.69 23.63 32.73
C THR J 82 -10.91 22.73 33.68
N LYS J 83 -10.43 21.60 33.16
CA LYS J 83 -9.70 20.64 33.97
C LYS J 83 -8.29 21.17 34.23
N LEU J 84 -7.91 21.22 35.51
CA LEU J 84 -6.66 21.86 35.91
C LEU J 84 -5.57 20.89 36.33
N LYS J 85 -5.91 19.84 37.07
CA LYS J 85 -4.91 18.88 37.55
C LYS J 85 -5.20 17.50 36.99
N ASP J 86 -4.22 16.62 37.10
CA ASP J 86 -4.35 15.24 36.67
C ASP J 86 -4.74 14.29 37.81
N THR J 87 -4.88 14.83 39.03
CA THR J 87 -5.20 14.07 40.25
C THR J 87 -4.62 12.66 40.28
N ARG J 96 4.30 12.44 41.47
CA ARG J 96 3.73 13.78 41.58
C ARG J 96 2.66 13.99 40.51
N THR J 97 1.58 14.67 40.87
CA THR J 97 0.50 14.93 39.93
C THR J 97 0.93 15.99 38.91
N ARG J 98 0.24 15.99 37.77
CA ARG J 98 0.51 16.93 36.69
C ARG J 98 -0.52 18.05 36.70
N ALA J 99 -0.11 19.20 36.15
CA ALA J 99 -0.94 20.39 36.14
C ALA J 99 -1.12 20.90 34.72
N ASN J 100 -2.21 21.62 34.51
CA ASN J 100 -2.45 22.25 33.23
C ASN J 100 -1.52 23.45 33.04
N ILE J 101 -1.40 23.89 31.78
CA ILE J 101 -0.54 25.02 31.48
C ILE J 101 -1.09 26.32 32.03
N VAL J 102 -2.36 26.34 32.42
CA VAL J 102 -3.01 27.57 32.88
C VAL J 102 -3.16 27.60 34.40
N VAL J 103 -2.37 26.81 35.12
CA VAL J 103 -2.39 26.88 36.58
C VAL J 103 -1.61 28.09 37.11
N PRO J 104 -0.48 28.54 36.50
CA PRO J 104 0.24 29.67 37.12
C PRO J 104 -0.52 30.98 37.05
N ASP J 105 -1.07 31.30 35.89
CA ASP J 105 -1.83 32.54 35.76
C ASP J 105 -3.11 32.51 36.59
N TYR J 106 -3.68 31.31 36.81
CA TYR J 106 -4.75 31.18 37.78
C TYR J 106 -4.29 31.56 39.18
N TRP J 107 -3.08 31.13 39.56
CA TRP J 107 -2.53 31.48 40.86
C TRP J 107 -2.23 32.98 40.97
N SER J 108 -2.05 33.66 39.85
CA SER J 108 -1.76 35.09 39.89
C SER J 108 -2.97 35.94 40.26
N LYS J 109 -4.17 35.36 40.23
CA LYS J 109 -5.39 36.08 40.57
C LYS J 109 -6.15 35.46 41.73
N TYR J 110 -6.27 34.12 41.74
CA TYR J 110 -6.99 33.41 42.79
C TYR J 110 -6.05 32.52 43.60
N GLY J 111 -4.79 32.94 43.75
CA GLY J 111 -3.84 32.17 44.51
C GLY J 111 -3.87 32.48 46.00
N SER J 112 -3.08 31.71 46.74
CA SER J 112 -3.01 31.89 48.18
C SER J 112 -2.26 33.17 48.53
N GLN J 113 -2.52 33.67 49.74
CA GLN J 113 -1.89 34.87 50.24
C GLN J 113 -0.61 34.52 51.01
N THR J 114 0.16 35.55 51.36
CA THR J 114 1.38 35.37 52.11
C THR J 114 1.70 36.66 52.85
N SER J 115 2.60 36.55 53.83
CA SER J 115 3.00 37.72 54.61
C SER J 115 3.75 38.72 53.74
N LEU J 116 3.60 40.01 54.09
CA LEU J 116 4.28 41.06 53.35
C LEU J 116 5.79 40.99 53.51
N GLU J 117 6.26 40.59 54.69
CA GLU J 117 7.70 40.60 54.95
C GLU J 117 8.45 39.63 54.05
N VAL J 118 7.90 38.43 53.83
CA VAL J 118 8.56 37.46 52.98
C VAL J 118 8.57 37.90 51.52
N VAL J 119 7.60 38.72 51.11
CA VAL J 119 7.57 39.21 49.74
C VAL J 119 8.81 40.07 49.46
N ASN J 120 9.11 41.00 50.37
CA ASN J 120 10.30 41.82 50.22
C ASN J 120 11.58 40.99 50.29
N ALA J 121 11.62 40.02 51.22
CA ALA J 121 12.81 39.20 51.37
C ALA J 121 13.07 38.35 50.14
N ILE J 122 12.01 37.76 49.57
CA ILE J 122 12.17 36.96 48.36
C ILE J 122 12.63 37.83 47.21
N LEU J 123 12.02 39.01 47.05
CA LEU J 123 12.37 39.93 45.98
C LEU J 123 13.61 40.75 46.31
N TYR J 124 14.14 40.63 47.53
CA TYR J 124 15.37 41.32 47.90
C TYR J 124 16.52 40.82 47.04
N ALA J 125 17.58 41.64 46.99
CA ALA J 125 18.78 41.41 46.17
C ALA J 125 18.48 41.64 44.70
N GLU J 126 17.22 41.88 44.37
CA GLU J 126 16.81 42.27 43.03
C GLU J 126 16.22 43.67 42.99
N ASP J 127 15.56 44.11 44.06
CA ASP J 127 15.07 45.47 44.12
C ASP J 127 16.21 46.47 44.14
N LEU J 128 17.29 46.15 44.86
CA LEU J 128 18.40 47.10 45.02
C LEU J 128 18.99 47.54 43.69
N LYS J 129 18.87 46.70 42.65
CA LYS J 129 19.32 47.09 41.32
C LYS J 129 18.34 48.04 40.63
N VAL J 130 17.14 48.23 41.18
CA VAL J 130 16.12 49.03 40.51
C VAL J 130 16.31 50.51 40.83
N GLN J 131 16.20 50.87 42.11
CA GLN J 131 16.34 52.29 42.45
C GLN J 131 17.76 52.79 42.24
N ARG J 132 18.77 51.92 42.39
CA ARG J 132 20.14 52.32 42.14
C ARG J 132 20.35 52.72 40.69
N PHE J 133 19.55 52.18 39.77
CA PHE J 133 19.59 52.58 38.37
C PHE J 133 18.77 53.86 38.13
N PHE J 134 17.53 53.90 38.62
CA PHE J 134 16.67 55.05 38.38
C PHE J 134 17.16 56.30 39.11
N SER J 135 17.84 56.13 40.25
CA SER J 135 18.37 57.31 40.94
C SER J 135 19.49 57.96 40.16
N THR J 136 20.26 57.17 39.40
CA THR J 136 21.33 57.73 38.60
C THR J 136 20.78 58.67 37.54
N GLU J 137 21.39 59.85 37.43
CA GLU J 137 20.94 60.86 36.47
C GLU J 137 21.55 60.69 35.08
N TRP J 138 22.61 59.89 34.96
CA TRP J 138 23.37 59.71 33.72
C TRP J 138 23.77 61.09 33.21
N GLY J 139 23.60 61.39 31.92
CA GLY J 139 23.98 62.69 31.41
C GLY J 139 23.78 62.73 29.91
N GLU J 140 24.26 63.82 29.31
CA GLU J 140 24.13 64.02 27.88
C GLU J 140 24.94 62.98 27.10
N ILE J 141 24.44 62.61 25.93
CA ILE J 141 25.11 61.62 25.10
C ILE J 141 26.21 62.29 24.29
N ARG J 142 27.44 61.79 24.43
CA ARG J 142 28.59 62.34 23.71
C ARG J 142 29.07 61.29 22.72
N TYR J 143 28.96 61.60 21.43
CA TYR J 143 29.40 60.71 20.37
C TYR J 143 30.83 61.04 19.96
N GLY J 144 31.66 60.01 19.84
CA GLY J 144 33.04 60.24 19.45
C GLY J 144 33.71 58.96 19.02
N ARG J 145 34.92 59.12 18.49
CA ARG J 145 35.75 57.99 18.06
C ARG J 145 36.48 57.38 19.25
N MET J 146 35.70 56.79 20.15
CA MET J 146 36.25 56.25 21.37
C MET J 146 36.67 54.79 21.19
N LEU J 147 37.58 54.35 22.04
CA LEU J 147 38.19 53.02 21.95
C LEU J 147 38.02 52.30 23.28
N PRO J 148 36.85 51.69 23.52
CA PRO J 148 36.68 50.92 24.75
C PRO J 148 37.61 49.72 24.78
N PHE J 149 38.23 49.50 25.94
CA PHE J 149 39.09 48.35 26.16
C PHE J 149 38.51 47.53 27.31
N ARG J 150 38.39 46.21 27.10
CA ARG J 150 37.73 45.34 28.05
C ARG J 150 38.68 45.01 29.20
N LYS J 151 38.37 45.54 30.39
CA LYS J 151 39.12 45.25 31.61
C LYS J 151 38.28 44.43 32.57
N PRO J 152 38.90 43.55 33.36
CA PRO J 152 38.17 42.76 34.34
C PRO J 152 37.87 43.58 35.59
N VAL J 153 36.58 43.86 35.82
CA VAL J 153 36.13 44.66 36.96
C VAL J 153 34.98 43.92 37.63
N GLN J 154 34.65 44.37 38.84
CA GLN J 154 33.54 43.78 39.58
C GLN J 154 32.23 44.03 38.86
N ALA J 155 31.37 43.01 38.83
CA ALA J 155 30.14 43.09 38.05
C ALA J 155 29.08 43.92 38.76
N CYS J 156 28.69 43.50 39.97
CA CYS J 156 27.60 44.14 40.69
C CYS J 156 28.08 44.68 42.02
N PRO J 157 27.62 45.87 42.43
CA PRO J 157 28.02 46.39 43.74
C PRO J 157 27.55 45.49 44.87
N THR J 158 28.35 45.45 45.93
CA THR J 158 28.05 44.65 47.11
C THR J 158 27.89 45.57 48.31
N ILE J 159 27.11 45.10 49.30
CA ILE J 159 26.91 45.87 50.52
C ILE J 159 28.22 46.01 51.28
N GLU J 160 29.05 44.97 51.25
CA GLU J 160 30.36 44.99 51.89
C GLU J 160 31.38 44.37 50.94
N GLU J 161 32.64 44.81 51.09
CA GLU J 161 33.73 44.31 50.27
C GLU J 161 34.26 43.02 50.89
N VAL J 162 33.92 41.88 50.30
CA VAL J 162 34.29 40.57 50.82
C VAL J 162 35.41 40.01 49.97
N ASN J 163 36.47 39.53 50.63
CA ASN J 163 37.61 38.97 49.94
C ASN J 163 37.21 37.67 49.23
N PRO J 164 37.79 37.39 48.06
CA PRO J 164 37.52 36.11 47.40
C PRO J 164 37.98 34.93 48.27
N ALA J 165 37.34 33.79 48.07
CA ALA J 165 37.53 32.53 48.80
C ALA J 165 37.04 32.61 50.24
N SER J 166 36.54 33.77 50.69
CA SER J 166 35.94 33.90 52.00
C SER J 166 34.42 34.07 51.93
N ILE J 167 33.86 34.17 50.72
CA ILE J 167 32.41 34.29 50.57
C ILE J 167 31.67 33.07 51.13
N PRO J 168 32.05 31.82 50.83
CA PRO J 168 31.34 30.69 51.43
C PRO J 168 31.41 30.68 52.94
N HIS J 169 32.52 31.11 53.54
CA HIS J 169 32.62 31.15 55.00
C HIS J 169 31.61 32.11 55.58
N THR J 170 31.41 33.27 54.92
CA THR J 170 30.40 34.21 55.38
C THR J 170 29.00 33.62 55.27
N LEU J 171 28.73 32.88 54.19
CA LEU J 171 27.42 32.26 54.02
C LEU J 171 27.15 31.18 55.05
N LEU J 172 28.21 30.52 55.54
CA LEU J 172 28.03 29.49 56.57
C LEU J 172 27.47 30.10 57.86
N GLN J 173 27.96 31.28 58.24
CA GLN J 173 27.52 31.89 59.49
C GLN J 173 26.06 32.33 59.43
N VAL J 174 25.62 32.84 58.29
CA VAL J 174 24.26 33.35 58.17
C VAL J 174 23.23 32.26 57.95
N PHE J 175 23.65 31.02 57.72
CA PHE J 175 22.73 29.90 57.55
C PHE J 175 22.90 28.82 58.61
N CYS J 176 24.12 28.42 58.90
CA CYS J 176 24.40 27.38 59.90
C CYS J 176 25.51 27.86 60.83
N PRO J 177 25.24 28.88 61.65
CA PRO J 177 26.28 29.39 62.55
C PRO J 177 26.77 28.37 63.56
N GLN J 178 25.89 27.49 64.05
CA GLN J 178 26.30 26.51 65.05
C GLN J 178 27.09 25.36 64.45
N TYR J 179 26.82 25.01 63.20
CA TYR J 179 27.52 23.91 62.54
C TYR J 179 28.68 24.45 61.72
N THR J 180 29.71 24.90 62.44
CA THR J 180 30.87 25.51 61.79
C THR J 180 32.12 25.18 62.59
N THR J 181 33.27 25.37 61.94
CA THR J 181 34.57 25.16 62.56
C THR J 181 35.19 26.49 62.93
N LEU J 182 35.90 26.53 64.05
CA LEU J 182 36.52 27.77 64.51
C LEU J 182 37.50 28.31 63.47
N ASP J 183 38.10 27.43 62.67
CA ASP J 183 39.00 27.89 61.61
C ASP J 183 38.25 28.74 60.60
N SER J 184 37.03 28.33 60.23
CA SER J 184 36.20 29.13 59.33
C SER J 184 35.73 30.43 59.96
N LYS J 185 35.63 30.47 61.30
CA LYS J 185 35.21 31.70 61.97
C LYS J 185 36.21 32.83 61.74
N ARG J 186 37.51 32.53 61.86
CA ARG J 186 38.52 33.56 61.66
C ARG J 186 38.56 34.04 60.22
N LYS J 187 38.43 33.12 59.27
CA LYS J 187 38.43 33.49 57.85
C LYS J 187 37.01 33.81 57.36
N ALA J 188 36.33 34.69 58.08
CA ALA J 188 34.99 35.13 57.72
C ALA J 188 34.93 36.64 57.77
N HIS J 189 34.17 37.23 56.85
CA HIS J 189 34.11 38.69 56.73
C HIS J 189 33.28 39.26 57.88
N MET J 190 33.95 39.74 58.92
CA MET J 190 33.27 40.45 59.99
C MET J 190 32.75 41.79 59.49
N GLY J 191 31.61 42.22 60.05
CA GLY J 191 30.96 43.42 59.62
C GLY J 191 29.94 43.24 58.52
N ALA J 192 29.86 42.06 57.92
CA ALA J 192 28.89 41.76 56.88
C ALA J 192 27.97 40.59 57.22
N VAL J 193 28.35 39.73 58.16
CA VAL J 193 27.50 38.61 58.54
C VAL J 193 26.20 39.09 59.15
N GLU J 194 26.28 40.08 60.05
CA GLU J 194 25.09 40.59 60.71
C GLU J 194 24.16 41.35 59.77
N LYS J 195 24.68 41.82 58.64
CA LYS J 195 23.83 42.55 57.70
C LYS J 195 22.91 41.61 56.94
N LEU J 196 23.32 40.36 56.73
CA LEU J 196 22.50 39.41 55.98
C LEU J 196 21.34 38.87 56.80
N LYS J 197 21.45 38.84 58.13
CA LYS J 197 20.39 38.26 58.94
C LYS J 197 19.14 39.14 58.98
N ARG J 198 19.28 40.44 58.74
CA ARG J 198 18.12 41.33 58.70
C ARG J 198 17.31 41.20 57.42
N VAL J 199 17.87 40.59 56.38
CA VAL J 199 17.17 40.42 55.12
C VAL J 199 16.85 38.96 54.82
N MET J 200 17.62 38.02 55.35
CA MET J 200 17.36 36.59 55.13
C MET J 200 16.46 35.98 56.19
N GLU J 201 16.09 36.74 57.23
CA GLU J 201 15.27 36.19 58.29
C GLU J 201 13.90 35.71 57.81
N PRO J 202 13.14 36.47 57.02
CA PRO J 202 11.84 35.95 56.56
C PRO J 202 11.94 34.68 55.73
N ILE J 203 13.04 34.49 55.01
CA ILE J 203 13.22 33.32 54.15
C ILE J 203 14.26 32.36 54.73
N CYS J 204 14.59 32.51 56.01
CA CYS J 204 15.56 31.62 56.63
C CYS J 204 15.00 30.21 56.87
N LYS J 205 13.67 30.06 56.86
CA LYS J 205 13.06 28.78 57.13
C LYS J 205 13.37 27.78 56.01
N VAL J 206 13.32 26.49 56.36
CA VAL J 206 13.68 25.43 55.43
C VAL J 206 12.70 25.36 54.25
N GLN J 207 11.54 26.02 54.35
CA GLN J 207 10.58 26.00 53.27
C GLN J 207 11.16 26.60 51.99
N THR J 208 11.89 27.71 52.11
CA THR J 208 12.52 28.37 50.98
C THR J 208 13.98 28.66 51.28
N GLN J 209 14.69 27.68 51.86
CA GLN J 209 16.10 27.84 52.18
C GLN J 209 17.01 27.21 51.13
N GLU J 210 16.52 26.26 50.35
CA GLU J 210 17.35 25.66 49.30
C GLU J 210 17.72 26.68 48.22
N SER J 211 16.84 27.66 47.99
CA SER J 211 17.11 28.70 47.01
C SER J 211 17.57 30.00 47.63
N ALA J 212 17.33 30.21 48.93
CA ALA J 212 17.72 31.45 49.58
C ALA J 212 19.24 31.63 49.62
N VAL J 213 20.01 30.57 49.40
CA VAL J 213 21.46 30.69 49.35
C VAL J 213 21.87 31.55 48.16
N HIS J 214 21.18 31.41 47.03
CA HIS J 214 21.49 32.21 45.85
C HIS J 214 21.25 33.69 46.12
N ILE J 215 20.14 34.03 46.78
CA ILE J 215 19.86 35.43 47.09
C ILE J 215 20.89 35.97 48.07
N ALA J 216 21.20 35.20 49.12
CA ALA J 216 22.16 35.65 50.11
C ALA J 216 23.55 35.82 49.51
N ARG J 217 23.93 34.90 48.61
CA ARG J 217 25.24 34.99 47.96
C ARG J 217 25.35 36.25 47.11
N SER J 218 24.24 36.65 46.49
CA SER J 218 24.28 37.78 45.56
C SER J 218 24.64 39.09 46.26
N LEU J 219 24.33 39.21 47.55
CA LEU J 219 24.63 40.44 48.26
C LEU J 219 26.13 40.71 48.33
N ILE J 220 26.92 39.66 48.59
CA ILE J 220 28.35 39.82 48.80
C ILE J 220 29.17 39.10 47.74
N ASP J 221 28.56 38.77 46.60
CA ASP J 221 29.27 38.13 45.51
C ASP J 221 30.05 39.20 44.73
N SER J 222 31.37 39.06 44.69
CA SER J 222 32.25 40.02 44.04
C SER J 222 32.94 39.41 42.83
N ASN J 223 32.18 38.68 42.02
CA ASN J 223 32.74 38.07 40.82
C ASN J 223 33.20 39.16 39.84
N LYS J 224 34.21 38.84 39.06
CA LYS J 224 34.86 39.79 38.16
C LYS J 224 34.63 39.34 36.72
N LYS J 225 34.07 40.23 35.91
CA LYS J 225 33.80 39.95 34.50
C LYS J 225 34.37 41.07 33.65
N TRP J 226 34.59 40.76 32.37
CA TRP J 226 35.19 41.69 31.43
C TRP J 226 34.11 42.62 30.89
N LEU J 227 34.29 43.92 31.11
CA LEU J 227 33.34 44.94 30.67
C LEU J 227 34.04 46.01 29.85
N PRO J 228 33.32 46.66 28.94
CA PRO J 228 33.93 47.77 28.19
C PRO J 228 34.20 48.95 29.12
N THR J 229 35.46 49.39 29.15
CA THR J 229 35.86 50.48 30.05
C THR J 229 36.69 51.49 29.25
N VAL J 230 36.09 52.63 28.93
CA VAL J 230 36.86 53.77 28.46
C VAL J 230 37.48 54.54 29.61
N VAL J 231 36.90 54.47 30.80
CA VAL J 231 37.46 55.03 32.02
C VAL J 231 37.34 53.95 33.10
N ASP J 232 38.12 54.11 34.16
CA ASP J 232 38.09 53.16 35.27
C ASP J 232 36.68 53.03 35.81
N HIS J 233 36.11 51.84 35.70
CA HIS J 233 34.71 51.60 36.04
C HIS J 233 34.59 51.07 37.46
N THR J 234 33.92 51.83 38.32
CA THR J 234 33.54 51.38 39.64
C THR J 234 32.34 50.42 39.54
N PRO J 235 32.11 49.62 40.58
CA PRO J 235 30.91 48.76 40.57
C PRO J 235 29.61 49.55 40.39
N ARG J 236 29.56 50.78 40.91
CA ARG J 236 28.39 51.63 40.70
C ARG J 236 28.10 51.84 39.22
N THR J 237 29.14 51.95 38.39
CA THR J 237 28.99 52.20 36.97
C THR J 237 29.31 50.99 36.10
N ALA J 238 29.59 49.83 36.70
CA ALA J 238 29.95 48.66 35.91
C ALA J 238 28.76 47.75 35.65
N GLU J 239 27.76 47.75 36.54
CA GLU J 239 26.61 46.87 36.36
C GLU J 239 25.78 47.26 35.13
N MET J 240 25.77 48.55 34.79
CA MET J 240 25.00 49.05 33.66
C MET J 240 25.89 49.53 32.51
N ALA J 241 27.10 48.96 32.41
CA ALA J 241 28.06 49.37 31.39
C ALA J 241 27.66 48.97 29.98
N HIS J 242 26.61 48.15 29.83
CA HIS J 242 26.21 47.71 28.49
C HIS J 242 25.71 48.86 27.63
N PHE J 243 25.26 49.96 28.22
CA PHE J 243 24.79 51.10 27.46
C PHE J 243 25.52 52.40 27.78
N LEU J 244 26.31 52.45 28.85
CA LEU J 244 26.99 53.69 29.21
C LEU J 244 28.02 54.09 28.17
N CYS J 245 28.81 53.13 27.68
CA CYS J 245 29.86 53.41 26.71
C CYS J 245 29.84 52.37 25.61
N SER J 246 30.34 52.75 24.45
CA SER J 246 30.46 51.85 23.31
C SER J 246 31.52 52.43 22.38
N LYS J 247 31.62 51.84 21.18
CA LYS J 247 32.59 52.32 20.20
C LYS J 247 32.29 53.74 19.76
N TYR J 248 31.02 54.16 19.82
CA TYR J 248 30.60 55.41 19.23
C TYR J 248 29.94 56.39 20.20
N HIS J 249 29.56 55.97 21.39
CA HIS J 249 28.87 56.85 22.32
C HIS J 249 29.41 56.66 23.73
N TYR J 250 29.11 57.62 24.60
CA TYR J 250 29.51 57.56 25.99
C TYR J 250 28.47 58.28 26.84
N VAL J 251 28.33 57.82 28.09
CA VAL J 251 27.40 58.41 29.05
C VAL J 251 28.19 58.81 30.29
N HIS J 252 28.03 60.05 30.72
CA HIS J 252 28.65 60.53 31.96
C HIS J 252 27.73 60.18 33.12
N THR J 253 28.00 59.05 33.77
CA THR J 253 27.16 58.61 34.88
C THR J 253 27.28 59.56 36.06
N ASN J 254 26.13 59.95 36.62
CA ASN J 254 26.10 60.83 37.77
C ASN J 254 25.13 60.33 38.83
#